data_2KN6
#
_entry.id   2KN6
#
_entity_poly.entity_id   1
_entity_poly.type   'polypeptide(L)'
_entity_poly.pdbx_seq_one_letter_code
;MGSSHHHHHHSSGLVPRGSHMGRARDAILDALENLTAEELKKFKLKLLSVPLREGYGRIPRGALLSMDALDLTDKLVSFY
LETYGAELTANVLRDMGLQEMAGQLQAATHQGSGAAPAGIQAPPQSAAKPGLHFIDQHRAALIARVTNVEWLLDALYGKV
LTDEQYQAVRAEPTNPSKMRKLFSFTPAWNWTCKDLLLQALRESQSYLVEDLERS
;
_entity_poly.pdbx_strand_id   A
#
# COMPACT_ATOMS: atom_id res chain seq x y z
N MET A 21 -5.12 26.04 -11.77
CA MET A 21 -4.52 25.09 -12.75
C MET A 21 -3.90 23.91 -11.99
N GLY A 22 -3.44 22.91 -12.70
CA GLY A 22 -2.81 21.71 -12.05
C GLY A 22 -3.84 20.59 -11.98
N ARG A 23 -3.82 19.71 -12.95
CA ARG A 23 -4.80 18.58 -12.96
C ARG A 23 -4.71 17.82 -11.63
N ALA A 24 -3.54 17.67 -11.08
CA ALA A 24 -3.41 16.96 -9.78
C ALA A 24 -4.02 17.84 -8.69
N ARG A 25 -3.75 19.12 -8.73
CA ARG A 25 -4.33 20.03 -7.71
C ARG A 25 -5.85 19.92 -7.77
N ASP A 26 -6.38 19.87 -8.97
CA ASP A 26 -7.85 19.75 -9.14
C ASP A 26 -8.28 18.35 -8.71
N ALA A 27 -7.45 17.37 -8.95
CA ALA A 27 -7.79 15.97 -8.58
C ALA A 27 -8.09 15.89 -7.07
N ILE A 28 -7.19 16.38 -6.26
CA ILE A 28 -7.41 16.34 -4.79
C ILE A 28 -8.69 17.12 -4.46
N LEU A 29 -8.76 18.35 -4.88
CA LEU A 29 -9.98 19.18 -4.59
C LEU A 29 -11.25 18.42 -4.97
N ASP A 30 -11.27 17.81 -6.12
CA ASP A 30 -12.49 17.08 -6.56
C ASP A 30 -12.83 15.93 -5.61
N ALA A 31 -11.88 15.09 -5.30
CA ALA A 31 -12.17 13.94 -4.40
C ALA A 31 -12.64 14.41 -3.02
N LEU A 32 -11.91 15.27 -2.38
CA LEU A 32 -12.33 15.73 -1.02
C LEU A 32 -13.69 16.43 -1.09
N GLU A 33 -13.85 17.33 -2.03
CA GLU A 33 -15.15 18.04 -2.15
C GLU A 33 -16.29 17.05 -2.43
N ASN A 34 -15.97 15.85 -2.86
CA ASN A 34 -17.04 14.85 -3.17
C ASN A 34 -17.41 14.07 -1.90
N LEU A 35 -16.53 13.98 -0.94
CA LEU A 35 -16.86 13.24 0.31
C LEU A 35 -17.86 14.07 1.14
N THR A 36 -18.66 13.42 1.95
CA THR A 36 -19.64 14.16 2.78
C THR A 36 -18.89 14.88 3.92
N ALA A 37 -19.50 15.87 4.52
CA ALA A 37 -18.80 16.61 5.61
C ALA A 37 -18.26 15.63 6.66
N GLU A 38 -19.07 14.72 7.12
CA GLU A 38 -18.61 13.74 8.14
C GLU A 38 -17.60 12.78 7.52
N GLU A 39 -17.88 12.28 6.35
CA GLU A 39 -16.93 11.35 5.69
C GLU A 39 -15.60 12.05 5.49
N LEU A 40 -15.61 13.34 5.33
CA LEU A 40 -14.34 14.09 5.14
C LEU A 40 -13.51 13.97 6.43
N LYS A 41 -14.14 14.11 7.56
CA LYS A 41 -13.40 13.99 8.85
C LYS A 41 -12.67 12.64 8.91
N LYS A 42 -13.29 11.61 8.42
CA LYS A 42 -12.64 10.26 8.43
C LYS A 42 -11.34 10.32 7.64
N PHE A 43 -11.32 10.99 6.52
CA PHE A 43 -10.08 11.08 5.71
C PHE A 43 -8.96 11.69 6.57
N LYS A 44 -9.29 12.62 7.42
CA LYS A 44 -8.24 13.25 8.27
C LYS A 44 -7.65 12.21 9.22
N LEU A 45 -8.47 11.57 9.99
CA LEU A 45 -7.97 10.54 10.95
C LEU A 45 -7.29 9.41 10.17
N LYS A 46 -7.75 9.15 8.98
CA LYS A 46 -7.12 8.06 8.18
C LYS A 46 -5.64 8.41 7.94
N LEU A 47 -5.33 9.67 7.82
CA LEU A 47 -3.90 10.06 7.60
C LEU A 47 -3.12 9.77 8.89
N LEU A 48 -3.72 10.02 10.02
CA LEU A 48 -3.01 9.76 11.32
C LEU A 48 -3.04 8.25 11.62
N SER A 49 -3.87 7.50 10.93
CA SER A 49 -3.97 6.01 11.19
C SER A 49 -3.18 5.22 10.14
N VAL A 50 -3.11 5.71 8.93
CA VAL A 50 -2.37 4.95 7.87
C VAL A 50 -0.84 5.07 8.12
N PRO A 51 -0.09 3.97 8.19
CA PRO A 51 1.37 4.08 8.43
C PRO A 51 2.02 4.80 7.23
N LEU A 52 2.94 5.70 7.50
CA LEU A 52 3.64 6.44 6.40
C LEU A 52 4.96 5.74 6.07
N ARG A 53 5.52 6.03 4.94
CA ARG A 53 6.82 5.39 4.56
C ARG A 53 7.90 5.80 5.57
N GLU A 54 8.69 6.80 5.26
CA GLU A 54 9.73 7.24 6.22
C GLU A 54 9.08 7.73 7.51
N GLY A 55 8.51 8.91 7.48
CA GLY A 55 7.84 9.43 8.70
C GLY A 55 7.40 10.88 8.47
N TYR A 56 8.04 11.56 7.54
CA TYR A 56 7.70 12.99 7.18
C TYR A 56 7.18 13.77 8.39
N GLY A 57 5.92 13.64 8.67
CA GLY A 57 5.30 14.35 9.83
C GLY A 57 3.78 14.32 9.68
N ARG A 58 3.10 13.68 10.60
CA ARG A 58 1.61 13.60 10.50
C ARG A 58 1.01 14.97 10.86
N ILE A 59 0.23 15.52 9.98
CA ILE A 59 -0.41 16.83 10.26
C ILE A 59 -1.48 16.62 11.37
N PRO A 60 -1.46 17.38 12.47
CA PRO A 60 -2.46 17.17 13.54
C PRO A 60 -3.89 17.26 12.98
N ARG A 61 -4.77 16.43 13.47
CA ARG A 61 -6.18 16.45 13.00
C ARG A 61 -6.75 17.86 13.15
N GLY A 62 -6.51 18.48 14.27
CA GLY A 62 -7.03 19.85 14.52
C GLY A 62 -6.57 20.81 13.43
N ALA A 63 -5.34 20.70 13.01
CA ALA A 63 -4.84 21.61 11.95
C ALA A 63 -5.67 21.38 10.69
N LEU A 64 -6.06 20.16 10.45
CA LEU A 64 -6.88 19.87 9.23
C LEU A 64 -8.32 20.35 9.46
N LEU A 65 -8.85 20.19 10.65
CA LEU A 65 -10.23 20.66 10.90
C LEU A 65 -10.24 22.19 10.74
N SER A 66 -9.15 22.83 11.07
CA SER A 66 -9.09 24.32 10.92
C SER A 66 -9.06 24.65 9.43
N MET A 67 -8.25 23.94 8.68
CA MET A 67 -8.18 24.18 7.21
C MET A 67 -9.42 23.60 6.55
N ASP A 68 -9.73 24.08 5.38
CA ASP A 68 -10.94 23.59 4.62
C ASP A 68 -10.46 22.81 3.40
N ALA A 69 -11.38 22.35 2.58
CA ALA A 69 -10.98 21.56 1.39
C ALA A 69 -9.94 22.32 0.55
N LEU A 70 -10.16 23.59 0.32
CA LEU A 70 -9.20 24.38 -0.50
C LEU A 70 -7.90 24.63 0.28
N ASP A 71 -8.01 25.20 1.45
CA ASP A 71 -6.77 25.47 2.25
C ASP A 71 -6.01 24.17 2.49
N LEU A 72 -6.70 23.13 2.88
CA LEU A 72 -6.00 21.84 3.13
C LEU A 72 -5.51 21.27 1.78
N THR A 73 -6.22 21.53 0.70
CA THR A 73 -5.74 21.00 -0.62
C THR A 73 -4.38 21.64 -0.91
N ASP A 74 -4.30 22.94 -0.79
CA ASP A 74 -3.00 23.62 -1.06
C ASP A 74 -1.94 23.09 -0.09
N LYS A 75 -2.34 22.68 1.09
CA LYS A 75 -1.34 22.17 2.08
C LYS A 75 -0.86 20.77 1.66
N LEU A 76 -1.75 19.86 1.30
CA LEU A 76 -1.28 18.51 0.87
C LEU A 76 -0.24 18.71 -0.24
N VAL A 77 -0.42 19.74 -1.02
CA VAL A 77 0.54 20.03 -2.13
C VAL A 77 1.84 20.59 -1.55
N SER A 78 1.75 21.43 -0.54
CA SER A 78 2.99 22.03 0.03
C SER A 78 3.76 21.01 0.89
N PHE A 79 3.08 20.37 1.81
CA PHE A 79 3.77 19.39 2.72
C PHE A 79 4.00 18.03 2.04
N TYR A 80 2.98 17.45 1.44
CA TYR A 80 3.12 16.10 0.79
C TYR A 80 3.41 16.23 -0.71
N LEU A 81 3.81 17.39 -1.16
CA LEU A 81 4.09 17.60 -2.62
C LEU A 81 2.80 17.41 -3.43
N GLU A 82 2.81 17.85 -4.67
CA GLU A 82 1.60 17.74 -5.52
C GLU A 82 1.28 16.28 -5.90
N THR A 83 2.20 15.62 -6.54
CA THR A 83 1.93 14.21 -7.00
C THR A 83 1.91 13.24 -5.80
N TYR A 84 2.96 13.21 -5.02
CA TYR A 84 2.99 12.26 -3.86
C TYR A 84 1.76 12.50 -2.97
N GLY A 85 1.22 13.68 -2.99
CA GLY A 85 0.03 13.99 -2.15
C GLY A 85 -1.19 13.23 -2.70
N ALA A 86 -1.44 13.35 -3.98
CA ALA A 86 -2.61 12.65 -4.56
C ALA A 86 -2.38 11.14 -4.56
N GLU A 87 -1.17 10.71 -4.81
CA GLU A 87 -0.89 9.24 -4.81
C GLU A 87 -1.24 8.67 -3.43
N LEU A 88 -0.72 9.27 -2.40
CA LEU A 88 -1.01 8.77 -1.02
C LEU A 88 -2.53 8.77 -0.80
N THR A 89 -3.21 9.74 -1.36
CA THR A 89 -4.68 9.85 -1.19
C THR A 89 -5.41 8.73 -1.95
N ALA A 90 -5.03 8.49 -3.18
CA ALA A 90 -5.72 7.41 -3.97
C ALA A 90 -5.73 6.13 -3.16
N ASN A 91 -4.74 5.93 -2.34
CA ASN A 91 -4.66 4.69 -1.51
C ASN A 91 -5.66 4.80 -0.35
N VAL A 92 -5.84 5.96 0.22
CA VAL A 92 -6.80 6.09 1.36
C VAL A 92 -8.22 5.85 0.84
N LEU A 93 -8.62 6.58 -0.16
CA LEU A 93 -10.00 6.39 -0.71
C LEU A 93 -10.20 4.91 -1.08
N ARG A 94 -9.16 4.27 -1.53
CA ARG A 94 -9.28 2.82 -1.89
C ARG A 94 -9.68 2.06 -0.61
N ASP A 95 -9.19 2.50 0.51
CA ASP A 95 -9.54 1.83 1.79
C ASP A 95 -10.97 2.20 2.17
N MET A 96 -11.41 3.38 1.80
CA MET A 96 -12.80 3.80 2.13
C MET A 96 -13.79 3.07 1.22
N GLY A 97 -13.29 2.35 0.25
CA GLY A 97 -14.18 1.60 -0.69
C GLY A 97 -14.57 2.50 -1.86
N LEU A 98 -13.99 3.67 -1.93
CA LEU A 98 -14.31 4.61 -3.05
C LEU A 98 -13.33 4.34 -4.17
N GLN A 99 -13.31 3.12 -4.63
CA GLN A 99 -12.39 2.72 -5.72
C GLN A 99 -12.66 3.54 -6.99
N GLU A 100 -13.87 4.00 -7.16
CA GLU A 100 -14.19 4.79 -8.38
C GLU A 100 -13.47 6.14 -8.33
N MET A 101 -13.59 6.85 -7.24
CA MET A 101 -12.91 8.16 -7.12
C MET A 101 -11.40 7.93 -7.03
N ALA A 102 -11.02 6.81 -6.47
CA ALA A 102 -9.56 6.51 -6.33
C ALA A 102 -8.96 6.25 -7.72
N GLY A 103 -9.57 5.42 -8.51
CA GLY A 103 -9.03 5.13 -9.86
C GLY A 103 -9.06 6.42 -10.68
N GLN A 104 -9.99 7.28 -10.38
CA GLN A 104 -10.11 8.56 -11.11
C GLN A 104 -9.04 9.53 -10.64
N LEU A 105 -8.73 9.52 -9.37
CA LEU A 105 -7.69 10.45 -8.85
C LEU A 105 -6.33 10.07 -9.45
N GLN A 106 -5.94 8.83 -9.38
CA GLN A 106 -4.63 8.42 -9.97
C GLN A 106 -4.61 8.78 -11.45
N ALA A 107 -5.70 8.58 -12.13
CA ALA A 107 -5.76 8.89 -13.59
C ALA A 107 -5.66 10.40 -13.79
N ALA A 108 -6.28 11.16 -12.93
CA ALA A 108 -6.23 12.64 -13.07
C ALA A 108 -4.76 13.11 -13.06
N THR A 109 -3.94 12.48 -12.27
CA THR A 109 -2.50 12.88 -12.21
C THR A 109 -1.74 12.22 -13.36
N HIS A 110 -2.32 11.25 -13.97
CA HIS A 110 -1.64 10.56 -15.11
C HIS A 110 -2.65 9.63 -15.81
N GLN A 111 -3.36 10.14 -16.78
CA GLN A 111 -4.36 9.30 -17.51
C GLN A 111 -3.71 7.98 -17.96
N GLY A 112 -2.57 8.06 -18.58
CA GLY A 112 -1.89 6.82 -19.05
C GLY A 112 -2.80 6.08 -20.04
N SER A 113 -2.69 6.38 -21.30
CA SER A 113 -3.54 5.71 -22.31
C SER A 113 -3.11 4.24 -22.45
N GLY A 114 -3.76 3.51 -23.32
CA GLY A 114 -3.39 2.08 -23.50
C GLY A 114 -3.88 1.27 -22.30
N ALA A 115 -4.46 1.91 -21.33
CA ALA A 115 -4.97 1.17 -20.13
C ALA A 115 -6.13 0.26 -20.54
N ALA A 116 -5.98 -1.01 -20.31
CA ALA A 116 -7.07 -1.96 -20.68
C ALA A 116 -8.28 -1.73 -19.73
N PRO A 117 -9.47 -2.14 -20.14
CA PRO A 117 -10.67 -1.97 -19.29
C PRO A 117 -10.44 -2.65 -17.93
N ALA A 118 -10.39 -3.96 -17.92
CA ALA A 118 -10.17 -4.69 -16.63
C ALA A 118 -9.70 -6.12 -16.93
N GLY A 119 -8.62 -6.52 -16.33
CA GLY A 119 -8.10 -7.89 -16.56
C GLY A 119 -6.68 -8.00 -15.99
N ILE A 120 -6.00 -6.90 -15.85
CA ILE A 120 -4.61 -6.93 -15.31
C ILE A 120 -4.65 -7.29 -13.82
N GLN A 121 -5.72 -6.95 -13.14
CA GLN A 121 -5.84 -7.27 -11.69
C GLN A 121 -4.58 -6.79 -10.95
N ALA A 122 -4.50 -7.04 -9.67
CA ALA A 122 -3.30 -6.59 -8.90
C ALA A 122 -2.14 -7.59 -9.15
N PRO A 123 -0.90 -7.14 -9.11
CA PRO A 123 0.25 -8.05 -9.34
C PRO A 123 0.20 -9.19 -8.29
N PRO A 124 0.98 -10.24 -8.48
CA PRO A 124 0.99 -11.36 -7.52
C PRO A 124 1.44 -10.84 -6.15
N GLN A 125 0.92 -11.42 -5.09
CA GLN A 125 1.30 -10.95 -3.72
C GLN A 125 2.78 -11.21 -3.49
N SER A 126 3.35 -12.13 -4.21
CA SER A 126 4.80 -12.44 -4.05
C SER A 126 5.64 -11.29 -4.61
N ALA A 127 6.38 -10.63 -3.77
CA ALA A 127 7.22 -9.49 -4.25
C ALA A 127 8.28 -10.03 -5.23
N ALA A 128 8.14 -9.72 -6.49
CA ALA A 128 9.13 -10.21 -7.49
C ALA A 128 10.50 -9.62 -7.17
N LYS A 129 11.42 -10.43 -6.72
CA LYS A 129 12.79 -9.91 -6.38
C LYS A 129 13.52 -9.56 -7.70
N PRO A 130 14.48 -8.64 -7.66
CA PRO A 130 15.23 -8.28 -8.88
C PRO A 130 15.93 -9.53 -9.45
N GLY A 131 15.99 -9.64 -10.76
CA GLY A 131 16.66 -10.83 -11.37
C GLY A 131 18.17 -10.67 -11.31
N LEU A 132 18.63 -9.86 -10.40
CA LEU A 132 20.10 -9.62 -10.24
C LEU A 132 20.64 -10.61 -9.20
N HIS A 133 21.50 -11.52 -9.62
CA HIS A 133 22.06 -12.51 -8.65
C HIS A 133 23.00 -11.80 -7.68
N PHE A 134 22.75 -11.91 -6.40
CA PHE A 134 23.64 -11.25 -5.41
C PHE A 134 23.28 -11.74 -4.00
N ILE A 135 22.04 -11.62 -3.62
CA ILE A 135 21.64 -12.07 -2.26
C ILE A 135 21.91 -13.57 -2.12
N ASP A 136 21.86 -14.30 -3.20
CA ASP A 136 22.12 -15.77 -3.13
C ASP A 136 23.63 -16.01 -3.09
N GLN A 137 24.38 -15.05 -3.52
CA GLN A 137 25.87 -15.19 -3.54
C GLN A 137 26.41 -15.43 -2.13
N HIS A 138 25.69 -15.03 -1.10
CA HIS A 138 26.20 -15.23 0.30
C HIS A 138 25.72 -16.59 0.82
N ARG A 139 24.72 -17.16 0.19
CA ARG A 139 24.22 -18.48 0.63
C ARG A 139 25.24 -19.53 0.17
N ALA A 140 25.42 -19.64 -1.12
CA ALA A 140 26.40 -20.63 -1.65
C ALA A 140 27.78 -20.37 -1.04
N ALA A 141 28.12 -19.13 -0.76
CA ALA A 141 29.45 -18.84 -0.18
C ALA A 141 29.60 -19.56 1.16
N LEU A 142 28.66 -19.37 2.05
CA LEU A 142 28.77 -20.03 3.39
C LEU A 142 28.48 -21.53 3.29
N ILE A 143 27.53 -21.93 2.47
CA ILE A 143 27.22 -23.39 2.38
C ILE A 143 28.47 -24.16 1.94
N ALA A 144 29.17 -23.66 0.96
CA ALA A 144 30.40 -24.36 0.48
C ALA A 144 31.50 -24.28 1.55
N ARG A 145 31.47 -23.28 2.39
CA ARG A 145 32.55 -23.15 3.44
C ARG A 145 32.12 -23.86 4.74
N VAL A 146 30.85 -24.06 4.94
CA VAL A 146 30.39 -24.74 6.19
C VAL A 146 30.64 -26.26 6.06
N THR A 147 30.66 -26.76 4.85
CA THR A 147 30.88 -28.23 4.64
C THR A 147 29.75 -29.02 5.31
N ASN A 148 29.75 -29.08 6.61
CA ASN A 148 28.65 -29.82 7.31
C ASN A 148 27.35 -29.06 7.10
N VAL A 149 26.72 -29.26 5.98
CA VAL A 149 25.44 -28.54 5.70
C VAL A 149 24.37 -28.93 6.73
N GLU A 150 24.35 -30.17 7.14
CA GLU A 150 23.33 -30.63 8.13
C GLU A 150 23.59 -30.03 9.52
N TRP A 151 24.81 -29.72 9.86
CA TRP A 151 25.09 -29.16 11.22
C TRP A 151 24.18 -27.96 11.52
N LEU A 152 24.07 -27.01 10.63
CA LEU A 152 23.21 -25.82 10.90
C LEU A 152 21.73 -26.18 10.79
N LEU A 153 21.35 -26.94 9.81
CA LEU A 153 19.91 -27.32 9.68
C LEU A 153 19.47 -28.06 10.95
N ASP A 154 20.20 -29.07 11.35
CA ASP A 154 19.83 -29.82 12.58
C ASP A 154 19.83 -28.88 13.78
N ALA A 155 20.62 -27.84 13.73
CA ALA A 155 20.67 -26.88 14.88
C ALA A 155 19.31 -26.19 15.05
N LEU A 156 18.71 -25.76 13.96
CA LEU A 156 17.39 -25.07 14.05
C LEU A 156 16.25 -26.09 14.14
N TYR A 157 16.56 -27.34 14.36
CA TYR A 157 15.47 -28.36 14.45
C TYR A 157 14.70 -28.19 15.77
N GLY A 158 13.41 -27.97 15.68
CA GLY A 158 12.59 -27.83 16.92
C GLY A 158 12.80 -26.45 17.56
N LYS A 159 13.76 -25.70 17.10
CA LYS A 159 14.02 -24.34 17.71
C LYS A 159 13.07 -23.29 17.12
N VAL A 160 13.45 -22.65 16.03
CA VAL A 160 12.56 -21.59 15.44
C VAL A 160 11.56 -22.20 14.46
N LEU A 161 12.01 -23.05 13.57
CA LEU A 161 11.07 -23.66 12.58
C LEU A 161 10.28 -24.78 13.26
N THR A 162 9.05 -24.97 12.86
CA THR A 162 8.22 -26.05 13.47
C THR A 162 8.65 -27.40 12.89
N ASP A 163 8.09 -28.46 13.40
CA ASP A 163 8.47 -29.82 12.88
C ASP A 163 8.02 -29.98 11.43
N GLU A 164 6.92 -29.40 11.05
CA GLU A 164 6.44 -29.54 9.65
C GLU A 164 7.28 -28.69 8.69
N GLN A 165 7.70 -27.54 9.13
CA GLN A 165 8.52 -26.64 8.24
C GLN A 165 9.93 -27.22 8.07
N TYR A 166 10.55 -27.61 9.14
CA TYR A 166 11.93 -28.17 9.05
C TYR A 166 11.92 -29.37 8.07
N GLN A 167 10.89 -30.17 8.12
CA GLN A 167 10.83 -31.33 7.19
C GLN A 167 10.62 -30.85 5.76
N ALA A 168 9.75 -29.89 5.57
CA ALA A 168 9.50 -29.37 4.18
C ALA A 168 10.84 -28.92 3.58
N VAL A 169 11.72 -28.41 4.40
CA VAL A 169 13.03 -27.94 3.89
C VAL A 169 13.93 -29.16 3.62
N ARG A 170 13.85 -30.16 4.44
CA ARG A 170 14.69 -31.38 4.24
C ARG A 170 14.16 -32.19 3.05
N ALA A 171 12.92 -31.99 2.70
CA ALA A 171 12.32 -32.75 1.55
C ALA A 171 12.84 -32.18 0.22
N GLU A 172 13.66 -31.17 0.28
CA GLU A 172 14.19 -30.56 -0.98
C GLU A 172 14.86 -31.68 -1.82
N PRO A 173 15.18 -31.42 -3.09
CA PRO A 173 15.80 -32.45 -3.95
C PRO A 173 17.32 -32.37 -3.77
N THR A 174 17.85 -31.22 -4.07
CA THR A 174 19.31 -30.98 -3.97
C THR A 174 19.69 -30.77 -2.48
N ASN A 175 20.92 -30.99 -2.14
CA ASN A 175 21.37 -30.81 -0.73
C ASN A 175 21.47 -29.29 -0.39
N PRO A 176 22.21 -28.50 -1.16
CA PRO A 176 22.31 -27.06 -0.85
C PRO A 176 20.92 -26.40 -0.92
N SER A 177 19.96 -27.06 -1.53
CA SER A 177 18.61 -26.46 -1.63
C SER A 177 17.98 -26.45 -0.24
N LYS A 178 18.34 -27.37 0.58
CA LYS A 178 17.78 -27.43 1.96
C LYS A 178 18.16 -26.14 2.70
N MET A 179 19.35 -25.65 2.47
CA MET A 179 19.80 -24.39 3.16
C MET A 179 19.16 -23.17 2.48
N ARG A 180 19.20 -23.10 1.18
CA ARG A 180 18.62 -21.90 0.48
C ARG A 180 17.20 -21.62 0.98
N LYS A 181 16.37 -22.62 1.06
CA LYS A 181 14.97 -22.40 1.55
C LYS A 181 15.05 -21.93 3.01
N LEU A 182 15.80 -22.61 3.84
CA LEU A 182 15.91 -22.22 5.27
C LEU A 182 16.17 -20.71 5.42
N PHE A 183 16.99 -20.16 4.57
CA PHE A 183 17.28 -18.70 4.66
C PHE A 183 16.07 -17.90 4.15
N SER A 184 15.33 -18.45 3.22
CA SER A 184 14.14 -17.72 2.68
C SER A 184 13.08 -17.61 3.77
N PHE A 185 13.18 -18.40 4.81
CA PHE A 185 12.19 -18.33 5.93
C PHE A 185 12.52 -17.08 6.78
N THR A 186 12.92 -16.02 6.13
CA THR A 186 13.27 -14.77 6.87
C THR A 186 12.05 -14.24 7.67
N PRO A 187 10.87 -14.16 7.05
CA PRO A 187 9.69 -13.63 7.76
C PRO A 187 9.44 -14.45 9.04
N ALA A 188 10.09 -15.59 9.16
CA ALA A 188 9.92 -16.44 10.39
C ALA A 188 11.11 -16.22 11.33
N TRP A 189 12.14 -15.53 10.86
CA TRP A 189 13.34 -15.31 11.73
C TRP A 189 13.15 -14.04 12.55
N ASN A 190 13.22 -14.14 13.85
CA ASN A 190 13.08 -12.93 14.73
C ASN A 190 14.48 -12.44 15.09
N TRP A 191 14.59 -11.44 15.92
CA TRP A 191 15.93 -10.93 16.30
C TRP A 191 16.75 -12.08 16.92
N THR A 192 16.13 -12.88 17.76
CA THR A 192 16.85 -14.01 18.39
C THR A 192 17.15 -15.08 17.32
N CYS A 193 16.27 -15.26 16.37
CA CYS A 193 16.51 -16.31 15.34
C CYS A 193 17.84 -16.03 14.64
N LYS A 194 18.00 -14.85 14.08
CA LYS A 194 19.27 -14.51 13.39
C LYS A 194 20.47 -14.82 14.30
N ASP A 195 20.40 -14.38 15.52
CA ASP A 195 21.53 -14.64 16.47
C ASP A 195 21.73 -16.15 16.63
N LEU A 196 20.68 -16.92 16.50
CA LEU A 196 20.80 -18.39 16.65
C LEU A 196 21.78 -18.94 15.61
N LEU A 197 21.64 -18.56 14.37
CA LEU A 197 22.56 -19.07 13.31
C LEU A 197 23.93 -18.39 13.44
N LEU A 198 23.93 -17.09 13.55
CA LEU A 198 25.23 -16.35 13.69
C LEU A 198 26.02 -16.93 14.87
N GLN A 199 25.34 -17.32 15.92
CA GLN A 199 26.04 -17.88 17.10
C GLN A 199 26.62 -19.26 16.76
N ALA A 200 25.81 -20.13 16.22
CA ALA A 200 26.32 -21.50 15.88
C ALA A 200 27.52 -21.40 14.92
N LEU A 201 27.55 -20.39 14.09
CA LEU A 201 28.69 -20.26 13.13
C LEU A 201 29.97 -19.94 13.93
N ARG A 202 29.87 -19.16 14.98
CA ARG A 202 31.11 -18.83 15.77
C ARG A 202 31.61 -20.09 16.48
N GLU A 203 30.71 -20.90 16.98
CA GLU A 203 31.13 -22.14 17.68
C GLU A 203 31.97 -23.01 16.75
N SER A 204 31.65 -23.03 15.47
CA SER A 204 32.42 -23.86 14.51
C SER A 204 33.59 -23.05 13.92
N GLN A 205 33.42 -21.77 13.74
CA GLN A 205 34.54 -20.96 13.16
C GLN A 205 34.17 -19.46 13.18
N SER A 206 34.89 -18.68 13.95
CA SER A 206 34.61 -17.22 14.04
C SER A 206 34.94 -16.52 12.72
N TYR A 207 35.76 -17.14 11.89
CA TYR A 207 36.13 -16.49 10.60
C TYR A 207 34.89 -16.20 9.77
N LEU A 208 34.01 -17.14 9.63
CA LEU A 208 32.81 -16.90 8.80
C LEU A 208 31.91 -15.85 9.46
N VAL A 209 31.87 -15.81 10.76
CA VAL A 209 31.02 -14.77 11.43
C VAL A 209 31.46 -13.39 10.96
N GLU A 210 32.75 -13.18 10.85
CA GLU A 210 33.28 -11.87 10.40
C GLU A 210 33.12 -11.72 8.89
N ASP A 211 33.46 -12.74 8.14
CA ASP A 211 33.35 -12.64 6.65
C ASP A 211 31.90 -12.41 6.24
N LEU A 212 30.97 -13.05 6.89
CA LEU A 212 29.53 -12.88 6.53
C LEU A 212 29.00 -11.56 7.12
N GLU A 213 29.50 -11.16 8.26
CA GLU A 213 29.01 -9.89 8.87
C GLU A 213 29.50 -8.72 8.02
N ARG A 214 30.76 -8.72 7.66
CA ARG A 214 31.30 -7.60 6.83
C ARG A 214 30.83 -7.76 5.38
N SER A 215 29.55 -7.66 5.15
CA SER A 215 29.04 -7.81 3.76
C SER A 215 29.60 -6.70 2.88
N MET A 21 -1.19 26.57 -12.28
CA MET A 21 -2.08 25.42 -12.62
C MET A 21 -1.55 24.16 -11.91
N GLY A 22 -2.26 23.08 -12.02
CA GLY A 22 -1.82 21.82 -11.35
C GLY A 22 -2.95 20.80 -11.40
N ARG A 23 -2.97 19.99 -12.42
CA ARG A 23 -4.05 18.97 -12.55
C ARG A 23 -4.12 18.12 -11.28
N ALA A 24 -2.98 17.83 -10.69
CA ALA A 24 -2.98 17.02 -9.44
C ALA A 24 -3.70 17.81 -8.34
N ARG A 25 -3.41 19.08 -8.24
CA ARG A 25 -4.10 19.91 -7.20
C ARG A 25 -5.60 19.88 -7.47
N ASP A 26 -5.97 19.87 -8.72
CA ASP A 26 -7.41 19.81 -9.08
C ASP A 26 -7.95 18.41 -8.75
N ALA A 27 -7.14 17.41 -8.92
CA ALA A 27 -7.58 16.03 -8.60
C ALA A 27 -7.92 15.93 -7.12
N ILE A 28 -7.04 16.39 -6.27
CA ILE A 28 -7.31 16.34 -4.80
C ILE A 28 -8.60 17.13 -4.52
N LEU A 29 -8.65 18.36 -4.95
CA LEU A 29 -9.86 19.21 -4.68
C LEU A 29 -11.14 18.44 -5.06
N ASP A 30 -11.15 17.84 -6.21
CA ASP A 30 -12.37 17.10 -6.65
C ASP A 30 -12.69 15.94 -5.70
N ALA A 31 -11.72 15.12 -5.38
CA ALA A 31 -11.99 13.96 -4.48
C ALA A 31 -12.49 14.44 -3.11
N LEU A 32 -11.79 15.34 -2.47
CA LEU A 32 -12.24 15.81 -1.12
C LEU A 32 -13.59 16.50 -1.23
N GLU A 33 -13.74 17.39 -2.17
CA GLU A 33 -15.05 18.11 -2.31
C GLU A 33 -16.15 17.10 -2.65
N ASN A 34 -15.80 15.89 -3.00
CA ASN A 34 -16.84 14.87 -3.35
C ASN A 34 -17.28 14.11 -2.08
N LEU A 35 -16.44 14.05 -1.08
CA LEU A 35 -16.82 13.33 0.17
C LEU A 35 -17.79 14.21 0.99
N THR A 36 -18.63 13.60 1.78
CA THR A 36 -19.59 14.40 2.61
C THR A 36 -18.84 15.07 3.76
N ALA A 37 -19.43 16.04 4.39
CA ALA A 37 -18.74 16.74 5.51
C ALA A 37 -18.35 15.72 6.58
N GLU A 38 -19.26 14.87 6.99
CA GLU A 38 -18.91 13.86 8.03
C GLU A 38 -17.93 12.86 7.43
N GLU A 39 -18.14 12.46 6.22
CA GLU A 39 -17.21 11.50 5.58
C GLU A 39 -15.83 12.15 5.50
N LEU A 40 -15.78 13.45 5.39
CA LEU A 40 -14.47 14.16 5.32
C LEU A 40 -13.71 13.90 6.63
N LYS A 41 -14.40 13.93 7.74
CA LYS A 41 -13.72 13.68 9.04
C LYS A 41 -13.07 12.30 9.03
N LYS A 42 -13.77 11.31 8.54
CA LYS A 42 -13.20 9.93 8.49
C LYS A 42 -11.91 9.94 7.66
N PHE A 43 -11.82 10.81 6.69
CA PHE A 43 -10.62 10.86 5.82
C PHE A 43 -9.39 11.40 6.56
N LYS A 44 -9.49 12.55 7.18
CA LYS A 44 -8.28 13.11 7.87
C LYS A 44 -7.82 12.19 9.00
N LEU A 45 -8.73 11.58 9.71
CA LEU A 45 -8.32 10.68 10.82
C LEU A 45 -7.66 9.44 10.24
N LYS A 46 -8.14 8.94 9.14
CA LYS A 46 -7.50 7.75 8.52
C LYS A 46 -6.04 8.08 8.21
N LEU A 47 -5.76 9.31 7.87
CA LEU A 47 -4.35 9.69 7.56
C LEU A 47 -3.52 9.49 8.84
N LEU A 48 -4.04 9.87 9.98
CA LEU A 48 -3.27 9.67 11.24
C LEU A 48 -3.17 8.17 11.54
N SER A 49 -4.06 7.37 10.98
CA SER A 49 -4.01 5.90 11.24
C SER A 49 -3.12 5.21 10.19
N VAL A 50 -3.09 5.71 9.00
CA VAL A 50 -2.23 5.08 7.95
C VAL A 50 -0.74 5.34 8.29
N PRO A 51 0.07 4.31 8.53
CA PRO A 51 1.49 4.54 8.87
C PRO A 51 2.21 5.16 7.66
N LEU A 52 3.02 6.17 7.89
CA LEU A 52 3.75 6.84 6.77
C LEU A 52 5.16 6.23 6.65
N ARG A 53 5.80 6.45 5.54
CA ARG A 53 7.17 5.88 5.34
C ARG A 53 8.15 6.58 6.30
N GLU A 54 8.79 7.63 5.87
CA GLU A 54 9.74 8.34 6.75
C GLU A 54 10.14 9.65 6.08
N GLY A 55 10.33 10.69 6.85
CA GLY A 55 10.70 12.02 6.28
C GLY A 55 9.43 12.84 6.06
N TYR A 56 8.29 12.25 6.34
CA TYR A 56 6.97 12.94 6.16
C TYR A 56 6.13 12.74 7.43
N GLY A 57 6.06 13.73 8.27
CA GLY A 57 5.28 13.61 9.53
C GLY A 57 3.78 13.78 9.25
N ARG A 58 2.95 13.12 10.02
CA ARG A 58 1.48 13.24 9.81
C ARG A 58 0.98 14.60 10.30
N ILE A 59 0.10 15.22 9.56
CA ILE A 59 -0.44 16.56 9.98
C ILE A 59 -1.46 16.32 11.12
N PRO A 60 -1.36 17.01 12.27
CA PRO A 60 -2.34 16.79 13.35
C PRO A 60 -3.76 17.04 12.84
N ARG A 61 -4.68 16.20 13.23
CA ARG A 61 -6.09 16.36 12.78
C ARG A 61 -6.59 17.78 13.11
N GLY A 62 -6.34 18.23 14.30
CA GLY A 62 -6.80 19.59 14.72
C GLY A 62 -6.33 20.65 13.72
N ALA A 63 -5.12 20.54 13.25
CA ALA A 63 -4.61 21.55 12.29
C ALA A 63 -5.47 21.50 11.03
N LEU A 64 -5.94 20.34 10.68
CA LEU A 64 -6.79 20.21 9.45
C LEU A 64 -8.21 20.72 9.76
N LEU A 65 -8.65 20.61 10.99
CA LEU A 65 -10.02 21.11 11.33
C LEU A 65 -10.08 22.62 11.01
N SER A 66 -9.04 23.34 11.33
CA SER A 66 -9.02 24.80 11.04
C SER A 66 -9.02 25.00 9.52
N MET A 67 -8.22 24.23 8.82
CA MET A 67 -8.16 24.36 7.33
C MET A 67 -9.41 23.73 6.73
N ASP A 68 -9.78 24.16 5.54
CA ASP A 68 -10.99 23.61 4.84
C ASP A 68 -10.53 22.81 3.62
N ALA A 69 -11.46 22.35 2.83
CA ALA A 69 -11.09 21.54 1.63
C ALA A 69 -10.08 22.31 0.76
N LEU A 70 -10.31 23.58 0.53
CA LEU A 70 -9.37 24.37 -0.32
C LEU A 70 -8.06 24.63 0.44
N ASP A 71 -8.13 25.20 1.61
CA ASP A 71 -6.88 25.49 2.37
C ASP A 71 -6.12 24.19 2.61
N LEU A 72 -6.80 23.14 3.01
CA LEU A 72 -6.08 21.85 3.25
C LEU A 72 -5.62 21.28 1.90
N THR A 73 -6.33 21.53 0.82
CA THR A 73 -5.88 21.00 -0.49
C THR A 73 -4.50 21.61 -0.80
N ASP A 74 -4.38 22.90 -0.64
CA ASP A 74 -3.07 23.55 -0.91
C ASP A 74 -2.02 22.97 0.04
N LYS A 75 -2.43 22.55 1.22
CA LYS A 75 -1.47 21.98 2.19
C LYS A 75 -1.02 20.59 1.73
N LEU A 76 -1.92 19.73 1.33
CA LEU A 76 -1.47 18.38 0.88
C LEU A 76 -0.41 18.56 -0.21
N VAL A 77 -0.53 19.62 -0.96
CA VAL A 77 0.46 19.90 -2.03
C VAL A 77 1.76 20.42 -1.39
N SER A 78 1.66 21.24 -0.37
CA SER A 78 2.91 21.78 0.27
C SER A 78 3.62 20.73 1.12
N PHE A 79 2.91 20.07 1.99
CA PHE A 79 3.53 19.07 2.91
C PHE A 79 3.80 17.72 2.22
N TYR A 80 2.82 17.17 1.53
CA TYR A 80 3.01 15.82 0.86
C TYR A 80 3.29 15.98 -0.64
N LEU A 81 3.65 17.15 -1.09
CA LEU A 81 3.94 17.35 -2.55
C LEU A 81 2.67 17.09 -3.37
N GLU A 82 2.65 17.55 -4.60
CA GLU A 82 1.45 17.37 -5.48
C GLU A 82 1.24 15.90 -5.86
N THR A 83 2.20 15.28 -6.45
CA THR A 83 2.03 13.87 -6.91
C THR A 83 2.01 12.89 -5.72
N TYR A 84 3.02 12.93 -4.89
CA TYR A 84 3.05 11.98 -3.74
C TYR A 84 1.82 12.23 -2.86
N GLY A 85 1.28 13.43 -2.87
CA GLY A 85 0.08 13.72 -2.05
C GLY A 85 -1.14 13.00 -2.62
N ALA A 86 -1.38 13.14 -3.89
CA ALA A 86 -2.55 12.46 -4.51
C ALA A 86 -2.37 10.95 -4.46
N GLU A 87 -1.17 10.46 -4.69
CA GLU A 87 -0.94 8.99 -4.66
C GLU A 87 -1.34 8.47 -3.27
N LEU A 88 -0.83 9.08 -2.24
CA LEU A 88 -1.17 8.63 -0.85
C LEU A 88 -2.70 8.67 -0.68
N THR A 89 -3.34 9.65 -1.25
CA THR A 89 -4.81 9.78 -1.12
C THR A 89 -5.54 8.67 -1.87
N ALA A 90 -5.15 8.40 -3.09
CA ALA A 90 -5.83 7.32 -3.88
C ALA A 90 -5.88 6.03 -3.04
N ASN A 91 -4.91 5.85 -2.19
CA ASN A 91 -4.87 4.62 -1.34
C ASN A 91 -5.89 4.75 -0.20
N VAL A 92 -6.07 5.91 0.37
CA VAL A 92 -7.05 6.04 1.49
C VAL A 92 -8.46 5.83 0.96
N LEU A 93 -8.84 6.53 -0.07
CA LEU A 93 -10.20 6.35 -0.64
C LEU A 93 -10.41 4.88 -1.00
N ARG A 94 -9.37 4.22 -1.43
CA ARG A 94 -9.49 2.77 -1.77
C ARG A 94 -9.95 2.02 -0.52
N ASP A 95 -9.50 2.45 0.62
CA ASP A 95 -9.91 1.78 1.89
C ASP A 95 -11.35 2.18 2.20
N MET A 96 -11.76 3.35 1.80
CA MET A 96 -13.16 3.80 2.07
C MET A 96 -14.11 3.09 1.11
N GLY A 97 -13.58 2.35 0.17
CA GLY A 97 -14.44 1.61 -0.81
C GLY A 97 -14.78 2.53 -1.98
N LEU A 98 -14.21 3.71 -2.02
CA LEU A 98 -14.49 4.67 -3.13
C LEU A 98 -13.45 4.43 -4.22
N GLN A 99 -13.49 3.26 -4.78
CA GLN A 99 -12.53 2.89 -5.85
C GLN A 99 -12.74 3.77 -7.09
N GLU A 100 -13.97 4.05 -7.45
CA GLU A 100 -14.23 4.88 -8.65
C GLU A 100 -13.49 6.23 -8.53
N MET A 101 -13.52 6.84 -7.38
CA MET A 101 -12.82 8.15 -7.21
C MET A 101 -11.31 7.90 -7.10
N ALA A 102 -10.93 6.79 -6.52
CA ALA A 102 -9.48 6.48 -6.37
C ALA A 102 -8.86 6.21 -7.75
N GLY A 103 -9.48 5.35 -8.53
CA GLY A 103 -8.91 5.05 -9.87
C GLY A 103 -8.91 6.31 -10.71
N GLN A 104 -9.84 7.18 -10.43
CA GLN A 104 -9.92 8.46 -11.19
C GLN A 104 -8.83 9.43 -10.71
N LEU A 105 -8.59 9.46 -9.43
CA LEU A 105 -7.54 10.39 -8.91
C LEU A 105 -6.17 9.98 -9.47
N GLN A 106 -5.81 8.73 -9.34
CA GLN A 106 -4.48 8.28 -9.87
C GLN A 106 -4.38 8.64 -11.37
N ALA A 107 -5.47 8.53 -12.07
CA ALA A 107 -5.46 8.84 -13.53
C ALA A 107 -5.38 10.36 -13.74
N ALA A 108 -6.01 11.12 -12.89
CA ALA A 108 -5.98 12.61 -13.06
C ALA A 108 -4.53 13.09 -13.08
N THR A 109 -3.69 12.50 -12.29
CA THR A 109 -2.25 12.93 -12.24
C THR A 109 -1.48 12.28 -13.40
N HIS A 110 -2.11 11.37 -14.09
CA HIS A 110 -1.43 10.68 -15.23
C HIS A 110 -2.50 10.11 -16.17
N GLN A 111 -3.00 10.93 -17.06
CA GLN A 111 -4.04 10.45 -18.02
C GLN A 111 -3.55 9.20 -18.75
N GLY A 112 -2.26 8.98 -18.76
CA GLY A 112 -1.72 7.78 -19.46
C GLY A 112 -0.19 7.80 -19.41
N SER A 113 0.45 7.03 -20.25
CA SER A 113 1.93 7.00 -20.25
C SER A 113 2.47 8.33 -20.80
N GLY A 114 3.76 8.49 -20.82
CA GLY A 114 4.34 9.76 -21.33
C GLY A 114 3.97 9.93 -22.81
N ALA A 115 3.41 8.91 -23.41
CA ALA A 115 3.04 9.02 -24.85
C ALA A 115 2.00 10.14 -25.03
N ALA A 116 2.32 11.10 -25.84
CA ALA A 116 1.36 12.22 -26.08
C ALA A 116 0.12 11.67 -26.81
N PRO A 117 -0.97 12.42 -26.81
CA PRO A 117 -2.21 11.97 -27.51
C PRO A 117 -1.89 11.70 -29.00
N ALA A 118 -0.69 11.99 -29.43
CA ALA A 118 -0.33 11.76 -30.86
C ALA A 118 1.19 11.59 -30.97
N GLY A 119 1.62 10.55 -31.63
CA GLY A 119 3.08 10.31 -31.79
C GLY A 119 3.71 11.45 -32.58
N ILE A 120 2.91 12.23 -33.25
CA ILE A 120 3.47 13.37 -34.04
C ILE A 120 4.25 14.29 -33.10
N GLN A 121 3.60 14.80 -32.09
CA GLN A 121 4.31 15.70 -31.13
C GLN A 121 5.23 14.87 -30.24
N ALA A 122 6.08 14.08 -30.82
CA ALA A 122 7.01 13.24 -30.01
C ALA A 122 7.99 14.17 -29.25
N PRO A 123 8.46 13.78 -28.07
CA PRO A 123 9.41 14.64 -27.32
C PRO A 123 10.67 14.89 -28.19
N PRO A 124 11.51 15.84 -27.80
CA PRO A 124 12.73 16.12 -28.58
C PRO A 124 13.62 14.87 -28.62
N GLN A 125 14.33 14.67 -29.70
CA GLN A 125 15.22 13.47 -29.81
C GLN A 125 16.54 13.72 -29.09
N SER A 126 16.77 14.95 -28.69
CA SER A 126 18.04 15.28 -27.98
C SER A 126 18.03 14.66 -26.58
N ALA A 127 18.62 13.52 -26.42
CA ALA A 127 18.66 12.85 -25.09
C ALA A 127 19.74 13.49 -24.23
N ALA A 128 19.55 14.71 -23.81
CA ALA A 128 20.57 15.38 -22.96
C ALA A 128 20.67 14.66 -21.62
N LYS A 129 21.74 13.94 -21.39
CA LYS A 129 21.92 13.21 -20.10
C LYS A 129 22.54 14.17 -19.07
N PRO A 130 22.34 13.92 -17.78
CA PRO A 130 22.92 14.81 -16.74
C PRO A 130 24.45 14.83 -16.89
N GLY A 131 25.05 15.99 -16.83
CA GLY A 131 26.54 16.06 -16.96
C GLY A 131 27.19 15.43 -15.74
N LEU A 132 26.40 15.10 -14.77
CA LEU A 132 26.92 14.47 -13.52
C LEU A 132 26.92 12.94 -13.67
N HIS A 133 28.07 12.33 -13.69
CA HIS A 133 28.14 10.85 -13.84
C HIS A 133 27.79 10.18 -12.51
N PHE A 134 27.05 9.10 -12.55
CA PHE A 134 26.68 8.40 -11.28
C PHE A 134 26.08 7.03 -11.61
N ILE A 135 25.06 6.99 -12.43
CA ILE A 135 24.43 5.68 -12.78
C ILE A 135 25.35 4.94 -13.77
N ASP A 136 25.96 5.65 -14.69
CA ASP A 136 26.87 5.00 -15.68
C ASP A 136 28.22 4.76 -15.01
N GLN A 137 28.50 5.50 -13.98
CA GLN A 137 29.81 5.34 -13.28
C GLN A 137 29.95 3.90 -12.77
N HIS A 138 28.86 3.24 -12.46
CA HIS A 138 28.93 1.84 -11.95
C HIS A 138 28.87 0.87 -13.13
N ARG A 139 28.43 1.32 -14.26
CA ARG A 139 28.37 0.42 -15.46
C ARG A 139 29.79 0.27 -15.99
N ALA A 140 30.41 1.36 -16.36
CA ALA A 140 31.80 1.30 -16.88
C ALA A 140 32.74 0.70 -15.83
N ALA A 141 32.49 0.96 -14.57
CA ALA A 141 33.39 0.43 -13.51
C ALA A 141 33.38 -1.10 -13.53
N LEU A 142 32.21 -1.69 -13.49
CA LEU A 142 32.13 -3.19 -13.48
C LEU A 142 32.48 -3.76 -14.86
N ILE A 143 32.13 -3.08 -15.92
CA ILE A 143 32.44 -3.61 -17.28
C ILE A 143 33.96 -3.67 -17.47
N ALA A 144 34.67 -2.72 -16.92
CA ALA A 144 36.16 -2.71 -17.07
C ALA A 144 36.81 -3.66 -16.06
N ARG A 145 36.11 -4.00 -15.00
CA ARG A 145 36.70 -4.93 -13.98
C ARG A 145 36.32 -6.38 -14.29
N VAL A 146 35.09 -6.61 -14.67
CA VAL A 146 34.65 -8.00 -15.01
C VAL A 146 35.25 -8.41 -16.34
N THR A 147 35.46 -7.46 -17.23
CA THR A 147 36.03 -7.77 -18.58
C THR A 147 35.12 -8.73 -19.34
N ASN A 148 35.07 -9.97 -18.94
CA ASN A 148 34.20 -10.95 -19.65
C ASN A 148 32.74 -10.54 -19.52
N VAL A 149 32.31 -9.58 -20.30
CA VAL A 149 30.88 -9.13 -20.23
C VAL A 149 29.98 -10.27 -20.70
N GLU A 150 30.42 -11.03 -21.68
CA GLU A 150 29.58 -12.14 -22.20
C GLU A 150 29.11 -13.07 -21.08
N TRP A 151 29.87 -13.18 -20.02
CA TRP A 151 29.45 -14.10 -18.91
C TRP A 151 28.18 -13.54 -18.23
N LEU A 152 28.17 -12.28 -17.90
CA LEU A 152 26.97 -11.70 -17.23
C LEU A 152 25.81 -11.60 -18.22
N LEU A 153 26.10 -11.32 -19.47
CA LEU A 153 25.01 -11.23 -20.49
C LEU A 153 24.38 -12.62 -20.68
N ASP A 154 25.18 -13.61 -20.90
CA ASP A 154 24.63 -14.98 -21.10
C ASP A 154 23.80 -15.39 -19.88
N ALA A 155 24.10 -14.85 -18.73
CA ALA A 155 23.35 -15.22 -17.50
C ALA A 155 21.85 -14.93 -17.68
N LEU A 156 21.50 -13.79 -18.21
CA LEU A 156 20.04 -13.45 -18.39
C LEU A 156 19.52 -13.99 -19.72
N TYR A 157 20.27 -14.81 -20.40
CA TYR A 157 19.78 -15.35 -21.70
C TYR A 157 18.70 -16.40 -21.44
N GLY A 158 17.52 -16.18 -21.97
CA GLY A 158 16.41 -17.17 -21.78
C GLY A 158 15.82 -17.05 -20.37
N LYS A 159 16.13 -15.99 -19.65
CA LYS A 159 15.60 -15.81 -18.25
C LYS A 159 14.71 -14.57 -18.16
N VAL A 160 15.27 -13.40 -17.94
CA VAL A 160 14.44 -12.16 -17.83
C VAL A 160 14.23 -11.54 -19.22
N LEU A 161 15.29 -11.42 -19.98
CA LEU A 161 15.17 -10.82 -21.35
C LEU A 161 14.73 -11.91 -22.33
N THR A 162 13.82 -11.58 -23.20
CA THR A 162 13.34 -12.59 -24.20
C THR A 162 14.41 -12.77 -25.27
N ASP A 163 14.21 -13.69 -26.18
CA ASP A 163 15.23 -13.93 -27.24
C ASP A 163 15.39 -12.69 -28.13
N GLU A 164 14.31 -12.09 -28.55
CA GLU A 164 14.42 -10.89 -29.43
C GLU A 164 15.00 -9.70 -28.65
N GLN A 165 14.66 -9.58 -27.40
CA GLN A 165 15.19 -8.43 -26.58
C GLN A 165 16.67 -8.66 -26.31
N TYR A 166 17.04 -9.83 -25.87
CA TYR A 166 18.48 -10.11 -25.61
C TYR A 166 19.26 -9.83 -26.89
N GLN A 167 18.66 -10.09 -28.02
CA GLN A 167 19.34 -9.81 -29.32
C GLN A 167 19.44 -8.29 -29.50
N ALA A 168 18.44 -7.55 -29.08
CA ALA A 168 18.50 -6.07 -29.22
C ALA A 168 19.72 -5.56 -28.47
N VAL A 169 20.04 -6.18 -27.37
CA VAL A 169 21.23 -5.74 -26.58
C VAL A 169 22.50 -6.14 -27.33
N ARG A 170 22.47 -7.24 -28.02
CA ARG A 170 23.68 -7.71 -28.77
C ARG A 170 23.79 -6.95 -30.10
N ALA A 171 22.75 -6.28 -30.52
CA ALA A 171 22.81 -5.52 -31.80
C ALA A 171 23.62 -4.24 -31.63
N GLU A 172 24.13 -4.00 -30.44
CA GLU A 172 24.93 -2.76 -30.21
C GLU A 172 26.13 -2.77 -31.21
N PRO A 173 26.81 -1.64 -31.40
CA PRO A 173 27.95 -1.57 -32.33
C PRO A 173 29.22 -1.97 -31.56
N THR A 174 29.44 -1.28 -30.49
CA THR A 174 30.63 -1.54 -29.63
C THR A 174 30.37 -2.75 -28.73
N ASN A 175 31.39 -3.44 -28.32
CA ASN A 175 31.20 -4.65 -27.45
C ASN A 175 30.73 -4.23 -26.04
N PRO A 176 31.44 -3.33 -25.36
CA PRO A 176 31.01 -2.92 -24.01
C PRO A 176 29.65 -2.19 -24.09
N SER A 177 29.27 -1.72 -25.24
CA SER A 177 27.96 -1.02 -25.36
C SER A 177 26.84 -2.03 -25.09
N LYS A 178 27.09 -3.28 -25.39
CA LYS A 178 26.06 -4.33 -25.17
C LYS A 178 25.63 -4.30 -23.69
N MET A 179 26.55 -4.07 -22.79
CA MET A 179 26.20 -4.03 -21.35
C MET A 179 25.48 -2.71 -21.02
N ARG A 180 25.98 -1.62 -21.52
CA ARG A 180 25.34 -0.30 -21.22
C ARG A 180 23.82 -0.37 -21.48
N LYS A 181 23.41 -0.82 -22.63
CA LYS A 181 21.95 -0.89 -22.93
C LYS A 181 21.29 -1.88 -21.97
N LEU A 182 21.96 -2.96 -21.66
CA LEU A 182 21.35 -3.97 -20.73
C LEU A 182 20.84 -3.27 -19.45
N PHE A 183 21.68 -2.54 -18.78
CA PHE A 183 21.25 -1.85 -17.54
C PHE A 183 20.03 -0.95 -17.86
N SER A 184 19.99 -0.41 -19.05
CA SER A 184 18.84 0.47 -19.40
C SER A 184 17.53 -0.33 -19.30
N PHE A 185 17.61 -1.64 -19.40
CA PHE A 185 16.37 -2.48 -19.30
C PHE A 185 16.02 -2.64 -17.80
N THR A 186 16.20 -1.59 -17.03
CA THR A 186 15.89 -1.65 -15.58
C THR A 186 14.40 -1.99 -15.35
N PRO A 187 13.48 -1.34 -16.04
CA PRO A 187 12.05 -1.62 -15.83
C PRO A 187 11.77 -3.12 -16.04
N ALA A 188 12.65 -3.80 -16.73
CA ALA A 188 12.45 -5.27 -16.95
C ALA A 188 13.14 -6.05 -15.82
N TRP A 189 13.93 -5.37 -15.02
CA TRP A 189 14.64 -6.08 -13.90
C TRP A 189 13.71 -6.16 -12.69
N ASN A 190 13.42 -7.35 -12.23
CA ASN A 190 12.53 -7.51 -11.03
C ASN A 190 13.43 -7.70 -9.81
N TRP A 191 12.85 -7.90 -8.65
CA TRP A 191 13.70 -8.10 -7.43
C TRP A 191 14.61 -9.30 -7.66
N THR A 192 14.10 -10.33 -8.30
CA THR A 192 14.93 -11.53 -8.57
C THR A 192 15.97 -11.20 -9.66
N CYS A 193 15.62 -10.39 -10.61
CA CYS A 193 16.59 -10.04 -11.69
C CYS A 193 17.85 -9.44 -11.07
N LYS A 194 17.69 -8.39 -10.31
CA LYS A 194 18.88 -7.75 -9.66
C LYS A 194 19.71 -8.81 -8.92
N ASP A 195 19.06 -9.68 -8.19
CA ASP A 195 19.79 -10.73 -7.45
C ASP A 195 20.44 -11.71 -8.43
N LEU A 196 19.86 -11.89 -9.58
CA LEU A 196 20.45 -12.85 -10.57
C LEU A 196 21.83 -12.34 -11.00
N LEU A 197 21.94 -11.08 -11.36
CA LEU A 197 23.26 -10.54 -11.80
C LEU A 197 24.16 -10.33 -10.58
N LEU A 198 23.66 -9.69 -9.54
CA LEU A 198 24.50 -9.47 -8.32
C LEU A 198 25.03 -10.83 -7.84
N GLN A 199 24.20 -11.82 -7.82
CA GLN A 199 24.64 -13.17 -7.37
C GLN A 199 25.64 -13.73 -8.38
N ALA A 200 25.48 -13.41 -9.63
CA ALA A 200 26.43 -13.93 -10.66
C ALA A 200 27.82 -13.36 -10.37
N LEU A 201 27.89 -12.19 -9.78
CA LEU A 201 29.21 -11.55 -9.49
C LEU A 201 29.92 -12.29 -8.34
N ARG A 202 29.29 -12.47 -7.20
CA ARG A 202 29.99 -13.17 -6.08
C ARG A 202 30.53 -14.52 -6.54
N GLU A 203 29.84 -15.18 -7.42
CA GLU A 203 30.33 -16.51 -7.92
C GLU A 203 31.59 -16.33 -8.75
N SER A 204 31.63 -15.33 -9.59
CA SER A 204 32.83 -15.12 -10.45
C SER A 204 33.96 -14.48 -9.64
N GLN A 205 33.63 -13.73 -8.61
CA GLN A 205 34.71 -13.10 -7.80
C GLN A 205 34.10 -12.44 -6.55
N SER A 206 34.26 -13.05 -5.41
CA SER A 206 33.70 -12.46 -4.15
C SER A 206 34.44 -11.17 -3.81
N TYR A 207 35.63 -10.99 -4.33
CA TYR A 207 36.40 -9.75 -4.03
C TYR A 207 35.76 -8.55 -4.70
N LEU A 208 35.12 -8.75 -5.82
CA LEU A 208 34.51 -7.60 -6.56
C LEU A 208 33.09 -7.32 -6.05
N VAL A 209 32.30 -8.32 -5.82
CA VAL A 209 30.90 -8.07 -5.34
C VAL A 209 30.96 -7.29 -4.02
N GLU A 210 31.90 -7.59 -3.18
CA GLU A 210 32.02 -6.86 -1.88
C GLU A 210 32.58 -5.46 -2.11
N ASP A 211 33.59 -5.36 -2.95
CA ASP A 211 34.18 -4.02 -3.21
C ASP A 211 33.16 -3.12 -3.91
N LEU A 212 32.30 -3.69 -4.70
CA LEU A 212 31.28 -2.86 -5.41
C LEU A 212 30.24 -2.38 -4.39
N GLU A 213 29.71 -3.28 -3.61
CA GLU A 213 28.68 -2.87 -2.60
C GLU A 213 29.32 -1.89 -1.61
N ARG A 214 30.48 -2.19 -1.11
CA ARG A 214 31.14 -1.27 -0.14
C ARG A 214 31.70 -0.06 -0.90
N SER A 215 30.84 0.76 -1.43
CA SER A 215 31.33 1.96 -2.18
C SER A 215 32.07 2.89 -1.23
N MET A 21 -5.31 25.79 -11.10
CA MET A 21 -4.12 25.29 -11.84
C MET A 21 -3.55 24.06 -11.11
N GLY A 22 -2.89 23.19 -11.82
CA GLY A 22 -2.31 21.97 -11.19
C GLY A 22 -3.33 20.84 -11.25
N ARG A 23 -3.25 20.01 -12.25
CA ARG A 23 -4.22 18.89 -12.37
C ARG A 23 -4.23 18.07 -11.09
N ALA A 24 -3.10 17.95 -10.44
CA ALA A 24 -3.06 17.18 -9.17
C ALA A 24 -3.79 17.99 -8.10
N ARG A 25 -3.60 19.28 -8.09
CA ARG A 25 -4.32 20.14 -7.11
C ARG A 25 -5.82 19.99 -7.34
N ASP A 26 -6.21 19.97 -8.58
CA ASP A 26 -7.66 19.82 -8.91
C ASP A 26 -8.10 18.39 -8.60
N ALA A 27 -7.23 17.44 -8.79
CA ALA A 27 -7.58 16.01 -8.52
C ALA A 27 -7.95 15.87 -7.03
N ILE A 28 -7.11 16.34 -6.16
CA ILE A 28 -7.41 16.23 -4.69
C ILE A 28 -8.72 16.99 -4.42
N LEU A 29 -8.79 18.22 -4.82
CA LEU A 29 -10.02 19.04 -4.58
C LEU A 29 -11.27 18.26 -5.03
N ASP A 30 -11.22 17.65 -6.18
CA ASP A 30 -12.41 16.91 -6.70
C ASP A 30 -12.86 15.83 -5.71
N ALA A 31 -11.96 14.99 -5.25
CA ALA A 31 -12.37 13.90 -4.32
C ALA A 31 -12.85 14.47 -2.97
N LEU A 32 -12.07 15.30 -2.33
CA LEU A 32 -12.50 15.84 -1.01
C LEU A 32 -13.84 16.56 -1.14
N GLU A 33 -13.98 17.41 -2.11
CA GLU A 33 -15.27 18.14 -2.27
C GLU A 33 -16.37 17.14 -2.63
N ASN A 34 -16.00 15.96 -3.09
CA ASN A 34 -17.02 14.94 -3.48
C ASN A 34 -17.41 14.09 -2.25
N LEU A 35 -16.54 14.00 -1.27
CA LEU A 35 -16.87 13.19 -0.06
C LEU A 35 -17.90 13.96 0.79
N THR A 36 -18.69 13.26 1.55
CA THR A 36 -19.71 13.94 2.41
C THR A 36 -19.02 14.62 3.59
N ALA A 37 -19.72 15.44 4.31
CA ALA A 37 -19.11 16.14 5.47
C ALA A 37 -18.53 15.13 6.46
N GLU A 38 -19.27 14.09 6.78
CA GLU A 38 -18.75 13.08 7.75
C GLU A 38 -17.60 12.30 7.11
N GLU A 39 -17.74 11.92 5.88
CA GLU A 39 -16.65 11.17 5.20
C GLU A 39 -15.40 12.05 5.17
N LEU A 40 -15.61 13.33 5.11
CA LEU A 40 -14.44 14.26 5.07
C LEU A 40 -13.65 14.12 6.38
N LYS A 41 -14.34 14.02 7.50
CA LYS A 41 -13.62 13.88 8.80
C LYS A 41 -12.92 12.52 8.83
N LYS A 42 -13.58 11.49 8.38
CA LYS A 42 -12.97 10.13 8.38
C LYS A 42 -11.64 10.18 7.61
N PHE A 43 -11.55 11.02 6.62
CA PHE A 43 -10.28 11.13 5.84
C PHE A 43 -9.20 11.76 6.75
N LYS A 44 -9.60 12.69 7.59
CA LYS A 44 -8.61 13.34 8.49
C LYS A 44 -8.03 12.31 9.46
N LEU A 45 -8.88 11.62 10.18
CA LEU A 45 -8.40 10.60 11.15
C LEU A 45 -7.64 9.51 10.40
N LYS A 46 -8.09 9.15 9.25
CA LYS A 46 -7.38 8.10 8.47
C LYS A 46 -5.96 8.60 8.19
N LEU A 47 -5.80 9.89 8.02
CA LEU A 47 -4.45 10.45 7.76
C LEU A 47 -3.54 10.14 8.96
N LEU A 48 -4.08 10.18 10.14
CA LEU A 48 -3.25 9.88 11.35
C LEU A 48 -3.08 8.36 11.49
N SER A 49 -3.87 7.58 10.79
CA SER A 49 -3.77 6.08 10.89
C SER A 49 -3.14 5.47 9.63
N VAL A 50 -3.16 6.15 8.52
CA VAL A 50 -2.56 5.56 7.29
C VAL A 50 -1.04 5.33 7.52
N PRO A 51 -0.52 4.11 7.30
CA PRO A 51 0.93 3.89 7.52
C PRO A 51 1.73 4.73 6.51
N LEU A 52 2.80 5.35 6.97
CA LEU A 52 3.66 6.19 6.08
C LEU A 52 5.10 5.69 6.17
N ARG A 53 5.91 5.99 5.19
CA ARG A 53 7.33 5.53 5.22
C ARG A 53 8.08 6.30 6.33
N GLU A 54 9.01 7.16 5.98
CA GLU A 54 9.73 7.93 7.02
C GLU A 54 10.51 9.07 6.35
N GLY A 55 10.32 10.28 6.82
CA GLY A 55 11.03 11.46 6.23
C GLY A 55 10.09 12.66 6.25
N TYR A 56 8.88 12.47 6.70
CA TYR A 56 7.88 13.58 6.76
C TYR A 56 7.18 13.54 8.13
N GLY A 57 5.88 13.68 8.19
CA GLY A 57 5.18 13.63 9.52
C GLY A 57 3.67 13.69 9.30
N ARG A 58 2.92 13.00 10.10
CA ARG A 58 1.44 13.01 9.95
C ARG A 58 0.86 14.35 10.43
N ILE A 59 -0.01 14.95 9.65
CA ILE A 59 -0.60 16.25 10.06
C ILE A 59 -1.68 15.98 11.15
N PRO A 60 -1.63 16.62 12.32
CA PRO A 60 -2.64 16.36 13.38
C PRO A 60 -4.05 16.66 12.87
N ARG A 61 -5.00 15.87 13.27
CA ARG A 61 -6.41 16.08 12.84
C ARG A 61 -6.85 17.52 13.11
N GLY A 62 -6.57 18.03 14.27
CA GLY A 62 -6.99 19.43 14.61
C GLY A 62 -6.50 20.42 13.56
N ALA A 63 -5.33 20.23 13.02
CA ALA A 63 -4.81 21.18 12.01
C ALA A 63 -5.72 21.13 10.78
N LEU A 64 -6.33 19.99 10.52
CA LEU A 64 -7.24 19.88 9.33
C LEU A 64 -8.57 20.59 9.67
N LEU A 65 -8.97 20.58 10.92
CA LEU A 65 -10.25 21.25 11.28
C LEU A 65 -10.15 22.74 10.92
N SER A 66 -9.03 23.36 11.18
CA SER A 66 -8.87 24.79 10.85
C SER A 66 -8.87 24.97 9.33
N MET A 67 -8.15 24.13 8.64
CA MET A 67 -8.10 24.24 7.15
C MET A 67 -9.37 23.67 6.54
N ASP A 68 -9.69 24.10 5.35
CA ASP A 68 -10.92 23.61 4.62
C ASP A 68 -10.49 22.78 3.42
N ALA A 69 -11.43 22.33 2.63
CA ALA A 69 -11.07 21.51 1.43
C ALA A 69 -10.04 22.23 0.56
N LEU A 70 -10.23 23.50 0.32
CA LEU A 70 -9.27 24.27 -0.54
C LEU A 70 -7.96 24.51 0.23
N ASP A 71 -8.02 25.10 1.39
CA ASP A 71 -6.77 25.38 2.15
C ASP A 71 -6.03 24.06 2.39
N LEU A 72 -6.72 23.05 2.86
CA LEU A 72 -6.04 21.76 3.11
C LEU A 72 -5.55 21.18 1.77
N THR A 73 -6.26 21.42 0.69
CA THR A 73 -5.78 20.90 -0.63
C THR A 73 -4.44 21.55 -0.92
N ASP A 74 -4.31 22.82 -0.63
CA ASP A 74 -3.03 23.52 -0.89
C ASP A 74 -1.96 23.00 0.09
N LYS A 75 -2.37 22.60 1.28
CA LYS A 75 -1.36 22.10 2.27
C LYS A 75 -0.87 20.70 1.85
N LEU A 76 -1.76 19.81 1.47
CA LEU A 76 -1.29 18.46 1.03
C LEU A 76 -0.24 18.65 -0.06
N VAL A 77 -0.41 19.68 -0.84
CA VAL A 77 0.56 19.97 -1.94
C VAL A 77 1.88 20.51 -1.34
N SER A 78 1.79 21.34 -0.33
CA SER A 78 3.05 21.91 0.27
C SER A 78 3.78 20.85 1.10
N PHE A 79 3.07 20.15 1.95
CA PHE A 79 3.70 19.12 2.83
C PHE A 79 3.97 17.81 2.10
N TYR A 80 2.99 17.27 1.40
CA TYR A 80 3.17 15.94 0.70
C TYR A 80 3.42 16.13 -0.81
N LEU A 81 3.78 17.30 -1.24
CA LEU A 81 4.04 17.53 -2.70
C LEU A 81 2.77 17.25 -3.52
N GLU A 82 2.80 17.59 -4.80
CA GLU A 82 1.61 17.40 -5.68
C GLU A 82 1.32 15.92 -5.94
N THR A 83 2.26 15.23 -6.52
CA THR A 83 2.04 13.81 -6.90
C THR A 83 2.02 12.88 -5.69
N TYR A 84 3.04 12.90 -4.87
CA TYR A 84 3.05 11.99 -3.68
C TYR A 84 1.81 12.25 -2.82
N GLY A 85 1.27 13.45 -2.88
CA GLY A 85 0.05 13.77 -2.08
C GLY A 85 -1.15 13.02 -2.64
N ALA A 86 -1.37 13.12 -3.92
CA ALA A 86 -2.54 12.41 -4.52
C ALA A 86 -2.33 10.90 -4.46
N GLU A 87 -1.11 10.45 -4.59
CA GLU A 87 -0.84 9.00 -4.55
C GLU A 87 -1.23 8.47 -3.15
N LEU A 88 -0.71 9.08 -2.12
CA LEU A 88 -1.04 8.63 -0.74
C LEU A 88 -2.57 8.70 -0.55
N THR A 89 -3.18 9.67 -1.15
CA THR A 89 -4.66 9.84 -1.01
C THR A 89 -5.41 8.73 -1.72
N ALA A 90 -5.06 8.43 -2.95
CA ALA A 90 -5.77 7.36 -3.71
C ALA A 90 -5.83 6.09 -2.86
N ASN A 91 -4.84 5.88 -2.04
CA ASN A 91 -4.82 4.66 -1.17
C ASN A 91 -5.85 4.82 -0.05
N VAL A 92 -5.97 6.01 0.50
CA VAL A 92 -6.97 6.20 1.60
C VAL A 92 -8.38 6.05 1.05
N LEU A 93 -8.71 6.75 0.00
CA LEU A 93 -10.07 6.63 -0.58
C LEU A 93 -10.35 5.16 -0.91
N ARG A 94 -9.34 4.44 -1.33
CA ARG A 94 -9.53 3.00 -1.63
C ARG A 94 -10.02 2.30 -0.36
N ASP A 95 -9.54 2.75 0.77
CA ASP A 95 -9.97 2.13 2.06
C ASP A 95 -11.39 2.61 2.38
N MET A 96 -11.75 3.78 1.93
CA MET A 96 -13.13 4.30 2.21
C MET A 96 -14.13 3.59 1.30
N GLY A 97 -13.66 2.81 0.37
CA GLY A 97 -14.57 2.06 -0.55
C GLY A 97 -14.90 2.94 -1.77
N LEU A 98 -14.28 4.09 -1.90
CA LEU A 98 -14.55 4.97 -3.09
C LEU A 98 -13.59 4.54 -4.21
N GLN A 99 -13.77 3.35 -4.73
CA GLN A 99 -12.88 2.88 -5.82
C GLN A 99 -13.03 3.78 -7.05
N GLU A 100 -14.23 4.24 -7.32
CA GLU A 100 -14.43 5.10 -8.52
C GLU A 100 -13.56 6.37 -8.43
N MET A 101 -13.58 7.07 -7.33
CA MET A 101 -12.75 8.31 -7.20
C MET A 101 -11.29 7.94 -6.95
N ALA A 102 -11.06 6.86 -6.26
CA ALA A 102 -9.65 6.46 -5.96
C ALA A 102 -8.90 6.14 -7.26
N GLY A 103 -9.48 5.34 -8.11
CA GLY A 103 -8.79 4.99 -9.40
C GLY A 103 -8.75 6.21 -10.30
N GLN A 104 -9.74 7.04 -10.22
CA GLN A 104 -9.78 8.26 -11.08
C GLN A 104 -8.75 9.27 -10.58
N LEU A 105 -8.57 9.36 -9.30
CA LEU A 105 -7.57 10.33 -8.74
C LEU A 105 -6.17 9.97 -9.26
N GLN A 106 -5.77 8.73 -9.15
CA GLN A 106 -4.41 8.35 -9.66
C GLN A 106 -4.31 8.70 -11.14
N ALA A 107 -5.35 8.44 -11.89
CA ALA A 107 -5.32 8.74 -13.34
C ALA A 107 -5.26 10.25 -13.56
N ALA A 108 -5.92 11.01 -12.72
CA ALA A 108 -5.90 12.49 -12.90
C ALA A 108 -4.45 13.00 -12.87
N THR A 109 -3.65 12.49 -11.98
CA THR A 109 -2.22 12.92 -11.89
C THR A 109 -1.37 12.02 -12.79
N HIS A 110 -2.01 11.19 -13.59
CA HIS A 110 -1.28 10.26 -14.51
C HIS A 110 -0.08 9.64 -13.82
N GLN A 111 -0.32 8.75 -12.89
CA GLN A 111 0.79 8.09 -12.16
C GLN A 111 1.47 7.07 -13.07
N GLY A 112 0.71 6.17 -13.64
CA GLY A 112 1.31 5.15 -14.55
C GLY A 112 1.77 5.82 -15.84
N SER A 113 2.78 6.64 -15.77
CA SER A 113 3.28 7.33 -16.99
C SER A 113 3.94 6.30 -17.91
N GLY A 114 3.18 5.69 -18.78
CA GLY A 114 3.76 4.69 -19.71
C GLY A 114 2.65 4.07 -20.56
N ALA A 115 1.69 3.44 -19.95
CA ALA A 115 0.58 2.83 -20.74
C ALA A 115 -0.14 3.91 -21.54
N ALA A 116 -0.23 3.73 -22.82
CA ALA A 116 -0.93 4.74 -23.67
C ALA A 116 -2.41 4.81 -23.24
N PRO A 117 -3.11 5.88 -23.60
CA PRO A 117 -4.54 6.02 -23.23
C PRO A 117 -5.33 4.81 -23.78
N ALA A 118 -6.52 4.59 -23.29
CA ALA A 118 -7.36 3.46 -23.75
C ALA A 118 -6.64 2.12 -23.54
N GLY A 119 -7.26 1.23 -22.81
CA GLY A 119 -6.66 -0.11 -22.52
C GLY A 119 -6.72 -0.39 -21.02
N ILE A 120 -6.85 0.63 -20.23
CA ILE A 120 -6.92 0.42 -18.75
C ILE A 120 -8.21 -0.33 -18.42
N GLN A 121 -8.23 -1.62 -18.60
CA GLN A 121 -9.45 -2.41 -18.28
C GLN A 121 -9.10 -3.90 -18.30
N ALA A 122 -7.90 -4.23 -18.70
CA ALA A 122 -7.48 -5.66 -18.74
C ALA A 122 -7.66 -6.27 -17.33
N PRO A 123 -7.89 -7.57 -17.22
CA PRO A 123 -8.07 -8.20 -15.89
C PRO A 123 -6.83 -7.88 -15.01
N PRO A 124 -6.91 -8.15 -13.72
CA PRO A 124 -5.78 -7.88 -12.81
C PRO A 124 -4.55 -8.68 -13.26
N GLN A 125 -3.37 -8.22 -12.92
CA GLN A 125 -2.11 -8.93 -13.31
C GLN A 125 -1.19 -9.02 -12.08
N SER A 126 -1.62 -8.49 -10.97
CA SER A 126 -0.77 -8.53 -9.74
C SER A 126 -0.69 -9.97 -9.23
N ALA A 127 0.47 -10.58 -9.30
CA ALA A 127 0.59 -11.98 -8.81
C ALA A 127 0.46 -12.00 -7.29
N ALA A 128 0.14 -13.14 -6.73
CA ALA A 128 0.00 -13.23 -5.25
C ALA A 128 1.34 -12.92 -4.58
N LYS A 129 1.35 -12.05 -3.61
CA LYS A 129 2.63 -11.70 -2.92
C LYS A 129 3.02 -12.86 -1.97
N PRO A 130 4.30 -13.02 -1.66
CA PRO A 130 4.72 -14.11 -0.75
C PRO A 130 4.03 -13.94 0.61
N GLY A 131 3.45 -14.99 1.13
CA GLY A 131 2.76 -14.90 2.45
C GLY A 131 3.78 -14.93 3.57
N LEU A 132 5.00 -14.58 3.26
CA LEU A 132 6.08 -14.58 4.29
C LEU A 132 6.02 -13.28 5.09
N HIS A 133 5.87 -13.35 6.38
CA HIS A 133 5.80 -12.12 7.20
C HIS A 133 7.18 -11.44 7.24
N PHE A 134 7.27 -10.23 6.79
CA PHE A 134 8.59 -9.51 6.80
C PHE A 134 8.77 -8.79 8.13
N ILE A 135 7.70 -8.29 8.70
CA ILE A 135 7.82 -7.57 10.00
C ILE A 135 8.36 -8.53 11.07
N ASP A 136 8.10 -9.81 10.92
CA ASP A 136 8.58 -10.80 11.92
C ASP A 136 10.05 -11.10 11.65
N GLN A 137 10.49 -10.83 10.46
CA GLN A 137 11.91 -11.10 10.10
C GLN A 137 12.84 -10.20 10.91
N HIS A 138 12.34 -9.09 11.42
CA HIS A 138 13.20 -8.16 12.22
C HIS A 138 13.13 -8.55 13.70
N ARG A 139 12.15 -9.30 14.08
CA ARG A 139 12.03 -9.73 15.50
C ARG A 139 13.07 -10.82 15.77
N ALA A 140 13.05 -11.86 14.96
CA ALA A 140 14.02 -12.97 15.13
C ALA A 140 15.44 -12.48 14.82
N ALA A 141 15.58 -11.59 13.88
CA ALA A 141 16.95 -11.09 13.53
C ALA A 141 17.57 -10.37 14.72
N LEU A 142 16.85 -9.45 15.31
CA LEU A 142 17.41 -8.68 16.46
C LEU A 142 17.45 -9.57 17.71
N ILE A 143 16.53 -10.47 17.87
CA ILE A 143 16.57 -11.35 19.07
C ILE A 143 17.81 -12.26 18.95
N ALA A 144 18.18 -12.61 17.74
CA ALA A 144 19.38 -13.48 17.55
C ALA A 144 20.66 -12.65 17.48
N ARG A 145 20.59 -11.45 16.95
CA ARG A 145 21.82 -10.60 16.85
C ARG A 145 22.08 -9.88 18.17
N VAL A 146 21.06 -9.33 18.78
CA VAL A 146 21.26 -8.61 20.08
C VAL A 146 21.46 -9.63 21.20
N THR A 147 20.85 -10.78 21.08
CA THR A 147 20.99 -11.84 22.13
C THR A 147 20.44 -11.34 23.48
N ASN A 148 21.11 -10.42 24.11
CA ASN A 148 20.62 -9.91 25.42
C ASN A 148 19.24 -9.25 25.27
N VAL A 149 18.21 -10.03 25.15
CA VAL A 149 16.84 -9.44 25.01
C VAL A 149 16.46 -8.68 26.29
N GLU A 150 16.82 -9.21 27.42
CA GLU A 150 16.46 -8.54 28.72
C GLU A 150 16.93 -7.08 28.71
N TRP A 151 18.04 -6.80 28.09
CA TRP A 151 18.54 -5.39 28.07
C TRP A 151 17.47 -4.49 27.42
N LEU A 152 16.85 -4.94 26.37
CA LEU A 152 15.81 -4.11 25.70
C LEU A 152 14.56 -3.99 26.57
N LEU A 153 14.14 -5.07 27.20
CA LEU A 153 12.94 -5.01 28.07
C LEU A 153 13.10 -3.88 29.10
N ASP A 154 14.27 -3.74 29.66
CA ASP A 154 14.48 -2.66 30.66
C ASP A 154 14.44 -1.29 29.95
N ALA A 155 14.82 -1.26 28.71
CA ALA A 155 14.80 0.03 27.95
C ALA A 155 13.36 0.48 27.69
N LEU A 156 12.42 -0.44 27.71
CA LEU A 156 10.98 -0.09 27.47
C LEU A 156 10.23 -0.07 28.81
N TYR A 157 10.88 -0.38 29.89
CA TYR A 157 10.19 -0.39 31.22
C TYR A 157 10.12 1.03 31.79
N GLY A 158 8.92 1.51 32.06
CA GLY A 158 8.76 2.88 32.65
C GLY A 158 8.94 3.97 31.59
N LYS A 159 8.95 3.62 30.33
CA LYS A 159 9.13 4.65 29.24
C LYS A 159 7.85 4.81 28.42
N VAL A 160 7.76 4.17 27.26
CA VAL A 160 6.53 4.34 26.42
C VAL A 160 5.39 3.46 26.94
N LEU A 161 5.65 2.22 27.23
CA LEU A 161 4.55 1.33 27.73
C LEU A 161 4.37 1.55 29.23
N THR A 162 3.26 1.09 29.78
CA THR A 162 2.99 1.28 31.24
C THR A 162 3.40 0.02 32.02
N ASP A 163 3.33 0.07 33.31
CA ASP A 163 3.74 -1.12 34.13
C ASP A 163 2.79 -2.30 33.85
N GLU A 164 1.51 -2.06 33.83
CA GLU A 164 0.56 -3.18 33.60
C GLU A 164 0.88 -3.87 32.26
N GLN A 165 1.20 -3.12 31.24
CA GLN A 165 1.52 -3.75 29.93
C GLN A 165 2.83 -4.51 30.06
N TYR A 166 3.82 -3.91 30.66
CA TYR A 166 5.13 -4.60 30.82
C TYR A 166 4.92 -5.94 31.53
N GLN A 167 3.96 -6.02 32.41
CA GLN A 167 3.71 -7.31 33.11
C GLN A 167 3.16 -8.32 32.10
N ALA A 168 2.39 -7.84 31.15
CA ALA A 168 1.82 -8.76 30.12
C ALA A 168 2.97 -9.37 29.29
N VAL A 169 4.02 -8.62 29.07
CA VAL A 169 5.16 -9.15 28.27
C VAL A 169 5.88 -10.24 29.07
N ARG A 170 5.93 -10.09 30.37
CA ARG A 170 6.63 -11.11 31.22
C ARG A 170 5.73 -12.35 31.36
N ALA A 171 4.47 -12.23 31.04
CA ALA A 171 3.54 -13.40 31.15
C ALA A 171 3.80 -14.39 30.01
N GLU A 172 4.70 -14.08 29.12
CA GLU A 172 4.98 -15.00 27.99
C GLU A 172 5.55 -16.32 28.57
N PRO A 173 5.53 -17.43 27.83
CA PRO A 173 6.04 -18.70 28.37
C PRO A 173 7.54 -18.79 28.05
N THR A 174 7.86 -18.59 26.81
CA THR A 174 9.28 -18.66 26.35
C THR A 174 9.96 -17.30 26.59
N ASN A 175 11.26 -17.30 26.73
CA ASN A 175 12.00 -16.03 26.96
C ASN A 175 12.03 -15.19 25.65
N PRO A 176 12.49 -15.75 24.54
CA PRO A 176 12.54 -14.98 23.28
C PRO A 176 11.13 -14.42 22.94
N SER A 177 10.09 -15.02 23.46
CA SER A 177 8.72 -14.51 23.17
C SER A 177 8.55 -13.14 23.81
N LYS A 178 9.27 -12.90 24.88
CA LYS A 178 9.15 -11.60 25.59
C LYS A 178 9.43 -10.44 24.62
N MET A 179 10.40 -10.57 23.76
CA MET A 179 10.71 -9.46 22.81
C MET A 179 9.72 -9.50 21.63
N ARG A 180 9.26 -10.65 21.25
CA ARG A 180 8.31 -10.74 20.10
C ARG A 180 6.98 -10.08 20.47
N LYS A 181 6.38 -10.48 21.57
CA LYS A 181 5.09 -9.87 21.96
C LYS A 181 5.28 -8.36 22.16
N LEU A 182 6.40 -7.96 22.69
CA LEU A 182 6.66 -6.50 22.90
C LEU A 182 6.44 -5.77 21.57
N PHE A 183 7.03 -6.26 20.51
CA PHE A 183 6.87 -5.60 19.18
C PHE A 183 5.37 -5.56 18.83
N SER A 184 4.58 -6.43 19.38
CA SER A 184 3.13 -6.44 19.05
C SER A 184 2.51 -5.06 19.36
N PHE A 185 3.21 -4.21 20.09
CA PHE A 185 2.68 -2.84 20.42
C PHE A 185 3.26 -1.84 19.41
N THR A 186 3.48 -2.26 18.18
CA THR A 186 4.06 -1.33 17.16
C THR A 186 3.07 -0.21 16.76
N PRO A 187 1.77 -0.47 16.68
CA PRO A 187 0.83 0.60 16.29
C PRO A 187 0.89 1.74 17.31
N ALA A 188 1.50 1.50 18.45
CA ALA A 188 1.62 2.55 19.52
C ALA A 188 3.03 3.13 19.54
N TRP A 189 3.92 2.59 18.73
CA TRP A 189 5.34 3.11 18.72
C TRP A 189 5.41 4.33 17.80
N ASN A 190 5.82 5.47 18.35
CA ASN A 190 5.93 6.72 17.52
C ASN A 190 7.37 6.90 17.07
N TRP A 191 7.66 7.99 16.41
CA TRP A 191 9.06 8.24 15.93
C TRP A 191 10.06 8.07 17.09
N THR A 192 9.74 8.59 18.25
CA THR A 192 10.68 8.47 19.40
C THR A 192 10.76 7.02 19.86
N CYS A 193 9.66 6.31 19.88
CA CYS A 193 9.71 4.89 20.35
C CYS A 193 10.67 4.08 19.47
N LYS A 194 10.45 4.08 18.19
CA LYS A 194 11.34 3.29 17.28
C LYS A 194 12.78 3.81 17.36
N ASP A 195 12.98 5.08 17.19
CA ASP A 195 14.36 5.65 17.25
C ASP A 195 14.97 5.40 18.63
N LEU A 196 14.16 5.35 19.65
CA LEU A 196 14.70 5.12 21.01
C LEU A 196 15.26 3.70 21.10
N LEU A 197 14.55 2.72 20.58
CA LEU A 197 15.08 1.33 20.63
C LEU A 197 16.31 1.25 19.72
N LEU A 198 16.20 1.77 18.52
CA LEU A 198 17.38 1.74 17.59
C LEU A 198 18.56 2.44 18.27
N GLN A 199 18.31 3.50 18.98
CA GLN A 199 19.40 4.21 19.68
C GLN A 199 20.07 3.25 20.66
N ALA A 200 19.31 2.43 21.33
CA ALA A 200 19.91 1.47 22.29
C ALA A 200 20.91 0.58 21.56
N LEU A 201 20.66 0.26 20.31
CA LEU A 201 21.61 -0.60 19.56
C LEU A 201 22.95 0.12 19.40
N ARG A 202 22.94 1.41 19.16
CA ARG A 202 24.24 2.13 19.00
C ARG A 202 25.01 2.08 20.33
N GLU A 203 24.31 2.11 21.43
CA GLU A 203 25.00 2.06 22.75
C GLU A 203 25.62 0.68 22.97
N SER A 204 24.92 -0.37 22.62
CA SER A 204 25.46 -1.74 22.82
C SER A 204 26.39 -2.13 21.67
N GLN A 205 26.13 -1.68 20.47
CA GLN A 205 27.01 -2.04 19.33
C GLN A 205 26.60 -1.25 18.07
N SER A 206 27.48 -0.42 17.59
CA SER A 206 27.20 0.40 16.36
C SER A 206 27.11 -0.52 15.14
N TYR A 207 27.66 -1.70 15.23
CA TYR A 207 27.63 -2.64 14.07
C TYR A 207 26.18 -2.90 13.62
N LEU A 208 25.29 -3.10 14.53
CA LEU A 208 23.88 -3.38 14.13
C LEU A 208 23.22 -2.12 13.57
N VAL A 209 23.59 -0.97 14.05
CA VAL A 209 22.96 0.27 13.52
C VAL A 209 23.24 0.38 12.02
N GLU A 210 24.48 0.28 11.63
CA GLU A 210 24.85 0.38 10.19
C GLU A 210 24.53 -0.92 9.44
N ASP A 211 24.81 -2.05 10.05
CA ASP A 211 24.57 -3.35 9.36
C ASP A 211 23.07 -3.64 9.23
N LEU A 212 22.28 -3.19 10.16
CA LEU A 212 20.81 -3.45 10.07
C LEU A 212 20.17 -2.41 9.13
N GLU A 213 20.68 -1.21 9.12
CA GLU A 213 20.10 -0.13 8.26
C GLU A 213 20.58 -0.24 6.80
N ARG A 214 21.68 -0.89 6.52
CA ARG A 214 22.16 -0.98 5.11
C ARG A 214 21.26 -1.90 4.29
N SER A 215 19.98 -1.77 4.45
CA SER A 215 19.02 -2.62 3.70
C SER A 215 17.62 -2.01 3.79
N MET A 21 -5.87 24.60 -12.52
CA MET A 21 -4.40 24.48 -12.74
C MET A 21 -3.84 23.35 -11.88
N GLY A 22 -3.12 22.44 -12.48
CA GLY A 22 -2.54 21.30 -11.71
C GLY A 22 -3.54 20.14 -11.71
N ARG A 23 -3.39 19.22 -12.62
CA ARG A 23 -4.31 18.06 -12.69
C ARG A 23 -4.34 17.39 -11.31
N ALA A 24 -3.19 17.21 -10.73
CA ALA A 24 -3.11 16.57 -9.40
C ALA A 24 -3.74 17.51 -8.37
N ARG A 25 -3.48 18.78 -8.49
CA ARG A 25 -4.06 19.78 -7.55
C ARG A 25 -5.59 19.70 -7.65
N ASP A 26 -6.09 19.62 -8.86
CA ASP A 26 -7.56 19.53 -9.05
C ASP A 26 -8.04 18.14 -8.61
N ALA A 27 -7.22 17.14 -8.79
CA ALA A 27 -7.61 15.76 -8.39
C ALA A 27 -7.99 15.74 -6.91
N ILE A 28 -7.13 16.24 -6.08
CA ILE A 28 -7.41 16.26 -4.61
C ILE A 28 -8.69 17.09 -4.38
N LEU A 29 -8.72 18.29 -4.86
CA LEU A 29 -9.91 19.17 -4.65
C LEU A 29 -11.19 18.40 -5.02
N ASP A 30 -11.20 17.73 -6.14
CA ASP A 30 -12.43 17.00 -6.56
C ASP A 30 -12.80 15.92 -5.53
N ALA A 31 -11.88 15.09 -5.14
CA ALA A 31 -12.22 14.00 -4.17
C ALA A 31 -12.69 14.58 -2.83
N LEU A 32 -11.93 15.46 -2.22
CA LEU A 32 -12.36 16.00 -0.89
C LEU A 32 -13.71 16.71 -1.03
N GLU A 33 -13.86 17.56 -2.00
CA GLU A 33 -15.15 18.29 -2.16
C GLU A 33 -16.27 17.29 -2.46
N ASN A 34 -15.93 16.09 -2.84
CA ASN A 34 -16.99 15.08 -3.16
C ASN A 34 -17.41 14.34 -1.88
N LEU A 35 -16.56 14.28 -0.89
CA LEU A 35 -16.92 13.57 0.38
C LEU A 35 -17.78 14.51 1.24
N THR A 36 -18.62 13.96 2.07
CA THR A 36 -19.48 14.82 2.94
C THR A 36 -18.61 15.44 4.04
N ALA A 37 -19.07 16.48 4.67
CA ALA A 37 -18.26 17.13 5.75
C ALA A 37 -17.77 16.08 6.76
N GLU A 38 -18.65 15.24 7.24
CA GLU A 38 -18.23 14.21 8.23
C GLU A 38 -17.38 13.14 7.55
N GLU A 39 -17.78 12.71 6.39
CA GLU A 39 -16.99 11.67 5.67
C GLU A 39 -15.59 12.23 5.41
N LEU A 40 -15.48 13.52 5.24
CA LEU A 40 -14.14 14.13 5.00
C LEU A 40 -13.26 13.88 6.24
N LYS A 41 -13.79 14.10 7.40
CA LYS A 41 -13.00 13.88 8.64
C LYS A 41 -12.46 12.44 8.66
N LYS A 42 -13.32 11.48 8.41
CA LYS A 42 -12.87 10.05 8.41
C LYS A 42 -11.61 9.88 7.55
N PHE A 43 -11.57 10.50 6.39
CA PHE A 43 -10.38 10.36 5.52
C PHE A 43 -9.13 10.86 6.27
N LYS A 44 -9.27 11.89 7.07
CA LYS A 44 -8.09 12.42 7.80
C LYS A 44 -7.60 11.42 8.87
N LEU A 45 -8.47 10.96 9.71
CA LEU A 45 -8.04 9.98 10.76
C LEU A 45 -7.44 8.77 10.08
N LYS A 46 -7.90 8.43 8.92
CA LYS A 46 -7.34 7.26 8.20
C LYS A 46 -5.88 7.56 7.88
N LEU A 47 -5.55 8.81 7.63
CA LEU A 47 -4.13 9.16 7.33
C LEU A 47 -3.29 8.84 8.57
N LEU A 48 -3.81 9.12 9.74
CA LEU A 48 -3.04 8.84 10.98
C LEU A 48 -3.11 7.33 11.30
N SER A 49 -4.01 6.62 10.67
CA SER A 49 -4.14 5.15 10.94
C SER A 49 -3.12 4.37 10.11
N VAL A 50 -2.79 4.83 8.93
CA VAL A 50 -1.80 4.10 8.08
C VAL A 50 -0.37 4.62 8.42
N PRO A 51 0.59 3.74 8.72
CA PRO A 51 1.95 4.22 9.05
C PRO A 51 2.53 4.99 7.84
N LEU A 52 3.36 5.98 8.11
CA LEU A 52 3.97 6.80 7.02
C LEU A 52 5.48 6.90 7.27
N ARG A 53 6.23 7.21 6.25
CA ARG A 53 7.71 7.31 6.42
C ARG A 53 8.03 8.45 7.40
N GLU A 54 9.20 8.40 7.99
CA GLU A 54 9.59 9.49 8.96
C GLU A 54 9.91 10.77 8.19
N GLY A 55 10.47 10.63 7.02
CA GLY A 55 10.81 11.85 6.21
C GLY A 55 9.55 12.66 5.93
N TYR A 56 8.41 12.19 6.38
CA TYR A 56 7.13 12.93 6.15
C TYR A 56 6.30 12.89 7.45
N GLY A 57 6.29 13.97 8.17
CA GLY A 57 5.52 14.02 9.45
C GLY A 57 4.02 14.01 9.16
N ARG A 58 3.23 13.48 10.07
CA ARG A 58 1.75 13.44 9.87
C ARG A 58 1.13 14.74 10.36
N ILE A 59 0.21 15.28 9.62
CA ILE A 59 -0.45 16.56 10.04
C ILE A 59 -1.53 16.24 11.11
N PRO A 60 -1.55 16.92 12.26
CA PRO A 60 -2.58 16.62 13.29
C PRO A 60 -3.98 16.87 12.73
N ARG A 61 -4.94 16.13 13.22
CA ARG A 61 -6.35 16.29 12.74
C ARG A 61 -6.84 17.71 13.03
N GLY A 62 -6.64 18.19 14.23
CA GLY A 62 -7.11 19.55 14.60
C GLY A 62 -6.61 20.60 13.61
N ALA A 63 -5.43 20.44 13.09
CA ALA A 63 -4.89 21.43 12.14
C ALA A 63 -5.82 21.49 10.92
N LEU A 64 -6.42 20.39 10.57
CA LEU A 64 -7.33 20.37 9.39
C LEU A 64 -8.65 21.05 9.77
N LEU A 65 -9.09 20.93 10.99
CA LEU A 65 -10.37 21.59 11.39
C LEU A 65 -10.23 23.09 11.12
N SER A 66 -9.06 23.63 11.28
CA SER A 66 -8.85 25.09 11.01
C SER A 66 -8.84 25.30 9.50
N MET A 67 -8.16 24.45 8.77
CA MET A 67 -8.10 24.58 7.28
C MET A 67 -9.39 24.04 6.68
N ASP A 68 -9.69 24.46 5.47
CA ASP A 68 -10.92 24.00 4.76
C ASP A 68 -10.51 23.12 3.56
N ALA A 69 -11.47 22.66 2.80
CA ALA A 69 -11.14 21.78 1.64
C ALA A 69 -10.10 22.46 0.74
N LEU A 70 -10.26 23.72 0.45
CA LEU A 70 -9.29 24.42 -0.44
C LEU A 70 -7.97 24.66 0.31
N ASP A 71 -8.02 25.29 1.45
CA ASP A 71 -6.77 25.56 2.20
C ASP A 71 -6.05 24.24 2.49
N LEU A 72 -6.77 23.24 2.93
CA LEU A 72 -6.10 21.94 3.23
C LEU A 72 -5.65 21.30 1.90
N THR A 73 -6.36 21.51 0.82
CA THR A 73 -5.92 20.92 -0.47
C THR A 73 -4.55 21.48 -0.81
N ASP A 74 -4.42 22.78 -0.82
CA ASP A 74 -3.10 23.39 -1.13
C ASP A 74 -2.05 22.89 -0.13
N LYS A 75 -2.47 22.58 1.06
CA LYS A 75 -1.49 22.10 2.09
C LYS A 75 -1.04 20.67 1.75
N LEU A 76 -1.94 19.78 1.40
CA LEU A 76 -1.49 18.40 1.04
C LEU A 76 -0.43 18.52 -0.06
N VAL A 77 -0.59 19.50 -0.92
CA VAL A 77 0.39 19.72 -2.01
C VAL A 77 1.68 20.31 -1.45
N SER A 78 1.59 21.18 -0.47
CA SER A 78 2.83 21.79 0.10
C SER A 78 3.59 20.78 0.96
N PHE A 79 2.91 20.13 1.86
CA PHE A 79 3.58 19.16 2.79
C PHE A 79 3.83 17.79 2.11
N TYR A 80 2.84 17.21 1.47
CA TYR A 80 3.00 15.85 0.83
C TYR A 80 3.24 15.95 -0.68
N LEU A 81 3.56 17.11 -1.19
CA LEU A 81 3.78 17.24 -2.66
C LEU A 81 2.49 16.88 -3.41
N GLU A 82 2.35 17.34 -4.62
CA GLU A 82 1.12 17.05 -5.41
C GLU A 82 1.06 15.56 -5.81
N THR A 83 2.09 15.03 -6.38
CA THR A 83 2.05 13.60 -6.82
C THR A 83 2.04 12.65 -5.62
N TYR A 84 2.99 12.76 -4.74
CA TYR A 84 3.02 11.85 -3.56
C TYR A 84 1.77 12.09 -2.70
N GLY A 85 1.27 13.29 -2.70
CA GLY A 85 0.05 13.59 -1.90
C GLY A 85 -1.16 12.90 -2.51
N ALA A 86 -1.38 13.07 -3.79
CA ALA A 86 -2.56 12.43 -4.45
C ALA A 86 -2.36 10.90 -4.47
N GLU A 87 -1.18 10.44 -4.72
CA GLU A 87 -0.96 8.96 -4.75
C GLU A 87 -1.33 8.39 -3.38
N LEU A 88 -0.83 8.97 -2.32
CA LEU A 88 -1.15 8.48 -0.95
C LEU A 88 -2.68 8.48 -0.78
N THR A 89 -3.32 9.50 -1.28
CA THR A 89 -4.80 9.63 -1.15
C THR A 89 -5.53 8.53 -1.94
N ALA A 90 -5.15 8.31 -3.18
CA ALA A 90 -5.84 7.28 -4.00
C ALA A 90 -5.88 5.95 -3.21
N ASN A 91 -4.89 5.72 -2.40
CA ASN A 91 -4.85 4.46 -1.61
C ASN A 91 -5.88 4.53 -0.47
N VAL A 92 -6.05 5.69 0.12
CA VAL A 92 -7.03 5.80 1.24
C VAL A 92 -8.45 5.65 0.70
N LEU A 93 -8.80 6.44 -0.29
CA LEU A 93 -10.17 6.33 -0.88
C LEU A 93 -10.42 4.87 -1.28
N ARG A 94 -9.42 4.20 -1.76
CA ARG A 94 -9.59 2.78 -2.16
C ARG A 94 -10.04 2.00 -0.92
N ASP A 95 -9.53 2.38 0.23
CA ASP A 95 -9.93 1.68 1.49
C ASP A 95 -11.34 2.14 1.88
N MET A 96 -11.72 3.33 1.49
CA MET A 96 -13.07 3.84 1.83
C MET A 96 -14.10 3.16 0.92
N GLY A 97 -13.63 2.41 -0.04
CA GLY A 97 -14.56 1.70 -0.98
C GLY A 97 -14.95 2.65 -2.12
N LEU A 98 -14.34 3.81 -2.18
CA LEU A 98 -14.66 4.78 -3.27
C LEU A 98 -13.69 4.52 -4.43
N GLN A 99 -13.89 3.42 -5.08
CA GLN A 99 -13.02 3.04 -6.21
C GLN A 99 -13.20 4.04 -7.37
N GLU A 100 -14.39 4.50 -7.59
CA GLU A 100 -14.63 5.46 -8.70
C GLU A 100 -13.72 6.70 -8.55
N MET A 101 -13.69 7.30 -7.39
CA MET A 101 -12.82 8.51 -7.20
C MET A 101 -11.36 8.09 -7.08
N ALA A 102 -11.10 6.93 -6.52
CA ALA A 102 -9.68 6.48 -6.37
C ALA A 102 -9.07 6.21 -7.74
N GLY A 103 -9.79 5.56 -8.61
CA GLY A 103 -9.23 5.27 -9.97
C GLY A 103 -9.16 6.57 -10.77
N GLN A 104 -10.07 7.47 -10.50
CA GLN A 104 -10.08 8.76 -11.24
C GLN A 104 -8.98 9.68 -10.70
N LEU A 105 -8.69 9.60 -9.43
CA LEU A 105 -7.62 10.47 -8.86
C LEU A 105 -6.26 10.07 -9.44
N GLN A 106 -5.93 8.80 -9.38
CA GLN A 106 -4.61 8.37 -9.95
C GLN A 106 -4.52 8.79 -11.42
N ALA A 107 -5.58 8.65 -12.16
CA ALA A 107 -5.57 9.03 -13.59
C ALA A 107 -5.38 10.54 -13.72
N ALA A 108 -6.03 11.31 -12.89
CA ALA A 108 -5.89 12.79 -12.97
C ALA A 108 -4.42 13.18 -12.81
N THR A 109 -3.67 12.43 -12.03
CA THR A 109 -2.23 12.75 -11.84
C THR A 109 -1.44 12.16 -13.01
N HIS A 110 -2.01 11.19 -13.66
CA HIS A 110 -1.33 10.54 -14.83
C HIS A 110 -2.38 9.86 -15.69
N GLN A 111 -3.03 10.59 -16.55
CA GLN A 111 -4.08 9.99 -17.42
C GLN A 111 -3.49 8.81 -18.20
N GLY A 112 -2.94 9.07 -19.35
CA GLY A 112 -2.35 7.97 -20.16
C GLY A 112 -1.87 8.52 -21.50
N SER A 113 -0.66 9.01 -21.54
CA SER A 113 -0.13 9.57 -22.82
C SER A 113 0.06 8.43 -23.83
N GLY A 114 0.43 8.74 -25.04
CA GLY A 114 0.61 7.68 -26.06
C GLY A 114 -0.74 7.11 -26.47
N ALA A 115 -1.78 7.47 -25.76
CA ALA A 115 -3.13 6.95 -26.11
C ALA A 115 -3.52 7.41 -27.52
N ALA A 116 -3.78 6.49 -28.40
CA ALA A 116 -4.16 6.87 -29.79
C ALA A 116 -5.53 7.59 -29.75
N PRO A 117 -5.92 8.25 -30.84
CA PRO A 117 -7.22 8.96 -30.90
C PRO A 117 -8.37 7.93 -30.87
N ALA A 118 -8.25 6.88 -30.11
CA ALA A 118 -9.35 5.85 -30.05
C ALA A 118 -9.31 5.12 -28.71
N GLY A 119 -10.30 5.32 -27.90
CA GLY A 119 -10.36 4.64 -26.57
C GLY A 119 -11.06 3.28 -26.72
N ILE A 120 -11.90 3.15 -27.71
CA ILE A 120 -12.60 1.86 -27.92
C ILE A 120 -11.57 0.78 -28.23
N GLN A 121 -10.94 0.24 -27.21
CA GLN A 121 -9.89 -0.82 -27.40
C GLN A 121 -10.17 -1.98 -26.44
N ALA A 122 -9.50 -2.03 -25.32
CA ALA A 122 -9.73 -3.15 -24.36
C ALA A 122 -11.24 -3.19 -23.99
N PRO A 123 -11.79 -4.36 -23.68
CA PRO A 123 -13.22 -4.44 -23.32
C PRO A 123 -13.48 -3.54 -22.09
N PRO A 124 -14.74 -3.29 -21.77
CA PRO A 124 -15.08 -2.43 -20.60
C PRO A 124 -14.52 -3.09 -19.33
N GLN A 125 -14.51 -2.35 -18.24
CA GLN A 125 -13.97 -2.92 -16.97
C GLN A 125 -14.94 -3.96 -16.39
N SER A 126 -15.78 -4.53 -17.21
CA SER A 126 -16.75 -5.54 -16.71
C SER A 126 -15.99 -6.82 -16.34
N ALA A 127 -15.88 -7.10 -15.08
CA ALA A 127 -15.16 -8.34 -14.64
C ALA A 127 -15.96 -9.57 -15.04
N ALA A 128 -15.32 -10.70 -15.18
CA ALA A 128 -16.06 -11.94 -15.56
C ALA A 128 -17.08 -12.27 -14.48
N LYS A 129 -18.24 -12.74 -14.87
CA LYS A 129 -19.29 -13.10 -13.86
C LYS A 129 -18.79 -14.31 -13.03
N PRO A 130 -19.27 -14.47 -11.81
CA PRO A 130 -18.84 -15.61 -10.96
C PRO A 130 -19.18 -16.93 -11.69
N GLY A 131 -18.34 -17.93 -11.52
CA GLY A 131 -18.59 -19.26 -12.18
C GLY A 131 -17.28 -19.82 -12.72
N LEU A 132 -16.25 -19.02 -12.70
CA LEU A 132 -14.92 -19.48 -13.20
C LEU A 132 -14.15 -20.14 -12.05
N HIS A 133 -13.38 -21.15 -12.34
CA HIS A 133 -12.61 -21.83 -11.27
C HIS A 133 -11.57 -20.86 -10.69
N PHE A 134 -11.55 -20.69 -9.40
CA PHE A 134 -10.57 -19.75 -8.79
C PHE A 134 -10.57 -19.95 -7.26
N ILE A 135 -11.71 -19.86 -6.65
CA ILE A 135 -11.79 -20.02 -5.17
C ILE A 135 -11.28 -21.42 -4.80
N ASP A 136 -11.53 -22.39 -5.62
CA ASP A 136 -11.07 -23.79 -5.31
C ASP A 136 -9.59 -23.90 -5.69
N GLN A 137 -9.12 -23.02 -6.53
CA GLN A 137 -7.71 -23.08 -6.99
C GLN A 137 -6.75 -22.77 -5.82
N HIS A 138 -7.19 -22.04 -4.83
CA HIS A 138 -6.27 -21.69 -3.68
C HIS A 138 -6.39 -22.78 -2.61
N ARG A 139 -7.43 -23.57 -2.68
CA ARG A 139 -7.58 -24.68 -1.68
C ARG A 139 -6.59 -25.78 -2.04
N ALA A 140 -6.72 -26.34 -3.22
CA ALA A 140 -5.78 -27.41 -3.63
C ALA A 140 -4.34 -26.88 -3.60
N ALA A 141 -4.14 -25.63 -3.90
CA ALA A 141 -2.75 -25.07 -3.89
C ALA A 141 -2.19 -25.09 -2.48
N LEU A 142 -2.91 -24.54 -1.54
CA LEU A 142 -2.41 -24.50 -0.14
C LEU A 142 -2.42 -25.90 0.49
N ILE A 143 -3.36 -26.73 0.13
CA ILE A 143 -3.41 -28.10 0.73
C ILE A 143 -2.18 -28.88 0.27
N ALA A 144 -1.88 -28.86 -0.99
CA ALA A 144 -0.70 -29.63 -1.50
C ALA A 144 0.60 -29.00 -0.97
N ARG A 145 0.53 -27.76 -0.52
CA ARG A 145 1.78 -27.08 0.01
C ARG A 145 1.84 -27.21 1.54
N VAL A 146 0.73 -27.32 2.20
CA VAL A 146 0.75 -27.44 3.69
C VAL A 146 1.15 -28.88 4.07
N THR A 147 1.03 -29.81 3.16
CA THR A 147 1.38 -31.24 3.45
C THR A 147 0.63 -31.70 4.71
N ASN A 148 1.14 -31.42 5.88
CA ASN A 148 0.44 -31.85 7.12
C ASN A 148 -0.89 -31.10 7.24
N VAL A 149 -1.85 -31.46 6.44
CA VAL A 149 -3.17 -30.77 6.49
C VAL A 149 -3.85 -31.02 7.85
N GLU A 150 -3.70 -32.20 8.38
CA GLU A 150 -4.34 -32.54 9.68
C GLU A 150 -3.97 -31.51 10.76
N TRP A 151 -2.82 -30.91 10.66
CA TRP A 151 -2.40 -29.91 11.70
C TRP A 151 -3.42 -28.76 11.74
N LEU A 152 -3.86 -28.28 10.62
CA LEU A 152 -4.85 -27.15 10.61
C LEU A 152 -6.23 -27.67 11.05
N LEU A 153 -6.64 -28.82 10.60
CA LEU A 153 -7.97 -29.35 11.01
C LEU A 153 -7.98 -29.54 12.54
N ASP A 154 -6.99 -30.21 13.07
CA ASP A 154 -6.94 -30.43 14.54
C ASP A 154 -6.90 -29.09 15.28
N ALA A 155 -6.40 -28.06 14.65
CA ALA A 155 -6.32 -26.74 15.33
C ALA A 155 -7.72 -26.28 15.76
N LEU A 156 -8.72 -26.47 14.93
CA LEU A 156 -10.11 -26.02 15.30
C LEU A 156 -10.83 -27.11 16.09
N TYR A 157 -10.15 -28.16 16.47
CA TYR A 157 -10.85 -29.23 17.24
C TYR A 157 -11.30 -28.69 18.60
N GLY A 158 -12.58 -28.77 18.87
CA GLY A 158 -13.11 -28.28 20.18
C GLY A 158 -13.19 -26.76 20.22
N LYS A 159 -12.48 -26.08 19.36
CA LYS A 159 -12.50 -24.58 19.37
C LYS A 159 -13.80 -24.05 18.75
N VAL A 160 -13.88 -24.00 17.43
CA VAL A 160 -15.11 -23.46 16.76
C VAL A 160 -16.04 -24.59 16.36
N LEU A 161 -15.52 -25.63 15.75
CA LEU A 161 -16.39 -26.77 15.31
C LEU A 161 -16.57 -27.74 16.49
N THR A 162 -17.73 -28.34 16.59
CA THR A 162 -17.98 -29.31 17.70
C THR A 162 -17.41 -30.67 17.32
N ASP A 163 -17.44 -31.62 18.22
CA ASP A 163 -16.89 -32.96 17.90
C ASP A 163 -17.70 -33.59 16.77
N GLU A 164 -19.00 -33.53 16.83
CA GLU A 164 -19.81 -34.14 15.75
C GLU A 164 -19.46 -33.50 14.41
N GLN A 165 -19.27 -32.21 14.38
CA GLN A 165 -18.93 -31.51 13.10
C GLN A 165 -17.49 -31.85 12.70
N TYR A 166 -16.57 -31.70 13.61
CA TYR A 166 -15.14 -32.01 13.28
C TYR A 166 -15.04 -33.45 12.76
N GLN A 167 -15.74 -34.36 13.37
CA GLN A 167 -15.69 -35.78 12.91
C GLN A 167 -16.37 -35.90 11.55
N ALA A 168 -17.40 -35.13 11.32
CA ALA A 168 -18.10 -35.20 10.01
C ALA A 168 -17.14 -34.85 8.88
N VAL A 169 -16.35 -33.82 9.05
CA VAL A 169 -15.40 -33.43 7.98
C VAL A 169 -14.32 -34.51 7.83
N ARG A 170 -13.93 -35.14 8.91
CA ARG A 170 -12.88 -36.19 8.83
C ARG A 170 -13.45 -37.43 8.14
N ALA A 171 -14.75 -37.58 8.14
CA ALA A 171 -15.37 -38.78 7.49
C ALA A 171 -15.35 -38.62 5.97
N GLU A 172 -14.81 -37.53 5.48
CA GLU A 172 -14.76 -37.32 3.99
C GLU A 172 -14.16 -38.58 3.32
N PRO A 173 -14.27 -38.70 1.99
CA PRO A 173 -13.73 -39.88 1.30
C PRO A 173 -12.27 -39.60 0.93
N THR A 174 -12.06 -38.48 0.32
CA THR A 174 -10.69 -38.07 -0.13
C THR A 174 -10.01 -37.27 0.99
N ASN A 175 -8.69 -37.23 0.98
CA ASN A 175 -7.96 -36.47 2.03
C ASN A 175 -8.12 -34.94 1.79
N PRO A 176 -7.82 -34.43 0.61
CA PRO A 176 -7.98 -32.98 0.37
C PRO A 176 -9.44 -32.57 0.58
N SER A 177 -10.35 -33.51 0.49
CA SER A 177 -11.78 -33.17 0.68
C SER A 177 -12.02 -32.77 2.14
N LYS A 178 -11.25 -33.31 3.04
CA LYS A 178 -11.43 -32.96 4.49
C LYS A 178 -11.28 -31.45 4.66
N MET A 179 -10.35 -30.86 3.96
CA MET A 179 -10.13 -29.39 4.07
C MET A 179 -11.18 -28.64 3.25
N ARG A 180 -11.35 -28.99 2.00
CA ARG A 180 -12.33 -28.27 1.14
C ARG A 180 -13.68 -28.11 1.88
N LYS A 181 -14.17 -29.17 2.45
CA LYS A 181 -15.46 -29.08 3.19
C LYS A 181 -15.28 -28.11 4.37
N LEU A 182 -14.19 -28.23 5.10
CA LEU A 182 -13.96 -27.33 6.27
C LEU A 182 -14.16 -25.87 5.85
N PHE A 183 -13.63 -25.48 4.72
CA PHE A 183 -13.79 -24.06 4.28
C PHE A 183 -15.27 -23.76 4.09
N SER A 184 -16.05 -24.73 3.73
CA SER A 184 -17.51 -24.48 3.52
C SER A 184 -18.13 -23.98 4.84
N PHE A 185 -17.55 -24.34 5.96
CA PHE A 185 -18.10 -23.88 7.27
C PHE A 185 -17.69 -22.41 7.49
N THR A 186 -17.68 -21.63 6.43
CA THR A 186 -17.31 -20.20 6.54
C THR A 186 -18.28 -19.46 7.50
N PRO A 187 -19.59 -19.64 7.34
CA PRO A 187 -20.54 -18.94 8.24
C PRO A 187 -20.22 -19.28 9.70
N ALA A 188 -19.55 -20.38 9.94
CA ALA A 188 -19.19 -20.76 11.34
C ALA A 188 -17.86 -20.10 11.70
N TRP A 189 -17.17 -19.54 10.75
CA TRP A 189 -15.85 -18.89 11.06
C TRP A 189 -16.09 -17.44 11.49
N ASN A 190 -15.67 -17.10 12.68
CA ASN A 190 -15.84 -15.70 13.17
C ASN A 190 -14.53 -14.94 12.92
N TRP A 191 -14.44 -13.71 13.35
CA TRP A 191 -13.18 -12.95 13.13
C TRP A 191 -12.02 -13.71 13.78
N THR A 192 -12.23 -14.23 14.96
CA THR A 192 -11.17 -14.98 15.65
C THR A 192 -10.90 -16.30 14.91
N CYS A 193 -11.93 -16.94 14.42
CA CYS A 193 -11.71 -18.23 13.69
C CYS A 193 -10.70 -18.03 12.56
N LYS A 194 -10.95 -17.10 11.69
CA LYS A 194 -10.00 -16.84 10.57
C LYS A 194 -8.59 -16.61 11.13
N ASP A 195 -8.49 -16.02 12.28
CA ASP A 195 -7.15 -15.76 12.88
C ASP A 195 -6.48 -17.09 13.25
N LEU A 196 -7.24 -18.09 13.60
CA LEU A 196 -6.61 -19.40 13.97
C LEU A 196 -5.95 -20.02 12.73
N LEU A 197 -6.64 -20.03 11.61
CA LEU A 197 -6.04 -20.63 10.38
C LEU A 197 -4.94 -19.71 9.84
N LEU A 198 -5.23 -18.44 9.71
CA LEU A 198 -4.20 -17.50 9.19
C LEU A 198 -2.98 -17.52 10.11
N GLN A 199 -3.20 -17.46 11.39
CA GLN A 199 -2.05 -17.46 12.34
C GLN A 199 -1.37 -18.83 12.34
N ALA A 200 -2.13 -19.90 12.33
CA ALA A 200 -1.50 -21.25 12.33
C ALA A 200 -0.57 -21.39 11.12
N LEU A 201 -0.86 -20.69 10.04
CA LEU A 201 0.00 -20.79 8.83
C LEU A 201 1.35 -20.08 9.05
N ARG A 202 1.35 -18.84 9.49
CA ARG A 202 2.65 -18.13 9.67
C ARG A 202 3.54 -18.89 10.65
N GLU A 203 2.96 -19.52 11.64
CA GLU A 203 3.78 -20.27 12.64
C GLU A 203 4.43 -21.48 11.95
N SER A 204 3.70 -22.17 11.12
CA SER A 204 4.28 -23.36 10.43
C SER A 204 5.25 -22.92 9.34
N GLN A 205 5.00 -21.81 8.71
CA GLN A 205 5.92 -21.34 7.64
C GLN A 205 5.53 -19.92 7.18
N SER A 206 6.32 -18.95 7.53
CA SER A 206 6.00 -17.54 7.14
C SER A 206 6.12 -17.39 5.61
N TYR A 207 6.83 -18.26 4.98
CA TYR A 207 7.01 -18.17 3.50
C TYR A 207 5.69 -18.43 2.78
N LEU A 208 4.85 -19.28 3.33
CA LEU A 208 3.56 -19.63 2.65
C LEU A 208 2.46 -18.62 3.04
N VAL A 209 2.38 -18.23 4.28
CA VAL A 209 1.30 -17.28 4.67
C VAL A 209 1.42 -15.99 3.85
N GLU A 210 2.62 -15.54 3.60
CA GLU A 210 2.83 -14.30 2.81
C GLU A 210 2.59 -14.60 1.32
N ASP A 211 3.09 -15.71 0.85
CA ASP A 211 2.90 -16.04 -0.59
C ASP A 211 1.42 -16.26 -0.89
N LEU A 212 0.67 -16.78 0.05
CA LEU A 212 -0.79 -17.01 -0.17
C LEU A 212 -1.54 -15.67 -0.02
N GLU A 213 -1.13 -14.85 0.90
CA GLU A 213 -1.82 -13.54 1.09
C GLU A 213 -1.74 -12.74 -0.21
N ARG A 214 -0.58 -12.67 -0.82
CA ARG A 214 -0.44 -11.92 -2.10
C ARG A 214 -1.05 -12.74 -3.24
N SER A 215 -2.32 -13.04 -3.15
CA SER A 215 -2.99 -13.84 -4.22
C SER A 215 -2.20 -15.13 -4.47
N MET A 21 -2.95 26.96 -10.10
CA MET A 21 -3.44 25.96 -11.10
C MET A 21 -2.70 24.65 -10.89
N GLY A 22 -3.12 23.60 -11.56
CA GLY A 22 -2.47 22.27 -11.40
C GLY A 22 -3.56 21.20 -11.47
N ARG A 23 -3.65 20.52 -12.57
CA ARG A 23 -4.69 19.46 -12.71
C ARG A 23 -4.62 18.50 -11.51
N ALA A 24 -3.45 18.28 -10.99
CA ALA A 24 -3.32 17.40 -9.80
C ALA A 24 -3.93 18.13 -8.61
N ARG A 25 -3.71 19.42 -8.52
CA ARG A 25 -4.30 20.19 -7.39
C ARG A 25 -5.83 20.09 -7.50
N ASP A 26 -6.33 20.14 -8.70
CA ASP A 26 -7.80 20.03 -8.91
C ASP A 26 -8.23 18.60 -8.63
N ALA A 27 -7.39 17.65 -8.96
CA ALA A 27 -7.72 16.21 -8.73
C ALA A 27 -8.10 16.00 -7.26
N ILE A 28 -7.26 16.46 -6.37
CA ILE A 28 -7.55 16.31 -4.91
C ILE A 28 -8.84 17.06 -4.55
N LEU A 29 -8.95 18.29 -4.99
CA LEU A 29 -10.15 19.11 -4.65
C LEU A 29 -11.45 18.33 -4.91
N ASP A 30 -11.64 17.81 -6.10
CA ASP A 30 -12.91 17.07 -6.37
C ASP A 30 -13.08 15.88 -5.43
N ALA A 31 -12.09 15.04 -5.30
CA ALA A 31 -12.25 13.85 -4.43
C ALA A 31 -12.67 14.27 -3.01
N LEU A 32 -11.97 15.18 -2.38
CA LEU A 32 -12.37 15.60 -1.01
C LEU A 32 -13.74 16.28 -1.04
N GLU A 33 -13.93 17.21 -1.93
CA GLU A 33 -15.24 17.92 -2.01
C GLU A 33 -16.38 16.92 -2.25
N ASN A 34 -16.06 15.72 -2.69
CA ASN A 34 -17.12 14.72 -2.97
C ASN A 34 -17.48 13.96 -1.68
N LEU A 35 -16.57 13.89 -0.74
CA LEU A 35 -16.87 13.15 0.53
C LEU A 35 -17.92 13.92 1.33
N THR A 36 -18.70 13.23 2.12
CA THR A 36 -19.73 13.91 2.95
C THR A 36 -19.04 14.63 4.10
N ALA A 37 -19.70 15.56 4.72
CA ALA A 37 -19.06 16.31 5.86
C ALA A 37 -18.43 15.34 6.85
N GLU A 38 -19.15 14.34 7.28
CA GLU A 38 -18.59 13.36 8.25
C GLU A 38 -17.58 12.46 7.55
N GLU A 39 -17.88 12.03 6.36
CA GLU A 39 -16.92 11.15 5.62
C GLU A 39 -15.61 11.91 5.42
N LEU A 40 -15.69 13.21 5.32
CA LEU A 40 -14.44 14.02 5.14
C LEU A 40 -13.58 13.90 6.40
N LYS A 41 -14.17 14.07 7.56
CA LYS A 41 -13.37 13.96 8.81
C LYS A 41 -12.68 12.60 8.86
N LYS A 42 -13.35 11.57 8.43
CA LYS A 42 -12.74 10.21 8.44
C LYS A 42 -11.44 10.21 7.64
N PHE A 43 -11.40 10.91 6.54
CA PHE A 43 -10.16 10.96 5.72
C PHE A 43 -9.02 11.58 6.56
N LYS A 44 -9.34 12.54 7.39
CA LYS A 44 -8.29 13.17 8.23
C LYS A 44 -7.71 12.15 9.21
N LEU A 45 -8.56 11.52 9.97
CA LEU A 45 -8.06 10.52 10.96
C LEU A 45 -7.39 9.36 10.22
N LYS A 46 -7.90 8.99 9.07
CA LYS A 46 -7.27 7.88 8.32
C LYS A 46 -5.82 8.27 8.00
N LEU A 47 -5.58 9.54 7.80
CA LEU A 47 -4.20 9.99 7.50
C LEU A 47 -3.32 9.68 8.71
N LEU A 48 -3.86 9.85 9.89
CA LEU A 48 -3.08 9.57 11.13
C LEU A 48 -3.02 8.05 11.39
N SER A 49 -3.85 7.28 10.72
CA SER A 49 -3.87 5.79 10.94
C SER A 49 -3.09 5.06 9.83
N VAL A 50 -3.09 5.58 8.63
CA VAL A 50 -2.35 4.89 7.53
C VAL A 50 -0.82 5.01 7.79
N PRO A 51 -0.08 3.90 7.85
CA PRO A 51 1.38 4.00 8.10
C PRO A 51 2.07 4.69 6.92
N LEU A 52 2.97 5.61 7.20
CA LEU A 52 3.70 6.33 6.10
C LEU A 52 5.04 5.62 5.86
N ARG A 53 5.66 5.88 4.74
CA ARG A 53 6.97 5.23 4.45
C ARG A 53 7.99 5.68 5.49
N GLU A 54 8.76 6.70 5.20
CA GLU A 54 9.77 7.18 6.19
C GLU A 54 9.05 7.64 7.45
N GLY A 55 8.45 8.80 7.42
CA GLY A 55 7.73 9.31 8.61
C GLY A 55 7.29 10.76 8.38
N TYR A 56 7.99 11.46 7.50
CA TYR A 56 7.67 12.89 7.16
C TYR A 56 7.11 13.65 8.36
N GLY A 57 5.84 13.53 8.60
CA GLY A 57 5.19 14.23 9.74
C GLY A 57 3.68 14.25 9.53
N ARG A 58 2.94 13.56 10.35
CA ARG A 58 1.46 13.53 10.18
C ARG A 58 0.86 14.88 10.61
N ILE A 59 0.04 15.45 9.77
CA ILE A 59 -0.58 16.77 10.10
C ILE A 59 -1.67 16.52 11.18
N PRO A 60 -1.61 17.16 12.35
CA PRO A 60 -2.63 16.92 13.40
C PRO A 60 -4.05 17.20 12.86
N ARG A 61 -4.99 16.42 13.30
CA ARG A 61 -6.40 16.61 12.85
C ARG A 61 -6.84 18.06 13.07
N GLY A 62 -6.56 18.58 14.24
CA GLY A 62 -6.97 19.98 14.55
C GLY A 62 -6.47 20.95 13.47
N ALA A 63 -5.27 20.77 13.00
CA ALA A 63 -4.75 21.69 11.96
C ALA A 63 -5.62 21.57 10.72
N LEU A 64 -6.12 20.38 10.46
CA LEU A 64 -6.99 20.18 9.27
C LEU A 64 -8.39 20.75 9.54
N LEU A 65 -8.84 20.74 10.78
CA LEU A 65 -10.19 21.30 11.07
C LEU A 65 -10.15 22.80 10.74
N SER A 66 -9.07 23.47 11.05
CA SER A 66 -8.98 24.92 10.75
C SER A 66 -8.94 25.10 9.23
N MET A 67 -8.16 24.30 8.55
CA MET A 67 -8.08 24.42 7.07
C MET A 67 -9.36 23.84 6.45
N ASP A 68 -9.70 24.27 5.26
CA ASP A 68 -10.92 23.78 4.56
C ASP A 68 -10.50 22.94 3.36
N ALA A 69 -11.44 22.48 2.58
CA ALA A 69 -11.10 21.65 1.40
C ALA A 69 -10.08 22.37 0.51
N LEU A 70 -10.28 23.64 0.25
CA LEU A 70 -9.32 24.38 -0.62
C LEU A 70 -8.00 24.62 0.13
N ASP A 71 -8.06 25.23 1.28
CA ASP A 71 -6.81 25.50 2.03
C ASP A 71 -6.07 24.18 2.28
N LEU A 72 -6.76 23.16 2.73
CA LEU A 72 -6.07 21.86 2.98
C LEU A 72 -5.62 21.26 1.64
N THR A 73 -6.35 21.51 0.57
CA THR A 73 -5.92 20.94 -0.74
C THR A 73 -4.54 21.55 -1.08
N ASP A 74 -4.39 22.83 -0.89
CA ASP A 74 -3.09 23.47 -1.18
C ASP A 74 -2.02 22.95 -0.21
N LYS A 75 -2.41 22.60 0.98
CA LYS A 75 -1.40 22.11 1.99
C LYS A 75 -0.94 20.70 1.60
N LEU A 76 -1.83 19.81 1.22
CA LEU A 76 -1.35 18.45 0.81
C LEU A 76 -0.31 18.62 -0.30
N VAL A 77 -0.49 19.64 -1.10
CA VAL A 77 0.48 19.90 -2.20
C VAL A 77 1.78 20.48 -1.62
N SER A 78 1.70 21.34 -0.63
CA SER A 78 2.94 21.93 -0.06
C SER A 78 3.71 20.94 0.81
N PHE A 79 3.03 20.29 1.72
CA PHE A 79 3.72 19.33 2.65
C PHE A 79 3.99 17.97 1.99
N TYR A 80 3.01 17.37 1.37
CA TYR A 80 3.19 16.02 0.73
C TYR A 80 3.48 16.16 -0.77
N LEU A 81 3.85 17.32 -1.22
CA LEU A 81 4.14 17.54 -2.67
C LEU A 81 2.84 17.35 -3.48
N GLU A 82 2.84 17.80 -4.70
CA GLU A 82 1.59 17.69 -5.53
C GLU A 82 1.30 16.24 -5.93
N THR A 83 2.22 15.59 -6.61
CA THR A 83 1.97 14.19 -7.07
C THR A 83 2.00 13.20 -5.91
N TYR A 84 3.05 13.18 -5.14
CA TYR A 84 3.11 12.21 -4.00
C TYR A 84 1.91 12.40 -3.08
N GLY A 85 1.34 13.59 -3.06
CA GLY A 85 0.16 13.83 -2.20
C GLY A 85 -1.05 13.07 -2.73
N ALA A 86 -1.27 13.11 -4.02
CA ALA A 86 -2.44 12.39 -4.60
C ALA A 86 -2.22 10.88 -4.54
N GLU A 87 -1.02 10.44 -4.73
CA GLU A 87 -0.75 8.97 -4.68
C GLU A 87 -1.16 8.43 -3.31
N LEU A 88 -0.67 9.03 -2.26
CA LEU A 88 -1.03 8.57 -0.90
C LEU A 88 -2.56 8.62 -0.73
N THR A 89 -3.18 9.60 -1.34
CA THR A 89 -4.66 9.75 -1.22
C THR A 89 -5.39 8.63 -1.95
N ALA A 90 -5.04 8.34 -3.18
CA ALA A 90 -5.74 7.27 -3.93
C ALA A 90 -5.78 5.99 -3.08
N ASN A 91 -4.78 5.79 -2.26
CA ASN A 91 -4.76 4.57 -1.40
C ASN A 91 -5.76 4.71 -0.26
N VAL A 92 -5.93 5.88 0.29
CA VAL A 92 -6.90 6.05 1.42
C VAL A 92 -8.33 5.87 0.91
N LEU A 93 -8.72 6.59 -0.10
CA LEU A 93 -10.11 6.45 -0.62
C LEU A 93 -10.37 4.99 -0.97
N ARG A 94 -9.38 4.29 -1.47
CA ARG A 94 -9.57 2.87 -1.81
C ARG A 94 -9.91 2.11 -0.52
N ASP A 95 -9.35 2.54 0.58
CA ASP A 95 -9.66 1.87 1.88
C ASP A 95 -11.07 2.30 2.32
N MET A 96 -11.46 3.48 1.95
CA MET A 96 -12.83 3.97 2.34
C MET A 96 -13.86 3.30 1.45
N GLY A 97 -13.42 2.55 0.46
CA GLY A 97 -14.37 1.86 -0.46
C GLY A 97 -14.74 2.80 -1.60
N LEU A 98 -14.13 3.96 -1.64
CA LEU A 98 -14.41 4.95 -2.74
C LEU A 98 -13.36 4.74 -3.83
N GLN A 99 -12.93 3.53 -3.99
CA GLN A 99 -11.90 3.22 -5.00
C GLN A 99 -12.24 3.86 -6.36
N GLU A 100 -13.50 4.04 -6.64
CA GLU A 100 -13.90 4.64 -7.94
C GLU A 100 -13.22 6.00 -8.13
N MET A 101 -13.29 6.88 -7.15
CA MET A 101 -12.61 8.20 -7.30
C MET A 101 -11.10 7.98 -7.23
N ALA A 102 -10.68 7.01 -6.46
CA ALA A 102 -9.23 6.75 -6.33
C ALA A 102 -8.63 6.45 -7.69
N GLY A 103 -9.29 5.66 -8.49
CA GLY A 103 -8.74 5.32 -9.83
C GLY A 103 -8.71 6.57 -10.68
N GLN A 104 -9.67 7.42 -10.51
CA GLN A 104 -9.72 8.68 -11.32
C GLN A 104 -8.69 9.68 -10.77
N LEU A 105 -8.39 9.62 -9.50
CA LEU A 105 -7.42 10.59 -8.91
C LEU A 105 -6.00 10.20 -9.36
N GLN A 106 -5.62 8.97 -9.20
CA GLN A 106 -4.25 8.57 -9.64
C GLN A 106 -4.13 8.78 -11.14
N ALA A 107 -5.20 8.57 -11.86
CA ALA A 107 -5.18 8.77 -13.33
C ALA A 107 -5.15 10.27 -13.65
N ALA A 108 -5.79 11.06 -12.82
CA ALA A 108 -5.83 12.53 -13.07
C ALA A 108 -4.40 13.09 -13.09
N THR A 109 -3.57 12.66 -12.17
CA THR A 109 -2.17 13.19 -12.13
C THR A 109 -1.31 12.40 -13.12
N HIS A 110 -1.94 11.62 -13.97
CA HIS A 110 -1.20 10.80 -14.99
C HIS A 110 0.06 10.18 -14.37
N GLN A 111 -0.13 9.23 -13.50
CA GLN A 111 1.03 8.56 -12.85
C GLN A 111 1.70 7.61 -13.84
N GLY A 112 0.91 6.80 -14.51
CA GLY A 112 1.49 5.85 -15.50
C GLY A 112 0.36 5.11 -16.20
N SER A 113 0.40 5.04 -17.51
CA SER A 113 -0.66 4.34 -18.26
C SER A 113 -0.59 2.84 -17.97
N GLY A 114 -1.70 2.17 -17.97
CA GLY A 114 -1.69 0.69 -17.69
C GLY A 114 -3.13 0.17 -17.67
N ALA A 115 -3.99 0.72 -18.48
CA ALA A 115 -5.40 0.25 -18.51
C ALA A 115 -5.45 -1.19 -19.02
N ALA A 116 -5.98 -2.08 -18.23
CA ALA A 116 -6.07 -3.51 -18.66
C ALA A 116 -7.06 -3.61 -19.85
N PRO A 117 -7.02 -4.69 -20.60
CA PRO A 117 -7.94 -4.87 -21.74
C PRO A 117 -9.39 -4.75 -21.26
N ALA A 118 -9.60 -4.80 -19.96
CA ALA A 118 -10.98 -4.70 -19.42
C ALA A 118 -10.92 -4.32 -17.95
N GLY A 119 -11.63 -3.28 -17.57
CA GLY A 119 -11.61 -2.83 -16.16
C GLY A 119 -12.14 -3.96 -15.27
N ILE A 120 -12.96 -4.83 -15.81
CA ILE A 120 -13.51 -5.95 -15.00
C ILE A 120 -12.41 -6.99 -14.77
N GLN A 121 -11.48 -6.71 -13.90
CA GLN A 121 -10.37 -7.68 -13.63
C GLN A 121 -9.59 -7.23 -12.40
N ALA A 122 -9.30 -8.13 -11.50
CA ALA A 122 -8.53 -7.74 -10.28
C ALA A 122 -7.16 -7.18 -10.71
N PRO A 123 -6.57 -6.27 -9.93
CA PRO A 123 -5.26 -5.71 -10.29
C PRO A 123 -4.24 -6.86 -10.46
N PRO A 124 -3.07 -6.57 -11.01
CA PRO A 124 -2.04 -7.62 -11.19
C PRO A 124 -1.65 -8.19 -9.82
N GLN A 125 -1.15 -9.39 -9.79
CA GLN A 125 -0.75 -10.02 -8.49
C GLN A 125 0.53 -9.37 -7.96
N SER A 126 0.78 -8.13 -8.30
CA SER A 126 2.02 -7.45 -7.82
C SER A 126 1.85 -7.10 -6.34
N ALA A 127 2.49 -7.83 -5.47
CA ALA A 127 2.38 -7.55 -4.00
C ALA A 127 3.63 -8.05 -3.29
N ALA A 128 4.72 -8.18 -3.99
CA ALA A 128 5.98 -8.67 -3.34
C ALA A 128 6.39 -7.68 -2.24
N LYS A 129 6.23 -8.07 -1.00
CA LYS A 129 6.62 -7.17 0.14
C LYS A 129 8.14 -7.34 0.40
N PRO A 130 8.80 -6.34 0.98
CA PRO A 130 10.24 -6.45 1.27
C PRO A 130 10.50 -7.64 2.19
N GLY A 131 11.65 -8.24 2.11
CA GLY A 131 11.97 -9.42 2.98
C GLY A 131 13.48 -9.61 3.06
N LEU A 132 14.21 -8.56 2.81
CA LEU A 132 15.70 -8.65 2.87
C LEU A 132 16.15 -8.57 4.34
N HIS A 133 17.05 -9.42 4.74
CA HIS A 133 17.52 -9.39 6.15
C HIS A 133 18.31 -8.10 6.39
N PHE A 134 18.11 -7.47 7.52
CA PHE A 134 18.85 -6.22 7.82
C PHE A 134 18.64 -5.84 9.28
N ILE A 135 17.41 -5.72 9.71
CA ILE A 135 17.14 -5.36 11.13
C ILE A 135 17.54 -6.53 12.04
N ASP A 136 17.55 -7.72 11.49
CA ASP A 136 17.94 -8.92 12.30
C ASP A 136 19.45 -8.94 12.46
N GLN A 137 20.14 -8.25 11.59
CA GLN A 137 21.62 -8.21 11.64
C GLN A 137 22.10 -7.55 12.94
N HIS A 138 21.25 -6.77 13.58
CA HIS A 138 21.67 -6.09 14.85
C HIS A 138 21.34 -6.98 16.03
N ARG A 139 20.48 -7.93 15.84
CA ARG A 139 20.15 -8.87 16.95
C ARG A 139 21.33 -9.84 17.09
N ALA A 140 21.58 -10.62 16.08
CA ALA A 140 22.73 -11.57 16.12
C ALA A 140 24.01 -10.82 16.49
N ALA A 141 24.14 -9.58 16.07
CA ALA A 141 25.37 -8.82 16.42
C ALA A 141 25.49 -8.72 17.93
N LEU A 142 24.44 -8.31 18.59
CA LEU A 142 24.48 -8.19 20.08
C LEU A 142 24.45 -9.56 20.74
N ILE A 143 23.60 -10.45 20.31
CA ILE A 143 23.56 -11.79 20.95
C ILE A 143 24.95 -12.44 20.81
N ALA A 144 25.61 -12.19 19.71
CA ALA A 144 26.95 -12.79 19.47
C ALA A 144 28.06 -11.99 20.17
N ARG A 145 27.97 -10.68 20.20
CA ARG A 145 29.06 -9.88 20.86
C ARG A 145 28.84 -9.84 22.37
N VAL A 146 27.62 -9.64 22.80
CA VAL A 146 27.34 -9.59 24.25
C VAL A 146 27.62 -10.96 24.88
N THR A 147 27.41 -12.03 24.12
CA THR A 147 27.66 -13.40 24.65
C THR A 147 26.74 -13.66 25.86
N ASN A 148 27.02 -13.06 26.99
CA ASN A 148 26.16 -13.25 28.18
C ASN A 148 24.79 -12.65 27.87
N VAL A 149 23.98 -13.35 27.13
CA VAL A 149 22.64 -12.82 26.77
C VAL A 149 21.76 -12.70 28.02
N GLU A 150 21.87 -13.61 28.93
CA GLU A 150 21.04 -13.56 30.18
C GLU A 150 21.28 -12.25 30.95
N TRP A 151 22.45 -11.68 30.85
CA TRP A 151 22.74 -10.43 31.61
C TRP A 151 21.70 -9.35 31.24
N LEU A 152 21.43 -9.16 29.98
CA LEU A 152 20.45 -8.11 29.57
C LEU A 152 19.05 -8.45 30.08
N LEU A 153 18.54 -9.61 29.73
CA LEU A 153 17.17 -9.98 30.17
C LEU A 153 17.09 -9.93 31.70
N ASP A 154 18.13 -10.34 32.38
CA ASP A 154 18.11 -10.30 33.87
C ASP A 154 18.07 -8.84 34.32
N ALA A 155 18.60 -7.94 33.53
CA ALA A 155 18.62 -6.50 33.90
C ALA A 155 17.22 -5.89 33.70
N LEU A 156 16.56 -6.24 32.63
CA LEU A 156 15.19 -5.67 32.36
C LEU A 156 14.14 -6.34 33.22
N TYR A 157 14.54 -7.12 34.20
CA TYR A 157 13.54 -7.78 35.08
C TYR A 157 12.96 -6.76 36.05
N GLY A 158 11.67 -6.55 36.03
CA GLY A 158 11.03 -5.58 36.97
C GLY A 158 11.25 -4.14 36.51
N LYS A 159 12.17 -3.91 35.60
CA LYS A 159 12.43 -2.50 35.14
C LYS A 159 11.26 -2.00 34.26
N VAL A 160 11.47 -1.90 32.97
CA VAL A 160 10.38 -1.40 32.08
C VAL A 160 9.38 -2.52 31.78
N LEU A 161 9.85 -3.68 31.43
CA LEU A 161 8.91 -4.80 31.13
C LEU A 161 8.39 -5.38 32.45
N THR A 162 7.27 -6.06 32.41
CA THR A 162 6.68 -6.64 33.66
C THR A 162 7.08 -8.11 33.80
N ASP A 163 6.73 -8.73 34.89
CA ASP A 163 7.10 -10.16 35.11
C ASP A 163 6.43 -11.04 34.04
N GLU A 164 5.17 -10.84 33.79
CA GLU A 164 4.47 -11.68 32.77
C GLU A 164 5.21 -11.58 31.43
N GLN A 165 5.70 -10.42 31.10
CA GLN A 165 6.43 -10.26 29.81
C GLN A 165 7.77 -11.00 29.90
N TYR A 166 8.50 -10.79 30.96
CA TYR A 166 9.81 -11.48 31.12
C TYR A 166 9.59 -13.00 31.01
N GLN A 167 8.49 -13.48 31.52
CA GLN A 167 8.19 -14.94 31.42
C GLN A 167 7.90 -15.31 29.97
N ALA A 168 7.02 -14.57 29.33
CA ALA A 168 6.68 -14.88 27.90
C ALA A 168 7.97 -14.85 27.07
N VAL A 169 8.79 -13.87 27.29
CA VAL A 169 10.07 -13.77 26.53
C VAL A 169 10.89 -15.05 26.74
N ARG A 170 10.78 -15.65 27.89
CA ARG A 170 11.55 -16.90 28.19
C ARG A 170 10.85 -18.12 27.56
N ALA A 171 9.59 -17.99 27.22
CA ALA A 171 8.85 -19.14 26.63
C ALA A 171 9.25 -19.37 25.16
N GLU A 172 10.14 -18.57 24.64
CA GLU A 172 10.54 -18.74 23.20
C GLU A 172 10.99 -20.20 22.95
N PRO A 173 11.11 -20.62 21.70
CA PRO A 173 11.50 -22.01 21.37
C PRO A 173 13.04 -22.15 21.32
N THR A 174 13.77 -21.08 21.53
CA THR A 174 15.25 -21.17 21.45
C THR A 174 15.89 -20.08 22.31
N ASN A 175 17.17 -20.20 22.59
CA ASN A 175 17.85 -19.17 23.45
C ASN A 175 18.00 -17.82 22.70
N PRO A 176 18.55 -17.80 21.50
CA PRO A 176 18.72 -16.53 20.77
C PRO A 176 17.35 -15.94 20.39
N SER A 177 16.32 -16.75 20.40
CA SER A 177 14.98 -16.24 20.02
C SER A 177 14.43 -15.36 21.14
N LYS A 178 14.83 -15.61 22.36
CA LYS A 178 14.31 -14.81 23.51
C LYS A 178 14.84 -13.37 23.47
N MET A 179 16.02 -13.16 22.93
CA MET A 179 16.60 -11.78 22.89
C MET A 179 16.01 -10.98 21.72
N ARG A 180 15.92 -11.55 20.55
CA ARG A 180 15.33 -10.77 19.41
C ARG A 180 13.87 -10.43 19.73
N LYS A 181 13.14 -11.35 20.33
CA LYS A 181 11.72 -11.07 20.67
C LYS A 181 11.70 -9.91 21.67
N LEU A 182 12.52 -9.97 22.68
CA LEU A 182 12.57 -8.90 23.70
C LEU A 182 12.66 -7.52 23.01
N PHE A 183 13.34 -7.45 21.90
CA PHE A 183 13.47 -6.17 21.17
C PHE A 183 12.13 -5.84 20.50
N SER A 184 11.34 -6.84 20.24
CA SER A 184 10.03 -6.59 19.57
C SER A 184 9.18 -5.64 20.42
N PHE A 185 9.46 -5.53 21.70
CA PHE A 185 8.67 -4.60 22.57
C PHE A 185 9.23 -3.18 22.38
N THR A 186 9.81 -2.92 21.23
CA THR A 186 10.38 -1.58 20.95
C THR A 186 9.31 -0.47 21.06
N PRO A 187 8.15 -0.65 20.43
CA PRO A 187 7.10 0.39 20.48
C PRO A 187 6.75 0.69 21.95
N ALA A 188 7.11 -0.18 22.85
CA ALA A 188 6.81 0.03 24.30
C ALA A 188 8.03 0.66 24.98
N TRP A 189 9.15 0.70 24.29
CA TRP A 189 10.39 1.29 24.90
C TRP A 189 10.34 2.81 24.75
N ASN A 190 10.41 3.53 25.85
CA ASN A 190 10.38 5.02 25.79
C ASN A 190 11.82 5.54 25.64
N TRP A 191 12.00 6.83 25.60
CA TRP A 191 13.38 7.38 25.46
C TRP A 191 14.25 6.87 26.62
N THR A 192 13.71 6.84 27.80
CA THR A 192 14.50 6.33 28.97
C THR A 192 14.68 4.82 28.84
N CYS A 193 13.70 4.13 28.33
CA CYS A 193 13.81 2.65 28.21
C CYS A 193 15.07 2.30 27.40
N LYS A 194 15.18 2.83 26.21
CA LYS A 194 16.37 2.53 25.36
C LYS A 194 17.65 2.86 26.14
N ASP A 195 17.73 4.04 26.70
CA ASP A 195 18.93 4.42 27.48
C ASP A 195 19.19 3.38 28.58
N LEU A 196 18.15 2.74 29.05
CA LEU A 196 18.33 1.72 30.11
C LEU A 196 19.21 0.57 29.58
N LEU A 197 18.93 0.10 28.38
CA LEU A 197 19.75 -1.02 27.82
C LEU A 197 21.12 -0.47 27.39
N LEU A 198 21.13 0.62 26.68
CA LEU A 198 22.44 1.20 26.24
C LEU A 198 23.32 1.44 27.47
N GLN A 199 22.73 1.89 28.54
CA GLN A 199 23.53 2.13 29.78
C GLN A 199 24.02 0.79 30.33
N ALA A 200 23.19 -0.20 30.34
CA ALA A 200 23.61 -1.53 30.87
C ALA A 200 24.83 -2.04 30.10
N LEU A 201 24.87 -1.85 28.81
CA LEU A 201 26.05 -2.32 28.02
C LEU A 201 27.31 -1.59 28.50
N ARG A 202 27.19 -0.35 28.90
CA ARG A 202 28.39 0.40 29.37
C ARG A 202 28.89 -0.21 30.69
N GLU A 203 28.00 -0.70 31.51
CA GLU A 203 28.42 -1.29 32.81
C GLU A 203 29.19 -2.59 32.58
N SER A 204 28.77 -3.41 31.66
CA SER A 204 29.47 -4.71 31.42
C SER A 204 30.62 -4.54 30.42
N GLN A 205 30.53 -3.60 29.51
CA GLN A 205 31.63 -3.41 28.52
C GLN A 205 31.40 -2.13 27.69
N SER A 206 32.22 -1.14 27.91
CA SER A 206 32.08 0.15 27.15
C SER A 206 32.40 -0.07 25.68
N TYR A 207 33.15 -1.08 25.34
CA TYR A 207 33.50 -1.32 23.92
C TYR A 207 32.22 -1.50 23.10
N LEU A 208 31.19 -2.02 23.69
CA LEU A 208 29.92 -2.23 22.95
C LEU A 208 29.24 -0.88 22.70
N VAL A 209 29.22 -0.03 23.68
CA VAL A 209 28.56 1.29 23.49
C VAL A 209 29.27 2.08 22.38
N GLU A 210 30.58 2.06 22.38
CA GLU A 210 31.35 2.81 21.34
C GLU A 210 31.35 2.06 20.01
N ASP A 211 31.65 0.79 20.03
CA ASP A 211 31.71 0.01 18.76
C ASP A 211 30.32 -0.13 18.15
N LEU A 212 29.32 -0.35 18.96
CA LEU A 212 27.94 -0.51 18.40
C LEU A 212 27.43 0.83 17.87
N GLU A 213 27.68 1.90 18.59
CA GLU A 213 27.21 3.23 18.11
C GLU A 213 27.87 3.55 16.76
N ARG A 214 29.15 3.35 16.65
CA ARG A 214 29.84 3.64 15.36
C ARG A 214 29.47 2.58 14.33
N SER A 215 28.22 2.49 13.98
CA SER A 215 27.79 1.47 12.98
C SER A 215 28.42 1.81 11.62
N MET A 21 -4.28 25.32 -11.49
CA MET A 21 -3.28 24.73 -12.43
C MET A 21 -2.67 23.47 -11.78
N GLY A 22 -2.71 22.35 -12.46
CA GLY A 22 -2.16 21.08 -11.91
C GLY A 22 -3.26 20.03 -11.88
N ARG A 23 -3.26 19.14 -12.82
CA ARG A 23 -4.30 18.08 -12.87
C ARG A 23 -4.33 17.37 -11.51
N ALA A 24 -3.19 17.14 -10.94
CA ALA A 24 -3.13 16.47 -9.63
C ALA A 24 -3.72 17.42 -8.57
N ARG A 25 -3.39 18.68 -8.64
CA ARG A 25 -3.94 19.65 -7.67
C ARG A 25 -5.46 19.67 -7.80
N ASP A 26 -5.95 19.66 -9.01
CA ASP A 26 -7.42 19.64 -9.23
C ASP A 26 -7.99 18.29 -8.79
N ALA A 27 -7.23 17.25 -8.99
CA ALA A 27 -7.70 15.89 -8.60
C ALA A 27 -8.02 15.86 -7.10
N ILE A 28 -7.09 16.29 -6.29
CA ILE A 28 -7.33 16.30 -4.81
C ILE A 28 -8.58 17.14 -4.51
N LEU A 29 -8.62 18.35 -4.97
CA LEU A 29 -9.80 19.23 -4.71
C LEU A 29 -11.10 18.48 -5.07
N ASP A 30 -11.14 17.89 -6.22
CA ASP A 30 -12.37 17.16 -6.65
C ASP A 30 -12.68 16.00 -5.70
N ALA A 31 -11.72 15.15 -5.42
CA ALA A 31 -11.99 13.99 -4.53
C ALA A 31 -12.49 14.46 -3.15
N LEU A 32 -11.78 15.34 -2.51
CA LEU A 32 -12.23 15.80 -1.16
C LEU A 32 -13.59 16.50 -1.28
N GLU A 33 -13.72 17.40 -2.21
CA GLU A 33 -15.01 18.12 -2.38
C GLU A 33 -16.13 17.12 -2.68
N ASN A 34 -15.79 15.92 -3.07
CA ASN A 34 -16.84 14.89 -3.37
C ASN A 34 -17.26 14.18 -2.09
N LEU A 35 -16.42 14.15 -1.10
CA LEU A 35 -16.78 13.47 0.19
C LEU A 35 -17.73 14.38 0.98
N THR A 36 -18.56 13.81 1.82
CA THR A 36 -19.50 14.64 2.62
C THR A 36 -18.71 15.35 3.72
N ALA A 37 -19.33 16.27 4.42
CA ALA A 37 -18.62 16.99 5.50
C ALA A 37 -18.13 15.99 6.55
N GLU A 38 -18.98 15.08 6.96
CA GLU A 38 -18.56 14.08 7.98
C GLU A 38 -17.64 13.03 7.34
N GLU A 39 -17.97 12.59 6.16
CA GLU A 39 -17.10 11.58 5.48
C GLU A 39 -15.72 12.20 5.27
N LEU A 40 -15.68 13.50 5.09
CA LEU A 40 -14.37 14.19 4.89
C LEU A 40 -13.57 14.09 6.18
N LYS A 41 -14.21 14.19 7.31
CA LYS A 41 -13.46 14.08 8.60
C LYS A 41 -12.81 12.69 8.67
N LYS A 42 -13.50 11.68 8.23
CA LYS A 42 -12.93 10.31 8.26
C LYS A 42 -11.59 10.29 7.51
N PHE A 43 -11.51 10.96 6.38
CA PHE A 43 -10.24 10.99 5.62
C PHE A 43 -9.12 11.57 6.50
N LYS A 44 -9.42 12.59 7.26
CA LYS A 44 -8.38 13.20 8.14
C LYS A 44 -7.86 12.15 9.13
N LEU A 45 -8.74 11.56 9.89
CA LEU A 45 -8.31 10.55 10.89
C LEU A 45 -7.64 9.38 10.16
N LYS A 46 -8.09 9.07 8.98
CA LYS A 46 -7.45 7.96 8.22
C LYS A 46 -5.99 8.35 7.95
N LEU A 47 -5.74 9.62 7.77
CA LEU A 47 -4.35 10.07 7.51
C LEU A 47 -3.48 9.68 8.72
N LEU A 48 -4.02 9.80 9.90
CA LEU A 48 -3.24 9.43 11.12
C LEU A 48 -3.23 7.90 11.27
N SER A 49 -4.10 7.20 10.58
CA SER A 49 -4.14 5.70 10.71
C SER A 49 -3.22 5.03 9.67
N VAL A 50 -3.06 5.61 8.51
CA VAL A 50 -2.17 4.97 7.48
C VAL A 50 -0.69 5.19 7.88
N PRO A 51 0.13 4.14 8.02
CA PRO A 51 1.54 4.34 8.41
C PRO A 51 2.28 5.09 7.29
N LEU A 52 3.09 6.07 7.65
CA LEU A 52 3.87 6.87 6.64
C LEU A 52 5.34 6.45 6.73
N ARG A 53 6.11 6.78 5.73
CA ARG A 53 7.56 6.42 5.75
C ARG A 53 8.23 7.04 6.98
N GLU A 54 8.82 8.20 6.83
CA GLU A 54 9.48 8.86 7.99
C GLU A 54 9.82 10.31 7.62
N GLY A 55 10.22 10.54 6.41
CA GLY A 55 10.56 11.93 5.98
C GLY A 55 9.26 12.72 5.80
N TYR A 56 8.13 12.08 6.00
CA TYR A 56 6.80 12.75 5.86
C TYR A 56 6.06 12.63 7.20
N GLY A 57 6.13 13.66 8.01
CA GLY A 57 5.44 13.62 9.34
C GLY A 57 3.92 13.60 9.15
N ARG A 58 3.20 13.27 10.18
CA ARG A 58 1.70 13.22 10.09
C ARG A 58 1.12 14.56 10.53
N ILE A 59 0.22 15.11 9.76
CA ILE A 59 -0.40 16.42 10.15
C ILE A 59 -1.45 16.15 11.27
N PRO A 60 -1.40 16.85 12.40
CA PRO A 60 -2.39 16.61 13.47
C PRO A 60 -3.81 16.79 12.93
N ARG A 61 -4.71 15.95 13.34
CA ARG A 61 -6.12 16.06 12.88
C ARG A 61 -6.66 17.47 13.16
N GLY A 62 -6.48 17.94 14.35
CA GLY A 62 -6.98 19.29 14.73
C GLY A 62 -6.49 20.35 13.74
N ALA A 63 -5.28 20.25 13.30
CA ALA A 63 -4.75 21.26 12.35
C ALA A 63 -5.60 21.24 11.08
N LEU A 64 -6.06 20.08 10.71
CA LEU A 64 -6.90 19.97 9.47
C LEU A 64 -8.32 20.47 9.77
N LEU A 65 -8.79 20.34 10.99
CA LEU A 65 -10.17 20.83 11.30
C LEU A 65 -10.21 22.34 11.04
N SER A 66 -9.17 23.05 11.40
CA SER A 66 -9.15 24.52 11.16
C SER A 66 -9.13 24.77 9.66
N MET A 67 -8.30 24.05 8.95
CA MET A 67 -8.23 24.22 7.47
C MET A 67 -9.44 23.55 6.83
N ASP A 68 -9.82 24.00 5.65
CA ASP A 68 -11.00 23.43 4.93
C ASP A 68 -10.52 22.66 3.69
N ALA A 69 -11.44 22.19 2.89
CA ALA A 69 -11.06 21.41 1.68
C ALA A 69 -10.07 22.21 0.82
N LEU A 70 -10.32 23.47 0.61
CA LEU A 70 -9.40 24.29 -0.23
C LEU A 70 -8.09 24.57 0.53
N ASP A 71 -8.17 25.13 1.71
CA ASP A 71 -6.93 25.43 2.48
C ASP A 71 -6.14 24.14 2.70
N LEU A 72 -6.80 23.07 3.07
CA LEU A 72 -6.07 21.79 3.29
C LEU A 72 -5.59 21.24 1.93
N THR A 73 -6.31 21.48 0.86
CA THR A 73 -5.86 20.99 -0.46
C THR A 73 -4.48 21.61 -0.75
N ASP A 74 -4.36 22.89 -0.57
CA ASP A 74 -3.04 23.54 -0.81
C ASP A 74 -2.00 22.93 0.13
N LYS A 75 -2.41 22.49 1.29
CA LYS A 75 -1.45 21.91 2.26
C LYS A 75 -0.99 20.53 1.78
N LEU A 76 -1.88 19.66 1.37
CA LEU A 76 -1.43 18.31 0.90
C LEU A 76 -0.36 18.51 -0.17
N VAL A 77 -0.47 19.58 -0.91
CA VAL A 77 0.54 19.88 -1.96
C VAL A 77 1.82 20.38 -1.29
N SER A 78 1.71 21.17 -0.25
CA SER A 78 2.94 21.71 0.41
C SER A 78 3.64 20.64 1.26
N PHE A 79 2.93 19.97 2.12
CA PHE A 79 3.56 18.96 3.03
C PHE A 79 3.83 17.63 2.31
N TYR A 80 2.86 17.07 1.62
CA TYR A 80 3.05 15.74 0.92
C TYR A 80 3.37 15.94 -0.56
N LEU A 81 3.76 17.12 -0.96
CA LEU A 81 4.08 17.39 -2.40
C LEU A 81 2.82 17.25 -3.25
N GLU A 82 2.86 17.71 -4.47
CA GLU A 82 1.66 17.66 -5.37
C GLU A 82 1.32 16.22 -5.78
N THR A 83 2.23 15.53 -6.42
CA THR A 83 1.94 14.14 -6.90
C THR A 83 1.90 13.15 -5.74
N TYR A 84 2.94 13.08 -4.95
CA TYR A 84 2.95 12.10 -3.82
C TYR A 84 1.75 12.38 -2.91
N GLY A 85 1.24 13.58 -2.93
CA GLY A 85 0.07 13.91 -2.07
C GLY A 85 -1.17 13.20 -2.62
N ALA A 86 -1.43 13.32 -3.89
CA ALA A 86 -2.63 12.67 -4.48
C ALA A 86 -2.43 11.15 -4.50
N GLU A 87 -1.25 10.69 -4.79
CA GLU A 87 -1.02 9.21 -4.82
C GLU A 87 -1.35 8.64 -3.44
N LEU A 88 -0.83 9.25 -2.40
CA LEU A 88 -1.11 8.77 -1.03
C LEU A 88 -2.63 8.78 -0.80
N THR A 89 -3.30 9.75 -1.34
CA THR A 89 -4.78 9.86 -1.16
C THR A 89 -5.51 8.73 -1.91
N ALA A 90 -5.15 8.47 -3.15
CA ALA A 90 -5.85 7.39 -3.91
C ALA A 90 -5.85 6.11 -3.08
N ASN A 91 -4.84 5.93 -2.27
CA ASN A 91 -4.77 4.70 -1.42
C ASN A 91 -5.75 4.82 -0.25
N VAL A 92 -5.91 6.02 0.29
CA VAL A 92 -6.85 6.17 1.44
C VAL A 92 -8.28 5.92 0.97
N LEU A 93 -8.71 6.60 -0.04
CA LEU A 93 -10.10 6.39 -0.54
C LEU A 93 -10.29 4.91 -0.89
N ARG A 94 -9.23 4.25 -1.31
CA ARG A 94 -9.34 2.81 -1.64
C ARG A 94 -9.82 2.06 -0.40
N ASP A 95 -9.35 2.44 0.76
CA ASP A 95 -9.81 1.73 2.00
C ASP A 95 -11.24 2.16 2.32
N MET A 96 -11.63 3.34 1.92
CA MET A 96 -13.01 3.81 2.20
C MET A 96 -13.98 3.09 1.25
N GLY A 97 -13.46 2.36 0.31
CA GLY A 97 -14.34 1.61 -0.65
C GLY A 97 -14.74 2.53 -1.81
N LEU A 98 -14.19 3.72 -1.86
CA LEU A 98 -14.54 4.67 -2.97
C LEU A 98 -13.55 4.43 -4.12
N GLN A 99 -13.57 3.25 -4.66
CA GLN A 99 -12.65 2.88 -5.76
C GLN A 99 -12.92 3.79 -6.98
N GLU A 100 -14.17 4.09 -7.26
CA GLU A 100 -14.47 4.92 -8.44
C GLU A 100 -13.73 6.27 -8.35
N MET A 101 -13.71 6.89 -7.20
CA MET A 101 -12.98 8.18 -7.05
C MET A 101 -11.47 7.92 -7.00
N ALA A 102 -11.07 6.84 -6.41
CA ALA A 102 -9.61 6.53 -6.33
C ALA A 102 -9.06 6.24 -7.73
N GLY A 103 -9.74 5.43 -8.49
CA GLY A 103 -9.25 5.12 -9.87
C GLY A 103 -9.24 6.40 -10.68
N GLN A 104 -10.12 7.30 -10.35
CA GLN A 104 -10.20 8.60 -11.09
C GLN A 104 -9.06 9.51 -10.63
N LEU A 105 -8.76 9.52 -9.36
CA LEU A 105 -7.66 10.39 -8.86
C LEU A 105 -6.33 9.93 -9.46
N GLN A 106 -6.02 8.66 -9.37
CA GLN A 106 -4.73 8.17 -9.96
C GLN A 106 -4.67 8.53 -11.44
N ALA A 107 -5.77 8.43 -12.13
CA ALA A 107 -5.80 8.76 -13.58
C ALA A 107 -5.53 10.26 -13.76
N ALA A 108 -6.14 11.08 -12.96
CA ALA A 108 -5.93 12.55 -13.10
C ALA A 108 -4.44 12.88 -12.91
N THR A 109 -3.76 12.17 -12.05
CA THR A 109 -2.32 12.44 -11.80
C THR A 109 -1.48 11.75 -12.88
N HIS A 110 -2.08 10.83 -13.60
CA HIS A 110 -1.33 10.10 -14.66
C HIS A 110 -2.34 9.52 -15.67
N GLN A 111 -2.75 10.31 -16.62
CA GLN A 111 -3.73 9.83 -17.63
C GLN A 111 -3.28 8.48 -18.21
N GLY A 112 -2.04 8.12 -18.01
CA GLY A 112 -1.53 6.83 -18.54
C GLY A 112 -1.57 6.85 -20.07
N SER A 113 -1.77 5.72 -20.68
CA SER A 113 -1.81 5.67 -22.17
C SER A 113 -3.08 6.38 -22.65
N GLY A 114 -2.93 7.40 -23.45
CA GLY A 114 -4.13 8.14 -23.95
C GLY A 114 -4.91 7.24 -24.91
N ALA A 115 -4.24 6.62 -25.85
CA ALA A 115 -4.96 5.73 -26.81
C ALA A 115 -5.60 4.57 -26.06
N ALA A 116 -6.89 4.43 -26.17
CA ALA A 116 -7.61 3.31 -25.46
C ALA A 116 -7.38 2.01 -26.28
N PRO A 117 -7.63 0.87 -25.67
CA PRO A 117 -7.45 -0.42 -26.37
C PRO A 117 -8.32 -0.43 -27.64
N ALA A 118 -9.48 0.17 -27.60
CA ALA A 118 -10.37 0.20 -28.80
C ALA A 118 -11.39 1.33 -28.64
N GLY A 119 -11.38 2.26 -29.55
CA GLY A 119 -12.36 3.40 -29.47
C GLY A 119 -13.75 2.91 -29.86
N ILE A 120 -13.82 1.87 -30.64
CA ILE A 120 -15.15 1.33 -31.06
C ILE A 120 -15.93 0.90 -29.81
N GLN A 121 -15.24 0.69 -28.73
CA GLN A 121 -15.92 0.26 -27.46
C GLN A 121 -15.03 0.60 -26.27
N ALA A 122 -15.02 1.85 -25.86
CA ALA A 122 -14.16 2.24 -24.71
C ALA A 122 -14.70 1.56 -23.43
N PRO A 123 -13.85 1.25 -22.45
CA PRO A 123 -14.33 0.62 -21.21
C PRO A 123 -15.38 1.52 -20.55
N PRO A 124 -16.12 1.00 -19.56
CA PRO A 124 -17.14 1.81 -18.88
C PRO A 124 -16.47 3.03 -18.21
N GLN A 125 -17.25 3.97 -17.77
CA GLN A 125 -16.66 5.20 -17.13
C GLN A 125 -15.70 4.82 -16.00
N SER A 126 -15.58 3.57 -15.67
CA SER A 126 -14.66 3.15 -14.59
C SER A 126 -13.21 3.36 -15.04
N ALA A 127 -12.45 4.11 -14.28
CA ALA A 127 -11.03 4.35 -14.67
C ALA A 127 -10.29 3.02 -14.74
N ALA A 128 -9.03 3.04 -15.08
CA ALA A 128 -8.26 1.76 -15.16
C ALA A 128 -8.18 1.13 -13.77
N LYS A 129 -8.88 0.04 -13.58
CA LYS A 129 -8.84 -0.64 -12.23
C LYS A 129 -7.43 -1.25 -12.04
N PRO A 130 -6.99 -1.43 -10.79
CA PRO A 130 -5.67 -2.02 -10.54
C PRO A 130 -5.59 -3.42 -11.18
N GLY A 131 -4.57 -3.68 -11.94
CA GLY A 131 -4.44 -5.03 -12.58
C GLY A 131 -3.16 -5.12 -13.39
N LEU A 132 -2.18 -4.33 -13.06
CA LEU A 132 -0.88 -4.36 -13.81
C LEU A 132 -0.03 -5.53 -13.29
N HIS A 133 0.59 -6.26 -14.18
CA HIS A 133 1.44 -7.41 -13.75
C HIS A 133 2.79 -6.89 -13.25
N PHE A 134 3.12 -7.18 -12.02
CA PHE A 134 4.42 -6.71 -11.46
C PHE A 134 4.64 -7.36 -10.08
N ILE A 135 3.70 -7.21 -9.19
CA ILE A 135 3.85 -7.80 -7.84
C ILE A 135 3.90 -9.34 -7.97
N ASP A 136 3.40 -9.87 -9.05
CA ASP A 136 3.42 -11.35 -9.23
C ASP A 136 4.85 -11.79 -9.53
N GLN A 137 5.65 -10.86 -9.99
CA GLN A 137 7.06 -11.18 -10.31
C GLN A 137 7.81 -11.50 -9.01
N HIS A 138 7.30 -11.03 -7.89
CA HIS A 138 7.97 -11.29 -6.58
C HIS A 138 7.42 -12.59 -6.01
N ARG A 139 6.29 -13.03 -6.52
CA ARG A 139 5.71 -14.33 -6.06
C ARG A 139 6.58 -15.42 -6.69
N ALA A 140 6.62 -15.46 -8.00
CA ALA A 140 7.45 -16.46 -8.71
C ALA A 140 8.87 -16.46 -8.15
N ALA A 141 9.35 -15.31 -7.75
CA ALA A 141 10.74 -15.25 -7.18
C ALA A 141 10.81 -16.17 -5.96
N LEU A 142 9.84 -16.08 -5.08
CA LEU A 142 9.85 -16.95 -3.85
C LEU A 142 9.48 -18.38 -4.22
N ILE A 143 8.51 -18.58 -5.08
CA ILE A 143 8.14 -19.98 -5.44
C ILE A 143 9.36 -20.67 -6.04
N ALA A 144 10.16 -19.95 -6.77
CA ALA A 144 11.38 -20.56 -7.41
C ALA A 144 12.58 -20.52 -6.46
N ARG A 145 12.69 -19.53 -5.61
CA ARG A 145 13.87 -19.47 -4.68
C ARG A 145 13.64 -20.38 -3.47
N VAL A 146 12.47 -20.36 -2.91
CA VAL A 146 12.18 -21.23 -1.72
C VAL A 146 11.97 -22.67 -2.17
N THR A 147 11.50 -22.88 -3.37
CA THR A 147 11.25 -24.26 -3.89
C THR A 147 10.19 -24.96 -3.03
N ASN A 148 10.50 -25.28 -1.80
CA ASN A 148 9.50 -25.95 -0.92
C ASN A 148 8.33 -25.01 -0.67
N VAL A 149 7.49 -24.81 -1.64
CA VAL A 149 6.33 -23.89 -1.48
C VAL A 149 5.35 -24.46 -0.45
N GLU A 150 5.17 -25.75 -0.44
CA GLU A 150 4.22 -26.37 0.53
C GLU A 150 4.61 -26.02 1.97
N TRP A 151 5.88 -25.97 2.25
CA TRP A 151 6.34 -25.64 3.63
C TRP A 151 5.76 -24.29 4.05
N LEU A 152 5.73 -23.33 3.17
CA LEU A 152 5.20 -21.99 3.53
C LEU A 152 3.73 -22.08 3.91
N LEU A 153 2.91 -22.65 3.07
CA LEU A 153 1.46 -22.75 3.40
C LEU A 153 1.31 -23.60 4.67
N ASP A 154 2.17 -24.56 4.86
CA ASP A 154 2.07 -25.40 6.09
C ASP A 154 2.20 -24.50 7.32
N ALA A 155 2.89 -23.39 7.17
CA ALA A 155 3.07 -22.44 8.31
C ALA A 155 1.80 -21.61 8.49
N LEU A 156 1.03 -21.44 7.43
CA LEU A 156 -0.24 -20.64 7.50
C LEU A 156 -1.44 -21.59 7.65
N TYR A 157 -1.21 -22.85 7.93
CA TYR A 157 -2.35 -23.80 8.06
C TYR A 157 -2.91 -23.76 9.49
N GLY A 158 -4.18 -23.44 9.63
CA GLY A 158 -4.81 -23.41 10.98
C GLY A 158 -4.40 -22.14 11.73
N LYS A 159 -3.82 -21.18 11.06
CA LYS A 159 -3.37 -19.91 11.74
C LYS A 159 -4.25 -18.72 11.31
N VAL A 160 -3.91 -18.06 10.22
CA VAL A 160 -4.71 -16.87 9.77
C VAL A 160 -5.82 -17.29 8.81
N LEU A 161 -5.51 -18.10 7.84
CA LEU A 161 -6.56 -18.53 6.87
C LEU A 161 -7.47 -19.56 7.54
N THR A 162 -8.75 -19.49 7.27
CA THR A 162 -9.69 -20.46 7.88
C THR A 162 -9.56 -21.81 7.19
N ASP A 163 -10.23 -22.82 7.67
CA ASP A 163 -10.12 -24.16 7.03
C ASP A 163 -10.70 -24.12 5.61
N GLU A 164 -11.84 -23.52 5.43
CA GLU A 164 -12.45 -23.47 4.07
C GLU A 164 -11.59 -22.61 3.14
N GLN A 165 -11.06 -21.53 3.64
CA GLN A 165 -10.21 -20.64 2.78
C GLN A 165 -8.89 -21.32 2.50
N TYR A 166 -8.27 -21.89 3.49
CA TYR A 166 -6.97 -22.59 3.25
C TYR A 166 -7.17 -23.64 2.16
N GLN A 167 -8.32 -24.25 2.13
CA GLN A 167 -8.61 -25.26 1.09
C GLN A 167 -8.76 -24.57 -0.27
N ALA A 168 -9.36 -23.40 -0.29
CA ALA A 168 -9.53 -22.67 -1.59
C ALA A 168 -8.16 -22.47 -2.24
N VAL A 169 -7.16 -22.20 -1.46
CA VAL A 169 -5.80 -21.98 -2.02
C VAL A 169 -5.27 -23.31 -2.60
N ARG A 170 -5.52 -24.40 -1.93
CA ARG A 170 -5.04 -25.73 -2.43
C ARG A 170 -5.93 -26.22 -3.57
N ALA A 171 -7.10 -25.63 -3.71
CA ALA A 171 -8.02 -26.06 -4.81
C ALA A 171 -7.52 -25.53 -6.15
N GLU A 172 -6.43 -24.82 -6.16
CA GLU A 172 -5.89 -24.28 -7.44
C GLU A 172 -5.54 -25.46 -8.36
N PRO A 173 -5.37 -25.26 -9.67
CA PRO A 173 -5.06 -26.37 -10.58
C PRO A 173 -3.54 -26.54 -10.62
N THR A 174 -2.86 -25.47 -10.90
CA THR A 174 -1.37 -25.48 -10.99
C THR A 174 -0.80 -25.34 -9.57
N ASN A 175 0.40 -25.83 -9.35
CA ASN A 175 1.02 -25.72 -8.01
C ASN A 175 1.45 -24.26 -7.74
N PRO A 176 2.24 -23.64 -8.61
CA PRO A 176 2.68 -22.24 -8.38
C PRO A 176 1.47 -21.33 -8.10
N SER A 177 0.28 -21.75 -8.45
CA SER A 177 -0.92 -20.88 -8.21
C SER A 177 -1.28 -20.90 -6.72
N LYS A 178 -0.99 -21.97 -6.04
CA LYS A 178 -1.33 -22.04 -4.58
C LYS A 178 -0.68 -20.87 -3.83
N MET A 179 0.51 -20.48 -4.24
CA MET A 179 1.21 -19.35 -3.57
C MET A 179 0.60 -18.03 -4.08
N ARG A 180 0.56 -17.86 -5.38
CA ARG A 180 0.01 -16.60 -5.96
C ARG A 180 -1.33 -16.23 -5.30
N LYS A 181 -2.26 -17.16 -5.25
CA LYS A 181 -3.58 -16.86 -4.63
C LYS A 181 -3.36 -16.54 -3.14
N LEU A 182 -2.48 -17.25 -2.49
CA LEU A 182 -2.23 -17.01 -1.03
C LEU A 182 -1.86 -15.54 -0.80
N PHE A 183 -0.87 -15.05 -1.48
CA PHE A 183 -0.45 -13.64 -1.28
C PHE A 183 -1.64 -12.70 -1.52
N SER A 184 -2.58 -13.10 -2.35
CA SER A 184 -3.75 -12.22 -2.62
C SER A 184 -4.51 -11.97 -1.30
N PHE A 185 -4.41 -12.88 -0.36
CA PHE A 185 -5.12 -12.69 0.94
C PHE A 185 -4.31 -11.70 1.79
N THR A 186 -3.76 -10.68 1.16
CA THR A 186 -2.97 -9.67 1.91
C THR A 186 -3.83 -9.00 3.01
N PRO A 187 -5.04 -8.56 2.68
CA PRO A 187 -5.89 -7.89 3.68
C PRO A 187 -6.08 -8.81 4.90
N ALA A 188 -5.91 -10.10 4.71
CA ALA A 188 -6.06 -11.06 5.85
C ALA A 188 -4.73 -11.17 6.60
N TRP A 189 -3.65 -10.70 6.01
CA TRP A 189 -2.32 -10.81 6.68
C TRP A 189 -2.16 -9.64 7.65
N ASN A 190 -1.99 -9.91 8.92
CA ASN A 190 -1.78 -8.82 9.93
C ASN A 190 -0.28 -8.70 10.20
N TRP A 191 0.11 -7.85 11.11
CA TRP A 191 1.57 -7.71 11.40
C TRP A 191 2.18 -9.08 11.72
N THR A 192 1.49 -9.88 12.48
CA THR A 192 2.04 -11.22 12.84
C THR A 192 2.06 -12.12 11.60
N CYS A 193 1.07 -12.03 10.74
CA CYS A 193 1.05 -12.91 9.53
C CYS A 193 2.36 -12.74 8.75
N LYS A 194 2.68 -11.54 8.38
CA LYS A 194 3.94 -11.29 7.63
C LYS A 194 5.12 -11.88 8.40
N ASP A 195 5.06 -11.86 9.71
CA ASP A 195 6.18 -12.42 10.52
C ASP A 195 6.27 -13.93 10.29
N LEU A 196 5.17 -14.59 10.03
CA LEU A 196 5.22 -16.07 9.81
C LEU A 196 6.02 -16.35 8.54
N LEU A 197 5.75 -15.64 7.47
CA LEU A 197 6.50 -15.90 6.21
C LEU A 197 7.93 -15.36 6.32
N LEU A 198 8.08 -14.14 6.77
CA LEU A 198 9.45 -13.57 6.89
C LEU A 198 10.28 -14.45 7.85
N GLN A 199 9.77 -14.71 9.01
CA GLN A 199 10.52 -15.55 9.99
C GLN A 199 10.74 -16.94 9.40
N ALA A 200 9.73 -17.50 8.79
CA ALA A 200 9.88 -18.87 8.20
C ALA A 200 11.02 -18.88 7.19
N LEU A 201 11.21 -17.83 6.44
CA LEU A 201 12.32 -17.80 5.44
C LEU A 201 13.66 -17.91 6.18
N ARG A 202 13.78 -17.31 7.34
CA ARG A 202 15.08 -17.39 8.08
C ARG A 202 15.32 -18.83 8.56
N GLU A 203 14.28 -19.53 8.94
CA GLU A 203 14.47 -20.93 9.42
C GLU A 203 15.03 -21.79 8.29
N SER A 204 14.64 -21.55 7.06
CA SER A 204 15.14 -22.38 5.92
C SER A 204 16.44 -21.77 5.36
N GLN A 205 16.59 -20.47 5.41
CA GLN A 205 17.83 -19.85 4.85
C GLN A 205 17.83 -18.34 5.13
N SER A 206 18.75 -17.88 5.94
CA SER A 206 18.83 -16.43 6.26
C SER A 206 19.25 -15.63 5.02
N TYR A 207 19.84 -16.29 4.06
CA TYR A 207 20.29 -15.57 2.83
C TYR A 207 19.12 -14.86 2.15
N LEU A 208 18.00 -15.52 2.01
CA LEU A 208 16.84 -14.86 1.33
C LEU A 208 16.27 -13.75 2.23
N VAL A 209 16.39 -13.87 3.52
CA VAL A 209 15.84 -12.80 4.40
C VAL A 209 16.58 -11.48 4.11
N GLU A 210 17.87 -11.52 4.13
CA GLU A 210 18.68 -10.29 3.87
C GLU A 210 18.71 -9.98 2.37
N ASP A 211 18.92 -10.97 1.55
CA ASP A 211 19.00 -10.73 0.08
C ASP A 211 17.64 -10.26 -0.46
N LEU A 212 16.57 -10.81 0.03
CA LEU A 212 15.22 -10.39 -0.48
C LEU A 212 14.83 -9.06 0.17
N GLU A 213 15.21 -8.84 1.41
CA GLU A 213 14.86 -7.57 2.09
C GLU A 213 15.64 -6.42 1.45
N ARG A 214 16.91 -6.60 1.25
CA ARG A 214 17.73 -5.53 0.62
C ARG A 214 17.43 -5.45 -0.88
N SER A 215 16.25 -5.02 -1.22
CA SER A 215 15.88 -4.93 -2.67
C SER A 215 16.78 -3.88 -3.35
N MET A 21 -2.37 26.37 -10.67
CA MET A 21 -2.84 25.34 -11.65
C MET A 21 -2.21 24.00 -11.32
N GLY A 22 -2.69 22.93 -11.92
CA GLY A 22 -2.14 21.58 -11.65
C GLY A 22 -3.28 20.58 -11.64
N ARG A 23 -3.41 19.82 -12.69
CA ARG A 23 -4.52 18.83 -12.77
C ARG A 23 -4.49 17.96 -11.51
N ALA A 24 -3.34 17.70 -10.97
CA ALA A 24 -3.25 16.90 -9.72
C ALA A 24 -3.87 17.74 -8.59
N ARG A 25 -3.57 19.01 -8.57
CA ARG A 25 -4.15 19.89 -7.50
C ARG A 25 -5.67 19.86 -7.64
N ASP A 26 -6.15 19.83 -8.85
CA ASP A 26 -7.62 19.77 -9.09
C ASP A 26 -8.13 18.39 -8.68
N ALA A 27 -7.33 17.37 -8.89
CA ALA A 27 -7.75 15.99 -8.54
C ALA A 27 -8.06 15.92 -7.04
N ILE A 28 -7.16 16.37 -6.22
CA ILE A 28 -7.39 16.34 -4.74
C ILE A 28 -8.66 17.14 -4.43
N LEU A 29 -8.71 18.37 -4.86
CA LEU A 29 -9.91 19.22 -4.58
C LEU A 29 -11.19 18.48 -4.97
N ASP A 30 -11.22 17.91 -6.14
CA ASP A 30 -12.45 17.20 -6.59
C ASP A 30 -12.78 16.02 -5.68
N ALA A 31 -11.83 15.16 -5.40
CA ALA A 31 -12.12 13.98 -4.54
C ALA A 31 -12.61 14.41 -3.15
N LEU A 32 -11.88 15.26 -2.47
CA LEU A 32 -12.31 15.68 -1.10
C LEU A 32 -13.67 16.39 -1.18
N GLU A 33 -13.80 17.32 -2.07
CA GLU A 33 -15.10 18.06 -2.17
C GLU A 33 -16.24 17.09 -2.48
N ASN A 34 -15.93 15.90 -2.94
CA ASN A 34 -17.01 14.91 -3.26
C ASN A 34 -17.41 14.14 -1.99
N LEU A 35 -16.52 14.04 -1.03
CA LEU A 35 -16.86 13.30 0.22
C LEU A 35 -17.87 14.13 1.03
N THR A 36 -18.72 13.48 1.78
CA THR A 36 -19.71 14.24 2.60
C THR A 36 -19.00 14.86 3.79
N ALA A 37 -19.60 15.83 4.44
CA ALA A 37 -18.95 16.49 5.60
C ALA A 37 -18.42 15.44 6.59
N GLU A 38 -19.23 14.48 6.95
CA GLU A 38 -18.78 13.44 7.92
C GLU A 38 -17.81 12.48 7.21
N GLU A 39 -18.12 12.10 6.00
CA GLU A 39 -17.20 11.17 5.27
C GLU A 39 -15.83 11.84 5.14
N LEU A 40 -15.80 13.13 5.07
CA LEU A 40 -14.50 13.85 4.95
C LEU A 40 -13.71 13.64 6.26
N LYS A 41 -14.35 13.78 7.38
CA LYS A 41 -13.65 13.58 8.68
C LYS A 41 -13.00 12.20 8.70
N LYS A 42 -13.72 11.18 8.33
CA LYS A 42 -13.13 9.81 8.35
C LYS A 42 -11.80 9.80 7.59
N PHE A 43 -11.72 10.48 6.48
CA PHE A 43 -10.44 10.52 5.71
C PHE A 43 -9.37 11.24 6.56
N LYS A 44 -9.78 12.23 7.30
CA LYS A 44 -8.80 12.99 8.14
C LYS A 44 -8.13 12.08 9.18
N LEU A 45 -8.90 11.44 10.02
CA LEU A 45 -8.27 10.55 11.06
C LEU A 45 -7.56 9.39 10.36
N LYS A 46 -8.09 8.93 9.26
CA LYS A 46 -7.41 7.81 8.55
C LYS A 46 -6.00 8.26 8.17
N LEU A 47 -5.84 9.51 7.86
CA LEU A 47 -4.49 10.02 7.49
C LEU A 47 -3.57 9.83 8.70
N LEU A 48 -4.08 10.09 9.88
CA LEU A 48 -3.24 9.91 11.11
C LEU A 48 -3.10 8.42 11.43
N SER A 49 -3.95 7.58 10.87
CA SER A 49 -3.87 6.10 11.16
C SER A 49 -3.00 5.40 10.11
N VAL A 50 -2.99 5.87 8.89
CA VAL A 50 -2.15 5.22 7.85
C VAL A 50 -0.66 5.48 8.18
N PRO A 51 0.16 4.45 8.45
CA PRO A 51 1.58 4.69 8.78
C PRO A 51 2.30 5.37 7.60
N LEU A 52 3.12 6.36 7.89
CA LEU A 52 3.88 7.10 6.83
C LEU A 52 5.39 6.95 7.10
N ARG A 53 6.20 7.23 6.13
CA ARG A 53 7.68 7.12 6.33
C ARG A 53 8.12 8.22 7.32
N GLU A 54 9.34 8.16 7.78
CA GLU A 54 9.81 9.19 8.74
C GLU A 54 9.97 10.53 8.01
N GLY A 55 10.41 10.48 6.78
CA GLY A 55 10.60 11.74 6.01
C GLY A 55 9.27 12.48 5.85
N TYR A 56 8.20 11.91 6.35
CA TYR A 56 6.85 12.56 6.24
C TYR A 56 6.06 12.32 7.52
N GLY A 57 5.96 13.31 8.36
CA GLY A 57 5.20 13.16 9.64
C GLY A 57 3.71 13.39 9.38
N ARG A 58 2.86 12.79 10.18
CA ARG A 58 1.40 12.97 9.99
C ARG A 58 0.96 14.37 10.44
N ILE A 59 0.15 15.03 9.67
CA ILE A 59 -0.31 16.39 10.05
C ILE A 59 -1.34 16.25 11.21
N PRO A 60 -1.18 16.97 12.32
CA PRO A 60 -2.14 16.83 13.44
C PRO A 60 -3.58 17.08 12.97
N ARG A 61 -4.51 16.38 13.57
CA ARG A 61 -5.95 16.55 13.21
C ARG A 61 -6.36 18.01 13.37
N GLY A 62 -5.99 18.61 14.47
CA GLY A 62 -6.37 20.04 14.72
C GLY A 62 -5.95 20.93 13.56
N ALA A 63 -4.77 20.72 13.04
CA ALA A 63 -4.30 21.56 11.90
C ALA A 63 -5.26 21.35 10.73
N LEU A 64 -5.82 20.18 10.60
CA LEU A 64 -6.77 19.90 9.49
C LEU A 64 -8.13 20.55 9.82
N LEU A 65 -8.57 20.48 11.05
CA LEU A 65 -9.87 21.10 11.41
C LEU A 65 -9.81 22.60 11.11
N SER A 66 -8.68 23.21 11.35
CA SER A 66 -8.56 24.68 11.07
C SER A 66 -8.62 24.90 9.56
N MET A 67 -7.94 24.08 8.81
CA MET A 67 -7.95 24.22 7.32
C MET A 67 -9.23 23.61 6.74
N ASP A 68 -9.61 24.05 5.57
CA ASP A 68 -10.84 23.52 4.89
C ASP A 68 -10.41 22.72 3.65
N ALA A 69 -11.34 22.32 2.85
CA ALA A 69 -10.99 21.52 1.63
C ALA A 69 -9.98 22.29 0.78
N LEU A 70 -10.18 23.56 0.56
CA LEU A 70 -9.24 24.34 -0.30
C LEU A 70 -7.92 24.59 0.46
N ASP A 71 -8.00 25.16 1.63
CA ASP A 71 -6.75 25.44 2.40
C ASP A 71 -5.99 24.13 2.63
N LEU A 72 -6.67 23.08 3.00
CA LEU A 72 -5.96 21.78 3.23
C LEU A 72 -5.49 21.22 1.88
N THR A 73 -6.22 21.48 0.81
CA THR A 73 -5.76 20.96 -0.52
C THR A 73 -4.38 21.52 -0.82
N ASP A 74 -4.22 22.81 -0.69
CA ASP A 74 -2.90 23.43 -0.97
C ASP A 74 -1.85 22.86 -0.01
N LYS A 75 -2.25 22.48 1.17
CA LYS A 75 -1.27 21.93 2.17
C LYS A 75 -0.85 20.51 1.77
N LEU A 76 -1.76 19.65 1.39
CA LEU A 76 -1.34 18.27 0.99
C LEU A 76 -0.27 18.40 -0.09
N VAL A 77 -0.37 19.43 -0.89
CA VAL A 77 0.63 19.66 -1.96
C VAL A 77 1.95 20.15 -1.35
N SER A 78 1.88 21.01 -0.36
CA SER A 78 3.14 21.54 0.25
C SER A 78 3.83 20.47 1.12
N PHE A 79 3.09 19.83 1.98
CA PHE A 79 3.70 18.82 2.90
C PHE A 79 3.95 17.47 2.20
N TYR A 80 2.96 16.93 1.50
CA TYR A 80 3.13 15.60 0.82
C TYR A 80 3.45 15.78 -0.67
N LEU A 81 3.88 16.95 -1.08
CA LEU A 81 4.20 17.18 -2.52
C LEU A 81 2.93 17.03 -3.37
N GLU A 82 2.98 17.47 -4.58
CA GLU A 82 1.77 17.41 -5.47
C GLU A 82 1.41 15.97 -5.85
N THR A 83 2.31 15.26 -6.50
CA THR A 83 1.98 13.87 -6.95
C THR A 83 1.93 12.89 -5.77
N TYR A 84 2.97 12.83 -4.97
CA TYR A 84 2.96 11.88 -3.83
C TYR A 84 1.76 12.18 -2.93
N GLY A 85 1.26 13.39 -2.97
CA GLY A 85 0.08 13.76 -2.13
C GLY A 85 -1.16 13.06 -2.67
N ALA A 86 -1.41 13.17 -3.95
CA ALA A 86 -2.62 12.52 -4.54
C ALA A 86 -2.43 11.00 -4.53
N GLU A 87 -1.25 10.53 -4.81
CA GLU A 87 -1.02 9.06 -4.82
C GLU A 87 -1.40 8.49 -3.45
N LEU A 88 -0.88 9.07 -2.40
CA LEU A 88 -1.21 8.58 -1.03
C LEU A 88 -2.72 8.59 -0.84
N THR A 89 -3.37 9.61 -1.35
CA THR A 89 -4.84 9.74 -1.19
C THR A 89 -5.57 8.63 -1.97
N ALA A 90 -5.20 8.40 -3.20
CA ALA A 90 -5.89 7.35 -4.01
C ALA A 90 -5.93 6.05 -3.21
N ASN A 91 -4.95 5.82 -2.38
CA ASN A 91 -4.91 4.58 -1.56
C ASN A 91 -5.90 4.68 -0.41
N VAL A 92 -6.08 5.85 0.18
CA VAL A 92 -7.04 5.96 1.32
C VAL A 92 -8.46 5.78 0.79
N LEU A 93 -8.85 6.51 -0.21
CA LEU A 93 -10.23 6.37 -0.76
C LEU A 93 -10.46 4.90 -1.13
N ARG A 94 -9.43 4.23 -1.60
CA ARG A 94 -9.58 2.80 -1.95
C ARG A 94 -10.03 2.04 -0.69
N ASP A 95 -9.54 2.45 0.45
CA ASP A 95 -9.94 1.79 1.72
C ASP A 95 -11.36 2.22 2.08
N MET A 96 -11.76 3.40 1.66
CA MET A 96 -13.13 3.88 1.97
C MET A 96 -14.13 3.16 1.06
N GLY A 97 -13.63 2.39 0.13
CA GLY A 97 -14.53 1.64 -0.82
C GLY A 97 -14.90 2.55 -2.00
N LEU A 98 -14.32 3.72 -2.06
CA LEU A 98 -14.60 4.67 -3.19
C LEU A 98 -13.57 4.42 -4.29
N GLN A 99 -13.68 3.29 -4.91
CA GLN A 99 -12.72 2.92 -5.98
C GLN A 99 -12.93 3.80 -7.22
N GLU A 100 -14.15 4.07 -7.59
CA GLU A 100 -14.39 4.90 -8.80
C GLU A 100 -13.69 6.26 -8.66
N MET A 101 -13.74 6.87 -7.50
CA MET A 101 -13.05 8.18 -7.31
C MET A 101 -11.54 7.95 -7.20
N ALA A 102 -11.16 6.87 -6.59
CA ALA A 102 -9.70 6.57 -6.43
C ALA A 102 -9.06 6.33 -7.79
N GLY A 103 -9.66 5.49 -8.60
CA GLY A 103 -9.09 5.22 -9.94
C GLY A 103 -9.11 6.50 -10.75
N GLN A 104 -10.04 7.36 -10.47
CA GLN A 104 -10.14 8.65 -11.20
C GLN A 104 -9.06 9.61 -10.69
N LEU A 105 -8.74 9.57 -9.42
CA LEU A 105 -7.71 10.49 -8.88
C LEU A 105 -6.35 10.11 -9.47
N GLN A 106 -5.98 8.86 -9.40
CA GLN A 106 -4.66 8.44 -9.97
C GLN A 106 -4.60 8.83 -11.45
N ALA A 107 -5.69 8.68 -12.17
CA ALA A 107 -5.70 9.03 -13.60
C ALA A 107 -5.64 10.54 -13.77
N ALA A 108 -6.31 11.27 -12.93
CA ALA A 108 -6.31 12.76 -13.05
C ALA A 108 -4.86 13.26 -12.97
N THR A 109 -4.01 12.57 -12.27
CA THR A 109 -2.58 13.01 -12.16
C THR A 109 -1.81 12.52 -13.38
N HIS A 110 -2.40 11.62 -14.13
CA HIS A 110 -1.73 11.08 -15.35
C HIS A 110 -2.79 10.52 -16.29
N GLN A 111 -3.39 11.36 -17.08
CA GLN A 111 -4.44 10.88 -18.03
C GLN A 111 -3.86 9.78 -18.92
N GLY A 112 -2.57 9.67 -18.97
CA GLY A 112 -1.94 8.61 -19.83
C GLY A 112 -2.08 7.26 -19.14
N SER A 113 -2.90 7.18 -18.13
CA SER A 113 -3.08 5.88 -17.41
C SER A 113 -3.83 4.90 -18.32
N GLY A 114 -3.12 4.23 -19.19
CA GLY A 114 -3.80 3.26 -20.11
C GLY A 114 -2.73 2.44 -20.85
N ALA A 115 -2.52 2.75 -22.11
CA ALA A 115 -1.50 1.99 -22.89
C ALA A 115 -0.09 2.44 -22.49
N ALA A 116 0.72 1.53 -22.02
CA ALA A 116 2.11 1.90 -21.61
C ALA A 116 2.96 2.13 -22.88
N PRO A 117 4.09 2.79 -22.76
CA PRO A 117 4.96 3.05 -23.92
C PRO A 117 5.36 1.70 -24.56
N ALA A 118 6.40 1.71 -25.36
CA ALA A 118 6.87 0.44 -26.02
C ALA A 118 5.76 -0.12 -26.91
N GLY A 119 6.12 -0.55 -28.10
CA GLY A 119 5.11 -1.11 -29.04
C GLY A 119 4.68 -2.51 -28.59
N ILE A 120 5.52 -3.20 -27.86
CA ILE A 120 5.16 -4.57 -27.40
C ILE A 120 3.84 -4.51 -26.63
N GLN A 121 3.45 -3.34 -26.21
CA GLN A 121 2.16 -3.19 -25.45
C GLN A 121 2.14 -4.15 -24.26
N ALA A 122 2.76 -3.78 -23.18
CA ALA A 122 2.77 -4.68 -21.98
C ALA A 122 1.32 -4.78 -21.44
N PRO A 123 0.97 -5.88 -20.77
CA PRO A 123 -0.40 -6.02 -20.23
C PRO A 123 -0.72 -4.80 -19.34
N PRO A 124 -1.98 -4.64 -18.96
CA PRO A 124 -2.38 -3.50 -18.11
C PRO A 124 -1.62 -3.56 -16.77
N GLN A 125 -1.52 -2.46 -16.07
CA GLN A 125 -0.80 -2.45 -14.77
C GLN A 125 -1.59 -3.29 -13.76
N SER A 126 -1.63 -4.58 -13.93
CA SER A 126 -2.38 -5.44 -12.97
C SER A 126 -1.68 -5.42 -11.62
N ALA A 127 -2.41 -5.22 -10.56
CA ALA A 127 -1.78 -5.19 -9.21
C ALA A 127 -1.10 -6.53 -8.93
N ALA A 128 0.19 -6.60 -9.14
CA ALA A 128 0.95 -7.87 -8.90
C ALA A 128 2.32 -7.54 -8.30
N LYS A 129 2.73 -8.27 -7.30
CA LYS A 129 4.05 -8.00 -6.66
C LYS A 129 5.18 -8.32 -7.68
N PRO A 130 6.34 -7.70 -7.56
CA PRO A 130 7.45 -7.98 -8.51
C PRO A 130 7.77 -9.48 -8.48
N GLY A 131 8.17 -10.03 -9.60
CA GLY A 131 8.50 -11.49 -9.65
C GLY A 131 9.88 -11.73 -9.05
N LEU A 132 10.34 -10.81 -8.25
CA LEU A 132 11.68 -10.96 -7.60
C LEU A 132 11.52 -11.69 -6.26
N HIS A 133 12.38 -12.62 -5.97
CA HIS A 133 12.26 -13.36 -4.67
C HIS A 133 12.57 -12.42 -3.51
N PHE A 134 11.65 -12.25 -2.61
CA PHE A 134 11.90 -11.35 -1.44
C PHE A 134 10.70 -11.44 -0.49
N ILE A 135 9.52 -11.19 -0.98
CA ILE A 135 8.31 -11.25 -0.09
C ILE A 135 8.00 -12.72 0.22
N ASP A 136 8.30 -13.59 -0.69
CA ASP A 136 8.04 -15.05 -0.46
C ASP A 136 9.01 -15.56 0.60
N GLN A 137 10.09 -14.85 0.79
CA GLN A 137 11.10 -15.26 1.79
C GLN A 137 10.54 -15.08 3.21
N HIS A 138 9.72 -14.08 3.43
CA HIS A 138 9.16 -13.86 4.81
C HIS A 138 7.85 -14.62 4.95
N ARG A 139 7.22 -14.99 3.86
CA ARG A 139 5.96 -15.78 3.97
C ARG A 139 6.37 -17.20 4.34
N ALA A 140 7.09 -17.86 3.46
CA ALA A 140 7.57 -19.24 3.75
C ALA A 140 8.22 -19.28 5.14
N ALA A 141 8.88 -18.21 5.52
CA ALA A 141 9.52 -18.17 6.87
C ALA A 141 8.45 -18.47 7.92
N LEU A 142 7.29 -17.87 7.78
CA LEU A 142 6.19 -18.10 8.77
C LEU A 142 5.56 -19.48 8.54
N ILE A 143 5.41 -19.90 7.32
CA ILE A 143 4.80 -21.24 7.08
C ILE A 143 5.69 -22.30 7.74
N ALA A 144 6.99 -22.15 7.63
CA ALA A 144 7.92 -23.15 8.24
C ALA A 144 8.21 -22.84 9.71
N ARG A 145 8.18 -21.59 10.11
CA ARG A 145 8.47 -21.27 11.56
C ARG A 145 7.21 -21.49 12.40
N VAL A 146 6.08 -21.05 11.93
CA VAL A 146 4.83 -21.24 12.70
C VAL A 146 4.46 -22.72 12.75
N THR A 147 4.79 -23.46 11.71
CA THR A 147 4.47 -24.92 11.68
C THR A 147 2.95 -25.12 11.60
N ASN A 148 2.22 -24.63 12.57
CA ASN A 148 0.73 -24.78 12.53
C ASN A 148 0.16 -23.85 11.46
N VAL A 149 0.42 -24.14 10.22
CA VAL A 149 -0.09 -23.28 9.12
C VAL A 149 -1.61 -23.15 9.21
N GLU A 150 -2.28 -24.20 9.59
CA GLU A 150 -3.78 -24.17 9.67
C GLU A 150 -4.26 -23.31 10.85
N TRP A 151 -3.49 -23.22 11.91
CA TRP A 151 -3.95 -22.41 13.09
C TRP A 151 -4.29 -20.97 12.65
N LEU A 152 -3.42 -20.33 11.92
CA LEU A 152 -3.70 -18.93 11.49
C LEU A 152 -4.98 -18.88 10.66
N LEU A 153 -5.06 -19.67 9.63
CA LEU A 153 -6.29 -19.67 8.77
C LEU A 153 -7.52 -19.96 9.65
N ASP A 154 -7.41 -20.87 10.57
CA ASP A 154 -8.57 -21.17 11.45
C ASP A 154 -8.92 -19.93 12.27
N ALA A 155 -7.96 -19.08 12.53
CA ALA A 155 -8.23 -17.85 13.33
C ALA A 155 -8.99 -16.82 12.47
N LEU A 156 -8.61 -16.67 11.22
CA LEU A 156 -9.31 -15.66 10.35
C LEU A 156 -10.64 -16.22 9.86
N TYR A 157 -11.05 -17.36 10.35
CA TYR A 157 -12.36 -17.94 9.91
C TYR A 157 -13.51 -17.20 10.59
N GLY A 158 -14.39 -16.61 9.82
CA GLY A 158 -15.56 -15.89 10.42
C GLY A 158 -15.13 -14.55 11.00
N LYS A 159 -13.93 -14.09 10.69
CA LYS A 159 -13.42 -12.78 11.24
C LYS A 159 -13.15 -11.79 10.10
N VAL A 160 -12.03 -11.89 9.44
CA VAL A 160 -11.71 -10.92 8.33
C VAL A 160 -12.29 -11.41 7.00
N LEU A 161 -12.10 -12.65 6.67
CA LEU A 161 -12.62 -13.19 5.37
C LEU A 161 -13.97 -13.85 5.59
N THR A 162 -14.75 -13.99 4.54
CA THR A 162 -16.09 -14.65 4.68
C THR A 162 -15.91 -16.16 4.54
N ASP A 163 -16.96 -16.90 4.74
CA ASP A 163 -16.83 -18.39 4.65
C ASP A 163 -16.50 -18.81 3.21
N GLU A 164 -17.17 -18.27 2.24
CA GLU A 164 -16.89 -18.67 0.82
C GLU A 164 -15.42 -18.39 0.47
N GLN A 165 -14.88 -17.29 0.90
CA GLN A 165 -13.45 -16.97 0.60
C GLN A 165 -12.54 -17.90 1.40
N TYR A 166 -12.85 -18.09 2.65
CA TYR A 166 -12.00 -18.98 3.50
C TYR A 166 -11.93 -20.37 2.85
N GLN A 167 -13.01 -20.83 2.30
CA GLN A 167 -13.00 -22.18 1.64
C GLN A 167 -12.15 -22.12 0.37
N ALA A 168 -12.19 -21.02 -0.34
CA ALA A 168 -11.39 -20.91 -1.59
C ALA A 168 -9.91 -21.06 -1.27
N VAL A 169 -9.44 -20.40 -0.24
CA VAL A 169 -7.99 -20.50 0.13
C VAL A 169 -7.68 -21.93 0.61
N ARG A 170 -8.61 -22.57 1.27
CA ARG A 170 -8.36 -23.94 1.78
C ARG A 170 -8.28 -24.91 0.59
N ALA A 171 -8.73 -24.50 -0.56
CA ALA A 171 -8.69 -25.38 -1.78
C ALA A 171 -7.29 -25.32 -2.40
N GLU A 172 -6.39 -24.57 -1.80
CA GLU A 172 -5.00 -24.39 -2.34
C GLU A 172 -4.49 -25.65 -3.11
N PRO A 173 -3.66 -25.48 -4.14
CA PRO A 173 -3.11 -26.65 -4.88
C PRO A 173 -1.90 -27.19 -4.12
N THR A 174 -1.51 -26.54 -3.05
CA THR A 174 -0.30 -26.99 -2.30
C THR A 174 -0.41 -26.53 -0.83
N ASN A 175 0.22 -27.24 0.07
CA ASN A 175 0.13 -26.88 1.52
C ASN A 175 0.66 -25.46 1.80
N PRO A 176 1.83 -25.09 1.33
CA PRO A 176 2.37 -23.74 1.62
C PRO A 176 1.59 -22.65 0.86
N SER A 177 0.85 -23.02 -0.15
CA SER A 177 0.10 -21.99 -0.95
C SER A 177 -1.05 -21.37 -0.14
N LYS A 178 -1.64 -22.09 0.77
CA LYS A 178 -2.79 -21.51 1.55
C LYS A 178 -2.34 -20.23 2.28
N MET A 179 -1.16 -20.22 2.83
CA MET A 179 -0.67 -18.99 3.56
C MET A 179 -0.24 -17.94 2.53
N ARG A 180 0.32 -18.34 1.42
CA ARG A 180 0.75 -17.33 0.41
C ARG A 180 -0.48 -16.65 -0.19
N LYS A 181 -1.43 -17.41 -0.66
CA LYS A 181 -2.66 -16.80 -1.25
C LYS A 181 -3.33 -15.93 -0.19
N LEU A 182 -3.47 -16.44 1.01
CA LEU A 182 -4.12 -15.65 2.11
C LEU A 182 -3.49 -14.25 2.19
N PHE A 183 -2.20 -14.16 2.12
CA PHE A 183 -1.54 -12.82 2.22
C PHE A 183 -1.96 -11.97 1.01
N SER A 184 -2.31 -12.60 -0.08
CA SER A 184 -2.74 -11.81 -1.28
C SER A 184 -3.98 -10.98 -0.95
N PHE A 185 -4.76 -11.41 0.01
CA PHE A 185 -5.99 -10.64 0.39
C PHE A 185 -5.56 -9.41 1.22
N THR A 186 -4.42 -8.85 0.91
CA THR A 186 -3.95 -7.66 1.66
C THR A 186 -4.98 -6.50 1.56
N PRO A 187 -5.46 -6.19 0.37
CA PRO A 187 -6.42 -5.08 0.21
C PRO A 187 -7.64 -5.34 1.12
N ALA A 188 -7.89 -6.58 1.47
CA ALA A 188 -9.05 -6.90 2.35
C ALA A 188 -8.61 -6.76 3.81
N TRP A 189 -7.33 -6.62 4.07
CA TRP A 189 -6.85 -6.50 5.47
C TRP A 189 -6.83 -5.02 5.89
N ASN A 190 -7.55 -4.67 6.92
CA ASN A 190 -7.57 -3.27 7.42
C ASN A 190 -6.50 -3.13 8.50
N TRP A 191 -6.41 -2.00 9.13
CA TRP A 191 -5.38 -1.84 10.20
C TRP A 191 -5.57 -2.91 11.28
N THR A 192 -6.79 -3.18 11.65
CA THR A 192 -7.05 -4.21 12.69
C THR A 192 -6.77 -5.61 12.14
N CYS A 193 -7.05 -5.85 10.88
CA CYS A 193 -6.80 -7.21 10.30
C CYS A 193 -5.32 -7.59 10.52
N LYS A 194 -4.41 -6.77 10.06
CA LYS A 194 -2.97 -7.10 10.25
C LYS A 194 -2.69 -7.36 11.73
N ASP A 195 -3.16 -6.51 12.59
CA ASP A 195 -2.94 -6.73 14.06
C ASP A 195 -3.53 -8.08 14.46
N LEU A 196 -4.55 -8.52 13.78
CA LEU A 196 -5.17 -9.83 14.13
C LEU A 196 -4.15 -10.96 13.90
N LEU A 197 -3.48 -10.95 12.77
CA LEU A 197 -2.48 -12.02 12.51
C LEU A 197 -1.28 -11.82 13.44
N LEU A 198 -0.78 -10.63 13.52
CA LEU A 198 0.39 -10.37 14.41
C LEU A 198 0.03 -10.78 15.85
N GLN A 199 -1.19 -10.55 16.23
CA GLN A 199 -1.62 -10.94 17.61
C GLN A 199 -1.70 -12.47 17.72
N ALA A 200 -2.24 -13.11 16.71
CA ALA A 200 -2.35 -14.60 16.77
C ALA A 200 -0.97 -15.22 16.99
N LEU A 201 0.07 -14.58 16.52
CA LEU A 201 1.44 -15.13 16.73
C LEU A 201 1.85 -14.95 18.19
N ARG A 202 1.49 -13.83 18.80
CA ARG A 202 1.89 -13.62 20.23
C ARG A 202 1.08 -14.58 21.12
N GLU A 203 -0.13 -14.88 20.75
CA GLU A 203 -0.96 -15.79 21.57
C GLU A 203 -0.41 -17.21 21.54
N SER A 204 0.02 -17.68 20.39
CA SER A 204 0.56 -19.07 20.29
C SER A 204 2.06 -19.10 20.60
N GLN A 205 2.77 -18.03 20.36
CA GLN A 205 4.24 -18.05 20.64
C GLN A 205 4.84 -16.65 20.47
N SER A 206 5.29 -16.06 21.55
CA SER A 206 5.89 -14.69 21.47
C SER A 206 7.22 -14.72 20.71
N TYR A 207 7.85 -15.86 20.64
CA TYR A 207 9.16 -15.94 19.92
C TYR A 207 8.99 -15.51 18.47
N LEU A 208 7.83 -15.73 17.91
CA LEU A 208 7.58 -15.35 16.49
C LEU A 208 7.48 -13.82 16.39
N VAL A 209 6.77 -13.20 17.27
CA VAL A 209 6.64 -11.72 17.19
C VAL A 209 8.01 -11.06 17.36
N GLU A 210 8.81 -11.55 18.26
CA GLU A 210 10.16 -10.95 18.50
C GLU A 210 11.13 -11.38 17.39
N ASP A 211 11.19 -12.64 17.09
CA ASP A 211 12.13 -13.13 16.04
C ASP A 211 11.75 -12.57 14.67
N LEU A 212 10.48 -12.48 14.37
CA LEU A 212 10.07 -11.95 13.04
C LEU A 212 10.33 -10.44 12.97
N GLU A 213 9.90 -9.70 13.96
CA GLU A 213 10.13 -8.23 13.94
C GLU A 213 11.64 -7.94 13.98
N ARG A 214 12.35 -8.59 14.87
CA ARG A 214 13.82 -8.35 14.95
C ARG A 214 14.51 -9.01 13.76
N SER A 215 14.31 -8.47 12.58
CA SER A 215 14.95 -9.05 11.36
C SER A 215 14.85 -8.05 10.21
N MET A 21 1.71 22.56 -10.29
CA MET A 21 0.40 22.46 -9.59
C MET A 21 -0.73 22.74 -10.57
N GLY A 22 -1.70 21.85 -10.64
CA GLY A 22 -2.82 22.08 -11.58
C GLY A 22 -3.74 20.85 -11.58
N ARG A 23 -3.38 19.82 -12.31
CA ARG A 23 -4.22 18.60 -12.35
C ARG A 23 -4.18 17.90 -10.99
N ALA A 24 -3.05 17.90 -10.34
CA ALA A 24 -2.97 17.23 -9.01
C ALA A 24 -3.76 18.04 -7.98
N ARG A 25 -3.60 19.33 -7.99
CA ARG A 25 -4.36 20.18 -7.03
C ARG A 25 -5.86 20.00 -7.30
N ASP A 26 -6.25 20.07 -8.54
CA ASP A 26 -7.69 19.91 -8.87
C ASP A 26 -8.12 18.47 -8.57
N ALA A 27 -7.25 17.52 -8.76
CA ALA A 27 -7.60 16.10 -8.50
C ALA A 27 -7.98 15.92 -7.02
N ILE A 28 -7.14 16.38 -6.14
CA ILE A 28 -7.46 16.25 -4.68
C ILE A 28 -8.75 17.00 -4.38
N LEU A 29 -8.82 18.25 -4.73
CA LEU A 29 -10.05 19.06 -4.44
C LEU A 29 -11.32 18.30 -4.88
N ASP A 30 -11.31 17.76 -6.06
CA ASP A 30 -12.52 17.04 -6.55
C ASP A 30 -12.91 15.90 -5.59
N ALA A 31 -11.99 15.05 -5.23
CA ALA A 31 -12.35 13.91 -4.33
C ALA A 31 -12.78 14.39 -2.94
N LEU A 32 -12.00 15.21 -2.28
CA LEU A 32 -12.40 15.65 -0.92
C LEU A 32 -13.74 16.39 -0.96
N GLU A 33 -13.91 17.31 -1.87
CA GLU A 33 -15.21 18.05 -1.94
C GLU A 33 -16.34 17.07 -2.30
N ASN A 34 -16.02 15.90 -2.79
CA ASN A 34 -17.08 14.93 -3.17
C ASN A 34 -17.50 14.10 -1.94
N LEU A 35 -16.64 13.97 -0.97
CA LEU A 35 -17.01 13.18 0.25
C LEU A 35 -17.97 14.02 1.10
N THR A 36 -18.79 13.37 1.90
CA THR A 36 -19.75 14.14 2.75
C THR A 36 -18.99 14.81 3.88
N ALA A 37 -19.55 15.82 4.49
CA ALA A 37 -18.85 16.53 5.60
C ALA A 37 -18.31 15.53 6.62
N GLU A 38 -19.13 14.61 7.07
CA GLU A 38 -18.65 13.62 8.07
C GLU A 38 -17.70 12.63 7.41
N GLU A 39 -18.01 12.19 6.22
CA GLU A 39 -17.11 11.24 5.52
C GLU A 39 -15.76 11.93 5.31
N LEU A 40 -15.77 13.22 5.15
CA LEU A 40 -14.50 13.96 4.94
C LEU A 40 -13.62 13.77 6.19
N LYS A 41 -14.20 13.92 7.35
CA LYS A 41 -13.41 13.75 8.60
C LYS A 41 -12.79 12.34 8.61
N LYS A 42 -13.50 11.36 8.12
CA LYS A 42 -12.97 9.97 8.12
C LYS A 42 -11.65 9.91 7.34
N PHE A 43 -11.54 10.70 6.30
CA PHE A 43 -10.29 10.70 5.49
C PHE A 43 -9.14 11.29 6.31
N LYS A 44 -9.32 12.46 6.85
CA LYS A 44 -8.23 13.09 7.65
C LYS A 44 -7.73 12.12 8.73
N LEU A 45 -8.64 11.48 9.43
CA LEU A 45 -8.23 10.52 10.49
C LEU A 45 -7.56 9.31 9.86
N LYS A 46 -8.08 8.83 8.75
CA LYS A 46 -7.45 7.65 8.09
C LYS A 46 -5.98 7.97 7.80
N LEU A 47 -5.68 9.21 7.53
CA LEU A 47 -4.27 9.60 7.24
C LEU A 47 -3.44 9.37 8.51
N LEU A 48 -3.96 9.76 9.65
CA LEU A 48 -3.21 9.57 10.92
C LEU A 48 -3.26 8.09 11.34
N SER A 49 -4.16 7.33 10.76
CA SER A 49 -4.28 5.88 11.14
C SER A 49 -3.22 5.05 10.40
N VAL A 50 -2.87 5.44 9.20
CA VAL A 50 -1.83 4.67 8.42
C VAL A 50 -0.43 5.25 8.75
N PRO A 51 0.54 4.44 9.18
CA PRO A 51 1.88 4.99 9.49
C PRO A 51 2.52 5.56 8.22
N LEU A 52 3.13 6.72 8.33
CA LEU A 52 3.80 7.37 7.14
C LEU A 52 5.31 7.30 7.34
N ARG A 53 6.06 7.50 6.29
CA ARG A 53 7.54 7.44 6.39
C ARG A 53 8.03 8.58 7.30
N GLU A 54 9.19 8.44 7.88
CA GLU A 54 9.71 9.52 8.77
C GLU A 54 9.97 10.78 7.95
N GLY A 55 10.39 10.62 6.72
CA GLY A 55 10.67 11.82 5.86
C GLY A 55 9.39 12.64 5.69
N TYR A 56 8.29 12.16 6.23
CA TYR A 56 6.99 12.89 6.12
C TYR A 56 6.21 12.76 7.43
N GLY A 57 6.18 13.78 8.23
CA GLY A 57 5.45 13.72 9.53
C GLY A 57 3.94 13.90 9.29
N ARG A 58 3.12 13.24 10.05
CA ARG A 58 1.65 13.36 9.87
C ARG A 58 1.17 14.73 10.38
N ILE A 59 0.22 15.32 9.69
CA ILE A 59 -0.31 16.66 10.12
C ILE A 59 -1.32 16.43 11.28
N PRO A 60 -1.21 17.14 12.40
CA PRO A 60 -2.14 16.94 13.53
C PRO A 60 -3.61 17.07 13.06
N ARG A 61 -4.48 16.29 13.64
CA ARG A 61 -5.92 16.35 13.26
C ARG A 61 -6.46 17.77 13.47
N GLY A 62 -6.22 18.34 14.60
CA GLY A 62 -6.74 19.71 14.89
C GLY A 62 -6.27 20.69 13.83
N ALA A 63 -5.06 20.57 13.37
CA ALA A 63 -4.55 21.50 12.34
C ALA A 63 -5.40 21.34 11.08
N LEU A 64 -5.82 20.13 10.80
CA LEU A 64 -6.65 19.89 9.58
C LEU A 64 -8.08 20.41 9.82
N LEU A 65 -8.56 20.37 11.04
CA LEU A 65 -9.94 20.88 11.29
C LEU A 65 -9.97 22.38 10.94
N SER A 66 -8.89 23.07 11.15
CA SER A 66 -8.85 24.52 10.82
C SER A 66 -8.83 24.72 9.31
N MET A 67 -8.13 23.87 8.60
CA MET A 67 -8.07 24.02 7.12
C MET A 67 -9.43 23.67 6.50
N ASP A 68 -9.66 24.16 5.31
CA ASP A 68 -10.92 23.88 4.57
C ASP A 68 -10.57 23.03 3.34
N ALA A 69 -11.54 22.64 2.57
CA ALA A 69 -11.24 21.80 1.36
C ALA A 69 -10.13 22.44 0.52
N LEU A 70 -10.19 23.73 0.29
CA LEU A 70 -9.13 24.40 -0.53
C LEU A 70 -7.83 24.57 0.27
N ASP A 71 -7.90 25.19 1.41
CA ASP A 71 -6.66 25.42 2.20
C ASP A 71 -5.94 24.09 2.48
N LEU A 72 -6.65 23.09 2.94
CA LEU A 72 -5.97 21.79 3.22
C LEU A 72 -5.52 21.19 1.87
N THR A 73 -6.23 21.44 0.78
CA THR A 73 -5.78 20.87 -0.52
C THR A 73 -4.40 21.46 -0.84
N ASP A 74 -4.19 22.70 -0.49
CA ASP A 74 -2.88 23.32 -0.76
C ASP A 74 -1.83 22.68 0.15
N LYS A 75 -2.23 22.24 1.32
CA LYS A 75 -1.26 21.61 2.26
C LYS A 75 -0.92 20.20 1.78
N LEU A 76 -1.88 19.40 1.40
CA LEU A 76 -1.54 18.02 0.92
C LEU A 76 -0.48 18.15 -0.18
N VAL A 77 -0.57 19.19 -0.95
CA VAL A 77 0.43 19.42 -2.04
C VAL A 77 1.76 19.91 -1.45
N SER A 78 1.72 20.75 -0.44
CA SER A 78 3.00 21.27 0.14
C SER A 78 3.70 20.22 1.00
N PHE A 79 2.99 19.62 1.91
CA PHE A 79 3.61 18.63 2.84
C PHE A 79 3.91 17.29 2.14
N TYR A 80 2.94 16.73 1.43
CA TYR A 80 3.15 15.41 0.73
C TYR A 80 3.44 15.58 -0.75
N LEU A 81 3.81 16.78 -1.17
CA LEU A 81 4.13 17.02 -2.62
C LEU A 81 2.87 16.84 -3.47
N GLU A 82 2.90 17.29 -4.70
CA GLU A 82 1.71 17.20 -5.59
C GLU A 82 1.39 15.75 -5.98
N THR A 83 2.31 15.07 -6.61
CA THR A 83 2.03 13.67 -7.06
C THR A 83 2.00 12.70 -5.88
N TYR A 84 3.04 12.66 -5.08
CA TYR A 84 3.04 11.71 -3.93
C TYR A 84 1.85 12.00 -3.01
N GLY A 85 1.37 13.21 -3.03
CA GLY A 85 0.21 13.56 -2.16
C GLY A 85 -1.05 12.88 -2.71
N ALA A 86 -1.32 13.02 -3.98
CA ALA A 86 -2.53 12.37 -4.56
C ALA A 86 -2.34 10.86 -4.59
N GLU A 87 -1.15 10.40 -4.82
CA GLU A 87 -0.93 8.92 -4.86
C GLU A 87 -1.30 8.33 -3.49
N LEU A 88 -0.76 8.89 -2.44
CA LEU A 88 -1.08 8.38 -1.08
C LEU A 88 -2.60 8.43 -0.87
N THR A 89 -3.22 9.45 -1.38
CA THR A 89 -4.69 9.61 -1.22
C THR A 89 -5.46 8.54 -1.99
N ALA A 90 -5.11 8.30 -3.23
CA ALA A 90 -5.85 7.28 -4.04
C ALA A 90 -5.91 5.96 -3.26
N ASN A 91 -4.91 5.70 -2.47
CA ASN A 91 -4.89 4.43 -1.67
C ASN A 91 -5.91 4.54 -0.52
N VAL A 92 -6.02 5.70 0.09
CA VAL A 92 -6.97 5.85 1.22
C VAL A 92 -8.40 5.76 0.70
N LEU A 93 -8.75 6.55 -0.27
CA LEU A 93 -10.13 6.50 -0.82
C LEU A 93 -10.45 5.07 -1.23
N ARG A 94 -9.48 4.35 -1.73
CA ARG A 94 -9.73 2.94 -2.13
C ARG A 94 -10.19 2.17 -0.89
N ASP A 95 -9.64 2.52 0.25
CA ASP A 95 -10.03 1.83 1.51
C ASP A 95 -11.40 2.33 1.95
N MET A 96 -11.75 3.56 1.62
CA MET A 96 -13.08 4.10 2.02
C MET A 96 -14.17 3.51 1.13
N GLY A 97 -13.79 2.78 0.12
CA GLY A 97 -14.80 2.14 -0.79
C GLY A 97 -15.11 3.06 -1.98
N LEU A 98 -14.41 4.16 -2.10
CA LEU A 98 -14.65 5.09 -3.25
C LEU A 98 -13.72 4.68 -4.41
N GLN A 99 -13.96 3.54 -4.99
CA GLN A 99 -13.09 3.07 -6.10
C GLN A 99 -13.25 4.01 -7.30
N GLU A 100 -14.44 4.50 -7.54
CA GLU A 100 -14.66 5.39 -8.70
C GLU A 100 -13.76 6.63 -8.61
N MET A 101 -13.74 7.32 -7.49
CA MET A 101 -12.88 8.53 -7.38
C MET A 101 -11.42 8.13 -7.17
N ALA A 102 -11.18 7.02 -6.52
CA ALA A 102 -9.78 6.58 -6.27
C ALA A 102 -9.08 6.28 -7.60
N GLY A 103 -9.75 5.58 -8.49
CA GLY A 103 -9.12 5.26 -9.81
C GLY A 103 -9.04 6.51 -10.66
N GLN A 104 -9.98 7.41 -10.49
CA GLN A 104 -9.98 8.67 -11.29
C GLN A 104 -8.92 9.62 -10.75
N LEU A 105 -8.66 9.59 -9.47
CA LEU A 105 -7.64 10.51 -8.89
C LEU A 105 -6.26 10.14 -9.45
N GLN A 106 -5.89 8.88 -9.40
CA GLN A 106 -4.56 8.48 -9.95
C GLN A 106 -4.46 8.89 -11.42
N ALA A 107 -5.48 8.63 -12.18
CA ALA A 107 -5.47 8.99 -13.62
C ALA A 107 -5.41 10.51 -13.78
N ALA A 108 -6.05 11.24 -12.89
CA ALA A 108 -6.03 12.71 -13.00
C ALA A 108 -4.59 13.21 -12.97
N THR A 109 -3.78 12.66 -12.09
CA THR A 109 -2.34 13.09 -12.01
C THR A 109 -1.49 12.18 -12.90
N HIS A 110 -2.13 11.25 -13.57
CA HIS A 110 -1.40 10.31 -14.46
C HIS A 110 -0.24 9.66 -13.70
N GLN A 111 -0.55 8.75 -12.82
CA GLN A 111 0.52 8.06 -12.05
C GLN A 111 1.30 7.12 -12.97
N GLY A 112 0.65 6.62 -13.99
CA GLY A 112 1.36 5.70 -14.94
C GLY A 112 0.47 5.44 -16.15
N SER A 113 -0.46 4.53 -16.04
CA SER A 113 -1.35 4.22 -17.18
C SER A 113 -2.30 5.41 -17.40
N GLY A 114 -2.00 6.23 -18.38
CA GLY A 114 -2.89 7.40 -18.65
C GLY A 114 -2.32 8.21 -19.82
N ALA A 115 -2.15 7.59 -20.95
CA ALA A 115 -1.59 8.34 -22.13
C ALA A 115 -2.55 9.44 -22.53
N ALA A 116 -2.06 10.65 -22.61
CA ALA A 116 -2.94 11.79 -23.01
C ALA A 116 -3.50 11.52 -24.43
N PRO A 117 -4.56 12.20 -24.80
CA PRO A 117 -5.16 12.01 -26.14
C PRO A 117 -4.09 12.28 -27.23
N ALA A 118 -4.37 11.91 -28.45
CA ALA A 118 -3.39 12.14 -29.56
C ALA A 118 -2.01 11.61 -29.17
N GLY A 119 -1.69 10.43 -29.61
CA GLY A 119 -0.35 9.82 -29.29
C GLY A 119 0.69 10.33 -30.29
N ILE A 120 0.25 10.77 -31.44
CA ILE A 120 1.21 11.27 -32.47
C ILE A 120 1.74 12.64 -32.05
N GLN A 121 0.90 13.47 -31.49
CA GLN A 121 1.37 14.81 -31.06
C GLN A 121 2.38 14.68 -29.93
N ALA A 122 2.63 13.49 -29.46
CA ALA A 122 3.60 13.30 -28.35
C ALA A 122 5.04 13.52 -28.90
N PRO A 123 5.96 14.03 -28.09
CA PRO A 123 7.35 14.24 -28.58
C PRO A 123 7.91 12.91 -29.12
N PRO A 124 9.03 12.95 -29.81
CA PRO A 124 9.63 11.72 -30.36
C PRO A 124 9.97 10.76 -29.20
N GLN A 125 9.87 9.47 -29.43
CA GLN A 125 10.17 8.47 -28.35
C GLN A 125 11.58 7.90 -28.58
N SER A 126 12.58 8.73 -28.51
CA SER A 126 13.97 8.23 -28.72
C SER A 126 14.35 7.29 -27.57
N ALA A 127 14.14 6.01 -27.76
CA ALA A 127 14.48 5.03 -26.69
C ALA A 127 14.65 3.64 -27.32
N ALA A 128 15.14 3.58 -28.52
CA ALA A 128 15.33 2.25 -29.18
C ALA A 128 16.26 1.39 -28.33
N LYS A 129 15.73 0.37 -27.70
CA LYS A 129 16.58 -0.52 -26.84
C LYS A 129 17.28 -1.56 -27.76
N PRO A 130 18.43 -2.10 -27.33
CA PRO A 130 19.15 -3.09 -28.16
C PRO A 130 18.24 -4.32 -28.39
N GLY A 131 18.26 -4.88 -29.56
CA GLY A 131 17.42 -6.08 -29.85
C GLY A 131 18.07 -7.32 -29.26
N LEU A 132 18.91 -7.13 -28.28
CA LEU A 132 19.59 -8.28 -27.63
C LEU A 132 18.64 -8.93 -26.62
N HIS A 133 18.25 -10.15 -26.87
CA HIS A 133 17.31 -10.84 -25.93
C HIS A 133 17.99 -10.99 -24.57
N PHE A 134 17.28 -10.71 -23.50
CA PHE A 134 17.89 -10.84 -22.14
C PHE A 134 16.80 -10.72 -21.08
N ILE A 135 16.03 -9.66 -21.11
CA ILE A 135 14.95 -9.48 -20.11
C ILE A 135 13.84 -10.49 -20.38
N ASP A 136 13.65 -10.86 -21.62
CA ASP A 136 12.59 -11.84 -21.97
C ASP A 136 13.09 -13.25 -21.65
N GLN A 137 14.38 -13.38 -21.56
CA GLN A 137 14.99 -14.71 -21.26
C GLN A 137 14.59 -15.21 -19.87
N HIS A 138 14.16 -14.33 -18.99
CA HIS A 138 13.78 -14.76 -17.61
C HIS A 138 12.29 -15.11 -17.57
N ARG A 139 11.53 -14.65 -18.52
CA ARG A 139 10.08 -15.00 -18.56
C ARG A 139 9.97 -16.44 -19.06
N ALA A 140 10.50 -16.69 -20.23
CA ALA A 140 10.46 -18.06 -20.79
C ALA A 140 11.13 -19.04 -19.83
N ALA A 141 12.16 -18.59 -19.13
CA ALA A 141 12.85 -19.51 -18.17
C ALA A 141 11.86 -20.03 -17.14
N LEU A 142 11.10 -19.16 -16.54
CA LEU A 142 10.12 -19.60 -15.50
C LEU A 142 8.92 -20.31 -16.15
N ILE A 143 8.44 -19.83 -17.25
CA ILE A 143 7.28 -20.50 -17.90
C ILE A 143 7.69 -21.94 -18.25
N ALA A 144 8.89 -22.11 -18.75
CA ALA A 144 9.37 -23.48 -19.14
C ALA A 144 9.89 -24.26 -17.93
N ARG A 145 10.48 -23.61 -16.95
CA ARG A 145 11.01 -24.37 -15.77
C ARG A 145 9.89 -24.66 -14.76
N VAL A 146 9.06 -23.69 -14.49
CA VAL A 146 7.96 -23.91 -13.51
C VAL A 146 6.96 -24.93 -14.07
N THR A 147 6.77 -24.97 -15.36
CA THR A 147 5.82 -25.94 -15.95
C THR A 147 4.41 -25.68 -15.39
N ASN A 148 3.39 -26.01 -16.13
CA ASN A 148 2.00 -25.75 -15.64
C ASN A 148 1.84 -24.26 -15.32
N VAL A 149 2.00 -23.44 -16.32
CA VAL A 149 1.89 -21.96 -16.12
C VAL A 149 0.61 -21.61 -15.33
N GLU A 150 -0.45 -22.31 -15.58
CA GLU A 150 -1.74 -22.01 -14.86
C GLU A 150 -1.53 -22.02 -13.34
N TRP A 151 -0.59 -22.79 -12.85
CA TRP A 151 -0.39 -22.84 -11.37
C TRP A 151 -0.16 -21.42 -10.81
N LEU A 152 0.69 -20.66 -11.43
CA LEU A 152 0.96 -19.27 -10.92
C LEU A 152 -0.28 -18.38 -11.10
N LEU A 153 -0.93 -18.45 -12.23
CA LEU A 153 -2.14 -17.60 -12.45
C LEU A 153 -3.16 -17.88 -11.33
N ASP A 154 -3.47 -19.13 -11.11
CA ASP A 154 -4.46 -19.48 -10.05
C ASP A 154 -3.88 -19.14 -8.66
N ALA A 155 -2.59 -19.14 -8.54
CA ALA A 155 -1.96 -18.84 -7.21
C ALA A 155 -2.32 -17.43 -6.75
N LEU A 156 -2.62 -16.52 -7.66
CA LEU A 156 -2.97 -15.11 -7.27
C LEU A 156 -4.46 -14.83 -7.52
N TYR A 157 -5.25 -15.84 -7.77
CA TYR A 157 -6.70 -15.58 -8.04
C TYR A 157 -7.39 -15.11 -6.74
N GLY A 158 -7.98 -13.94 -6.78
CA GLY A 158 -8.71 -13.43 -5.58
C GLY A 158 -7.74 -12.90 -4.52
N LYS A 159 -6.54 -13.42 -4.46
CA LYS A 159 -5.57 -12.96 -3.42
C LYS A 159 -5.02 -11.57 -3.76
N VAL A 160 -3.96 -11.49 -4.53
CA VAL A 160 -3.36 -10.16 -4.86
C VAL A 160 -4.14 -9.46 -5.97
N LEU A 161 -4.44 -10.16 -7.04
CA LEU A 161 -5.19 -9.54 -8.17
C LEU A 161 -6.69 -9.72 -7.96
N THR A 162 -7.47 -8.74 -8.33
CA THR A 162 -8.96 -8.84 -8.14
C THR A 162 -9.55 -9.69 -9.26
N ASP A 163 -10.82 -9.96 -9.20
CA ASP A 163 -11.46 -10.79 -10.26
C ASP A 163 -11.45 -10.03 -11.59
N GLU A 164 -11.49 -8.73 -11.55
CA GLU A 164 -11.49 -7.94 -12.82
C GLU A 164 -10.09 -7.95 -13.44
N GLN A 165 -9.07 -7.80 -12.64
CA GLN A 165 -7.68 -7.78 -13.17
C GLN A 165 -7.27 -9.19 -13.61
N TYR A 166 -7.55 -10.17 -12.80
CA TYR A 166 -7.17 -11.57 -13.16
C TYR A 166 -7.79 -11.92 -14.52
N GLN A 167 -8.97 -11.41 -14.78
CA GLN A 167 -9.63 -11.70 -16.09
C GLN A 167 -8.86 -11.00 -17.20
N ALA A 168 -8.38 -9.81 -16.95
CA ALA A 168 -7.63 -9.08 -18.01
C ALA A 168 -6.40 -9.91 -18.40
N VAL A 169 -5.72 -10.47 -17.44
CA VAL A 169 -4.52 -11.30 -17.75
C VAL A 169 -4.94 -12.63 -18.38
N ARG A 170 -6.02 -13.20 -17.91
CA ARG A 170 -6.48 -14.51 -18.46
C ARG A 170 -7.01 -14.32 -19.91
N ALA A 171 -7.48 -13.14 -20.22
CA ALA A 171 -8.02 -12.88 -21.59
C ALA A 171 -6.87 -12.73 -22.60
N GLU A 172 -5.65 -12.88 -22.15
CA GLU A 172 -4.48 -12.74 -23.06
C GLU A 172 -4.72 -13.53 -24.38
N PRO A 173 -3.90 -13.29 -25.41
CA PRO A 173 -4.08 -13.98 -26.72
C PRO A 173 -3.31 -15.31 -26.70
N THR A 174 -2.50 -15.55 -25.70
CA THR A 174 -1.70 -16.82 -25.67
C THR A 174 -1.45 -17.23 -24.20
N ASN A 175 -1.00 -18.44 -23.98
CA ASN A 175 -0.76 -18.93 -22.59
C ASN A 175 0.52 -18.29 -21.97
N PRO A 176 1.65 -18.33 -22.66
CA PRO A 176 2.89 -17.75 -22.10
C PRO A 176 2.71 -16.23 -21.86
N SER A 177 1.72 -15.65 -22.48
CA SER A 177 1.51 -14.18 -22.32
C SER A 177 0.95 -13.91 -20.93
N LYS A 178 0.25 -14.84 -20.37
CA LYS A 178 -0.34 -14.66 -19.01
C LYS A 178 0.76 -14.59 -17.95
N MET A 179 1.78 -15.41 -18.06
CA MET A 179 2.87 -15.40 -17.03
C MET A 179 3.64 -14.08 -17.11
N ARG A 180 4.25 -13.80 -18.24
CA ARG A 180 5.04 -12.53 -18.35
C ARG A 180 4.20 -11.32 -17.88
N LYS A 181 2.92 -11.32 -18.16
CA LYS A 181 2.06 -10.18 -17.71
C LYS A 181 1.90 -10.24 -16.18
N LEU A 182 1.54 -11.39 -15.67
CA LEU A 182 1.36 -11.54 -14.19
C LEU A 182 2.57 -10.96 -13.45
N PHE A 183 3.75 -11.16 -13.97
CA PHE A 183 4.96 -10.63 -13.28
C PHE A 183 5.07 -9.11 -13.51
N SER A 184 4.57 -8.62 -14.61
CA SER A 184 4.65 -7.17 -14.89
C SER A 184 3.75 -6.41 -13.90
N PHE A 185 2.83 -7.09 -13.28
CA PHE A 185 1.92 -6.40 -12.30
C PHE A 185 2.73 -6.12 -11.01
N THR A 186 3.96 -5.70 -11.16
CA THR A 186 4.82 -5.41 -9.97
C THR A 186 4.20 -4.29 -9.10
N PRO A 187 3.75 -3.20 -9.69
CA PRO A 187 3.18 -2.09 -8.90
C PRO A 187 2.01 -2.61 -8.03
N ALA A 188 1.51 -3.78 -8.35
CA ALA A 188 0.37 -4.36 -7.55
C ALA A 188 0.92 -5.40 -6.57
N TRP A 189 2.19 -5.71 -6.67
CA TRP A 189 2.80 -6.73 -5.76
C TRP A 189 3.33 -6.05 -4.49
N ASN A 190 2.85 -6.46 -3.35
CA ASN A 190 3.32 -5.87 -2.05
C ASN A 190 4.42 -6.78 -1.49
N TRP A 191 4.92 -6.48 -0.32
CA TRP A 191 5.99 -7.33 0.27
C TRP A 191 5.50 -8.77 0.37
N THR A 192 4.25 -8.96 0.74
CA THR A 192 3.70 -10.34 0.87
C THR A 192 3.54 -10.96 -0.52
N CYS A 193 3.19 -10.18 -1.50
CA CYS A 193 3.00 -10.74 -2.87
C CYS A 193 4.30 -11.38 -3.38
N LYS A 194 5.36 -10.63 -3.40
CA LYS A 194 6.66 -11.19 -3.91
C LYS A 194 7.04 -12.45 -3.13
N ASP A 195 7.05 -12.39 -1.83
CA ASP A 195 7.43 -13.59 -1.01
C ASP A 195 6.42 -14.71 -1.26
N LEU A 196 5.17 -14.39 -1.31
CA LEU A 196 4.13 -15.42 -1.54
C LEU A 196 4.37 -16.06 -2.91
N LEU A 197 4.86 -15.30 -3.86
CA LEU A 197 5.15 -15.87 -5.20
C LEU A 197 6.41 -16.75 -5.09
N LEU A 198 7.44 -16.23 -4.47
CA LEU A 198 8.69 -17.02 -4.29
C LEU A 198 8.33 -18.32 -3.56
N GLN A 199 7.35 -18.26 -2.72
CA GLN A 199 6.91 -19.47 -1.99
C GLN A 199 6.31 -20.46 -2.99
N ALA A 200 5.59 -19.96 -3.96
CA ALA A 200 4.98 -20.88 -4.98
C ALA A 200 6.08 -21.70 -5.66
N LEU A 201 7.26 -21.15 -5.77
CA LEU A 201 8.39 -21.89 -6.44
C LEU A 201 8.86 -23.03 -5.54
N ARG A 202 9.20 -22.76 -4.30
CA ARG A 202 9.70 -23.86 -3.42
C ARG A 202 8.62 -24.91 -3.17
N GLU A 203 7.39 -24.51 -3.11
CA GLU A 203 6.30 -25.49 -2.86
C GLU A 203 6.14 -26.46 -4.03
N SER A 204 6.27 -25.98 -5.25
CA SER A 204 6.10 -26.89 -6.44
C SER A 204 7.45 -27.40 -6.94
N GLN A 205 8.51 -26.62 -6.85
CA GLN A 205 9.85 -27.11 -7.35
C GLN A 205 10.99 -26.45 -6.53
N SER A 206 11.59 -27.19 -5.63
CA SER A 206 12.71 -26.62 -4.83
C SER A 206 13.92 -26.37 -5.75
N TYR A 207 13.98 -27.07 -6.84
CA TYR A 207 15.13 -26.90 -7.78
C TYR A 207 15.23 -25.47 -8.27
N LEU A 208 14.11 -24.84 -8.52
CA LEU A 208 14.13 -23.44 -9.02
C LEU A 208 14.61 -22.50 -7.91
N VAL A 209 14.32 -22.81 -6.68
CA VAL A 209 14.76 -21.93 -5.56
C VAL A 209 16.30 -21.79 -5.62
N GLU A 210 16.98 -22.91 -5.62
CA GLU A 210 18.48 -22.89 -5.64
C GLU A 210 19.01 -22.61 -7.06
N ASP A 211 18.46 -23.26 -8.05
CA ASP A 211 18.97 -23.07 -9.44
C ASP A 211 18.64 -21.69 -10.00
N LEU A 212 17.55 -21.10 -9.60
CA LEU A 212 17.21 -19.74 -10.13
C LEU A 212 17.98 -18.66 -9.35
N GLU A 213 18.20 -18.89 -8.09
CA GLU A 213 18.92 -17.88 -7.23
C GLU A 213 20.45 -17.95 -7.42
N ARG A 214 20.99 -19.05 -7.88
CA ARG A 214 22.48 -19.13 -8.03
C ARG A 214 22.94 -18.26 -9.19
N SER A 215 22.43 -17.07 -9.27
CA SER A 215 22.84 -16.15 -10.37
C SER A 215 24.34 -15.90 -10.29
N MET A 21 -5.62 25.47 -11.21
CA MET A 21 -4.25 25.27 -11.77
C MET A 21 -3.65 24.00 -11.19
N GLY A 22 -3.08 23.15 -12.01
CA GLY A 22 -2.46 21.88 -11.51
C GLY A 22 -3.51 20.77 -11.55
N ARG A 23 -3.51 19.99 -12.60
CA ARG A 23 -4.49 18.89 -12.71
C ARG A 23 -4.45 18.02 -11.45
N ALA A 24 -3.28 17.88 -10.87
CA ALA A 24 -3.19 17.06 -9.61
C ALA A 24 -3.83 17.86 -8.49
N ARG A 25 -3.57 19.15 -8.43
CA ARG A 25 -4.19 19.98 -7.37
C ARG A 25 -5.71 19.92 -7.54
N ASP A 26 -6.16 19.95 -8.77
CA ASP A 26 -7.63 19.87 -9.03
C ASP A 26 -8.12 18.45 -8.74
N ALA A 27 -7.29 17.47 -8.99
CA ALA A 27 -7.68 16.06 -8.72
C ALA A 27 -7.98 15.89 -7.24
N ILE A 28 -7.13 16.40 -6.39
CA ILE A 28 -7.37 16.29 -4.92
C ILE A 28 -8.66 17.04 -4.56
N LEU A 29 -8.75 18.28 -4.92
CA LEU A 29 -9.96 19.09 -4.59
C LEU A 29 -11.24 18.32 -4.98
N ASP A 30 -11.27 17.76 -6.16
CA ASP A 30 -12.48 17.02 -6.61
C ASP A 30 -12.84 15.89 -5.65
N ALA A 31 -11.90 15.04 -5.32
CA ALA A 31 -12.22 13.90 -4.42
C ALA A 31 -12.66 14.38 -3.03
N LEU A 32 -11.88 15.21 -2.39
CA LEU A 32 -12.26 15.68 -1.03
C LEU A 32 -13.62 16.39 -1.06
N GLU A 33 -13.81 17.29 -1.98
CA GLU A 33 -15.11 18.02 -2.05
C GLU A 33 -16.25 17.04 -2.35
N ASN A 34 -15.94 15.86 -2.84
CA ASN A 34 -17.02 14.88 -3.17
C ASN A 34 -17.38 14.07 -1.91
N LEU A 35 -16.49 13.96 -0.95
CA LEU A 35 -16.82 13.18 0.28
C LEU A 35 -17.91 13.91 1.07
N THR A 36 -18.78 13.18 1.72
CA THR A 36 -19.86 13.83 2.51
C THR A 36 -19.26 14.45 3.78
N ALA A 37 -20.00 15.29 4.45
CA ALA A 37 -19.47 15.94 5.69
C ALA A 37 -18.83 14.90 6.63
N GLU A 38 -19.48 13.80 6.87
CA GLU A 38 -18.90 12.77 7.79
C GLU A 38 -17.76 12.05 7.10
N GLU A 39 -17.93 11.66 5.87
CA GLU A 39 -16.82 10.96 5.15
C GLU A 39 -15.61 11.88 5.11
N LEU A 40 -15.86 13.16 5.08
CA LEU A 40 -14.74 14.13 5.05
C LEU A 40 -13.90 13.98 6.33
N LYS A 41 -14.54 14.01 7.47
CA LYS A 41 -13.78 13.85 8.74
C LYS A 41 -13.05 12.50 8.75
N LYS A 42 -13.75 11.44 8.44
CA LYS A 42 -13.10 10.10 8.43
C LYS A 42 -11.80 10.14 7.61
N PHE A 43 -11.80 10.82 6.50
CA PHE A 43 -10.56 10.91 5.68
C PHE A 43 -9.43 11.51 6.52
N LYS A 44 -9.73 12.49 7.32
CA LYS A 44 -8.67 13.13 8.15
C LYS A 44 -8.08 12.13 9.17
N LEU A 45 -8.91 11.56 9.99
CA LEU A 45 -8.38 10.60 11.00
C LEU A 45 -7.75 9.42 10.27
N LYS A 46 -8.25 9.06 9.12
CA LYS A 46 -7.65 7.92 8.38
C LYS A 46 -6.19 8.30 8.06
N LEU A 47 -5.94 9.56 7.83
CA LEU A 47 -4.54 9.99 7.54
C LEU A 47 -3.68 9.67 8.77
N LEU A 48 -4.24 9.85 9.95
CA LEU A 48 -3.47 9.56 11.19
C LEU A 48 -3.43 8.04 11.43
N SER A 49 -4.28 7.29 10.76
CA SER A 49 -4.31 5.79 10.96
C SER A 49 -3.46 5.07 9.91
N VAL A 50 -3.38 5.59 8.71
CA VAL A 50 -2.57 4.90 7.67
C VAL A 50 -1.06 5.09 7.97
N PRO A 51 -0.26 4.03 8.06
CA PRO A 51 1.18 4.20 8.36
C PRO A 51 1.86 4.95 7.20
N LEU A 52 2.79 5.83 7.52
CA LEU A 52 3.52 6.61 6.46
C LEU A 52 5.02 6.51 6.73
N ARG A 53 5.83 6.75 5.74
CA ARG A 53 7.30 6.67 5.94
C ARG A 53 7.74 7.82 6.86
N GLU A 54 8.80 7.62 7.60
CA GLU A 54 9.28 8.69 8.52
C GLU A 54 9.86 9.84 7.69
N GLY A 55 10.07 9.60 6.43
CA GLY A 55 10.64 10.67 5.55
C GLY A 55 9.76 11.92 5.61
N TYR A 56 8.65 11.87 6.29
CA TYR A 56 7.74 13.06 6.39
C TYR A 56 7.10 13.06 7.80
N GLY A 57 5.83 13.33 7.91
CA GLY A 57 5.20 13.34 9.26
C GLY A 57 3.67 13.48 9.11
N ARG A 58 2.94 12.95 10.05
CA ARG A 58 1.45 13.03 9.99
C ARG A 58 0.99 14.45 10.42
N ILE A 59 0.14 15.06 9.63
CA ILE A 59 -0.35 16.42 9.98
C ILE A 59 -1.39 16.28 11.12
N PRO A 60 -1.27 17.00 12.24
CA PRO A 60 -2.26 16.86 13.34
C PRO A 60 -3.68 17.06 12.80
N ARG A 61 -4.59 16.26 13.26
CA ARG A 61 -6.02 16.39 12.82
C ARG A 61 -6.51 17.82 13.07
N GLY A 62 -6.29 18.31 14.25
CA GLY A 62 -6.73 19.69 14.60
C GLY A 62 -6.24 20.70 13.58
N ALA A 63 -5.02 20.55 13.12
CA ALA A 63 -4.48 21.52 12.14
C ALA A 63 -5.34 21.46 10.88
N LEU A 64 -5.79 20.29 10.52
CA LEU A 64 -6.63 20.15 9.29
C LEU A 64 -8.07 20.64 9.59
N LEU A 65 -8.60 20.38 10.77
CA LEU A 65 -9.97 20.84 11.07
C LEU A 65 -10.04 22.37 10.92
N SER A 66 -8.98 23.05 11.27
CA SER A 66 -8.97 24.53 11.12
C SER A 66 -8.96 24.86 9.62
N MET A 67 -8.22 24.10 8.86
CA MET A 67 -8.16 24.33 7.38
C MET A 67 -9.38 23.68 6.72
N ASP A 68 -9.72 24.13 5.54
CA ASP A 68 -10.91 23.57 4.81
C ASP A 68 -10.43 22.79 3.58
N ALA A 69 -11.34 22.33 2.78
CA ALA A 69 -10.95 21.54 1.56
C ALA A 69 -9.94 22.31 0.71
N LEU A 70 -10.16 23.58 0.49
CA LEU A 70 -9.22 24.37 -0.36
C LEU A 70 -7.89 24.60 0.40
N ASP A 71 -7.97 25.15 1.58
CA ASP A 71 -6.72 25.41 2.36
C ASP A 71 -5.96 24.10 2.57
N LEU A 72 -6.66 23.05 2.95
CA LEU A 72 -5.94 21.75 3.16
C LEU A 72 -5.50 21.19 1.80
N THR A 73 -6.24 21.45 0.74
CA THR A 73 -5.80 20.93 -0.60
C THR A 73 -4.42 21.52 -0.90
N ASP A 74 -4.27 22.81 -0.73
CA ASP A 74 -2.96 23.44 -0.99
C ASP A 74 -1.92 22.86 -0.03
N LYS A 75 -2.35 22.45 1.14
CA LYS A 75 -1.40 21.87 2.13
C LYS A 75 -0.93 20.48 1.67
N LEU A 76 -1.83 19.62 1.27
CA LEU A 76 -1.37 18.26 0.82
C LEU A 76 -0.30 18.45 -0.24
N VAL A 77 -0.41 19.50 -1.01
CA VAL A 77 0.60 19.79 -2.05
C VAL A 77 1.88 20.31 -1.39
N SER A 78 1.77 21.13 -0.38
CA SER A 78 3.00 21.68 0.28
C SER A 78 3.70 20.63 1.14
N PHE A 79 2.98 19.97 2.01
CA PHE A 79 3.61 18.98 2.95
C PHE A 79 3.90 17.64 2.23
N TYR A 80 2.93 17.07 1.54
CA TYR A 80 3.15 15.74 0.86
C TYR A 80 3.49 15.93 -0.63
N LEU A 81 3.90 17.12 -1.02
CA LEU A 81 4.24 17.37 -2.46
C LEU A 81 2.99 17.22 -3.34
N GLU A 82 3.06 17.68 -4.55
CA GLU A 82 1.89 17.60 -5.47
C GLU A 82 1.59 16.16 -5.89
N THR A 83 2.51 15.51 -6.52
CA THR A 83 2.27 14.12 -7.01
C THR A 83 2.22 13.11 -5.86
N TYR A 84 3.24 13.06 -5.04
CA TYR A 84 3.23 12.08 -3.92
C TYR A 84 1.99 12.30 -3.05
N GLY A 85 1.45 13.49 -3.07
CA GLY A 85 0.24 13.78 -2.25
C GLY A 85 -0.97 13.04 -2.83
N ALA A 86 -1.15 13.11 -4.12
CA ALA A 86 -2.33 12.42 -4.74
C ALA A 86 -2.16 10.90 -4.68
N GLU A 87 -0.96 10.40 -4.86
CA GLU A 87 -0.76 8.93 -4.80
C GLU A 87 -1.13 8.44 -3.40
N LEU A 88 -0.57 9.05 -2.38
CA LEU A 88 -0.90 8.63 -0.99
C LEU A 88 -2.42 8.72 -0.78
N THR A 89 -3.02 9.71 -1.37
CA THR A 89 -4.49 9.91 -1.21
C THR A 89 -5.28 8.81 -1.92
N ALA A 90 -4.96 8.50 -3.15
CA ALA A 90 -5.70 7.44 -3.89
C ALA A 90 -5.77 6.18 -3.02
N ASN A 91 -4.76 5.96 -2.21
CA ASN A 91 -4.75 4.75 -1.34
C ASN A 91 -5.75 4.91 -0.19
N VAL A 92 -5.86 6.09 0.38
CA VAL A 92 -6.83 6.26 1.51
C VAL A 92 -8.25 6.08 0.99
N LEU A 93 -8.60 6.77 -0.05
CA LEU A 93 -9.99 6.64 -0.61
C LEU A 93 -10.26 5.17 -0.92
N ARG A 94 -9.25 4.45 -1.33
CA ARG A 94 -9.45 3.01 -1.63
C ARG A 94 -9.90 2.32 -0.34
N ASP A 95 -9.40 2.77 0.78
CA ASP A 95 -9.79 2.16 2.08
C ASP A 95 -11.20 2.63 2.44
N MET A 96 -11.58 3.81 2.02
CA MET A 96 -12.96 4.31 2.35
C MET A 96 -13.98 3.62 1.43
N GLY A 97 -13.52 2.86 0.48
CA GLY A 97 -14.46 2.13 -0.43
C GLY A 97 -14.81 3.00 -1.64
N LEU A 98 -14.19 4.15 -1.78
CA LEU A 98 -14.48 5.02 -2.96
C LEU A 98 -13.54 4.62 -4.10
N GLN A 99 -13.75 3.46 -4.67
CA GLN A 99 -12.88 3.00 -5.77
C GLN A 99 -13.09 3.89 -7.00
N GLU A 100 -14.30 4.35 -7.21
CA GLU A 100 -14.56 5.20 -8.40
C GLU A 100 -13.70 6.46 -8.36
N MET A 101 -13.67 7.18 -7.27
CA MET A 101 -12.84 8.42 -7.20
C MET A 101 -11.36 8.06 -7.03
N ALA A 102 -11.08 6.99 -6.35
CA ALA A 102 -9.66 6.59 -6.14
C ALA A 102 -9.01 6.26 -7.49
N GLY A 103 -9.68 5.51 -8.31
CA GLY A 103 -9.09 5.15 -9.63
C GLY A 103 -9.06 6.40 -10.52
N GLN A 104 -9.98 7.30 -10.31
CA GLN A 104 -10.02 8.54 -11.13
C GLN A 104 -8.93 9.50 -10.66
N LEU A 105 -8.60 9.49 -9.39
CA LEU A 105 -7.56 10.41 -8.88
C LEU A 105 -6.20 9.99 -9.46
N GLN A 106 -5.85 8.73 -9.34
CA GLN A 106 -4.54 8.27 -9.91
C GLN A 106 -4.50 8.60 -11.41
N ALA A 107 -5.58 8.35 -12.10
CA ALA A 107 -5.63 8.63 -13.56
C ALA A 107 -5.55 10.14 -13.81
N ALA A 108 -6.14 10.92 -12.95
CA ALA A 108 -6.11 12.39 -13.15
C ALA A 108 -4.67 12.88 -13.21
N THR A 109 -3.81 12.38 -12.35
CA THR A 109 -2.38 12.80 -12.37
C THR A 109 -1.62 12.00 -13.43
N HIS A 110 -2.31 11.12 -14.12
CA HIS A 110 -1.64 10.30 -15.16
C HIS A 110 -0.42 9.59 -14.57
N GLN A 111 -0.65 8.63 -13.73
CA GLN A 111 0.47 7.88 -13.10
C GLN A 111 1.11 6.96 -14.13
N GLY A 112 0.30 6.30 -14.93
CA GLY A 112 0.85 5.38 -15.96
C GLY A 112 -0.29 4.76 -16.77
N SER A 113 -0.52 5.25 -17.95
CA SER A 113 -1.62 4.71 -18.80
C SER A 113 -1.28 3.27 -19.21
N GLY A 114 -1.79 2.30 -18.49
CA GLY A 114 -1.49 0.89 -18.84
C GLY A 114 -2.03 -0.04 -17.74
N ALA A 115 -3.23 0.19 -17.29
CA ALA A 115 -3.80 -0.67 -16.22
C ALA A 115 -3.97 -2.10 -16.74
N ALA A 116 -3.35 -3.04 -16.10
CA ALA A 116 -3.46 -4.47 -16.55
C ALA A 116 -4.90 -4.97 -16.24
N PRO A 117 -5.32 -6.05 -16.87
CA PRO A 117 -6.66 -6.60 -16.62
C PRO A 117 -6.84 -6.89 -15.12
N ALA A 118 -5.95 -7.65 -14.53
CA ALA A 118 -6.05 -7.97 -13.09
C ALA A 118 -4.69 -8.43 -12.57
N GLY A 119 -4.20 -7.77 -11.54
CA GLY A 119 -2.88 -8.15 -10.96
C GLY A 119 -2.30 -6.94 -10.21
N ILE A 120 -2.70 -5.75 -10.59
CA ILE A 120 -2.19 -4.53 -9.91
C ILE A 120 -2.72 -4.49 -8.47
N GLN A 121 -3.79 -5.20 -8.20
CA GLN A 121 -4.36 -5.19 -6.83
C GLN A 121 -3.30 -5.64 -5.82
N ALA A 122 -2.15 -6.05 -6.28
CA ALA A 122 -1.09 -6.50 -5.33
C ALA A 122 -0.62 -5.29 -4.49
N PRO A 123 -0.20 -5.50 -3.24
CA PRO A 123 0.26 -4.37 -2.41
C PRO A 123 1.46 -3.68 -3.10
N PRO A 124 1.83 -2.49 -2.64
CA PRO A 124 2.98 -1.78 -3.24
C PRO A 124 4.25 -2.62 -3.06
N GLN A 125 5.27 -2.36 -3.84
CA GLN A 125 6.53 -3.14 -3.73
C GLN A 125 7.27 -2.75 -2.44
N SER A 126 6.55 -2.48 -1.38
CA SER A 126 7.22 -2.10 -0.10
C SER A 126 8.02 -3.28 0.43
N ALA A 127 9.33 -3.15 0.47
CA ALA A 127 10.20 -4.23 0.98
C ALA A 127 9.78 -5.59 0.40
N ALA A 128 10.40 -5.99 -0.69
CA ALA A 128 10.04 -7.30 -1.30
C ALA A 128 10.42 -8.43 -0.34
N LYS A 129 9.61 -9.45 -0.29
CA LYS A 129 9.91 -10.60 0.63
C LYS A 129 11.21 -11.31 0.13
N PRO A 130 11.93 -11.97 1.01
CA PRO A 130 13.17 -12.68 0.59
C PRO A 130 12.83 -13.68 -0.52
N GLY A 131 13.61 -13.70 -1.57
CA GLY A 131 13.34 -14.65 -2.68
C GLY A 131 13.65 -16.07 -2.21
N LEU A 132 14.21 -16.18 -1.04
CA LEU A 132 14.55 -17.52 -0.48
C LEU A 132 13.29 -18.16 0.10
N HIS A 133 13.13 -19.44 -0.04
CA HIS A 133 11.92 -20.11 0.51
C HIS A 133 11.96 -20.07 2.04
N PHE A 134 10.85 -19.81 2.67
CA PHE A 134 10.83 -19.76 4.15
C PHE A 134 9.36 -19.71 4.63
N ILE A 135 8.61 -18.76 4.15
CA ILE A 135 7.18 -18.66 4.57
C ILE A 135 6.37 -19.77 3.86
N ASP A 136 6.81 -20.16 2.70
CA ASP A 136 6.10 -21.24 1.95
C ASP A 136 6.49 -22.59 2.54
N GLN A 137 7.60 -22.63 3.21
CA GLN A 137 8.08 -23.89 3.83
C GLN A 137 7.06 -24.39 4.86
N HIS A 138 6.22 -23.52 5.35
CA HIS A 138 5.20 -23.94 6.36
C HIS A 138 3.92 -24.35 5.65
N ARG A 139 3.77 -23.95 4.41
CA ARG A 139 2.55 -24.36 3.64
C ARG A 139 2.73 -25.82 3.23
N ALA A 140 3.81 -26.11 2.55
CA ALA A 140 4.07 -27.51 2.12
C ALA A 140 4.18 -28.42 3.35
N ALA A 141 4.69 -27.91 4.44
CA ALA A 141 4.83 -28.74 5.66
C ALA A 141 3.45 -29.19 6.14
N LEU A 142 2.54 -28.27 6.31
CA LEU A 142 1.18 -28.64 6.81
C LEU A 142 0.37 -29.35 5.70
N ILE A 143 0.52 -28.96 4.46
CA ILE A 143 -0.27 -29.63 3.38
C ILE A 143 0.04 -31.13 3.37
N ALA A 144 1.30 -31.49 3.42
CA ALA A 144 1.67 -32.93 3.38
C ALA A 144 1.38 -33.62 4.72
N ARG A 145 1.27 -32.88 5.81
CA ARG A 145 1.00 -33.54 7.13
C ARG A 145 -0.51 -33.61 7.40
N VAL A 146 -1.24 -32.57 7.13
CA VAL A 146 -2.71 -32.60 7.37
C VAL A 146 -3.33 -33.69 6.49
N THR A 147 -2.75 -33.93 5.33
CA THR A 147 -3.29 -34.99 4.42
C THR A 147 -4.81 -34.88 4.27
N ASN A 148 -5.31 -33.68 4.19
CA ASN A 148 -6.78 -33.46 4.04
C ASN A 148 -7.03 -31.99 3.74
N VAL A 149 -6.32 -31.46 2.78
CA VAL A 149 -6.47 -30.03 2.41
C VAL A 149 -7.95 -29.67 2.21
N GLU A 150 -8.73 -30.56 1.65
CA GLU A 150 -10.17 -30.26 1.41
C GLU A 150 -10.87 -29.85 2.71
N TRP A 151 -10.48 -30.39 3.82
CA TRP A 151 -11.16 -30.03 5.11
C TRP A 151 -10.82 -28.58 5.50
N LEU A 152 -9.61 -28.15 5.26
CA LEU A 152 -9.22 -26.75 5.63
C LEU A 152 -9.85 -25.75 4.64
N LEU A 153 -9.94 -26.10 3.39
CA LEU A 153 -10.55 -25.17 2.40
C LEU A 153 -12.02 -24.93 2.80
N ASP A 154 -12.77 -25.98 3.01
CA ASP A 154 -14.20 -25.82 3.39
C ASP A 154 -14.29 -25.12 4.75
N ALA A 155 -13.29 -25.26 5.57
CA ALA A 155 -13.33 -24.61 6.92
C ALA A 155 -13.48 -23.09 6.77
N LEU A 156 -13.10 -22.53 5.64
CA LEU A 156 -13.20 -21.04 5.43
C LEU A 156 -14.30 -20.74 4.41
N TYR A 157 -15.11 -21.70 4.06
CA TYR A 157 -16.18 -21.45 3.05
C TYR A 157 -17.25 -20.52 3.65
N GLY A 158 -17.47 -19.39 3.02
CA GLY A 158 -18.53 -18.44 3.49
C GLY A 158 -18.07 -17.65 4.72
N LYS A 159 -17.19 -18.20 5.51
CA LYS A 159 -16.74 -17.47 6.74
C LYS A 159 -15.78 -16.32 6.37
N VAL A 160 -14.51 -16.60 6.19
CA VAL A 160 -13.54 -15.50 5.88
C VAL A 160 -13.60 -15.14 4.40
N LEU A 161 -13.59 -16.11 3.53
CA LEU A 161 -13.63 -15.82 2.05
C LEU A 161 -15.07 -15.88 1.55
N THR A 162 -15.37 -15.12 0.54
CA THR A 162 -16.77 -15.12 -0.02
C THR A 162 -16.93 -16.33 -0.95
N ASP A 163 -18.11 -16.55 -1.45
CA ASP A 163 -18.33 -17.72 -2.35
C ASP A 163 -17.56 -17.55 -3.65
N GLU A 164 -17.62 -16.41 -4.27
CA GLU A 164 -16.89 -16.22 -5.57
C GLU A 164 -15.37 -16.37 -5.34
N GLN A 165 -14.86 -15.85 -4.26
CA GLN A 165 -13.40 -15.96 -4.00
C GLN A 165 -13.06 -17.39 -3.63
N TYR A 166 -13.83 -17.98 -2.75
CA TYR A 166 -13.57 -19.41 -2.37
C TYR A 166 -13.57 -20.25 -3.64
N GLN A 167 -14.47 -19.96 -4.55
CA GLN A 167 -14.52 -20.71 -5.83
C GLN A 167 -13.28 -20.33 -6.67
N ALA A 168 -12.84 -19.09 -6.57
CA ALA A 168 -11.66 -18.67 -7.37
C ALA A 168 -10.45 -19.52 -6.98
N VAL A 169 -10.23 -19.68 -5.70
CA VAL A 169 -9.06 -20.48 -5.24
C VAL A 169 -9.18 -21.92 -5.78
N ARG A 170 -10.38 -22.42 -5.88
CA ARG A 170 -10.58 -23.82 -6.39
C ARG A 170 -10.32 -23.86 -7.91
N ALA A 171 -10.31 -22.72 -8.56
CA ALA A 171 -10.09 -22.72 -10.04
C ALA A 171 -8.61 -22.95 -10.37
N GLU A 172 -7.78 -23.13 -9.37
CA GLU A 172 -6.34 -23.37 -9.65
C GLU A 172 -6.19 -24.63 -10.55
N PRO A 173 -4.98 -25.00 -10.95
CA PRO A 173 -4.76 -26.17 -11.82
C PRO A 173 -4.49 -27.42 -10.98
N THR A 174 -3.57 -27.32 -10.07
CA THR A 174 -3.15 -28.49 -9.22
C THR A 174 -3.99 -28.58 -7.93
N ASN A 175 -3.82 -29.65 -7.19
CA ASN A 175 -4.58 -29.84 -5.91
C ASN A 175 -3.87 -29.07 -4.75
N PRO A 176 -2.60 -29.33 -4.48
CA PRO A 176 -1.91 -28.61 -3.39
C PRO A 176 -1.82 -27.10 -3.72
N SER A 177 -2.01 -26.73 -4.97
CA SER A 177 -1.90 -25.30 -5.33
C SER A 177 -3.10 -24.52 -4.77
N LYS A 178 -4.23 -25.15 -4.63
CA LYS A 178 -5.41 -24.44 -4.11
C LYS A 178 -5.12 -23.97 -2.68
N MET A 179 -4.28 -24.69 -1.98
CA MET A 179 -3.93 -24.30 -0.59
C MET A 179 -2.93 -23.14 -0.65
N ARG A 180 -1.87 -23.31 -1.40
CA ARG A 180 -0.84 -22.23 -1.50
C ARG A 180 -1.51 -20.88 -1.79
N LYS A 181 -2.43 -20.84 -2.73
CA LYS A 181 -3.11 -19.56 -3.06
C LYS A 181 -3.90 -19.08 -1.84
N LEU A 182 -4.65 -19.95 -1.22
CA LEU A 182 -5.47 -19.55 -0.02
C LEU A 182 -4.58 -18.76 0.96
N PHE A 183 -3.46 -19.30 1.34
CA PHE A 183 -2.59 -18.58 2.31
C PHE A 183 -2.23 -17.19 1.76
N SER A 184 -2.16 -17.04 0.46
CA SER A 184 -1.82 -15.71 -0.11
C SER A 184 -2.87 -14.67 0.32
N PHE A 185 -4.08 -15.10 0.61
CA PHE A 185 -5.14 -14.13 1.03
C PHE A 185 -4.89 -13.73 2.51
N THR A 186 -3.64 -13.55 2.88
CA THR A 186 -3.31 -13.16 4.27
C THR A 186 -3.95 -11.80 4.61
N PRO A 187 -3.84 -10.80 3.75
CA PRO A 187 -4.43 -9.47 4.04
C PRO A 187 -5.94 -9.63 4.33
N ALA A 188 -6.52 -10.71 3.88
CA ALA A 188 -7.99 -10.94 4.14
C ALA A 188 -8.15 -11.67 5.48
N TRP A 189 -7.07 -12.15 6.04
CA TRP A 189 -7.16 -12.89 7.34
C TRP A 189 -7.10 -11.88 8.49
N ASN A 190 -8.10 -11.85 9.32
CA ASN A 190 -8.12 -10.90 10.49
C ASN A 190 -7.62 -11.65 11.72
N TRP A 191 -7.63 -11.02 12.87
CA TRP A 191 -7.16 -11.71 14.10
C TRP A 191 -7.97 -12.99 14.31
N THR A 192 -9.25 -12.93 14.07
CA THR A 192 -10.11 -14.14 14.26
C THR A 192 -9.80 -15.18 13.17
N CYS A 193 -9.46 -14.75 11.98
CA CYS A 193 -9.16 -15.73 10.89
C CYS A 193 -7.94 -16.58 11.27
N LYS A 194 -6.84 -15.96 11.56
CA LYS A 194 -5.60 -16.72 11.91
C LYS A 194 -5.88 -17.69 13.06
N ASP A 195 -6.44 -17.23 14.13
CA ASP A 195 -6.71 -18.13 15.30
C ASP A 195 -7.79 -19.15 14.95
N LEU A 196 -8.77 -18.76 14.18
CA LEU A 196 -9.87 -19.71 13.83
C LEU A 196 -9.30 -20.87 13.01
N LEU A 197 -8.48 -20.58 12.03
CA LEU A 197 -7.91 -21.69 11.20
C LEU A 197 -6.95 -22.50 12.07
N LEU A 198 -6.08 -21.85 12.79
CA LEU A 198 -5.12 -22.59 13.67
C LEU A 198 -5.93 -23.46 14.63
N GLN A 199 -7.06 -22.98 15.07
CA GLN A 199 -7.90 -23.79 15.99
C GLN A 199 -8.32 -25.08 15.28
N ALA A 200 -8.62 -25.00 14.01
CA ALA A 200 -9.03 -26.22 13.26
C ALA A 200 -7.94 -27.29 13.37
N LEU A 201 -6.69 -26.88 13.33
CA LEU A 201 -5.59 -27.88 13.42
C LEU A 201 -5.62 -28.56 14.79
N ARG A 202 -5.98 -27.85 15.83
CA ARG A 202 -6.01 -28.49 17.19
C ARG A 202 -7.10 -29.57 17.23
N GLU A 203 -8.21 -29.34 16.57
CA GLU A 203 -9.29 -30.35 16.59
C GLU A 203 -8.83 -31.64 15.92
N SER A 204 -8.05 -31.53 14.86
CA SER A 204 -7.57 -32.76 14.15
C SER A 204 -6.29 -33.27 14.82
N GLN A 205 -5.46 -32.40 15.32
CA GLN A 205 -4.20 -32.88 15.97
C GLN A 205 -3.47 -31.70 16.63
N SER A 206 -3.31 -31.75 17.93
CA SER A 206 -2.61 -30.65 18.66
C SER A 206 -1.12 -30.63 18.30
N TYR A 207 -0.59 -31.71 17.78
CA TYR A 207 0.85 -31.75 17.44
C TYR A 207 1.20 -30.64 16.44
N LEU A 208 0.42 -30.49 15.40
CA LEU A 208 0.74 -29.45 14.40
C LEU A 208 0.62 -28.07 15.03
N VAL A 209 -0.31 -27.87 15.91
CA VAL A 209 -0.46 -26.52 16.55
C VAL A 209 0.87 -26.15 17.22
N GLU A 210 1.50 -27.09 17.87
CA GLU A 210 2.80 -26.81 18.55
C GLU A 210 3.93 -26.77 17.53
N ASP A 211 3.97 -27.70 16.62
CA ASP A 211 5.07 -27.71 15.61
C ASP A 211 5.03 -26.44 14.77
N LEU A 212 3.85 -25.96 14.45
CA LEU A 212 3.75 -24.71 13.62
C LEU A 212 3.98 -23.49 14.51
N GLU A 213 3.74 -23.61 15.79
CA GLU A 213 3.97 -22.45 16.70
C GLU A 213 5.46 -22.14 16.75
N ARG A 214 6.28 -23.15 16.92
CA ARG A 214 7.75 -22.93 16.97
C ARG A 214 8.27 -22.69 15.55
N SER A 215 7.93 -21.56 14.97
CA SER A 215 8.41 -21.27 13.59
C SER A 215 8.04 -22.41 12.65
N MET A 21 -5.27 25.85 -11.72
CA MET A 21 -4.26 25.08 -12.49
C MET A 21 -3.71 23.94 -11.63
N GLY A 22 -2.93 23.05 -12.22
CA GLY A 22 -2.37 21.91 -11.44
C GLY A 22 -3.35 20.75 -11.48
N ARG A 23 -3.22 19.88 -12.44
CA ARG A 23 -4.15 18.72 -12.55
C ARG A 23 -4.15 17.94 -11.24
N ALA A 24 -3.03 17.83 -10.59
CA ALA A 24 -2.99 17.10 -9.29
C ALA A 24 -3.71 17.92 -8.22
N ARG A 25 -3.42 19.19 -8.15
CA ARG A 25 -4.10 20.05 -7.14
C ARG A 25 -5.61 20.00 -7.41
N ASP A 26 -5.99 20.01 -8.67
CA ASP A 26 -7.42 19.96 -9.02
C ASP A 26 -7.97 18.55 -8.71
N ALA A 27 -7.15 17.55 -8.89
CA ALA A 27 -7.60 16.16 -8.62
C ALA A 27 -7.99 16.02 -7.15
N ILE A 28 -7.12 16.42 -6.25
CA ILE A 28 -7.43 16.33 -4.80
C ILE A 28 -8.72 17.12 -4.51
N LEU A 29 -8.76 18.36 -4.92
CA LEU A 29 -9.98 19.20 -4.65
C LEU A 29 -11.25 18.44 -5.07
N ASP A 30 -11.24 17.81 -6.22
CA ASP A 30 -12.44 17.08 -6.68
C ASP A 30 -12.85 15.98 -5.70
N ALA A 31 -11.94 15.13 -5.31
CA ALA A 31 -12.31 14.02 -4.38
C ALA A 31 -12.78 14.56 -3.03
N LEU A 32 -12.00 15.40 -2.39
CA LEU A 32 -12.44 15.92 -1.06
C LEU A 32 -13.80 16.62 -1.17
N GLU A 33 -13.95 17.49 -2.13
CA GLU A 33 -15.25 18.21 -2.28
C GLU A 33 -16.36 17.20 -2.58
N ASN A 34 -16.01 16.00 -2.96
CA ASN A 34 -17.04 14.95 -3.28
C ASN A 34 -17.43 14.18 -2.00
N LEU A 35 -16.56 14.13 -1.02
CA LEU A 35 -16.90 13.40 0.24
C LEU A 35 -17.89 14.24 1.05
N THR A 36 -18.73 13.59 1.83
CA THR A 36 -19.71 14.35 2.66
C THR A 36 -18.97 15.03 3.81
N ALA A 37 -19.58 16.01 4.43
CA ALA A 37 -18.91 16.71 5.57
C ALA A 37 -18.39 15.70 6.60
N GLU A 38 -19.21 14.77 7.00
CA GLU A 38 -18.77 13.77 8.01
C GLU A 38 -17.79 12.79 7.35
N GLU A 39 -18.05 12.38 6.15
CA GLU A 39 -17.13 11.43 5.46
C GLU A 39 -15.76 12.10 5.34
N LEU A 40 -15.74 13.40 5.21
CA LEU A 40 -14.43 14.12 5.08
C LEU A 40 -13.67 13.96 6.40
N LYS A 41 -14.37 14.03 7.50
CA LYS A 41 -13.69 13.89 8.82
C LYS A 41 -12.96 12.53 8.88
N LYS A 42 -13.56 11.51 8.32
CA LYS A 42 -12.93 10.17 8.33
C LYS A 42 -11.60 10.23 7.57
N PHE A 43 -11.54 10.97 6.49
CA PHE A 43 -10.27 11.07 5.71
C PHE A 43 -9.16 11.63 6.62
N LYS A 44 -9.50 12.54 7.49
CA LYS A 44 -8.47 13.14 8.39
C LYS A 44 -7.91 12.05 9.32
N LEU A 45 -8.76 11.40 10.05
CA LEU A 45 -8.30 10.36 11.00
C LEU A 45 -7.61 9.24 10.22
N LYS A 46 -8.13 8.90 9.07
CA LYS A 46 -7.47 7.83 8.26
C LYS A 46 -6.02 8.24 7.99
N LEU A 47 -5.78 9.52 7.85
CA LEU A 47 -4.40 9.99 7.60
C LEU A 47 -3.54 9.60 8.80
N LEU A 48 -4.07 9.72 9.98
CA LEU A 48 -3.29 9.36 11.21
C LEU A 48 -3.29 7.82 11.37
N SER A 49 -4.15 7.12 10.68
CA SER A 49 -4.20 5.63 10.81
C SER A 49 -3.24 4.97 9.82
N VAL A 50 -3.05 5.54 8.67
CA VAL A 50 -2.13 4.92 7.67
C VAL A 50 -0.66 5.25 8.06
N PRO A 51 0.21 4.25 8.23
CA PRO A 51 1.61 4.55 8.62
C PRO A 51 2.31 5.35 7.50
N LEU A 52 3.11 6.31 7.86
CA LEU A 52 3.85 7.16 6.86
C LEU A 52 5.36 6.99 7.09
N ARG A 53 6.15 7.36 6.12
CA ARG A 53 7.63 7.23 6.27
C ARG A 53 8.14 8.34 7.18
N GLU A 54 9.35 8.24 7.65
CA GLU A 54 9.90 9.31 8.55
C GLU A 54 10.11 10.59 7.76
N GLY A 55 10.47 10.47 6.51
CA GLY A 55 10.71 11.69 5.68
C GLY A 55 9.41 12.49 5.53
N TYR A 56 8.33 11.99 6.08
CA TYR A 56 7.01 12.69 5.99
C TYR A 56 6.24 12.53 7.30
N GLY A 57 6.18 13.58 8.08
CA GLY A 57 5.45 13.50 9.39
C GLY A 57 3.94 13.51 9.14
N ARG A 58 3.17 13.10 10.13
CA ARG A 58 1.69 13.07 9.97
C ARG A 58 1.10 14.42 10.43
N ILE A 59 0.22 14.99 9.65
CA ILE A 59 -0.41 16.29 10.04
C ILE A 59 -1.45 16.00 11.16
N PRO A 60 -1.39 16.67 12.31
CA PRO A 60 -2.38 16.39 13.39
C PRO A 60 -3.82 16.63 12.89
N ARG A 61 -4.73 15.80 13.32
CA ARG A 61 -6.15 15.94 12.91
C ARG A 61 -6.64 17.38 13.15
N GLY A 62 -6.36 17.92 14.29
CA GLY A 62 -6.82 19.30 14.62
C GLY A 62 -6.35 20.31 13.56
N ALA A 63 -5.19 20.14 13.01
CA ALA A 63 -4.70 21.09 12.00
C ALA A 63 -5.62 21.03 10.78
N LEU A 64 -6.19 19.88 10.51
CA LEU A 64 -7.11 19.75 9.34
C LEU A 64 -8.44 20.45 9.70
N LEU A 65 -8.84 20.42 10.94
CA LEU A 65 -10.11 21.08 11.32
C LEU A 65 -10.02 22.58 11.01
N SER A 66 -8.89 23.18 11.28
CA SER A 66 -8.74 24.63 11.00
C SER A 66 -8.77 24.85 9.48
N MET A 67 -8.08 24.02 8.75
CA MET A 67 -8.05 24.16 7.26
C MET A 67 -9.33 23.59 6.67
N ASP A 68 -9.67 24.04 5.47
CA ASP A 68 -10.91 23.55 4.77
C ASP A 68 -10.48 22.74 3.54
N ALA A 69 -11.41 22.29 2.76
CA ALA A 69 -11.05 21.49 1.56
C ALA A 69 -10.04 22.24 0.69
N LEU A 70 -10.24 23.50 0.46
CA LEU A 70 -9.30 24.29 -0.39
C LEU A 70 -7.98 24.54 0.37
N ASP A 71 -8.05 25.11 1.54
CA ASP A 71 -6.80 25.39 2.30
C ASP A 71 -6.05 24.08 2.54
N LEU A 72 -6.73 23.04 2.93
CA LEU A 72 -6.04 21.75 3.17
C LEU A 72 -5.57 21.17 1.83
N THR A 73 -6.29 21.41 0.76
CA THR A 73 -5.84 20.87 -0.56
C THR A 73 -4.45 21.44 -0.88
N ASP A 74 -4.31 22.73 -0.79
CA ASP A 74 -3.00 23.35 -1.08
C ASP A 74 -1.94 22.81 -0.10
N LYS A 75 -2.36 22.47 1.09
CA LYS A 75 -1.37 21.95 2.11
C LYS A 75 -0.93 20.53 1.73
N LEU A 76 -1.84 19.65 1.37
CA LEU A 76 -1.40 18.27 0.99
C LEU A 76 -0.34 18.40 -0.11
N VAL A 77 -0.48 19.40 -0.93
CA VAL A 77 0.51 19.62 -2.03
C VAL A 77 1.82 20.17 -1.45
N SER A 78 1.75 21.02 -0.45
CA SER A 78 3.00 21.59 0.13
C SER A 78 3.72 20.56 1.00
N PHE A 79 3.01 19.88 1.85
CA PHE A 79 3.65 18.88 2.76
C PHE A 79 3.93 17.54 2.04
N TYR A 80 2.97 16.99 1.35
CA TYR A 80 3.16 15.66 0.65
C TYR A 80 3.46 15.85 -0.84
N LEU A 81 3.84 17.03 -1.26
CA LEU A 81 4.13 17.26 -2.71
C LEU A 81 2.87 17.03 -3.55
N GLU A 82 2.89 17.47 -4.79
CA GLU A 82 1.68 17.32 -5.67
C GLU A 82 1.41 15.85 -6.04
N THR A 83 2.35 15.19 -6.65
CA THR A 83 2.11 13.79 -7.09
C THR A 83 2.10 12.83 -5.89
N TYR A 84 3.13 12.82 -5.10
CA TYR A 84 3.16 11.88 -3.93
C TYR A 84 1.94 12.14 -3.04
N GLY A 85 1.40 13.34 -3.09
CA GLY A 85 0.21 13.65 -2.25
C GLY A 85 -1.01 12.90 -2.78
N ALA A 86 -1.28 13.00 -4.05
CA ALA A 86 -2.47 12.30 -4.62
C ALA A 86 -2.29 10.79 -4.51
N GLU A 87 -1.07 10.30 -4.59
CA GLU A 87 -0.86 8.83 -4.47
C GLU A 87 -1.36 8.38 -3.09
N LEU A 88 -0.95 9.07 -2.05
CA LEU A 88 -1.40 8.71 -0.68
C LEU A 88 -2.93 8.79 -0.63
N THR A 89 -3.47 9.88 -1.06
CA THR A 89 -4.94 10.07 -1.05
C THR A 89 -5.66 8.92 -1.78
N ALA A 90 -5.27 8.64 -2.99
CA ALA A 90 -5.93 7.57 -3.77
C ALA A 90 -5.98 6.26 -2.97
N ASN A 91 -4.91 5.91 -2.31
CA ASN A 91 -4.90 4.63 -1.52
C ASN A 91 -5.87 4.74 -0.32
N VAL A 92 -6.06 5.93 0.21
CA VAL A 92 -6.98 6.05 1.38
C VAL A 92 -8.42 5.88 0.90
N LEU A 93 -8.83 6.62 -0.10
CA LEU A 93 -10.21 6.49 -0.62
C LEU A 93 -10.45 5.03 -1.03
N ARG A 94 -9.42 4.38 -1.52
CA ARG A 94 -9.57 2.95 -1.91
C ARG A 94 -9.99 2.16 -0.67
N ASP A 95 -9.48 2.55 0.47
CA ASP A 95 -9.85 1.85 1.74
C ASP A 95 -11.26 2.24 2.14
N MET A 96 -11.68 3.43 1.77
CA MET A 96 -13.07 3.87 2.13
C MET A 96 -14.07 3.19 1.20
N GLY A 97 -13.59 2.47 0.22
CA GLY A 97 -14.50 1.75 -0.73
C GLY A 97 -14.88 2.68 -1.90
N LEU A 98 -14.27 3.84 -1.96
CA LEU A 98 -14.57 4.80 -3.07
C LEU A 98 -13.59 4.50 -4.21
N GLN A 99 -13.66 3.32 -4.72
CA GLN A 99 -12.77 2.90 -5.83
C GLN A 99 -12.98 3.82 -7.05
N GLU A 100 -14.20 4.22 -7.30
CA GLU A 100 -14.45 5.08 -8.47
C GLU A 100 -13.60 6.37 -8.41
N MET A 101 -13.60 7.04 -7.28
CA MET A 101 -12.78 8.29 -7.17
C MET A 101 -11.30 7.94 -7.01
N ALA A 102 -11.01 6.85 -6.36
CA ALA A 102 -9.58 6.47 -6.16
C ALA A 102 -8.93 6.14 -7.50
N GLY A 103 -9.61 5.44 -8.36
CA GLY A 103 -9.02 5.08 -9.68
C GLY A 103 -8.98 6.33 -10.56
N GLN A 104 -9.91 7.22 -10.38
CA GLN A 104 -9.95 8.46 -11.20
C GLN A 104 -8.88 9.45 -10.70
N LEU A 105 -8.66 9.50 -9.42
CA LEU A 105 -7.64 10.44 -8.87
C LEU A 105 -6.26 10.07 -9.40
N GLN A 106 -5.87 8.81 -9.28
CA GLN A 106 -4.54 8.40 -9.81
C GLN A 106 -4.46 8.75 -11.30
N ALA A 107 -5.54 8.61 -12.00
CA ALA A 107 -5.56 8.91 -13.46
C ALA A 107 -5.41 10.42 -13.68
N ALA A 108 -6.03 11.22 -12.86
CA ALA A 108 -5.93 12.69 -13.03
C ALA A 108 -4.46 13.12 -12.99
N THR A 109 -3.69 12.58 -12.09
CA THR A 109 -2.25 12.96 -12.00
C THR A 109 -1.43 12.13 -12.99
N HIS A 110 -2.03 11.12 -13.55
CA HIS A 110 -1.30 10.25 -14.52
C HIS A 110 -2.31 9.52 -15.41
N GLN A 111 -2.77 10.18 -16.45
CA GLN A 111 -3.77 9.55 -17.35
C GLN A 111 -3.29 8.16 -17.80
N GLY A 112 -2.00 8.01 -18.01
CA GLY A 112 -1.48 6.68 -18.44
C GLY A 112 0.00 6.82 -18.81
N SER A 113 0.79 7.43 -17.96
CA SER A 113 2.23 7.59 -18.25
C SER A 113 2.93 6.22 -18.17
N GLY A 114 2.87 5.46 -19.23
CA GLY A 114 3.52 4.13 -19.22
C GLY A 114 2.89 3.25 -18.13
N ALA A 115 1.59 3.28 -18.02
CA ALA A 115 0.92 2.45 -16.98
C ALA A 115 1.08 0.97 -17.32
N ALA A 116 1.67 0.22 -16.43
CA ALA A 116 1.86 -1.24 -16.69
C ALA A 116 0.48 -1.93 -16.68
N PRO A 117 0.38 -3.12 -17.24
CA PRO A 117 -0.90 -3.87 -17.27
C PRO A 117 -1.41 -4.05 -15.82
N ALA A 118 -2.54 -4.69 -15.66
CA ALA A 118 -3.09 -4.92 -14.30
C ALA A 118 -3.17 -3.59 -13.52
N GLY A 119 -4.35 -3.04 -13.45
CA GLY A 119 -4.52 -1.76 -12.70
C GLY A 119 -4.11 -1.95 -11.24
N ILE A 120 -4.11 -3.17 -10.77
CA ILE A 120 -3.73 -3.42 -9.36
C ILE A 120 -2.24 -3.10 -9.17
N GLN A 121 -1.37 -4.07 -9.37
CA GLN A 121 0.09 -3.82 -9.20
C GLN A 121 0.35 -3.25 -7.80
N ALA A 122 0.38 -4.08 -6.80
CA ALA A 122 0.63 -3.58 -5.42
C ALA A 122 2.07 -3.00 -5.35
N PRO A 123 2.33 -2.02 -4.49
CA PRO A 123 3.69 -1.44 -4.39
C PRO A 123 4.78 -2.53 -4.13
N PRO A 124 4.58 -3.43 -3.18
CA PRO A 124 5.62 -4.46 -2.91
C PRO A 124 5.80 -5.36 -4.13
N GLN A 125 7.01 -5.82 -4.35
CA GLN A 125 7.31 -6.72 -5.53
C GLN A 125 7.58 -8.13 -5.02
N SER A 126 7.47 -8.35 -3.73
CA SER A 126 7.73 -9.70 -3.17
C SER A 126 6.67 -10.68 -3.67
N ALA A 127 7.03 -11.52 -4.61
CA ALA A 127 6.05 -12.50 -5.15
C ALA A 127 5.73 -13.55 -4.08
N ALA A 128 6.73 -14.26 -3.63
CA ALA A 128 6.48 -15.29 -2.59
C ALA A 128 5.95 -14.62 -1.32
N LYS A 129 4.68 -14.81 -1.02
CA LYS A 129 4.09 -14.18 0.20
C LYS A 129 4.60 -14.96 1.45
N PRO A 130 4.60 -14.33 2.61
CA PRO A 130 5.07 -15.00 3.85
C PRO A 130 4.26 -16.29 4.07
N GLY A 131 4.83 -17.23 4.78
CA GLY A 131 4.12 -18.53 5.05
C GLY A 131 4.45 -19.00 6.46
N LEU A 132 4.84 -18.08 7.29
CA LEU A 132 5.19 -18.43 8.71
C LEU A 132 3.89 -18.48 9.53
N HIS A 133 3.64 -19.57 10.19
CA HIS A 133 2.40 -19.68 11.01
C HIS A 133 2.38 -18.57 12.06
N PHE A 134 1.32 -17.80 12.11
CA PHE A 134 1.24 -16.70 13.11
C PHE A 134 -0.18 -16.13 13.13
N ILE A 135 -0.69 -15.72 12.01
CA ILE A 135 -2.07 -15.15 11.97
C ILE A 135 -3.07 -16.25 12.36
N ASP A 136 -2.74 -17.49 12.10
CA ASP A 136 -3.65 -18.62 12.45
C ASP A 136 -3.49 -18.94 13.93
N GLN A 137 -2.39 -18.53 14.50
CA GLN A 137 -2.15 -18.81 15.95
C GLN A 137 -3.24 -18.20 16.82
N HIS A 138 -3.84 -17.11 16.40
CA HIS A 138 -4.92 -16.47 17.24
C HIS A 138 -6.27 -17.05 16.84
N ARG A 139 -6.35 -17.69 15.71
CA ARG A 139 -7.64 -18.31 15.29
C ARG A 139 -7.84 -19.57 16.13
N ALA A 140 -6.93 -20.49 16.04
CA ALA A 140 -7.03 -21.74 16.84
C ALA A 140 -7.09 -21.41 18.32
N ALA A 141 -6.41 -20.38 18.75
CA ALA A 141 -6.42 -20.03 20.20
C ALA A 141 -7.84 -19.70 20.64
N LEU A 142 -8.50 -18.82 19.93
CA LEU A 142 -9.89 -18.44 20.34
C LEU A 142 -10.89 -19.57 20.01
N ILE A 143 -10.74 -20.22 18.89
CA ILE A 143 -11.71 -21.31 18.54
C ILE A 143 -11.72 -22.37 19.68
N ALA A 144 -10.56 -22.77 20.14
CA ALA A 144 -10.51 -23.80 21.22
C ALA A 144 -10.93 -23.21 22.57
N ARG A 145 -10.86 -21.91 22.73
CA ARG A 145 -11.24 -21.29 24.05
C ARG A 145 -12.74 -20.99 24.08
N VAL A 146 -13.28 -20.45 23.03
CA VAL A 146 -14.72 -20.12 23.01
C VAL A 146 -15.55 -21.41 23.14
N THR A 147 -15.04 -22.51 22.63
CA THR A 147 -15.77 -23.81 22.75
C THR A 147 -17.22 -23.64 22.28
N ASN A 148 -17.44 -22.81 21.30
CA ASN A 148 -18.82 -22.59 20.78
C ASN A 148 -18.72 -21.72 19.52
N VAL A 149 -18.09 -22.22 18.50
CA VAL A 149 -17.94 -21.43 17.25
C VAL A 149 -19.31 -21.04 16.69
N GLU A 150 -20.29 -21.91 16.81
CA GLU A 150 -21.64 -21.59 16.28
C GLU A 150 -22.15 -20.25 16.82
N TRP A 151 -21.74 -19.87 18.01
CA TRP A 151 -22.23 -18.57 18.57
C TRP A 151 -21.64 -17.41 17.75
N LEU A 152 -20.36 -17.42 17.52
CA LEU A 152 -19.73 -16.30 16.74
C LEU A 152 -20.14 -16.41 15.27
N LEU A 153 -20.29 -17.60 14.76
CA LEU A 153 -20.69 -17.75 13.32
C LEU A 153 -22.14 -17.26 13.17
N ASP A 154 -23.03 -17.76 13.98
CA ASP A 154 -24.46 -17.32 13.87
C ASP A 154 -24.54 -15.80 14.09
N ALA A 155 -23.61 -15.24 14.82
CA ALA A 155 -23.64 -13.78 15.08
C ALA A 155 -23.58 -13.00 13.77
N LEU A 156 -22.76 -13.41 12.83
CA LEU A 156 -22.66 -12.66 11.53
C LEU A 156 -23.73 -13.14 10.55
N TYR A 157 -24.63 -13.98 10.99
CA TYR A 157 -25.70 -14.46 10.05
C TYR A 157 -26.61 -13.29 9.65
N GLY A 158 -26.70 -13.01 8.38
CA GLY A 158 -27.60 -11.90 7.91
C GLY A 158 -26.96 -10.53 8.15
N LYS A 159 -26.00 -10.44 9.04
CA LYS A 159 -25.37 -9.11 9.33
C LYS A 159 -24.37 -8.73 8.22
N VAL A 160 -23.14 -9.18 8.32
CA VAL A 160 -22.11 -8.82 7.29
C VAL A 160 -22.11 -9.83 6.15
N LEU A 161 -22.10 -11.10 6.46
CA LEU A 161 -22.09 -12.15 5.40
C LEU A 161 -23.53 -12.40 4.92
N THR A 162 -23.70 -12.59 3.64
CA THR A 162 -25.07 -12.84 3.09
C THR A 162 -25.42 -14.31 3.31
N ASP A 163 -26.63 -14.69 2.98
CA ASP A 163 -27.05 -16.10 3.19
C ASP A 163 -26.20 -17.04 2.33
N GLU A 164 -26.01 -16.72 1.07
CA GLU A 164 -25.21 -17.62 0.20
C GLU A 164 -23.74 -17.71 0.69
N GLN A 165 -23.18 -16.60 1.12
CA GLN A 165 -21.77 -16.63 1.60
C GLN A 165 -21.69 -17.37 2.93
N TYR A 166 -22.54 -17.03 3.86
CA TYR A 166 -22.51 -17.70 5.20
C TYR A 166 -22.64 -19.21 5.01
N GLN A 167 -23.32 -19.64 3.98
CA GLN A 167 -23.47 -21.11 3.74
C GLN A 167 -22.12 -21.68 3.31
N ALA A 168 -21.39 -20.96 2.51
CA ALA A 168 -20.05 -21.47 2.06
C ALA A 168 -19.18 -21.74 3.29
N VAL A 169 -19.27 -20.90 4.28
CA VAL A 169 -18.46 -21.09 5.51
C VAL A 169 -18.97 -22.30 6.30
N ARG A 170 -20.26 -22.53 6.29
CA ARG A 170 -20.83 -23.67 7.04
C ARG A 170 -20.62 -24.98 6.26
N ALA A 171 -20.41 -24.89 4.97
CA ALA A 171 -20.20 -26.12 4.15
C ALA A 171 -18.78 -26.66 4.34
N GLU A 172 -17.98 -26.02 5.15
CA GLU A 172 -16.57 -26.48 5.35
C GLU A 172 -16.57 -28.02 5.65
N PRO A 173 -15.40 -28.67 5.59
CA PRO A 173 -15.31 -30.13 5.81
C PRO A 173 -15.18 -30.43 7.31
N THR A 174 -15.23 -29.44 8.16
CA THR A 174 -15.06 -29.71 9.62
C THR A 174 -15.74 -28.59 10.42
N ASN A 175 -15.92 -28.78 11.70
CA ASN A 175 -16.60 -27.73 12.53
C ASN A 175 -15.67 -26.50 12.73
N PRO A 176 -14.44 -26.69 13.20
CA PRO A 176 -13.54 -25.54 13.43
C PRO A 176 -13.07 -24.95 12.09
N SER A 177 -13.22 -25.66 11.00
CA SER A 177 -12.78 -25.12 9.69
C SER A 177 -13.72 -23.98 9.30
N LYS A 178 -14.94 -24.04 9.75
CA LYS A 178 -15.92 -22.97 9.45
C LYS A 178 -15.37 -21.62 9.91
N MET A 179 -14.72 -21.61 11.05
CA MET A 179 -14.16 -20.33 11.58
C MET A 179 -12.93 -19.92 10.76
N ARG A 180 -12.04 -20.83 10.52
CA ARG A 180 -10.81 -20.48 9.76
C ARG A 180 -11.17 -19.73 8.46
N LYS A 181 -12.04 -20.29 7.66
CA LYS A 181 -12.43 -19.61 6.38
C LYS A 181 -13.16 -18.31 6.69
N LEU A 182 -13.85 -18.23 7.79
CA LEU A 182 -14.57 -16.97 8.12
C LEU A 182 -13.58 -15.80 8.18
N PHE A 183 -12.51 -15.97 8.91
CA PHE A 183 -11.50 -14.87 9.01
C PHE A 183 -10.97 -14.57 7.60
N SER A 184 -10.94 -15.55 6.74
CA SER A 184 -10.42 -15.31 5.36
C SER A 184 -11.29 -14.24 4.68
N PHE A 185 -12.48 -13.99 5.18
CA PHE A 185 -13.37 -12.95 4.57
C PHE A 185 -12.99 -11.59 5.18
N THR A 186 -11.72 -11.35 5.36
CA THR A 186 -11.27 -10.06 5.94
C THR A 186 -11.75 -8.88 5.06
N PRO A 187 -11.56 -8.94 3.76
CA PRO A 187 -12.00 -7.83 2.88
C PRO A 187 -13.50 -7.57 3.09
N ALA A 188 -14.23 -8.55 3.54
CA ALA A 188 -15.69 -8.36 3.77
C ALA A 188 -15.92 -7.76 5.17
N TRP A 189 -14.92 -7.83 6.02
CA TRP A 189 -15.08 -7.26 7.41
C TRP A 189 -14.87 -5.75 7.34
N ASN A 190 -15.86 -4.98 7.74
CA ASN A 190 -15.74 -3.50 7.74
C ASN A 190 -15.35 -3.02 9.14
N TRP A 191 -15.28 -1.73 9.35
CA TRP A 191 -14.90 -1.22 10.70
C TRP A 191 -15.87 -1.77 11.74
N THR A 192 -17.14 -1.81 11.41
CA THR A 192 -18.16 -2.35 12.37
C THR A 192 -17.98 -3.86 12.51
N CYS A 193 -17.61 -4.53 11.46
CA CYS A 193 -17.44 -6.01 11.54
C CYS A 193 -16.38 -6.36 12.59
N LYS A 194 -15.19 -5.85 12.44
CA LYS A 194 -14.09 -6.16 13.42
C LYS A 194 -14.54 -5.82 14.85
N ASP A 195 -15.02 -4.63 15.07
CA ASP A 195 -15.46 -4.23 16.44
C ASP A 195 -16.65 -5.08 16.89
N LEU A 196 -17.49 -5.46 15.97
CA LEU A 196 -18.68 -6.28 16.35
C LEU A 196 -18.20 -7.68 16.73
N LEU A 197 -17.20 -8.18 16.05
CA LEU A 197 -16.66 -9.53 16.37
C LEU A 197 -15.97 -9.44 17.75
N LEU A 198 -15.16 -8.43 17.93
CA LEU A 198 -14.46 -8.26 19.23
C LEU A 198 -15.49 -8.02 20.33
N GLN A 199 -16.52 -7.28 20.02
CA GLN A 199 -17.57 -7.01 21.04
C GLN A 199 -18.30 -8.30 21.40
N ALA A 200 -18.63 -9.12 20.43
CA ALA A 200 -19.35 -10.38 20.73
C ALA A 200 -18.53 -11.23 21.72
N LEU A 201 -17.23 -11.14 21.68
CA LEU A 201 -16.40 -11.95 22.63
C LEU A 201 -16.54 -11.36 24.05
N ARG A 202 -16.71 -10.06 24.17
CA ARG A 202 -16.85 -9.46 25.54
C ARG A 202 -18.19 -9.86 26.14
N GLU A 203 -19.22 -9.97 25.34
CA GLU A 203 -20.55 -10.36 25.89
C GLU A 203 -20.53 -11.80 26.40
N SER A 204 -19.79 -12.66 25.76
CA SER A 204 -19.74 -14.10 26.17
C SER A 204 -18.53 -14.37 27.08
N GLN A 205 -17.46 -13.61 26.96
CA GLN A 205 -16.26 -13.88 27.80
C GLN A 205 -15.21 -12.77 27.63
N SER A 206 -15.12 -11.89 28.59
CA SER A 206 -14.14 -10.76 28.51
C SER A 206 -12.69 -11.28 28.63
N TYR A 207 -12.50 -12.45 29.19
CA TYR A 207 -11.12 -12.98 29.34
C TYR A 207 -10.43 -13.08 27.97
N LEU A 208 -11.18 -13.36 26.94
CA LEU A 208 -10.57 -13.49 25.59
C LEU A 208 -10.32 -12.10 25.01
N VAL A 209 -11.11 -11.13 25.39
CA VAL A 209 -10.90 -9.76 24.84
C VAL A 209 -9.57 -9.22 25.38
N GLU A 210 -9.28 -9.50 26.62
CA GLU A 210 -8.00 -9.02 27.22
C GLU A 210 -6.83 -9.88 26.71
N ASP A 211 -7.03 -11.17 26.61
CA ASP A 211 -5.92 -12.06 26.14
C ASP A 211 -5.68 -11.86 24.64
N LEU A 212 -6.70 -11.60 23.89
CA LEU A 212 -6.53 -11.40 22.41
C LEU A 212 -6.01 -9.98 22.12
N GLU A 213 -6.57 -8.98 22.77
CA GLU A 213 -6.09 -7.59 22.52
C GLU A 213 -4.66 -7.43 23.05
N ARG A 214 -4.40 -7.87 24.24
CA ARG A 214 -3.02 -7.74 24.81
C ARG A 214 -2.11 -8.80 24.18
N SER A 215 -1.80 -8.65 22.92
CA SER A 215 -0.92 -9.65 22.25
C SER A 215 0.45 -9.66 22.93
N MET A 21 -5.74 25.27 -11.53
CA MET A 21 -4.40 25.00 -12.13
C MET A 21 -3.77 23.79 -11.45
N GLY A 22 -3.18 22.91 -12.22
CA GLY A 22 -2.54 21.69 -11.63
C GLY A 22 -3.55 20.56 -11.62
N ARG A 23 -3.50 19.72 -12.62
CA ARG A 23 -4.46 18.58 -12.70
C ARG A 23 -4.42 17.78 -11.39
N ALA A 24 -3.27 17.67 -10.79
CA ALA A 24 -3.18 16.94 -9.49
C ALA A 24 -3.88 17.77 -8.42
N ARG A 25 -3.69 19.07 -8.46
CA ARG A 25 -4.35 19.95 -7.47
C ARG A 25 -5.86 19.84 -7.65
N ASP A 26 -6.31 19.84 -8.87
CA ASP A 26 -7.77 19.72 -9.13
C ASP A 26 -8.23 18.31 -8.77
N ALA A 27 -7.39 17.34 -8.97
CA ALA A 27 -7.76 15.93 -8.65
C ALA A 27 -8.08 15.82 -7.15
N ILE A 28 -7.19 16.28 -6.32
CA ILE A 28 -7.43 16.22 -4.85
C ILE A 28 -8.69 17.02 -4.53
N LEU A 29 -8.74 18.25 -4.93
CA LEU A 29 -9.93 19.11 -4.64
C LEU A 29 -11.23 18.36 -5.01
N ASP A 30 -11.25 17.74 -6.15
CA ASP A 30 -12.48 17.02 -6.59
C ASP A 30 -12.86 15.91 -5.59
N ALA A 31 -11.94 15.04 -5.27
CA ALA A 31 -12.26 13.92 -4.34
C ALA A 31 -12.70 14.44 -2.96
N LEU A 32 -11.93 15.29 -2.34
CA LEU A 32 -12.32 15.79 -0.99
C LEU A 32 -13.68 16.51 -1.06
N GLU A 33 -13.85 17.39 -2.00
CA GLU A 33 -15.15 18.13 -2.09
C GLU A 33 -16.29 17.16 -2.41
N ASN A 34 -15.98 15.96 -2.86
CA ASN A 34 -17.06 14.98 -3.21
C ASN A 34 -17.48 14.21 -1.94
N LEU A 35 -16.63 14.11 -0.97
CA LEU A 35 -17.00 13.37 0.28
C LEU A 35 -17.93 14.26 1.12
N THR A 36 -18.79 13.67 1.91
CA THR A 36 -19.71 14.50 2.75
C THR A 36 -18.92 15.11 3.91
N ALA A 37 -19.47 16.10 4.56
CA ALA A 37 -18.75 16.76 5.68
C ALA A 37 -18.31 15.70 6.71
N GLU A 38 -19.21 14.84 7.12
CA GLU A 38 -18.85 13.80 8.12
C GLU A 38 -17.93 12.78 7.46
N GLU A 39 -18.21 12.41 6.24
CA GLU A 39 -17.33 11.45 5.54
C GLU A 39 -15.92 12.03 5.44
N LEU A 40 -15.83 13.33 5.37
CA LEU A 40 -14.50 13.99 5.28
C LEU A 40 -13.75 13.72 6.59
N LYS A 41 -14.44 13.76 7.70
CA LYS A 41 -13.78 13.48 9.01
C LYS A 41 -13.14 12.10 8.99
N LYS A 42 -13.78 11.15 8.36
CA LYS A 42 -13.21 9.78 8.29
C LYS A 42 -11.91 9.81 7.48
N PHE A 43 -11.82 10.69 6.52
CA PHE A 43 -10.60 10.76 5.66
C PHE A 43 -9.40 11.32 6.45
N LYS A 44 -9.54 12.47 7.06
CA LYS A 44 -8.38 13.06 7.79
C LYS A 44 -7.91 12.12 8.91
N LEU A 45 -8.81 11.51 9.62
CA LEU A 45 -8.40 10.59 10.71
C LEU A 45 -7.70 9.38 10.11
N LYS A 46 -8.20 8.89 9.00
CA LYS A 46 -7.53 7.73 8.35
C LYS A 46 -6.09 8.13 8.02
N LEU A 47 -5.87 9.38 7.71
CA LEU A 47 -4.50 9.85 7.38
C LEU A 47 -3.61 9.59 8.59
N LEU A 48 -4.11 9.81 9.78
CA LEU A 48 -3.29 9.57 11.01
C LEU A 48 -3.24 8.05 11.29
N SER A 49 -4.12 7.28 10.68
CA SER A 49 -4.13 5.80 10.93
C SER A 49 -3.13 5.08 10.02
N VAL A 50 -2.92 5.57 8.82
CA VAL A 50 -1.94 4.89 7.90
C VAL A 50 -0.50 5.31 8.29
N PRO A 51 0.41 4.38 8.58
CA PRO A 51 1.78 4.77 8.95
C PRO A 51 2.46 5.47 7.77
N LEU A 52 3.24 6.48 8.05
CA LEU A 52 3.96 7.26 6.98
C LEU A 52 5.47 7.14 7.21
N ARG A 53 6.26 7.44 6.21
CA ARG A 53 7.74 7.36 6.38
C ARG A 53 8.21 8.54 7.24
N GLU A 54 9.42 8.47 7.74
CA GLU A 54 9.93 9.59 8.59
C GLU A 54 10.10 10.85 7.75
N GLY A 55 10.47 10.69 6.50
CA GLY A 55 10.66 11.89 5.63
C GLY A 55 9.34 12.67 5.52
N TYR A 56 8.29 12.17 6.12
CA TYR A 56 6.97 12.87 6.05
C TYR A 56 6.24 12.69 7.39
N GLY A 57 6.18 13.74 8.17
CA GLY A 57 5.50 13.64 9.50
C GLY A 57 3.98 13.72 9.32
N ARG A 58 3.24 13.07 10.17
CA ARG A 58 1.75 13.09 10.06
C ARG A 58 1.21 14.46 10.49
N ILE A 59 0.27 14.99 9.76
CA ILE A 59 -0.32 16.32 10.12
C ILE A 59 -1.35 16.11 11.27
N PRO A 60 -1.27 16.84 12.37
CA PRO A 60 -2.24 16.64 13.48
C PRO A 60 -3.68 16.83 12.97
N ARG A 61 -4.58 16.04 13.48
CA ARG A 61 -6.01 16.13 13.06
C ARG A 61 -6.52 17.57 13.22
N GLY A 62 -6.27 18.17 14.34
CA GLY A 62 -6.77 19.56 14.59
C GLY A 62 -6.37 20.50 13.46
N ALA A 63 -5.20 20.34 12.91
CA ALA A 63 -4.78 21.23 11.80
C ALA A 63 -5.71 21.03 10.61
N LEU A 64 -6.21 19.84 10.43
CA LEU A 64 -7.15 19.59 9.30
C LEU A 64 -8.51 20.21 9.63
N LEU A 65 -8.88 20.25 10.89
CA LEU A 65 -10.19 20.86 11.26
C LEU A 65 -10.14 22.37 11.00
N SER A 66 -9.05 23.00 11.34
CA SER A 66 -8.94 24.47 11.10
C SER A 66 -8.92 24.73 9.60
N MET A 67 -8.14 23.97 8.86
CA MET A 67 -8.08 24.16 7.39
C MET A 67 -9.32 23.56 6.73
N ASP A 68 -9.65 24.01 5.55
CA ASP A 68 -10.85 23.50 4.81
C ASP A 68 -10.39 22.71 3.58
N ALA A 69 -11.32 22.28 2.78
CA ALA A 69 -10.94 21.48 1.57
C ALA A 69 -9.93 22.24 0.72
N LEU A 70 -10.13 23.51 0.50
CA LEU A 70 -9.17 24.30 -0.34
C LEU A 70 -7.86 24.52 0.42
N ASP A 71 -7.93 25.09 1.60
CA ASP A 71 -6.68 25.34 2.38
C ASP A 71 -5.94 24.01 2.60
N LEU A 72 -6.64 22.96 2.96
CA LEU A 72 -5.95 21.66 3.18
C LEU A 72 -5.51 21.10 1.82
N THR A 73 -6.23 21.36 0.75
CA THR A 73 -5.80 20.84 -0.57
C THR A 73 -4.40 21.40 -0.86
N ASP A 74 -4.21 22.67 -0.64
CA ASP A 74 -2.88 23.28 -0.89
C ASP A 74 -1.86 22.65 0.06
N LYS A 75 -2.28 22.23 1.22
CA LYS A 75 -1.34 21.61 2.20
C LYS A 75 -0.92 20.23 1.70
N LEU A 76 -1.83 19.38 1.31
CA LEU A 76 -1.43 18.03 0.83
C LEU A 76 -0.36 18.20 -0.24
N VAL A 77 -0.46 19.27 -0.98
CA VAL A 77 0.54 19.56 -2.04
C VAL A 77 1.85 20.05 -1.40
N SER A 78 1.76 20.87 -0.38
CA SER A 78 3.01 21.41 0.26
C SER A 78 3.71 20.35 1.13
N PHE A 79 2.98 19.71 2.01
CA PHE A 79 3.61 18.71 2.92
C PHE A 79 3.91 17.38 2.21
N TYR A 80 2.95 16.83 1.49
CA TYR A 80 3.17 15.51 0.79
C TYR A 80 3.49 15.72 -0.70
N LEU A 81 3.88 16.90 -1.09
CA LEU A 81 4.23 17.17 -2.53
C LEU A 81 2.97 17.01 -3.39
N GLU A 82 3.05 17.47 -4.62
CA GLU A 82 1.86 17.39 -5.53
C GLU A 82 1.56 15.95 -5.94
N THR A 83 2.48 15.27 -6.57
CA THR A 83 2.20 13.88 -7.04
C THR A 83 2.17 12.89 -5.87
N TYR A 84 3.20 12.84 -5.07
CA TYR A 84 3.19 11.87 -3.93
C TYR A 84 1.98 12.14 -3.04
N GLY A 85 1.47 13.34 -3.07
CA GLY A 85 0.27 13.67 -2.24
C GLY A 85 -0.97 12.95 -2.80
N ALA A 86 -1.16 13.00 -4.08
CA ALA A 86 -2.35 12.33 -4.69
C ALA A 86 -2.17 10.81 -4.64
N GLU A 87 -0.96 10.33 -4.80
CA GLU A 87 -0.74 8.86 -4.76
C GLU A 87 -1.14 8.33 -3.37
N LEU A 88 -0.61 8.93 -2.34
CA LEU A 88 -0.95 8.49 -0.95
C LEU A 88 -2.46 8.58 -0.77
N THR A 89 -3.06 9.58 -1.35
CA THR A 89 -4.52 9.79 -1.20
C THR A 89 -5.31 8.70 -1.91
N ALA A 90 -5.00 8.41 -3.15
CA ALA A 90 -5.77 7.36 -3.90
C ALA A 90 -5.82 6.08 -3.06
N ASN A 91 -4.81 5.85 -2.26
CA ASN A 91 -4.80 4.62 -1.41
C ASN A 91 -5.81 4.77 -0.28
N VAL A 92 -5.93 5.94 0.31
CA VAL A 92 -6.90 6.11 1.42
C VAL A 92 -8.32 5.99 0.87
N LEU A 93 -8.62 6.70 -0.19
CA LEU A 93 -9.99 6.62 -0.77
C LEU A 93 -10.30 5.15 -1.10
N ARG A 94 -9.31 4.41 -1.54
CA ARG A 94 -9.54 2.98 -1.86
C ARG A 94 -10.07 2.29 -0.60
N ASP A 95 -9.58 2.67 0.55
CA ASP A 95 -10.06 2.07 1.82
C ASP A 95 -11.46 2.61 2.15
N MET A 96 -11.76 3.81 1.69
CA MET A 96 -13.10 4.40 1.97
C MET A 96 -14.15 3.74 1.07
N GLY A 97 -13.72 2.91 0.15
CA GLY A 97 -14.69 2.22 -0.76
C GLY A 97 -15.03 3.11 -1.95
N LEU A 98 -14.38 4.24 -2.09
CA LEU A 98 -14.65 5.14 -3.26
C LEU A 98 -13.74 4.73 -4.40
N GLN A 99 -13.97 3.57 -4.97
CA GLN A 99 -13.11 3.11 -6.09
C GLN A 99 -13.25 4.05 -7.28
N GLU A 100 -14.44 4.55 -7.52
CA GLU A 100 -14.64 5.45 -8.68
C GLU A 100 -13.73 6.69 -8.57
N MET A 101 -13.71 7.36 -7.44
CA MET A 101 -12.84 8.57 -7.30
C MET A 101 -11.39 8.15 -7.09
N ALA A 102 -11.17 7.03 -6.44
CA ALA A 102 -9.76 6.58 -6.20
C ALA A 102 -9.08 6.25 -7.53
N GLY A 103 -9.74 5.54 -8.40
CA GLY A 103 -9.12 5.19 -9.71
C GLY A 103 -9.04 6.44 -10.58
N GLN A 104 -9.96 7.34 -10.42
CA GLN A 104 -9.96 8.58 -11.23
C GLN A 104 -8.89 9.54 -10.71
N LEU A 105 -8.61 9.50 -9.43
CA LEU A 105 -7.57 10.42 -8.87
C LEU A 105 -6.20 10.02 -9.42
N GLN A 106 -5.83 8.76 -9.33
CA GLN A 106 -4.51 8.33 -9.87
C GLN A 106 -4.42 8.70 -11.36
N ALA A 107 -5.46 8.42 -12.10
CA ALA A 107 -5.46 8.72 -13.55
C ALA A 107 -5.40 10.23 -13.76
N ALA A 108 -6.05 10.99 -12.92
CA ALA A 108 -6.04 12.47 -13.07
C ALA A 108 -4.60 12.98 -13.06
N THR A 109 -3.78 12.47 -12.18
CA THR A 109 -2.36 12.93 -12.11
C THR A 109 -1.52 12.17 -13.15
N HIS A 110 -2.12 11.29 -13.88
CA HIS A 110 -1.36 10.53 -14.92
C HIS A 110 -2.34 9.79 -15.84
N GLN A 111 -2.81 10.43 -16.86
CA GLN A 111 -3.77 9.80 -17.80
C GLN A 111 -3.19 8.47 -18.33
N GLY A 112 -1.90 8.29 -18.19
CA GLY A 112 -1.27 7.04 -18.68
C GLY A 112 -1.53 6.89 -20.18
N SER A 113 -1.30 7.94 -20.94
CA SER A 113 -1.52 7.87 -22.40
C SER A 113 -0.46 6.95 -23.03
N GLY A 114 -0.79 5.70 -23.23
CA GLY A 114 0.19 4.76 -23.83
C GLY A 114 -0.42 3.35 -23.90
N ALA A 115 -1.12 2.95 -22.88
CA ALA A 115 -1.72 1.60 -22.88
C ALA A 115 -2.76 1.50 -24.01
N ALA A 116 -2.56 0.58 -24.91
CA ALA A 116 -3.52 0.42 -26.04
C ALA A 116 -4.89 -0.03 -25.47
N PRO A 117 -5.96 0.13 -26.25
CA PRO A 117 -7.30 -0.28 -25.78
C PRO A 117 -7.27 -1.76 -25.37
N ALA A 118 -8.42 -2.33 -25.11
CA ALA A 118 -8.50 -3.76 -24.72
C ALA A 118 -7.69 -4.02 -23.43
N GLY A 119 -8.30 -4.67 -22.47
CA GLY A 119 -7.60 -4.96 -21.18
C GLY A 119 -7.66 -3.73 -20.26
N ILE A 120 -8.20 -2.65 -20.74
CA ILE A 120 -8.30 -1.43 -19.90
C ILE A 120 -9.08 -1.75 -18.61
N GLN A 121 -10.38 -1.59 -18.62
CA GLN A 121 -11.20 -1.91 -17.41
C GLN A 121 -10.55 -1.28 -16.15
N ALA A 122 -10.13 -2.09 -15.22
CA ALA A 122 -9.49 -1.54 -13.99
C ALA A 122 -8.11 -0.97 -14.37
N PRO A 123 -7.62 0.05 -13.67
CA PRO A 123 -6.30 0.62 -14.00
C PRO A 123 -5.23 -0.50 -13.93
N PRO A 124 -4.04 -0.25 -14.46
CA PRO A 124 -2.97 -1.28 -14.42
C PRO A 124 -2.59 -1.58 -12.97
N GLN A 125 -2.21 -2.81 -12.69
CA GLN A 125 -1.82 -3.22 -11.30
C GLN A 125 -0.44 -3.89 -11.34
N SER A 126 0.00 -4.27 -12.51
CA SER A 126 1.34 -4.92 -12.64
C SER A 126 2.42 -3.85 -12.78
N ALA A 127 3.25 -3.70 -11.78
CA ALA A 127 4.33 -2.67 -11.85
C ALA A 127 5.20 -2.93 -13.09
N ALA A 128 5.06 -2.12 -14.10
CA ALA A 128 5.88 -2.32 -15.33
C ALA A 128 7.37 -2.27 -14.97
N LYS A 129 8.04 -3.39 -15.02
CA LYS A 129 9.50 -3.41 -14.70
C LYS A 129 10.30 -3.00 -15.94
N PRO A 130 11.52 -2.47 -15.78
CA PRO A 130 12.34 -2.06 -16.93
C PRO A 130 12.55 -3.27 -17.86
N GLY A 131 12.75 -3.03 -19.14
CA GLY A 131 12.96 -4.16 -20.09
C GLY A 131 14.39 -4.68 -19.96
N LEU A 132 15.01 -4.42 -18.84
CA LEU A 132 16.41 -4.88 -18.60
C LEU A 132 16.38 -6.16 -17.77
N HIS A 133 16.82 -7.26 -18.32
CA HIS A 133 16.83 -8.55 -17.56
C HIS A 133 18.01 -8.58 -16.60
N PHE A 134 17.75 -8.75 -15.32
CA PHE A 134 18.87 -8.81 -14.33
C PHE A 134 18.32 -9.28 -12.98
N ILE A 135 17.10 -8.92 -12.66
CA ILE A 135 16.51 -9.34 -11.36
C ILE A 135 16.59 -10.87 -11.22
N ASP A 136 16.65 -11.56 -12.34
CA ASP A 136 16.75 -13.06 -12.29
C ASP A 136 18.17 -13.45 -11.95
N GLN A 137 19.08 -12.56 -12.19
CA GLN A 137 20.51 -12.85 -11.88
C GLN A 137 20.67 -13.15 -10.40
N HIS A 138 19.84 -12.57 -9.57
CA HIS A 138 19.93 -12.82 -8.10
C HIS A 138 19.05 -14.01 -7.73
N ARG A 139 18.13 -14.37 -8.58
CA ARG A 139 17.26 -15.54 -8.29
C ARG A 139 18.10 -16.81 -8.52
N ALA A 140 18.69 -16.94 -9.67
CA ALA A 140 19.52 -18.14 -9.96
C ALA A 140 20.72 -18.16 -9.02
N ALA A 141 21.24 -17.01 -8.67
CA ALA A 141 22.42 -16.98 -7.75
C ALA A 141 22.04 -17.56 -6.38
N LEU A 142 20.99 -17.06 -5.79
CA LEU A 142 20.58 -17.55 -4.45
C LEU A 142 19.96 -18.96 -4.56
N ILE A 143 19.27 -19.26 -5.62
CA ILE A 143 18.64 -20.61 -5.74
C ILE A 143 19.75 -21.67 -5.81
N ALA A 144 20.73 -21.46 -6.65
CA ALA A 144 21.82 -22.46 -6.77
C ALA A 144 22.64 -22.53 -5.47
N ARG A 145 22.59 -21.50 -4.66
CA ARG A 145 23.40 -21.51 -3.38
C ARG A 145 22.53 -21.97 -2.19
N VAL A 146 21.23 -21.79 -2.24
CA VAL A 146 20.37 -22.24 -1.10
C VAL A 146 20.21 -23.75 -1.17
N THR A 147 20.43 -24.34 -2.32
CA THR A 147 20.29 -25.82 -2.47
C THR A 147 18.89 -26.27 -2.03
N ASN A 148 18.64 -26.40 -0.76
CA ASN A 148 17.29 -26.81 -0.29
C ASN A 148 16.29 -25.71 -0.62
N VAL A 149 15.96 -25.55 -1.88
CA VAL A 149 15.00 -24.48 -2.29
C VAL A 149 13.60 -24.78 -1.70
N GLU A 150 13.22 -26.03 -1.67
CA GLU A 150 11.87 -26.39 -1.15
C GLU A 150 11.72 -25.95 0.31
N TRP A 151 12.80 -25.90 1.06
CA TRP A 151 12.68 -25.49 2.49
C TRP A 151 12.14 -24.04 2.58
N LEU A 152 12.65 -23.14 1.78
CA LEU A 152 12.15 -21.74 1.84
C LEU A 152 10.65 -21.69 1.49
N LEU A 153 10.20 -22.50 0.57
CA LEU A 153 8.75 -22.49 0.21
C LEU A 153 7.95 -23.15 1.35
N ASP A 154 8.45 -24.22 1.89
CA ASP A 154 7.73 -24.90 3.00
C ASP A 154 7.51 -23.89 4.14
N ALA A 155 8.37 -22.90 4.23
CA ALA A 155 8.22 -21.88 5.29
C ALA A 155 6.96 -21.04 5.04
N LEU A 156 6.67 -20.74 3.80
CA LEU A 156 5.45 -19.92 3.48
C LEU A 156 4.21 -20.81 3.45
N TYR A 157 4.37 -22.10 3.60
CA TYR A 157 3.20 -23.00 3.55
C TYR A 157 2.26 -22.69 4.73
N GLY A 158 1.02 -22.37 4.44
CA GLY A 158 0.03 -22.09 5.52
C GLY A 158 0.26 -20.70 6.10
N LYS A 159 1.05 -19.88 5.45
CA LYS A 159 1.33 -18.49 5.96
C LYS A 159 0.78 -17.44 5.00
N VAL A 160 1.47 -17.19 3.90
CA VAL A 160 1.00 -16.13 2.92
C VAL A 160 0.36 -16.79 1.70
N LEU A 161 0.99 -17.79 1.14
CA LEU A 161 0.41 -18.47 -0.07
C LEU A 161 -0.66 -19.46 0.37
N THR A 162 -1.75 -19.53 -0.36
CA THR A 162 -2.84 -20.48 0.01
C THR A 162 -2.46 -21.88 -0.49
N ASP A 163 -3.26 -22.87 -0.18
CA ASP A 163 -2.93 -24.25 -0.61
C ASP A 163 -2.97 -24.35 -2.15
N GLU A 164 -3.98 -23.83 -2.78
CA GLU A 164 -4.05 -23.93 -4.27
C GLU A 164 -2.86 -23.20 -4.91
N GLN A 165 -2.51 -22.04 -4.40
CA GLN A 165 -1.36 -21.29 -4.97
C GLN A 165 -0.05 -21.99 -4.61
N TYR A 166 0.09 -22.37 -3.38
CA TYR A 166 1.34 -23.07 -2.94
C TYR A 166 1.56 -24.31 -3.82
N GLN A 167 0.52 -25.01 -4.14
CA GLN A 167 0.66 -26.21 -5.01
C GLN A 167 1.04 -25.79 -6.43
N ALA A 168 0.51 -24.67 -6.89
CA ALA A 168 0.85 -24.20 -8.26
C ALA A 168 2.36 -24.01 -8.39
N VAL A 169 2.97 -23.39 -7.41
CA VAL A 169 4.44 -23.17 -7.48
C VAL A 169 5.15 -24.51 -7.61
N ARG A 170 4.75 -25.50 -6.84
CA ARG A 170 5.41 -26.83 -6.91
C ARG A 170 4.96 -27.55 -8.20
N ALA A 171 3.92 -27.09 -8.82
CA ALA A 171 3.44 -27.75 -10.06
C ALA A 171 4.36 -27.38 -11.22
N GLU A 172 5.36 -26.59 -10.96
CA GLU A 172 6.31 -26.19 -12.04
C GLU A 172 6.98 -27.48 -12.59
N PRO A 173 7.63 -27.43 -13.75
CA PRO A 173 8.26 -28.64 -14.32
C PRO A 173 9.67 -28.74 -13.77
N THR A 174 10.42 -27.70 -13.97
CA THR A 174 11.83 -27.65 -13.50
C THR A 174 11.84 -27.34 -12.00
N ASN A 175 12.97 -27.48 -11.36
CA ASN A 175 13.06 -27.20 -9.89
C ASN A 175 13.29 -25.69 -9.64
N PRO A 176 14.32 -25.09 -10.22
CA PRO A 176 14.56 -23.64 -10.01
C PRO A 176 13.31 -22.83 -10.40
N SER A 177 12.42 -23.39 -11.15
CA SER A 177 11.20 -22.64 -11.57
C SER A 177 10.30 -22.44 -10.34
N LYS A 178 10.36 -23.35 -9.41
CA LYS A 178 9.52 -23.26 -8.20
C LYS A 178 9.80 -21.92 -7.49
N MET A 179 11.03 -21.51 -7.42
CA MET A 179 11.36 -20.22 -6.74
C MET A 179 11.06 -19.04 -7.67
N ARG A 180 11.37 -19.15 -8.93
CA ARG A 180 11.12 -18.01 -9.85
C ARG A 180 9.64 -17.64 -9.82
N LYS A 181 8.76 -18.60 -10.02
CA LYS A 181 7.30 -18.29 -10.00
C LYS A 181 6.94 -17.70 -8.63
N LEU A 182 7.48 -18.26 -7.57
CA LEU A 182 7.18 -17.75 -6.20
C LEU A 182 7.39 -16.23 -6.13
N PHE A 183 8.55 -15.76 -6.52
CA PHE A 183 8.82 -14.29 -6.45
C PHE A 183 7.74 -13.54 -7.25
N SER A 184 7.19 -14.16 -8.26
CA SER A 184 6.13 -13.46 -9.05
C SER A 184 4.95 -13.09 -8.14
N PHE A 185 4.75 -13.83 -7.08
CA PHE A 185 3.62 -13.51 -6.14
C PHE A 185 4.05 -12.32 -5.26
N THR A 186 4.74 -11.36 -5.85
CA THR A 186 5.18 -10.16 -5.07
C THR A 186 3.95 -9.44 -4.45
N PRO A 187 2.91 -9.18 -5.23
CA PRO A 187 1.74 -8.47 -4.68
C PRO A 187 1.19 -9.22 -3.45
N ALA A 188 1.46 -10.50 -3.35
CA ALA A 188 0.96 -11.29 -2.18
C ALA A 188 1.95 -11.15 -1.03
N TRP A 189 3.16 -10.73 -1.32
CA TRP A 189 4.18 -10.59 -0.24
C TRP A 189 3.92 -9.29 0.53
N ASN A 190 3.70 -9.37 1.82
CA ASN A 190 3.47 -8.15 2.64
C ASN A 190 4.79 -7.76 3.29
N TRP A 191 4.82 -6.69 4.07
CA TRP A 191 6.09 -6.29 4.73
C TRP A 191 6.65 -7.47 5.52
N THR A 192 5.80 -8.18 6.20
CA THR A 192 6.26 -9.35 7.00
C THR A 192 6.69 -10.49 6.07
N CYS A 193 6.04 -10.64 4.95
CA CYS A 193 6.40 -11.76 4.03
C CYS A 193 7.88 -11.67 3.61
N LYS A 194 8.28 -10.55 3.04
CA LYS A 194 9.69 -10.42 2.58
C LYS A 194 10.66 -10.57 3.78
N ASP A 195 10.38 -9.94 4.89
CA ASP A 195 11.28 -10.05 6.06
C ASP A 195 11.24 -11.48 6.63
N LEU A 196 10.13 -12.13 6.50
CA LEU A 196 10.00 -13.52 7.03
C LEU A 196 10.85 -14.46 6.19
N LEU A 197 10.76 -14.37 4.89
CA LEU A 197 11.59 -15.27 4.03
C LEU A 197 13.05 -14.91 4.19
N LEU A 198 13.38 -13.63 4.13
CA LEU A 198 14.79 -13.22 4.31
C LEU A 198 15.30 -13.75 5.65
N GLN A 199 14.43 -13.84 6.61
CA GLN A 199 14.84 -14.38 7.95
C GLN A 199 15.15 -15.87 7.78
N ALA A 200 14.40 -16.56 7.00
CA ALA A 200 14.66 -18.02 6.80
C ALA A 200 16.08 -18.22 6.27
N LEU A 201 16.60 -17.25 5.56
CA LEU A 201 17.97 -17.37 5.00
C LEU A 201 19.02 -17.23 6.13
N ARG A 202 18.89 -16.26 7.00
CA ARG A 202 19.91 -16.10 8.09
C ARG A 202 19.93 -17.36 8.97
N GLU A 203 18.80 -17.98 9.18
CA GLU A 203 18.77 -19.20 10.02
C GLU A 203 19.53 -20.33 9.34
N SER A 204 19.45 -20.41 8.03
CA SER A 204 20.16 -21.50 7.30
C SER A 204 21.59 -21.08 6.97
N GLN A 205 21.82 -19.82 6.73
CA GLN A 205 23.21 -19.37 6.39
C GLN A 205 23.30 -17.83 6.44
N SER A 206 23.97 -17.31 7.44
CA SER A 206 24.12 -15.83 7.57
C SER A 206 24.98 -15.27 6.44
N TYR A 207 25.77 -16.11 5.82
CA TYR A 207 26.66 -15.60 4.72
C TYR A 207 25.82 -15.16 3.51
N LEU A 208 24.73 -15.82 3.24
CA LEU A 208 23.90 -15.45 2.05
C LEU A 208 22.95 -14.29 2.38
N VAL A 209 22.32 -14.29 3.53
CA VAL A 209 21.37 -13.18 3.83
C VAL A 209 22.13 -11.84 3.78
N GLU A 210 23.35 -11.82 4.27
CA GLU A 210 24.15 -10.56 4.25
C GLU A 210 24.69 -10.30 2.84
N ASP A 211 25.28 -11.29 2.23
CA ASP A 211 25.85 -11.10 0.87
C ASP A 211 24.75 -10.73 -0.14
N LEU A 212 23.58 -11.30 0.00
CA LEU A 212 22.48 -10.99 -0.96
C LEU A 212 21.87 -9.63 -0.60
N GLU A 213 21.57 -9.41 0.66
CA GLU A 213 20.98 -8.11 1.06
C GLU A 213 21.94 -6.98 0.70
N ARG A 214 23.20 -7.12 1.00
CA ARG A 214 24.18 -6.05 0.68
C ARG A 214 24.40 -6.02 -0.84
N SER A 215 23.39 -5.67 -1.58
CA SER A 215 23.55 -5.62 -3.07
C SER A 215 24.57 -4.55 -3.43
N MET A 21 1.91 21.58 -11.00
CA MET A 21 0.63 21.66 -10.25
C MET A 21 -0.51 22.04 -11.22
N GLY A 22 -1.61 21.34 -11.18
CA GLY A 22 -2.74 21.66 -12.09
C GLY A 22 -3.75 20.51 -12.06
N ARG A 23 -3.47 19.44 -12.76
CA ARG A 23 -4.41 18.29 -12.78
C ARG A 23 -4.39 17.57 -11.43
N ALA A 24 -3.24 17.46 -10.81
CA ALA A 24 -3.17 16.78 -9.49
C ALA A 24 -3.84 17.66 -8.44
N ARG A 25 -3.54 18.93 -8.43
CA ARG A 25 -4.17 19.84 -7.43
C ARG A 25 -5.69 19.79 -7.62
N ASP A 26 -6.13 19.76 -8.85
CA ASP A 26 -7.59 19.68 -9.13
C ASP A 26 -8.10 18.30 -8.72
N ALA A 27 -7.29 17.29 -8.90
CA ALA A 27 -7.71 15.91 -8.54
C ALA A 27 -8.02 15.85 -7.04
N ILE A 28 -7.12 16.31 -6.22
CA ILE A 28 -7.35 16.28 -4.75
C ILE A 28 -8.61 17.11 -4.45
N LEU A 29 -8.64 18.34 -4.87
CA LEU A 29 -9.82 19.20 -4.60
C LEU A 29 -11.12 18.48 -4.98
N ASP A 30 -11.17 17.91 -6.16
CA ASP A 30 -12.41 17.22 -6.60
C ASP A 30 -12.75 16.04 -5.67
N ALA A 31 -11.82 15.18 -5.41
CA ALA A 31 -12.12 14.00 -4.53
C ALA A 31 -12.61 14.44 -3.14
N LEU A 32 -11.87 15.28 -2.46
CA LEU A 32 -12.30 15.70 -1.09
C LEU A 32 -13.66 16.42 -1.16
N GLU A 33 -13.80 17.36 -2.06
CA GLU A 33 -15.08 18.11 -2.15
C GLU A 33 -16.23 17.14 -2.49
N ASN A 34 -15.92 15.95 -2.95
CA ASN A 34 -17.01 14.97 -3.30
C ASN A 34 -17.45 14.21 -2.05
N LEU A 35 -16.59 14.09 -1.07
CA LEU A 35 -16.97 13.34 0.17
C LEU A 35 -17.99 14.18 0.96
N THR A 36 -18.85 13.54 1.70
CA THR A 36 -19.86 14.30 2.50
C THR A 36 -19.16 14.96 3.68
N ALA A 37 -19.77 15.95 4.28
CA ALA A 37 -19.13 16.65 5.43
C ALA A 37 -18.63 15.64 6.47
N GLU A 38 -19.47 14.71 6.87
CA GLU A 38 -19.04 13.71 7.88
C GLU A 38 -18.03 12.75 7.25
N GLU A 39 -18.28 12.32 6.05
CA GLU A 39 -17.33 11.39 5.38
C GLU A 39 -15.97 12.08 5.26
N LEU A 40 -15.97 13.38 5.14
CA LEU A 40 -14.69 14.12 5.01
C LEU A 40 -13.89 13.96 6.32
N LYS A 41 -14.54 14.07 7.45
CA LYS A 41 -13.82 13.91 8.74
C LYS A 41 -13.13 12.54 8.78
N LYS A 42 -13.82 11.51 8.35
CA LYS A 42 -13.21 10.15 8.37
C LYS A 42 -11.88 10.15 7.61
N PHE A 43 -11.81 10.83 6.50
CA PHE A 43 -10.54 10.89 5.72
C PHE A 43 -9.44 11.50 6.60
N LYS A 44 -9.78 12.45 7.43
CA LYS A 44 -8.75 13.10 8.29
C LYS A 44 -8.13 12.07 9.24
N LEU A 45 -8.93 11.42 10.04
CA LEU A 45 -8.37 10.43 11.00
C LEU A 45 -7.67 9.32 10.23
N LYS A 46 -8.21 8.93 9.10
CA LYS A 46 -7.55 7.86 8.31
C LYS A 46 -6.14 8.34 7.94
N LEU A 47 -5.98 9.62 7.74
CA LEU A 47 -4.64 10.16 7.40
C LEU A 47 -3.68 9.84 8.56
N LEU A 48 -4.19 9.91 9.77
CA LEU A 48 -3.33 9.61 10.96
C LEU A 48 -3.20 8.08 11.11
N SER A 49 -4.04 7.32 10.43
CA SER A 49 -3.97 5.83 10.56
C SER A 49 -3.04 5.22 9.51
N VAL A 50 -2.95 5.79 8.33
CA VAL A 50 -2.05 5.22 7.29
C VAL A 50 -0.58 5.45 7.72
N PRO A 51 0.25 4.40 7.84
CA PRO A 51 1.66 4.62 8.26
C PRO A 51 2.38 5.49 7.22
N LEU A 52 3.15 6.46 7.67
CA LEU A 52 3.91 7.36 6.76
C LEU A 52 5.41 7.00 6.83
N ARG A 53 6.16 7.44 5.86
CA ARG A 53 7.62 7.13 5.86
C ARG A 53 8.29 7.78 7.07
N GLU A 54 9.54 8.17 6.94
CA GLU A 54 10.27 8.82 8.08
C GLU A 54 10.09 10.34 8.03
N GLY A 55 10.93 11.03 7.30
CA GLY A 55 10.82 12.52 7.21
C GLY A 55 9.39 12.93 6.92
N TYR A 56 8.60 12.05 6.35
CA TYR A 56 7.19 12.40 6.04
C TYR A 56 6.44 12.58 7.37
N GLY A 57 6.61 13.72 7.99
CA GLY A 57 5.93 13.99 9.29
C GLY A 57 4.43 13.71 9.18
N ARG A 58 3.76 13.64 10.31
CA ARG A 58 2.29 13.38 10.34
C ARG A 58 1.54 14.66 10.74
N ILE A 59 0.62 15.11 9.93
CA ILE A 59 -0.16 16.35 10.28
C ILE A 59 -1.24 15.97 11.33
N PRO A 60 -1.32 16.65 12.47
CA PRO A 60 -2.35 16.31 13.47
C PRO A 60 -3.76 16.54 12.90
N ARG A 61 -4.69 15.76 13.34
CA ARG A 61 -6.09 15.91 12.86
C ARG A 61 -6.60 17.32 13.16
N GLY A 62 -6.41 17.77 14.37
CA GLY A 62 -6.89 19.12 14.78
C GLY A 62 -6.38 20.20 13.83
N ALA A 63 -5.21 20.05 13.30
CA ALA A 63 -4.68 21.06 12.38
C ALA A 63 -5.58 21.11 11.15
N LEU A 64 -5.89 19.97 10.62
CA LEU A 64 -6.77 19.93 9.41
C LEU A 64 -8.16 20.48 9.78
N LEU A 65 -8.60 20.34 11.00
CA LEU A 65 -9.94 20.89 11.36
C LEU A 65 -9.91 22.41 11.12
N SER A 66 -8.77 23.02 11.31
CA SER A 66 -8.66 24.48 11.07
C SER A 66 -8.66 24.73 9.56
N MET A 67 -7.90 23.95 8.83
CA MET A 67 -7.87 24.11 7.35
C MET A 67 -9.12 23.49 6.74
N ASP A 68 -9.50 23.94 5.57
CA ASP A 68 -10.71 23.41 4.86
C ASP A 68 -10.27 22.63 3.62
N ALA A 69 -11.21 22.18 2.83
CA ALA A 69 -10.85 21.40 1.61
C ALA A 69 -9.84 22.17 0.77
N LEU A 70 -10.05 23.45 0.56
CA LEU A 70 -9.10 24.25 -0.27
C LEU A 70 -7.79 24.48 0.48
N ASP A 71 -7.85 25.02 1.66
CA ASP A 71 -6.59 25.28 2.42
C ASP A 71 -5.85 23.96 2.64
N LEU A 72 -6.53 22.93 3.04
CA LEU A 72 -5.84 21.62 3.25
C LEU A 72 -5.38 21.08 1.89
N THR A 73 -6.11 21.36 0.83
CA THR A 73 -5.66 20.86 -0.50
C THR A 73 -4.30 21.49 -0.82
N ASP A 74 -4.21 22.79 -0.71
CA ASP A 74 -2.91 23.46 -0.98
C ASP A 74 -1.85 22.91 -0.03
N LYS A 75 -2.26 22.48 1.13
CA LYS A 75 -1.29 21.93 2.12
C LYS A 75 -0.81 20.55 1.66
N LEU A 76 -1.70 19.66 1.29
CA LEU A 76 -1.24 18.31 0.82
C LEU A 76 -0.21 18.53 -0.29
N VAL A 77 -0.39 19.57 -1.05
CA VAL A 77 0.56 19.89 -2.14
C VAL A 77 1.86 20.46 -1.54
N SER A 78 1.76 21.27 -0.51
CA SER A 78 3.00 21.87 0.07
C SER A 78 3.79 20.84 0.89
N PHE A 79 3.14 20.16 1.79
CA PHE A 79 3.84 19.16 2.66
C PHE A 79 4.07 17.82 1.94
N TYR A 80 3.05 17.25 1.33
CA TYR A 80 3.20 15.91 0.64
C TYR A 80 3.38 16.06 -0.87
N LEU A 81 3.71 17.22 -1.34
CA LEU A 81 3.90 17.40 -2.82
C LEU A 81 2.60 17.08 -3.55
N GLU A 82 2.48 17.53 -4.78
CA GLU A 82 1.23 17.29 -5.56
C GLU A 82 1.04 15.81 -5.92
N THR A 83 2.01 15.21 -6.54
CA THR A 83 1.87 13.79 -6.96
C THR A 83 1.88 12.83 -5.77
N TYR A 84 2.89 12.89 -4.95
CA TYR A 84 2.94 11.94 -3.79
C TYR A 84 1.73 12.20 -2.87
N GLY A 85 1.23 13.40 -2.86
CA GLY A 85 0.05 13.71 -2.00
C GLY A 85 -1.19 13.02 -2.56
N ALA A 86 -1.46 13.17 -3.83
CA ALA A 86 -2.66 12.52 -4.43
C ALA A 86 -2.47 11.00 -4.43
N GLU A 87 -1.29 10.52 -4.70
CA GLU A 87 -1.08 9.04 -4.69
C GLU A 87 -1.44 8.50 -3.30
N LEU A 88 -0.92 9.11 -2.28
CA LEU A 88 -1.24 8.65 -0.90
C LEU A 88 -2.75 8.67 -0.69
N THR A 89 -3.40 9.66 -1.24
CA THR A 89 -4.88 9.79 -1.08
C THR A 89 -5.61 8.68 -1.86
N ALA A 90 -5.22 8.42 -3.08
CA ALA A 90 -5.91 7.35 -3.87
C ALA A 90 -5.97 6.07 -3.04
N ASN A 91 -4.99 5.86 -2.20
CA ASN A 91 -4.96 4.64 -1.35
C ASN A 91 -5.98 4.78 -0.20
N VAL A 92 -6.14 5.96 0.34
CA VAL A 92 -7.12 6.12 1.46
C VAL A 92 -8.54 5.92 0.91
N LEU A 93 -8.89 6.61 -0.14
CA LEU A 93 -10.26 6.46 -0.71
C LEU A 93 -10.49 4.98 -1.04
N ARG A 94 -9.46 4.29 -1.45
CA ARG A 94 -9.61 2.85 -1.76
C ARG A 94 -10.09 2.14 -0.49
N ASP A 95 -9.62 2.58 0.65
CA ASP A 95 -10.06 1.96 1.94
C ASP A 95 -11.48 2.42 2.25
N MET A 96 -11.85 3.58 1.78
CA MET A 96 -13.23 4.10 2.05
C MET A 96 -14.22 3.35 1.14
N GLY A 97 -13.71 2.56 0.23
CA GLY A 97 -14.60 1.79 -0.69
C GLY A 97 -14.93 2.66 -1.90
N LEU A 98 -14.34 3.82 -2.00
CA LEU A 98 -14.61 4.74 -3.16
C LEU A 98 -13.56 4.44 -4.23
N GLN A 99 -13.68 3.31 -4.85
CA GLN A 99 -12.72 2.91 -5.90
C GLN A 99 -12.89 3.78 -7.15
N GLU A 100 -14.11 4.08 -7.53
CA GLU A 100 -14.32 4.90 -8.75
C GLU A 100 -13.58 6.25 -8.62
N MET A 101 -13.66 6.90 -7.49
CA MET A 101 -12.96 8.20 -7.31
C MET A 101 -11.46 7.94 -7.14
N ALA A 102 -11.10 6.83 -6.55
CA ALA A 102 -9.67 6.52 -6.35
C ALA A 102 -8.99 6.24 -7.69
N GLY A 103 -9.58 5.41 -8.51
CA GLY A 103 -8.97 5.11 -9.83
C GLY A 103 -8.95 6.37 -10.67
N GLN A 104 -9.89 7.24 -10.44
CA GLN A 104 -9.96 8.52 -11.20
C GLN A 104 -8.89 9.49 -10.68
N LEU A 105 -8.65 9.50 -9.40
CA LEU A 105 -7.63 10.43 -8.83
C LEU A 105 -6.25 10.05 -9.38
N GLN A 106 -5.87 8.80 -9.28
CA GLN A 106 -4.53 8.38 -9.81
C GLN A 106 -4.43 8.76 -11.28
N ALA A 107 -5.48 8.55 -12.03
CA ALA A 107 -5.46 8.87 -13.48
C ALA A 107 -5.36 10.39 -13.67
N ALA A 108 -6.07 11.14 -12.87
CA ALA A 108 -6.03 12.62 -13.02
C ALA A 108 -4.60 13.12 -12.87
N THR A 109 -3.78 12.43 -12.11
CA THR A 109 -2.36 12.88 -11.94
C THR A 109 -1.53 12.37 -13.10
N HIS A 110 -2.04 11.42 -13.82
CA HIS A 110 -1.30 10.86 -14.99
C HIS A 110 -2.17 9.81 -15.69
N GLN A 111 -3.02 10.24 -16.59
CA GLN A 111 -3.91 9.29 -17.30
C GLN A 111 -3.07 8.17 -17.94
N GLY A 112 -1.92 8.49 -18.45
CA GLY A 112 -1.07 7.44 -19.08
C GLY A 112 -1.82 6.79 -20.23
N SER A 113 -1.57 7.22 -21.44
CA SER A 113 -2.27 6.63 -22.60
C SER A 113 -1.80 5.19 -22.80
N GLY A 114 -2.68 4.24 -22.63
CA GLY A 114 -2.28 2.81 -22.80
C GLY A 114 -3.47 1.90 -22.51
N ALA A 115 -4.38 2.34 -21.68
CA ALA A 115 -5.56 1.49 -21.35
C ALA A 115 -6.42 1.31 -22.61
N ALA A 116 -6.62 0.08 -23.01
CA ALA A 116 -7.44 -0.19 -24.22
C ALA A 116 -8.94 -0.05 -23.85
N PRO A 117 -9.81 0.10 -24.83
CA PRO A 117 -11.26 0.23 -24.57
C PRO A 117 -11.74 -0.99 -23.75
N ALA A 118 -10.98 -2.06 -23.76
CA ALA A 118 -11.39 -3.28 -23.00
C ALA A 118 -10.15 -4.15 -22.76
N GLY A 119 -9.92 -4.52 -21.53
CA GLY A 119 -8.74 -5.36 -21.22
C GLY A 119 -8.86 -6.71 -21.95
N ILE A 120 -10.06 -7.12 -22.26
CA ILE A 120 -10.24 -8.42 -22.97
C ILE A 120 -9.72 -8.28 -24.41
N GLN A 121 -8.44 -8.11 -24.57
CA GLN A 121 -7.87 -7.96 -25.95
C GLN A 121 -6.35 -8.05 -25.87
N ALA A 122 -5.80 -7.83 -24.71
CA ALA A 122 -4.30 -7.90 -24.56
C ALA A 122 -3.89 -9.37 -24.36
N PRO A 123 -2.68 -9.76 -24.77
CA PRO A 123 -2.24 -11.16 -24.59
C PRO A 123 -2.31 -11.52 -23.09
N PRO A 124 -2.19 -12.79 -22.76
CA PRO A 124 -2.24 -13.21 -21.34
C PRO A 124 -1.10 -12.53 -20.55
N GLN A 125 -1.33 -12.20 -19.30
CA GLN A 125 -0.28 -11.53 -18.48
C GLN A 125 0.63 -12.59 -17.86
N SER A 126 1.55 -13.11 -18.61
CA SER A 126 2.47 -14.15 -18.05
C SER A 126 3.35 -13.52 -16.97
N ALA A 127 3.04 -13.76 -15.73
CA ALA A 127 3.84 -13.17 -14.63
C ALA A 127 5.24 -13.83 -14.60
N ALA A 128 6.19 -13.23 -15.24
CA ALA A 128 7.56 -13.82 -15.26
C ALA A 128 8.16 -13.72 -13.84
N LYS A 129 8.38 -14.85 -13.22
CA LYS A 129 8.96 -14.83 -11.85
C LYS A 129 10.41 -14.29 -11.91
N PRO A 130 10.87 -13.57 -10.87
CA PRO A 130 12.25 -13.04 -10.88
C PRO A 130 13.24 -14.20 -11.02
N GLY A 131 14.22 -14.07 -11.87
CA GLY A 131 15.22 -15.16 -12.05
C GLY A 131 16.10 -15.24 -10.80
N LEU A 132 15.95 -14.30 -9.92
CA LEU A 132 16.77 -14.27 -8.68
C LEU A 132 16.15 -15.26 -7.67
N HIS A 133 16.87 -16.29 -7.32
CA HIS A 133 16.33 -17.29 -6.35
C HIS A 133 16.24 -16.64 -4.96
N PHE A 134 15.12 -16.74 -4.31
CA PHE A 134 14.98 -16.14 -2.96
C PHE A 134 13.61 -16.53 -2.37
N ILE A 135 12.54 -16.25 -3.07
CA ILE A 135 11.20 -16.61 -2.55
C ILE A 135 10.95 -18.10 -2.72
N ASP A 136 11.31 -18.64 -3.86
CA ASP A 136 11.12 -20.10 -4.09
C ASP A 136 12.20 -20.82 -3.30
N GLN A 137 13.22 -20.10 -2.95
CA GLN A 137 14.33 -20.70 -2.17
C GLN A 137 13.86 -21.06 -0.76
N HIS A 138 12.79 -20.45 -0.30
CA HIS A 138 12.28 -20.76 1.06
C HIS A 138 11.26 -21.89 0.97
N ARG A 139 10.75 -22.15 -0.20
CA ARG A 139 9.78 -23.26 -0.37
C ARG A 139 10.56 -24.58 -0.36
N ALA A 140 11.57 -24.66 -1.17
CA ALA A 140 12.41 -25.89 -1.23
C ALA A 140 13.12 -26.10 0.11
N ALA A 141 13.50 -25.03 0.76
CA ALA A 141 14.23 -25.15 2.06
C ALA A 141 13.34 -25.86 3.08
N LEU A 142 12.14 -25.41 3.26
CA LEU A 142 11.24 -26.05 4.27
C LEU A 142 10.76 -27.43 3.77
N ILE A 143 10.65 -27.62 2.48
CA ILE A 143 10.17 -28.93 1.97
C ILE A 143 11.25 -29.99 2.25
N ALA A 144 12.49 -29.69 1.97
CA ALA A 144 13.58 -30.68 2.20
C ALA A 144 13.87 -30.82 3.69
N ARG A 145 13.42 -29.88 4.51
CA ARG A 145 13.69 -29.96 5.99
C ARG A 145 12.46 -30.49 6.73
N VAL A 146 11.28 -30.25 6.23
CA VAL A 146 10.04 -30.75 6.92
C VAL A 146 9.90 -32.25 6.66
N THR A 147 10.54 -32.73 5.61
CA THR A 147 10.47 -34.19 5.25
C THR A 147 9.01 -34.61 5.00
N ASN A 148 8.23 -34.80 6.04
CA ASN A 148 6.82 -35.21 5.83
C ASN A 148 6.05 -34.10 5.11
N VAL A 149 6.24 -33.99 3.82
CA VAL A 149 5.54 -32.93 3.05
C VAL A 149 4.02 -33.17 3.07
N GLU A 150 3.60 -34.40 3.00
CA GLU A 150 2.14 -34.70 3.01
C GLU A 150 1.49 -34.26 4.33
N TRP A 151 2.23 -34.28 5.40
CA TRP A 151 1.63 -33.88 6.72
C TRP A 151 1.10 -32.44 6.64
N LEU A 152 1.84 -31.54 6.05
CA LEU A 152 1.36 -30.13 5.95
C LEU A 152 0.10 -30.08 5.08
N LEU A 153 0.03 -30.90 4.06
CA LEU A 153 -1.18 -30.87 3.19
C LEU A 153 -2.40 -31.31 4.02
N ASP A 154 -2.31 -32.43 4.69
CA ASP A 154 -3.46 -32.90 5.50
C ASP A 154 -3.79 -31.87 6.59
N ALA A 155 -2.82 -31.09 7.00
CA ALA A 155 -3.07 -30.09 8.06
C ALA A 155 -4.18 -29.11 7.66
N LEU A 156 -4.42 -28.93 6.38
CA LEU A 156 -5.50 -27.97 5.91
C LEU A 156 -6.66 -28.74 5.29
N TYR A 157 -6.71 -30.04 5.45
CA TYR A 157 -7.82 -30.81 4.82
C TYR A 157 -9.16 -30.48 5.51
N GLY A 158 -10.11 -29.99 4.75
CA GLY A 158 -11.46 -29.69 5.33
C GLY A 158 -11.45 -28.39 6.14
N LYS A 159 -10.29 -27.89 6.48
CA LYS A 159 -10.21 -26.63 7.30
C LYS A 159 -10.20 -25.38 6.42
N VAL A 160 -9.06 -24.96 5.94
CA VAL A 160 -8.98 -23.72 5.10
C VAL A 160 -9.38 -24.01 3.66
N LEU A 161 -8.84 -25.05 3.08
CA LEU A 161 -9.17 -25.38 1.64
C LEU A 161 -10.35 -26.35 1.60
N THR A 162 -11.12 -26.29 0.55
CA THR A 162 -12.29 -27.21 0.40
C THR A 162 -11.83 -28.52 -0.24
N ASP A 163 -12.70 -29.49 -0.34
CA ASP A 163 -12.31 -30.78 -0.95
C ASP A 163 -11.92 -30.57 -2.42
N GLU A 164 -12.71 -29.83 -3.16
CA GLU A 164 -12.39 -29.60 -4.60
C GLU A 164 -10.99 -28.96 -4.72
N GLN A 165 -10.70 -27.99 -3.89
CA GLN A 165 -9.37 -27.31 -3.96
C GLN A 165 -8.28 -28.25 -3.43
N TYR A 166 -8.48 -28.81 -2.28
CA TYR A 166 -7.46 -29.73 -1.70
C TYR A 166 -7.16 -30.86 -2.70
N GLN A 167 -8.17 -31.36 -3.36
CA GLN A 167 -7.95 -32.45 -4.35
C GLN A 167 -7.19 -31.89 -5.55
N ALA A 168 -7.45 -30.66 -5.91
CA ALA A 168 -6.75 -30.05 -7.07
C ALA A 168 -5.23 -30.04 -6.81
N VAL A 169 -4.84 -29.73 -5.61
CA VAL A 169 -3.38 -29.70 -5.29
C VAL A 169 -2.81 -31.12 -5.40
N ARG A 170 -3.59 -32.13 -5.08
CA ARG A 170 -3.07 -33.53 -5.18
C ARG A 170 -2.97 -33.90 -6.67
N ALA A 171 -3.59 -33.15 -7.53
CA ALA A 171 -3.54 -33.49 -8.99
C ALA A 171 -2.17 -33.11 -9.56
N GLU A 172 -1.30 -32.58 -8.73
CA GLU A 172 0.05 -32.20 -9.23
C GLU A 172 0.76 -33.48 -9.70
N PRO A 173 1.82 -33.39 -10.51
CA PRO A 173 2.51 -34.60 -11.01
C PRO A 173 3.56 -35.03 -9.97
N THR A 174 4.33 -34.08 -9.53
CA THR A 174 5.41 -34.36 -8.53
C THR A 174 4.86 -34.11 -7.11
N ASN A 175 5.52 -34.65 -6.11
CA ASN A 175 5.05 -34.46 -4.71
C ASN A 175 5.43 -33.02 -4.22
N PRO A 176 6.69 -32.62 -4.33
CA PRO A 176 7.07 -31.26 -3.88
C PRO A 176 6.20 -30.21 -4.58
N SER A 177 5.62 -30.54 -5.70
CA SER A 177 4.75 -29.56 -6.41
C SER A 177 3.51 -29.30 -5.55
N LYS A 178 3.13 -30.27 -4.78
CA LYS A 178 1.93 -30.12 -3.91
C LYS A 178 2.12 -29.00 -2.88
N MET A 179 3.30 -28.89 -2.32
CA MET A 179 3.52 -27.82 -1.29
C MET A 179 3.62 -26.44 -1.95
N ARG A 180 4.53 -26.24 -2.87
CA ARG A 180 4.66 -24.88 -3.50
C ARG A 180 3.29 -24.41 -4.02
N LYS A 181 2.50 -25.28 -4.58
CA LYS A 181 1.17 -24.86 -5.10
C LYS A 181 0.31 -24.46 -3.89
N LEU A 182 0.47 -25.13 -2.80
CA LEU A 182 -0.34 -24.81 -1.59
C LEU A 182 -0.10 -23.35 -1.18
N PHE A 183 1.13 -22.92 -1.16
CA PHE A 183 1.41 -21.50 -0.77
C PHE A 183 0.78 -20.58 -1.81
N SER A 184 0.61 -21.02 -3.02
CA SER A 184 -0.01 -20.15 -4.06
C SER A 184 -1.41 -19.75 -3.60
N PHE A 185 -2.02 -20.55 -2.77
CA PHE A 185 -3.39 -20.20 -2.27
C PHE A 185 -3.23 -19.17 -1.15
N THR A 186 -2.28 -18.28 -1.28
CA THR A 186 -2.05 -17.25 -0.25
C THR A 186 -3.33 -16.40 -0.03
N PRO A 187 -3.96 -15.91 -1.09
CA PRO A 187 -5.17 -15.09 -0.93
C PRO A 187 -6.23 -15.88 -0.12
N ALA A 188 -6.10 -17.18 -0.07
CA ALA A 188 -7.08 -18.00 0.71
C ALA A 188 -6.58 -18.16 2.14
N TRP A 189 -5.31 -17.93 2.38
CA TRP A 189 -4.77 -18.08 3.77
C TRP A 189 -5.21 -16.87 4.59
N ASN A 190 -5.94 -17.10 5.66
CA ASN A 190 -6.41 -15.98 6.54
C ASN A 190 -5.45 -15.85 7.72
N TRP A 191 -5.72 -14.95 8.63
CA TRP A 191 -4.82 -14.79 9.81
C TRP A 191 -4.69 -16.13 10.53
N THR A 192 -5.77 -16.87 10.60
CA THR A 192 -5.73 -18.20 11.27
C THR A 192 -4.94 -19.18 10.41
N CYS A 193 -5.04 -19.07 9.11
CA CYS A 193 -4.31 -20.01 8.22
C CYS A 193 -2.79 -19.90 8.46
N LYS A 194 -2.26 -18.73 8.31
CA LYS A 194 -0.78 -18.55 8.52
C LYS A 194 -0.36 -19.06 9.90
N ASP A 195 -1.02 -18.62 10.94
CA ASP A 195 -0.65 -19.07 12.31
C ASP A 195 -0.91 -20.57 12.48
N LEU A 196 -1.91 -21.09 11.81
CA LEU A 196 -2.22 -22.54 11.94
C LEU A 196 -1.13 -23.33 11.20
N LEU A 197 -0.64 -22.80 10.12
CA LEU A 197 0.45 -23.50 9.36
C LEU A 197 1.74 -23.42 10.19
N LEU A 198 2.05 -22.25 10.67
CA LEU A 198 3.28 -22.08 11.49
C LEU A 198 3.15 -22.93 12.76
N GLN A 199 2.00 -22.92 13.36
CA GLN A 199 1.78 -23.73 14.59
C GLN A 199 1.97 -25.21 14.27
N ALA A 200 1.51 -25.64 13.13
CA ALA A 200 1.65 -27.07 12.76
C ALA A 200 3.12 -27.48 12.78
N LEU A 201 3.99 -26.62 12.34
CA LEU A 201 5.45 -26.97 12.33
C LEU A 201 5.95 -27.12 13.78
N ARG A 202 5.43 -26.34 14.69
CA ARG A 202 5.90 -26.45 16.11
C ARG A 202 5.44 -27.81 16.69
N GLU A 203 4.29 -28.28 16.28
CA GLU A 203 3.79 -29.58 16.82
C GLU A 203 4.66 -30.73 16.31
N SER A 204 5.02 -30.71 15.06
CA SER A 204 5.86 -31.83 14.51
C SER A 204 7.32 -31.67 14.97
N GLN A 205 7.79 -30.45 15.09
CA GLN A 205 9.20 -30.23 15.52
C GLN A 205 9.47 -28.73 15.71
N SER A 206 9.82 -28.34 16.90
CA SER A 206 10.10 -26.89 17.17
C SER A 206 11.37 -26.46 16.42
N TYR A 207 12.20 -27.40 16.03
CA TYR A 207 13.45 -27.04 15.32
C TYR A 207 13.13 -26.27 14.05
N LEU A 208 12.05 -26.60 13.39
CA LEU A 208 11.71 -25.89 12.13
C LEU A 208 11.25 -24.46 12.47
N VAL A 209 10.46 -24.29 13.50
CA VAL A 209 9.99 -22.93 13.84
C VAL A 209 11.17 -22.06 14.27
N GLU A 210 12.08 -22.61 15.03
CA GLU A 210 13.25 -21.82 15.51
C GLU A 210 14.29 -21.65 14.39
N ASP A 211 14.62 -22.72 13.72
CA ASP A 211 15.64 -22.64 12.63
C ASP A 211 15.09 -21.87 11.42
N LEU A 212 13.85 -22.10 11.06
CA LEU A 212 13.28 -21.40 9.88
C LEU A 212 12.99 -19.93 10.22
N GLU A 213 12.38 -19.67 11.33
CA GLU A 213 12.07 -18.25 11.70
C GLU A 213 13.38 -17.48 11.86
N ARG A 214 14.33 -18.03 12.58
CA ARG A 214 15.62 -17.32 12.77
C ARG A 214 16.44 -17.37 11.47
N SER A 215 15.94 -16.76 10.43
CA SER A 215 16.68 -16.77 9.13
C SER A 215 17.98 -15.98 9.29
N MET A 21 -2.90 26.78 -10.33
CA MET A 21 -3.34 25.76 -11.32
C MET A 21 -2.62 24.43 -11.02
N GLY A 22 -3.03 23.37 -11.68
CA GLY A 22 -2.39 22.04 -11.44
C GLY A 22 -3.48 20.98 -11.48
N ARG A 23 -3.57 20.25 -12.55
CA ARG A 23 -4.62 19.20 -12.66
C ARG A 23 -4.58 18.30 -11.42
N ALA A 24 -3.42 18.10 -10.87
CA ALA A 24 -3.32 17.26 -9.64
C ALA A 24 -4.01 18.03 -8.51
N ARG A 25 -3.79 19.32 -8.44
CA ARG A 25 -4.45 20.13 -7.38
C ARG A 25 -5.96 20.01 -7.56
N ASP A 26 -6.41 20.02 -8.79
CA ASP A 26 -7.87 19.90 -9.06
C ASP A 26 -8.31 18.47 -8.71
N ALA A 27 -7.46 17.52 -8.93
CA ALA A 27 -7.81 16.11 -8.61
C ALA A 27 -8.13 15.98 -7.12
N ILE A 28 -7.24 16.45 -6.28
CA ILE A 28 -7.49 16.38 -4.81
C ILE A 28 -8.78 17.14 -4.49
N LEU A 29 -8.87 18.37 -4.89
CA LEU A 29 -10.09 19.19 -4.60
C LEU A 29 -11.36 18.40 -4.99
N ASP A 30 -11.36 17.80 -6.16
CA ASP A 30 -12.57 17.06 -6.60
C ASP A 30 -12.91 15.93 -5.62
N ALA A 31 -11.96 15.10 -5.28
CA ALA A 31 -12.25 13.96 -4.37
C ALA A 31 -12.72 14.45 -2.99
N LEU A 32 -11.97 15.31 -2.35
CA LEU A 32 -12.38 15.78 -0.99
C LEU A 32 -13.75 16.47 -1.08
N GLU A 33 -13.93 17.35 -2.02
CA GLU A 33 -15.25 18.05 -2.15
C GLU A 33 -16.35 17.03 -2.46
N ASN A 34 -15.99 15.83 -2.84
CA ASN A 34 -17.03 14.80 -3.17
C ASN A 34 -17.41 13.99 -1.92
N LEU A 35 -16.52 13.91 -0.95
CA LEU A 35 -16.86 13.14 0.29
C LEU A 35 -17.88 13.93 1.12
N THR A 36 -18.66 13.24 1.92
CA THR A 36 -19.67 13.96 2.76
C THR A 36 -18.95 14.68 3.89
N ALA A 37 -19.59 15.65 4.50
CA ALA A 37 -18.93 16.40 5.62
C ALA A 37 -18.37 15.43 6.66
N GLU A 38 -19.16 14.48 7.09
CA GLU A 38 -18.67 13.51 8.11
C GLU A 38 -17.67 12.55 7.48
N GLU A 39 -17.94 12.11 6.28
CA GLU A 39 -16.99 11.19 5.61
C GLU A 39 -15.64 11.90 5.45
N LEU A 40 -15.65 13.19 5.30
CA LEU A 40 -14.38 13.95 5.14
C LEU A 40 -13.59 13.89 6.45
N LYS A 41 -14.26 13.96 7.57
CA LYS A 41 -13.55 13.89 8.87
C LYS A 41 -12.77 12.59 8.98
N LYS A 42 -13.36 11.50 8.56
CA LYS A 42 -12.65 10.19 8.66
C LYS A 42 -11.38 10.22 7.79
N PHE A 43 -11.44 10.86 6.65
CA PHE A 43 -10.22 10.94 5.78
C PHE A 43 -9.07 11.58 6.58
N LYS A 44 -9.38 12.54 7.42
CA LYS A 44 -8.31 13.21 8.21
C LYS A 44 -7.68 12.21 9.19
N LEU A 45 -8.48 11.62 10.03
CA LEU A 45 -7.93 10.65 11.02
C LEU A 45 -7.26 9.50 10.27
N LYS A 46 -7.74 9.18 9.10
CA LYS A 46 -7.10 8.08 8.32
C LYS A 46 -5.65 8.45 8.04
N LEU A 47 -5.35 9.72 7.86
CA LEU A 47 -3.95 10.11 7.61
C LEU A 47 -3.14 9.84 8.87
N LEU A 48 -3.71 10.07 10.01
CA LEU A 48 -2.97 9.83 11.29
C LEU A 48 -2.95 8.32 11.60
N SER A 49 -3.77 7.55 10.92
CA SER A 49 -3.82 6.06 11.19
C SER A 49 -3.07 5.28 10.09
N VAL A 50 -3.08 5.76 8.88
CA VAL A 50 -2.37 5.02 7.79
C VAL A 50 -0.83 5.10 8.01
N PRO A 51 -0.10 3.99 8.05
CA PRO A 51 1.36 4.06 8.26
C PRO A 51 2.02 4.73 7.04
N LEU A 52 2.94 5.63 7.28
CA LEU A 52 3.65 6.33 6.16
C LEU A 52 4.99 5.63 5.88
N ARG A 53 5.56 5.89 4.74
CA ARG A 53 6.86 5.23 4.39
C ARG A 53 7.91 5.59 5.46
N GLU A 54 8.74 6.57 5.21
CA GLU A 54 9.76 6.95 6.22
C GLU A 54 9.05 7.44 7.48
N GLY A 55 8.47 8.61 7.43
CA GLY A 55 7.76 9.14 8.62
C GLY A 55 7.34 10.59 8.38
N TYR A 56 8.04 11.27 7.48
CA TYR A 56 7.74 12.70 7.14
C TYR A 56 7.18 13.48 8.34
N GLY A 57 5.91 13.36 8.57
CA GLY A 57 5.26 14.08 9.71
C GLY A 57 3.74 14.12 9.47
N ARG A 58 2.98 13.45 10.28
CA ARG A 58 1.50 13.45 10.08
C ARG A 58 0.92 14.81 10.49
N ILE A 59 0.13 15.41 9.64
CA ILE A 59 -0.46 16.73 9.97
C ILE A 59 -1.51 16.52 11.10
N PRO A 60 -1.43 17.27 12.21
CA PRO A 60 -2.42 17.06 13.30
C PRO A 60 -3.85 17.23 12.78
N ARG A 61 -4.75 16.43 13.27
CA ARG A 61 -6.17 16.52 12.83
C ARG A 61 -6.68 17.94 13.01
N GLY A 62 -6.41 18.53 14.13
CA GLY A 62 -6.89 19.92 14.40
C GLY A 62 -6.42 20.87 13.30
N ALA A 63 -5.21 20.73 12.84
CA ALA A 63 -4.71 21.62 11.78
C ALA A 63 -5.57 21.41 10.53
N LEU A 64 -6.01 20.19 10.31
CA LEU A 64 -6.86 19.91 9.12
C LEU A 64 -8.28 20.42 9.37
N LEU A 65 -8.79 20.29 10.57
CA LEU A 65 -10.16 20.78 10.84
C LEU A 65 -10.19 22.31 10.67
N SER A 66 -9.12 22.98 11.02
CA SER A 66 -9.08 24.45 10.86
C SER A 66 -9.07 24.77 9.37
N MET A 67 -8.28 24.06 8.61
CA MET A 67 -8.24 24.30 7.14
C MET A 67 -9.49 23.69 6.50
N ASP A 68 -9.82 24.16 5.32
CA ASP A 68 -11.03 23.65 4.58
C ASP A 68 -10.56 22.86 3.36
N ALA A 69 -11.47 22.37 2.57
CA ALA A 69 -11.08 21.58 1.37
C ALA A 69 -10.07 22.34 0.51
N LEU A 70 -10.30 23.61 0.28
CA LEU A 70 -9.35 24.40 -0.57
C LEU A 70 -8.04 24.67 0.20
N ASP A 71 -8.14 25.26 1.37
CA ASP A 71 -6.91 25.56 2.15
C ASP A 71 -6.14 24.26 2.40
N LEU A 72 -6.81 23.21 2.79
CA LEU A 72 -6.10 21.93 3.05
C LEU A 72 -5.61 21.35 1.71
N THR A 73 -6.32 21.59 0.63
CA THR A 73 -5.85 21.04 -0.68
C THR A 73 -4.49 21.65 -0.99
N ASP A 74 -4.35 22.94 -0.84
CA ASP A 74 -3.04 23.59 -1.13
C ASP A 74 -1.98 23.06 -0.15
N LYS A 75 -2.37 22.70 1.03
CA LYS A 75 -1.37 22.19 2.03
C LYS A 75 -0.89 20.79 1.63
N LEU A 76 -1.78 19.89 1.27
CA LEU A 76 -1.31 18.52 0.87
C LEU A 76 -0.26 18.69 -0.23
N VAL A 77 -0.43 19.71 -1.03
CA VAL A 77 0.55 19.98 -2.13
C VAL A 77 1.86 20.54 -1.54
N SER A 78 1.77 21.40 -0.56
CA SER A 78 3.02 21.99 0.01
C SER A 78 3.76 20.98 0.90
N PHE A 79 3.05 20.33 1.79
CA PHE A 79 3.71 19.37 2.73
C PHE A 79 3.99 18.01 2.07
N TYR A 80 3.01 17.42 1.41
CA TYR A 80 3.19 16.07 0.77
C TYR A 80 3.48 16.21 -0.73
N LEU A 81 3.86 17.38 -1.17
CA LEU A 81 4.16 17.58 -2.63
C LEU A 81 2.90 17.38 -3.46
N GLU A 82 2.93 17.81 -4.70
CA GLU A 82 1.73 17.70 -5.58
C GLU A 82 1.41 16.24 -5.95
N THR A 83 2.32 15.56 -6.59
CA THR A 83 2.04 14.15 -7.02
C THR A 83 2.03 13.19 -5.82
N TYR A 84 3.07 13.17 -5.03
CA TYR A 84 3.09 12.22 -3.88
C TYR A 84 1.87 12.50 -2.99
N GLY A 85 1.32 13.68 -3.07
CA GLY A 85 0.12 14.01 -2.25
C GLY A 85 -1.08 13.22 -2.77
N ALA A 86 -1.28 13.20 -4.06
CA ALA A 86 -2.44 12.45 -4.62
C ALA A 86 -2.21 10.95 -4.49
N GLU A 87 -0.97 10.52 -4.55
CA GLU A 87 -0.69 9.07 -4.42
C GLU A 87 -1.19 8.60 -3.05
N LEU A 88 -0.79 9.29 -2.02
CA LEU A 88 -1.23 8.91 -0.64
C LEU A 88 -2.76 8.95 -0.59
N THR A 89 -3.33 10.03 -1.01
CA THR A 89 -4.81 10.19 -0.99
C THR A 89 -5.49 9.02 -1.73
N ALA A 90 -5.11 8.75 -2.95
CA ALA A 90 -5.75 7.64 -3.73
C ALA A 90 -5.75 6.34 -2.91
N ASN A 91 -4.69 6.05 -2.21
CA ASN A 91 -4.65 4.77 -1.42
C ASN A 91 -5.62 4.88 -0.23
N VAL A 92 -5.85 6.06 0.30
CA VAL A 92 -6.79 6.17 1.46
C VAL A 92 -8.22 5.94 0.94
N LEU A 93 -8.63 6.67 -0.07
CA LEU A 93 -10.00 6.48 -0.61
C LEU A 93 -10.20 5.00 -0.97
N ARG A 94 -9.15 4.36 -1.43
CA ARG A 94 -9.27 2.92 -1.77
C ARG A 94 -9.69 2.16 -0.50
N ASP A 95 -9.20 2.59 0.63
CA ASP A 95 -9.58 1.93 1.91
C ASP A 95 -11.01 2.35 2.27
N MET A 96 -11.43 3.50 1.83
CA MET A 96 -12.82 3.97 2.14
C MET A 96 -13.80 3.21 1.26
N GLY A 97 -13.30 2.43 0.33
CA GLY A 97 -14.19 1.66 -0.59
C GLY A 97 -14.58 2.54 -1.77
N LEU A 98 -14.02 3.71 -1.86
CA LEU A 98 -14.33 4.64 -2.99
C LEU A 98 -13.31 4.37 -4.11
N GLN A 99 -13.32 3.17 -4.60
CA GLN A 99 -12.38 2.78 -5.67
C GLN A 99 -12.62 3.62 -6.94
N GLU A 100 -13.85 3.86 -7.29
CA GLU A 100 -14.14 4.64 -8.51
C GLU A 100 -13.45 6.02 -8.44
N MET A 101 -13.52 6.69 -7.31
CA MET A 101 -12.85 8.02 -7.19
C MET A 101 -11.34 7.83 -7.06
N ALA A 102 -10.92 6.76 -6.42
CA ALA A 102 -9.46 6.51 -6.24
C ALA A 102 -8.81 6.25 -7.60
N GLY A 103 -9.41 5.41 -8.40
CA GLY A 103 -8.81 5.12 -9.73
C GLY A 103 -8.84 6.38 -10.58
N GLN A 104 -9.80 7.22 -10.33
CA GLN A 104 -9.91 8.49 -11.10
C GLN A 104 -8.87 9.50 -10.60
N LEU A 105 -8.63 9.54 -9.32
CA LEU A 105 -7.63 10.49 -8.79
C LEU A 105 -6.24 10.14 -9.34
N GLN A 106 -5.84 8.90 -9.23
CA GLN A 106 -4.50 8.51 -9.78
C GLN A 106 -4.46 8.84 -11.27
N ALA A 107 -5.48 8.45 -12.00
CA ALA A 107 -5.53 8.72 -13.45
C ALA A 107 -5.47 10.23 -13.71
N ALA A 108 -6.03 11.01 -12.83
CA ALA A 108 -6.04 12.48 -13.02
C ALA A 108 -4.60 13.02 -13.03
N THR A 109 -3.78 12.56 -12.13
CA THR A 109 -2.37 13.06 -12.09
C THR A 109 -1.52 12.26 -13.08
N HIS A 110 -2.16 11.56 -13.98
CA HIS A 110 -1.40 10.75 -14.99
C HIS A 110 -0.40 9.85 -14.28
N GLN A 111 -0.89 8.93 -13.50
CA GLN A 111 0.00 8.00 -12.77
C GLN A 111 0.90 7.25 -13.77
N GLY A 112 0.38 6.95 -14.92
CA GLY A 112 1.20 6.23 -15.94
C GLY A 112 2.25 7.17 -16.51
N SER A 113 3.37 7.31 -15.84
CA SER A 113 4.43 8.23 -16.32
C SER A 113 5.05 7.63 -17.59
N GLY A 114 4.53 7.97 -18.73
CA GLY A 114 5.10 7.42 -20.00
C GLY A 114 4.81 5.93 -20.09
N ALA A 115 4.24 5.36 -19.06
CA ALA A 115 3.93 3.90 -19.08
C ALA A 115 2.81 3.63 -20.07
N ALA A 116 3.06 2.80 -21.04
CA ALA A 116 2.01 2.49 -22.06
C ALA A 116 0.81 1.81 -21.32
N PRO A 117 -0.35 1.77 -21.96
CA PRO A 117 -1.52 1.13 -21.34
C PRO A 117 -1.19 -0.31 -20.93
N ALA A 118 -0.39 -0.99 -21.71
CA ALA A 118 -0.01 -2.39 -21.38
C ALA A 118 1.25 -2.79 -22.15
N GLY A 119 2.36 -2.85 -21.46
CA GLY A 119 3.65 -3.23 -22.13
C GLY A 119 3.80 -4.76 -22.12
N ILE A 120 3.15 -5.42 -21.21
CA ILE A 120 3.26 -6.90 -21.13
C ILE A 120 2.72 -7.50 -22.43
N GLN A 121 1.44 -7.38 -22.67
CA GLN A 121 0.84 -7.95 -23.91
C GLN A 121 1.30 -9.40 -24.10
N ALA A 122 1.56 -10.10 -23.04
CA ALA A 122 2.00 -11.52 -23.16
C ALA A 122 0.82 -12.38 -23.66
N PRO A 123 1.08 -13.46 -24.39
CA PRO A 123 -0.02 -14.31 -24.88
C PRO A 123 -0.87 -14.79 -23.68
N PRO A 124 -2.04 -15.35 -23.93
CA PRO A 124 -2.90 -15.85 -22.84
C PRO A 124 -2.16 -16.94 -22.05
N GLN A 125 -2.39 -17.02 -20.76
CA GLN A 125 -1.71 -18.05 -19.93
C GLN A 125 -2.54 -19.33 -19.94
N SER A 126 -2.46 -20.10 -20.99
CA SER A 126 -3.24 -21.37 -21.06
C SER A 126 -2.72 -22.35 -20.01
N ALA A 127 -3.24 -22.29 -18.82
CA ALA A 127 -2.80 -23.21 -17.74
C ALA A 127 -1.27 -23.27 -17.66
N ALA A 128 -0.59 -22.35 -18.31
CA ALA A 128 0.91 -22.36 -18.27
C ALA A 128 1.40 -21.62 -17.02
N LYS A 129 1.93 -22.33 -16.06
CA LYS A 129 2.43 -21.68 -14.81
C LYS A 129 3.88 -21.19 -15.06
N PRO A 130 4.34 -20.18 -14.33
CA PRO A 130 5.72 -19.68 -14.52
C PRO A 130 6.71 -20.82 -14.26
N GLY A 131 7.65 -21.02 -15.15
CA GLY A 131 8.65 -22.11 -14.95
C GLY A 131 9.70 -21.65 -13.94
N LEU A 132 9.64 -20.42 -13.57
CA LEU A 132 10.62 -19.86 -12.58
C LEU A 132 10.14 -20.19 -11.16
N HIS A 133 10.92 -20.93 -10.42
CA HIS A 133 10.52 -21.28 -9.03
C HIS A 133 10.53 -20.02 -8.16
N PHE A 134 9.41 -19.69 -7.57
CA PHE A 134 9.36 -18.47 -6.72
C PHE A 134 8.03 -18.46 -5.94
N ILE A 135 6.93 -18.54 -6.63
CA ILE A 135 5.60 -18.53 -5.94
C ILE A 135 5.41 -19.86 -5.19
N ASP A 136 6.01 -20.92 -5.68
CA ASP A 136 5.86 -22.24 -5.00
C ASP A 136 6.79 -22.27 -3.79
N GLN A 137 7.78 -21.43 -3.78
CA GLN A 137 8.74 -21.40 -2.65
C GLN A 137 8.05 -20.87 -1.38
N HIS A 138 6.98 -20.13 -1.54
CA HIS A 138 6.27 -19.57 -0.35
C HIS A 138 5.19 -20.55 0.11
N ARG A 139 4.81 -21.48 -0.72
CA ARG A 139 3.79 -22.49 -0.32
C ARG A 139 4.45 -23.50 0.62
N ALA A 140 5.56 -24.05 0.21
CA ALA A 140 6.26 -25.03 1.08
C ALA A 140 6.80 -24.33 2.32
N ALA A 141 7.22 -23.10 2.20
CA ALA A 141 7.75 -22.37 3.37
C ALA A 141 6.64 -22.17 4.41
N LEU A 142 5.51 -21.66 3.99
CA LEU A 142 4.40 -21.42 4.95
C LEU A 142 3.73 -22.74 5.35
N ILE A 143 3.49 -23.61 4.41
CA ILE A 143 2.85 -24.91 4.78
C ILE A 143 3.77 -25.65 5.75
N ALA A 144 5.07 -25.52 5.57
CA ALA A 144 6.03 -26.22 6.46
C ALA A 144 6.25 -25.43 7.76
N ARG A 145 6.20 -24.11 7.71
CA ARG A 145 6.44 -23.32 8.96
C ARG A 145 5.13 -23.18 9.75
N VAL A 146 4.01 -23.27 9.10
CA VAL A 146 2.70 -23.13 9.81
C VAL A 146 2.35 -24.45 10.53
N THR A 147 2.76 -25.56 9.95
CA THR A 147 2.45 -26.89 10.57
C THR A 147 0.92 -27.07 10.66
N ASN A 148 0.27 -26.38 11.56
CA ASN A 148 -1.22 -26.51 11.67
C ASN A 148 -1.86 -25.85 10.45
N VAL A 149 -1.68 -26.42 9.30
CA VAL A 149 -2.27 -25.83 8.06
C VAL A 149 -3.80 -25.88 8.14
N GLU A 150 -4.34 -26.95 8.68
CA GLU A 150 -5.83 -27.07 8.78
C GLU A 150 -6.42 -25.84 9.49
N TRP A 151 -5.73 -25.30 10.45
CA TRP A 151 -6.27 -24.12 11.18
C TRP A 151 -6.52 -22.98 10.17
N LEU A 152 -5.60 -22.72 9.29
CA LEU A 152 -5.80 -21.62 8.29
C LEU A 152 -7.11 -21.86 7.51
N LEU A 153 -7.27 -23.01 6.91
CA LEU A 153 -8.54 -23.26 6.14
C LEU A 153 -9.73 -23.13 7.11
N ASP A 154 -9.64 -23.72 8.27
CA ASP A 154 -10.77 -23.62 9.24
C ASP A 154 -11.07 -22.14 9.53
N ALA A 155 -10.09 -21.30 9.40
CA ALA A 155 -10.32 -19.85 9.68
C ALA A 155 -11.32 -19.27 8.66
N LEU A 156 -11.16 -19.58 7.40
CA LEU A 156 -12.08 -19.04 6.36
C LEU A 156 -13.35 -19.89 6.28
N TYR A 157 -13.53 -20.84 7.17
CA TYR A 157 -14.75 -21.69 7.11
C TYR A 157 -15.98 -20.86 7.53
N GLY A 158 -16.95 -20.75 6.67
CA GLY A 158 -18.18 -19.98 7.02
C GLY A 158 -17.93 -18.47 6.96
N LYS A 159 -16.79 -18.06 6.42
CA LYS A 159 -16.47 -16.59 6.35
C LYS A 159 -16.32 -16.14 4.89
N VAL A 160 -15.19 -16.38 4.27
CA VAL A 160 -14.98 -15.93 2.85
C VAL A 160 -15.43 -17.01 1.87
N LEU A 161 -15.03 -18.24 2.07
CA LEU A 161 -15.43 -19.34 1.14
C LEU A 161 -16.77 -19.92 1.57
N THR A 162 -17.60 -20.28 0.62
CA THR A 162 -18.92 -20.87 0.96
C THR A 162 -18.75 -22.35 1.29
N ASP A 163 -19.79 -23.00 1.71
CA ASP A 163 -19.66 -24.45 2.05
C ASP A 163 -19.27 -25.27 0.82
N GLU A 164 -19.90 -25.04 -0.30
CA GLU A 164 -19.56 -25.84 -1.51
C GLU A 164 -18.10 -25.57 -1.92
N GLN A 165 -17.66 -24.35 -1.85
CA GLN A 165 -16.25 -24.03 -2.23
C GLN A 165 -15.29 -24.58 -1.17
N TYR A 166 -15.56 -24.28 0.07
CA TYR A 166 -14.67 -24.77 1.17
C TYR A 166 -14.56 -26.30 1.10
N GLN A 167 -15.63 -26.96 0.77
CA GLN A 167 -15.58 -28.45 0.67
C GLN A 167 -14.74 -28.84 -0.55
N ALA A 168 -14.89 -28.14 -1.64
CA ALA A 168 -14.10 -28.46 -2.86
C ALA A 168 -12.61 -28.47 -2.53
N VAL A 169 -12.16 -27.52 -1.74
CA VAL A 169 -10.72 -27.47 -1.38
C VAL A 169 -10.40 -28.62 -0.43
N ARG A 170 -11.31 -28.96 0.44
CA ARG A 170 -11.06 -30.07 1.40
C ARG A 170 -10.86 -31.37 0.62
N ALA A 171 -11.23 -31.39 -0.63
CA ALA A 171 -11.06 -32.62 -1.47
C ALA A 171 -9.57 -32.80 -1.80
N GLU A 172 -8.75 -31.91 -1.30
CA GLU A 172 -7.27 -31.94 -1.54
C GLU A 172 -6.74 -33.39 -1.78
N PRO A 173 -6.13 -33.69 -2.92
CA PRO A 173 -5.61 -35.05 -3.17
C PRO A 173 -4.28 -35.20 -2.45
N THR A 174 -3.92 -34.22 -1.66
CA THR A 174 -2.61 -34.28 -0.95
C THR A 174 -2.65 -33.32 0.25
N ASN A 175 -1.74 -33.46 1.17
CA ASN A 175 -1.75 -32.57 2.37
C ASN A 175 -1.40 -31.10 1.99
N PRO A 176 -0.32 -30.85 1.28
CA PRO A 176 0.04 -29.47 0.91
C PRO A 176 -0.93 -28.89 -0.15
N SER A 177 -1.68 -29.73 -0.83
CA SER A 177 -2.60 -29.21 -1.88
C SER A 177 -3.74 -28.40 -1.26
N LYS A 178 -4.14 -28.71 -0.05
CA LYS A 178 -5.27 -27.95 0.57
C LYS A 178 -4.94 -26.46 0.69
N MET A 179 -3.73 -26.11 1.03
CA MET A 179 -3.37 -24.66 1.17
C MET A 179 -3.06 -24.08 -0.23
N ARG A 180 -2.37 -24.82 -1.05
CA ARG A 180 -2.03 -24.29 -2.41
C ARG A 180 -3.32 -23.95 -3.16
N LYS A 181 -4.24 -24.88 -3.24
CA LYS A 181 -5.51 -24.61 -3.97
C LYS A 181 -6.22 -23.42 -3.31
N LEU A 182 -6.19 -23.35 -2.01
CA LEU A 182 -6.86 -22.23 -1.29
C LEU A 182 -6.39 -20.88 -1.86
N PHE A 183 -5.11 -20.73 -2.07
CA PHE A 183 -4.60 -19.43 -2.61
C PHE A 183 -5.15 -19.24 -4.04
N SER A 184 -5.45 -20.32 -4.73
CA SER A 184 -5.99 -20.18 -6.11
C SER A 184 -7.30 -19.39 -6.07
N PHE A 185 -7.99 -19.40 -4.96
CA PHE A 185 -9.28 -18.64 -4.85
C PHE A 185 -8.92 -17.15 -4.66
N THR A 186 -7.90 -16.69 -5.33
CA THR A 186 -7.49 -15.27 -5.20
C THR A 186 -8.65 -14.33 -5.64
N PRO A 187 -9.28 -14.58 -6.78
CA PRO A 187 -10.38 -13.72 -7.23
C PRO A 187 -11.47 -13.65 -6.15
N ALA A 188 -11.57 -14.66 -5.32
CA ALA A 188 -12.60 -14.65 -4.24
C ALA A 188 -12.06 -13.89 -3.02
N TRP A 189 -10.76 -13.71 -2.94
CA TRP A 189 -10.18 -12.98 -1.76
C TRP A 189 -10.38 -11.48 -1.95
N ASN A 190 -11.06 -10.84 -1.02
CA ASN A 190 -11.27 -9.37 -1.11
C ASN A 190 -10.21 -8.67 -0.26
N TRP A 191 -10.25 -7.37 -0.17
CA TRP A 191 -9.24 -6.66 0.68
C TRP A 191 -9.29 -7.22 2.10
N THR A 192 -10.48 -7.48 2.58
CA THR A 192 -10.62 -8.04 3.97
C THR A 192 -10.13 -9.49 3.99
N CYS A 193 -10.34 -10.23 2.93
CA CYS A 193 -9.88 -11.65 2.91
C CYS A 193 -8.38 -11.71 3.18
N LYS A 194 -7.60 -11.02 2.38
CA LYS A 194 -6.12 -11.02 2.58
C LYS A 194 -5.80 -10.68 4.05
N ASP A 195 -6.42 -9.67 4.58
CA ASP A 195 -6.16 -9.30 6.00
C ASP A 195 -6.54 -10.48 6.90
N LEU A 196 -7.50 -11.27 6.48
CA LEU A 196 -7.91 -12.44 7.30
C LEU A 196 -6.76 -13.45 7.32
N LEU A 197 -6.19 -13.73 6.17
CA LEU A 197 -5.06 -14.70 6.12
C LEU A 197 -3.88 -14.12 6.90
N LEU A 198 -3.56 -12.88 6.64
CA LEU A 198 -2.42 -12.23 7.35
C LEU A 198 -2.73 -12.23 8.86
N GLN A 199 -3.98 -12.14 9.22
CA GLN A 199 -4.34 -12.13 10.67
C GLN A 199 -4.11 -13.54 11.26
N ALA A 200 -4.43 -14.56 10.52
CA ALA A 200 -4.22 -15.94 11.06
C ALA A 200 -2.75 -16.13 11.45
N LEU A 201 -1.85 -15.49 10.75
CA LEU A 201 -0.40 -15.63 11.06
C LEU A 201 -0.04 -14.87 12.35
N ARG A 202 -0.48 -13.63 12.48
CA ARG A 202 -0.11 -12.84 13.70
C ARG A 202 -0.78 -13.44 14.95
N GLU A 203 -1.95 -13.98 14.81
CA GLU A 203 -2.64 -14.57 16.01
C GLU A 203 -1.97 -15.89 16.40
N SER A 204 -1.40 -16.59 15.46
CA SER A 204 -0.73 -17.90 15.77
C SER A 204 0.78 -17.70 15.96
N GLN A 205 1.37 -16.73 15.31
CA GLN A 205 2.84 -16.51 15.48
C GLN A 205 3.26 -15.20 14.78
N SER A 206 3.59 -14.20 15.56
CA SER A 206 4.01 -12.89 14.97
C SER A 206 5.35 -13.03 14.23
N TYR A 207 6.12 -14.03 14.55
CA TYR A 207 7.43 -14.19 13.87
C TYR A 207 7.23 -14.35 12.36
N LEU A 208 6.16 -14.99 11.96
CA LEU A 208 5.91 -15.20 10.51
C LEU A 208 5.49 -13.87 9.87
N VAL A 209 4.74 -13.06 10.57
CA VAL A 209 4.30 -11.76 9.98
C VAL A 209 5.54 -10.98 9.52
N GLU A 210 6.49 -10.79 10.38
CA GLU A 210 7.72 -10.03 10.02
C GLU A 210 8.69 -10.90 9.21
N ASP A 211 8.90 -12.11 9.63
CA ASP A 211 9.87 -13.00 8.90
C ASP A 211 9.41 -13.24 7.46
N LEU A 212 8.13 -13.29 7.21
CA LEU A 212 7.65 -13.53 5.80
C LEU A 212 7.67 -12.19 5.04
N GLU A 213 7.35 -11.11 5.72
CA GLU A 213 7.31 -9.78 5.04
C GLU A 213 8.71 -9.18 4.86
N ARG A 214 9.70 -9.59 5.62
CA ARG A 214 11.07 -8.99 5.45
C ARG A 214 11.71 -9.46 4.14
N SER A 215 10.94 -9.50 3.10
CA SER A 215 11.48 -9.95 1.78
C SER A 215 12.60 -9.00 1.34
N MET A 21 -0.49 25.80 -11.96
CA MET A 21 -1.53 24.77 -12.27
C MET A 21 -1.03 23.41 -11.76
N GLY A 22 -1.83 22.39 -11.94
CA GLY A 22 -1.43 21.03 -11.48
C GLY A 22 -2.66 20.13 -11.48
N ARG A 23 -2.81 19.36 -12.52
CA ARG A 23 -3.99 18.46 -12.61
C ARG A 23 -4.08 17.60 -11.35
N ALA A 24 -2.97 17.24 -10.78
CA ALA A 24 -3.00 16.44 -9.53
C ALA A 24 -3.66 17.29 -8.43
N ARG A 25 -3.34 18.55 -8.38
CA ARG A 25 -3.96 19.45 -7.36
C ARG A 25 -5.47 19.50 -7.63
N ASP A 26 -5.84 19.45 -8.87
CA ASP A 26 -7.29 19.48 -9.22
C ASP A 26 -7.94 18.16 -8.80
N ALA A 27 -7.19 17.08 -8.90
CA ALA A 27 -7.75 15.76 -8.51
C ALA A 27 -8.05 15.75 -7.01
N ILE A 28 -7.13 16.19 -6.20
CA ILE A 28 -7.36 16.20 -4.72
C ILE A 28 -8.61 17.05 -4.43
N LEU A 29 -8.65 18.27 -4.90
CA LEU A 29 -9.83 19.14 -4.63
C LEU A 29 -11.13 18.42 -5.02
N ASP A 30 -11.17 17.87 -6.20
CA ASP A 30 -12.40 17.18 -6.65
C ASP A 30 -12.73 15.98 -5.74
N ALA A 31 -11.78 15.13 -5.48
CA ALA A 31 -12.06 13.94 -4.63
C ALA A 31 -12.57 14.35 -3.24
N LEU A 32 -11.88 15.23 -2.56
CA LEU A 32 -12.35 15.64 -1.20
C LEU A 32 -13.70 16.37 -1.29
N GLU A 33 -13.79 17.31 -2.19
CA GLU A 33 -15.08 18.06 -2.32
C GLU A 33 -16.23 17.09 -2.60
N ASN A 34 -15.93 15.88 -2.99
CA ASN A 34 -17.03 14.89 -3.28
C ASN A 34 -17.41 14.15 -2.01
N LEU A 35 -16.53 14.05 -1.04
CA LEU A 35 -16.88 13.34 0.22
C LEU A 35 -17.91 14.17 1.00
N THR A 36 -18.73 13.51 1.79
CA THR A 36 -19.75 14.25 2.58
C THR A 36 -19.05 14.98 3.73
N ALA A 37 -19.69 15.95 4.32
CA ALA A 37 -19.05 16.71 5.44
C ALA A 37 -18.55 15.73 6.51
N GLU A 38 -19.38 14.81 6.94
CA GLU A 38 -18.94 13.84 7.98
C GLU A 38 -17.92 12.87 7.38
N GLU A 39 -18.15 12.44 6.17
CA GLU A 39 -17.19 11.51 5.52
C GLU A 39 -15.83 12.23 5.40
N LEU A 40 -15.86 13.53 5.27
CA LEU A 40 -14.58 14.28 5.13
C LEU A 40 -13.78 14.15 6.45
N LYS A 41 -14.45 14.24 7.57
CA LYS A 41 -13.72 14.11 8.87
C LYS A 41 -13.01 12.75 8.91
N LYS A 42 -13.68 11.70 8.50
CA LYS A 42 -13.04 10.36 8.54
C LYS A 42 -11.77 10.36 7.68
N PHE A 43 -11.77 11.08 6.58
CA PHE A 43 -10.55 11.13 5.72
C PHE A 43 -9.38 11.68 6.54
N LYS A 44 -9.65 12.60 7.42
CA LYS A 44 -8.56 13.19 8.27
C LYS A 44 -8.02 12.14 9.24
N LEU A 45 -8.87 11.57 10.04
CA LEU A 45 -8.41 10.56 11.03
C LEU A 45 -7.80 9.38 10.28
N LYS A 46 -8.30 9.08 9.12
CA LYS A 46 -7.72 7.95 8.34
C LYS A 46 -6.26 8.28 8.04
N LEU A 47 -5.95 9.53 7.84
CA LEU A 47 -4.54 9.92 7.56
C LEU A 47 -3.68 9.53 8.77
N LEU A 48 -4.21 9.76 9.95
CA LEU A 48 -3.44 9.40 11.18
C LEU A 48 -3.43 7.87 11.35
N SER A 49 -4.34 7.17 10.70
CA SER A 49 -4.39 5.68 10.84
C SER A 49 -3.53 5.03 9.75
N VAL A 50 -3.44 5.63 8.59
CA VAL A 50 -2.62 5.03 7.50
C VAL A 50 -1.11 5.22 7.87
N PRO A 51 -0.32 4.16 7.97
CA PRO A 51 1.11 4.33 8.32
C PRO A 51 1.80 5.18 7.26
N LEU A 52 2.64 6.09 7.68
CA LEU A 52 3.39 7.00 6.72
C LEU A 52 4.89 6.74 6.89
N ARG A 53 5.68 7.15 5.93
CA ARG A 53 7.16 6.94 6.03
C ARG A 53 7.75 8.00 6.97
N GLU A 54 9.01 7.88 7.29
CA GLU A 54 9.66 8.88 8.20
C GLU A 54 10.08 10.11 7.39
N GLY A 55 10.36 9.92 6.13
CA GLY A 55 10.79 11.06 5.27
C GLY A 55 9.77 12.21 5.35
N TYR A 56 8.65 11.99 6.00
CA TYR A 56 7.60 13.05 6.12
C TYR A 56 7.02 13.01 7.55
N GLY A 57 5.74 13.21 7.70
CA GLY A 57 5.14 13.16 9.07
C GLY A 57 3.62 13.31 8.96
N ARG A 58 2.89 12.65 9.82
CA ARG A 58 1.41 12.72 9.77
C ARG A 58 0.92 14.09 10.26
N ILE A 59 0.04 14.72 9.54
CA ILE A 59 -0.48 16.05 9.96
C ILE A 59 -1.52 15.83 11.11
N PRO A 60 -1.39 16.51 12.25
CA PRO A 60 -2.36 16.31 13.35
C PRO A 60 -3.79 16.57 12.84
N ARG A 61 -4.72 15.79 13.30
CA ARG A 61 -6.14 15.96 12.87
C ARG A 61 -6.60 17.39 13.15
N GLY A 62 -6.34 17.88 14.33
CA GLY A 62 -6.77 19.25 14.70
C GLY A 62 -6.30 20.28 13.66
N ALA A 63 -5.11 20.12 13.14
CA ALA A 63 -4.61 21.09 12.15
C ALA A 63 -5.52 21.03 10.92
N LEU A 64 -6.02 19.87 10.60
CA LEU A 64 -6.92 19.73 9.41
C LEU A 64 -8.31 20.26 9.75
N LEU A 65 -8.73 20.19 11.00
CA LEU A 65 -10.08 20.71 11.35
C LEU A 65 -10.11 22.22 11.03
N SER A 66 -9.05 22.93 11.35
CA SER A 66 -9.02 24.39 11.06
C SER A 66 -8.99 24.60 9.55
N MET A 67 -8.18 23.85 8.85
CA MET A 67 -8.10 23.99 7.37
C MET A 67 -9.35 23.38 6.73
N ASP A 68 -9.71 23.85 5.56
CA ASP A 68 -10.92 23.32 4.84
C ASP A 68 -10.45 22.57 3.59
N ALA A 69 -11.37 22.14 2.78
CA ALA A 69 -10.99 21.38 1.55
C ALA A 69 -9.95 22.16 0.72
N LEU A 70 -10.16 23.44 0.54
CA LEU A 70 -9.20 24.24 -0.26
C LEU A 70 -7.92 24.48 0.52
N ASP A 71 -8.01 25.02 1.71
CA ASP A 71 -6.78 25.28 2.50
C ASP A 71 -6.02 23.97 2.71
N LEU A 72 -6.70 22.91 3.07
CA LEU A 72 -6.01 21.62 3.28
C LEU A 72 -5.50 21.09 1.93
N THR A 73 -6.21 21.36 0.85
CA THR A 73 -5.73 20.88 -0.48
C THR A 73 -4.37 21.53 -0.75
N ASP A 74 -4.28 22.82 -0.57
CA ASP A 74 -2.99 23.52 -0.82
C ASP A 74 -1.93 22.96 0.14
N LYS A 75 -2.32 22.53 1.31
CA LYS A 75 -1.31 21.99 2.29
C LYS A 75 -0.83 20.61 1.83
N LEU A 76 -1.72 19.72 1.43
CA LEU A 76 -1.24 18.38 0.97
C LEU A 76 -0.19 18.59 -0.11
N VAL A 77 -0.33 19.66 -0.86
CA VAL A 77 0.65 19.96 -1.94
C VAL A 77 1.95 20.48 -1.30
N SER A 78 1.86 21.30 -0.28
CA SER A 78 3.10 21.85 0.34
C SER A 78 3.82 20.78 1.17
N PHE A 79 3.10 20.09 2.02
CA PHE A 79 3.73 19.07 2.91
C PHE A 79 4.00 17.74 2.18
N TYR A 80 3.01 17.21 1.48
CA TYR A 80 3.19 15.90 0.76
C TYR A 80 3.48 16.11 -0.72
N LEU A 81 3.89 17.29 -1.13
CA LEU A 81 4.18 17.54 -2.57
C LEU A 81 2.90 17.34 -3.38
N GLU A 82 2.87 17.86 -4.58
CA GLU A 82 1.64 17.73 -5.44
C GLU A 82 1.43 16.27 -5.89
N THR A 83 2.39 15.72 -6.58
CA THR A 83 2.24 14.33 -7.10
C THR A 83 2.18 13.29 -5.97
N TYR A 84 3.15 13.27 -5.09
CA TYR A 84 3.14 12.26 -4.00
C TYR A 84 1.89 12.47 -3.13
N GLY A 85 1.37 13.65 -3.09
CA GLY A 85 0.15 13.91 -2.27
C GLY A 85 -1.06 13.23 -2.91
N ALA A 86 -1.27 13.44 -4.18
CA ALA A 86 -2.44 12.81 -4.86
C ALA A 86 -2.28 11.28 -4.83
N GLU A 87 -1.09 10.76 -5.00
CA GLU A 87 -0.92 9.28 -4.95
C GLU A 87 -1.29 8.81 -3.53
N LEU A 88 -0.74 9.43 -2.53
CA LEU A 88 -1.05 9.03 -1.13
C LEU A 88 -2.56 9.13 -0.91
N THR A 89 -3.19 10.07 -1.57
CA THR A 89 -4.66 10.27 -1.39
C THR A 89 -5.46 9.11 -1.96
N ALA A 90 -5.23 8.75 -3.21
CA ALA A 90 -6.01 7.62 -3.81
C ALA A 90 -5.95 6.41 -2.88
N ASN A 91 -4.87 6.27 -2.18
CA ASN A 91 -4.73 5.10 -1.25
C ASN A 91 -5.73 5.26 -0.11
N VAL A 92 -5.92 6.46 0.39
CA VAL A 92 -6.89 6.63 1.51
C VAL A 92 -8.31 6.33 1.00
N LEU A 93 -8.68 6.89 -0.11
CA LEU A 93 -10.05 6.62 -0.65
C LEU A 93 -10.21 5.11 -0.85
N ARG A 94 -9.16 4.45 -1.25
CA ARG A 94 -9.25 2.98 -1.45
C ARG A 94 -9.68 2.34 -0.13
N ASP A 95 -9.23 2.89 0.98
CA ASP A 95 -9.62 2.34 2.30
C ASP A 95 -11.07 2.75 2.59
N MET A 96 -11.49 3.86 2.05
CA MET A 96 -12.89 4.33 2.28
C MET A 96 -13.85 3.50 1.44
N GLY A 97 -13.33 2.66 0.59
CA GLY A 97 -14.21 1.81 -0.28
C GLY A 97 -14.60 2.60 -1.53
N LEU A 98 -14.04 3.78 -1.70
CA LEU A 98 -14.36 4.61 -2.91
C LEU A 98 -13.38 4.26 -4.01
N GLN A 99 -13.51 3.09 -4.54
CA GLN A 99 -12.60 2.63 -5.63
C GLN A 99 -12.85 3.42 -6.92
N GLU A 100 -14.04 3.92 -7.12
CA GLU A 100 -14.33 4.68 -8.35
C GLU A 100 -13.59 6.01 -8.33
N MET A 101 -13.70 6.76 -7.27
CA MET A 101 -12.99 8.06 -7.19
C MET A 101 -11.49 7.78 -7.11
N ALA A 102 -11.12 6.68 -6.52
CA ALA A 102 -9.67 6.36 -6.39
C ALA A 102 -9.10 6.06 -7.78
N GLY A 103 -9.89 5.50 -8.66
CA GLY A 103 -9.38 5.19 -10.03
C GLY A 103 -9.27 6.48 -10.83
N GLN A 104 -10.18 7.39 -10.61
CA GLN A 104 -10.15 8.68 -11.36
C GLN A 104 -9.06 9.59 -10.78
N LEU A 105 -8.78 9.47 -9.51
CA LEU A 105 -7.73 10.33 -8.89
C LEU A 105 -6.36 9.87 -9.41
N GLN A 106 -6.07 8.59 -9.35
CA GLN A 106 -4.75 8.12 -9.87
C GLN A 106 -4.63 8.49 -11.35
N ALA A 107 -5.69 8.28 -12.10
CA ALA A 107 -5.65 8.61 -13.55
C ALA A 107 -5.52 10.12 -13.73
N ALA A 108 -6.18 10.89 -12.91
CA ALA A 108 -6.10 12.37 -13.02
C ALA A 108 -4.64 12.80 -12.90
N THR A 109 -3.87 12.10 -12.12
CA THR A 109 -2.43 12.45 -11.95
C THR A 109 -1.62 11.84 -13.10
N HIS A 110 -2.21 10.88 -13.77
CA HIS A 110 -1.52 10.22 -14.91
C HIS A 110 -2.56 9.57 -15.82
N GLN A 111 -3.15 10.32 -16.70
CA GLN A 111 -4.19 9.76 -17.61
C GLN A 111 -3.65 8.52 -18.32
N GLY A 112 -2.40 8.52 -18.68
CA GLY A 112 -1.83 7.34 -19.38
C GLY A 112 -2.53 7.14 -20.72
N SER A 113 -2.19 6.11 -21.44
CA SER A 113 -2.82 5.86 -22.77
C SER A 113 -4.28 5.43 -22.55
N GLY A 114 -5.16 6.36 -22.30
CA GLY A 114 -6.60 6.00 -22.08
C GLY A 114 -7.26 5.69 -23.42
N ALA A 115 -6.57 5.92 -24.50
CA ALA A 115 -7.17 5.64 -25.84
C ALA A 115 -7.55 4.17 -25.94
N ALA A 116 -8.81 3.89 -26.18
CA ALA A 116 -9.26 2.46 -26.28
C ALA A 116 -8.75 1.88 -27.63
N PRO A 117 -8.73 0.56 -27.75
CA PRO A 117 -8.27 -0.07 -29.01
C PRO A 117 -9.24 0.32 -30.14
N ALA A 118 -9.09 1.50 -30.68
CA ALA A 118 -10.01 1.94 -31.78
C ALA A 118 -9.46 3.19 -32.44
N GLY A 119 -9.50 3.24 -33.74
CA GLY A 119 -9.00 4.44 -34.48
C GLY A 119 -7.47 4.42 -34.52
N ILE A 120 -6.85 3.76 -33.57
CA ILE A 120 -5.36 3.68 -33.56
C ILE A 120 -4.88 2.83 -34.74
N GLN A 121 -4.94 3.36 -35.93
CA GLN A 121 -4.49 2.59 -37.12
C GLN A 121 -2.96 2.50 -37.14
N ALA A 122 -2.32 3.40 -36.45
CA ALA A 122 -0.82 3.41 -36.40
C ALA A 122 -0.36 2.39 -35.31
N PRO A 123 0.85 1.87 -35.40
CA PRO A 123 1.33 0.91 -34.39
C PRO A 123 1.27 1.59 -33.00
N PRO A 124 1.40 0.81 -31.93
CA PRO A 124 1.36 1.38 -30.57
C PRO A 124 2.53 2.36 -30.39
N GLN A 125 2.33 3.41 -29.62
CA GLN A 125 3.42 4.41 -29.40
C GLN A 125 4.47 3.83 -28.45
N SER A 126 4.67 2.54 -28.46
CA SER A 126 5.67 1.91 -27.55
C SER A 126 7.08 2.14 -28.13
N ALA A 127 7.82 3.05 -27.56
CA ALA A 127 9.20 3.32 -28.06
C ALA A 127 10.13 2.17 -27.62
N ALA A 128 11.26 2.04 -28.24
CA ALA A 128 12.19 0.95 -27.87
C ALA A 128 12.72 1.20 -26.45
N LYS A 129 12.65 0.21 -25.60
CA LYS A 129 13.14 0.40 -24.20
C LYS A 129 14.69 0.58 -24.24
N PRO A 130 15.28 1.25 -23.25
CA PRO A 130 16.74 1.45 -23.24
C PRO A 130 17.43 0.07 -23.20
N GLY A 131 18.39 -0.15 -24.06
CA GLY A 131 19.13 -1.45 -24.09
C GLY A 131 20.46 -1.31 -23.35
N LEU A 132 20.53 -0.34 -22.48
CA LEU A 132 21.80 -0.11 -21.72
C LEU A 132 21.86 -1.09 -20.55
N HIS A 133 22.82 -1.99 -20.56
CA HIS A 133 22.95 -2.97 -19.44
C HIS A 133 23.61 -2.28 -18.25
N PHE A 134 23.03 -2.39 -17.08
CA PHE A 134 23.63 -1.73 -15.89
C PHE A 134 22.80 -2.12 -14.64
N ILE A 135 21.52 -1.85 -14.64
CA ILE A 135 20.68 -2.19 -13.46
C ILE A 135 20.37 -3.70 -13.48
N ASP A 136 20.17 -4.26 -14.64
CA ASP A 136 19.88 -5.72 -14.74
C ASP A 136 21.17 -6.51 -14.61
N GLN A 137 22.28 -5.86 -14.88
CA GLN A 137 23.59 -6.55 -14.78
C GLN A 137 23.82 -7.07 -13.37
N HIS A 138 23.28 -6.42 -12.37
CA HIS A 138 23.49 -6.89 -10.96
C HIS A 138 22.36 -7.84 -10.58
N ARG A 139 21.27 -7.83 -11.31
CA ARG A 139 20.15 -8.76 -11.01
C ARG A 139 20.55 -10.16 -11.50
N ALA A 140 20.83 -10.28 -12.77
CA ALA A 140 21.24 -11.61 -13.31
C ALA A 140 22.51 -12.09 -12.60
N ALA A 141 23.38 -11.19 -12.24
CA ALA A 141 24.64 -11.61 -11.55
C ALA A 141 24.31 -12.29 -10.22
N LEU A 142 23.52 -11.65 -9.40
CA LEU A 142 23.19 -12.25 -8.07
C LEU A 142 22.22 -13.43 -8.25
N ILE A 143 21.34 -13.39 -9.23
CA ILE A 143 20.38 -14.52 -9.40
C ILE A 143 21.17 -15.77 -9.81
N ALA A 144 22.07 -15.64 -10.74
CA ALA A 144 22.85 -16.82 -11.19
C ALA A 144 23.74 -17.31 -10.05
N ARG A 145 24.06 -16.47 -9.10
CA ARG A 145 24.94 -16.89 -7.96
C ARG A 145 24.09 -17.39 -6.79
N VAL A 146 22.90 -16.87 -6.61
CA VAL A 146 22.05 -17.33 -5.47
C VAL A 146 21.51 -18.73 -5.78
N THR A 147 21.48 -19.11 -7.04
CA THR A 147 20.96 -20.46 -7.41
C THR A 147 19.55 -20.65 -6.83
N ASN A 148 19.44 -21.05 -5.59
CA ASN A 148 18.10 -21.24 -4.98
C ASN A 148 17.41 -19.87 -4.87
N VAL A 149 16.94 -19.34 -5.97
CA VAL A 149 16.27 -18.01 -5.94
C VAL A 149 14.97 -18.06 -5.13
N GLU A 150 14.22 -19.12 -5.23
CA GLU A 150 12.94 -19.22 -4.48
C GLU A 150 13.16 -19.06 -2.98
N TRP A 151 14.31 -19.44 -2.47
CA TRP A 151 14.56 -19.31 -1.00
C TRP A 151 14.35 -17.85 -0.57
N LEU A 152 14.83 -16.92 -1.35
CA LEU A 152 14.66 -15.48 -0.96
C LEU A 152 13.19 -15.08 -1.08
N LEU A 153 12.52 -15.44 -2.15
CA LEU A 153 11.08 -15.05 -2.27
C LEU A 153 10.32 -15.60 -1.05
N ASP A 154 10.76 -16.72 -0.52
CA ASP A 154 10.07 -17.28 0.67
C ASP A 154 10.28 -16.33 1.86
N ALA A 155 11.42 -15.70 1.93
CA ALA A 155 11.70 -14.75 3.04
C ALA A 155 10.76 -13.55 2.91
N LEU A 156 10.29 -13.28 1.72
CA LEU A 156 9.37 -12.12 1.49
C LEU A 156 7.92 -12.59 1.58
N TYR A 157 7.69 -13.79 2.07
CA TYR A 157 6.29 -14.30 2.16
C TYR A 157 5.67 -13.85 3.50
N GLY A 158 4.58 -13.12 3.45
CA GLY A 158 3.90 -12.67 4.69
C GLY A 158 4.66 -11.50 5.34
N LYS A 159 5.92 -11.35 5.06
CA LYS A 159 6.70 -10.24 5.70
C LYS A 159 6.34 -8.89 5.09
N VAL A 160 7.08 -8.43 4.10
CA VAL A 160 6.77 -7.09 3.51
C VAL A 160 5.60 -7.17 2.52
N LEU A 161 5.61 -8.13 1.62
CA LEU A 161 4.48 -8.24 0.63
C LEU A 161 3.45 -9.24 1.15
N THR A 162 2.24 -9.20 0.62
CA THR A 162 1.16 -10.13 1.10
C THR A 162 1.14 -11.41 0.25
N ASP A 163 0.31 -12.35 0.61
CA ASP A 163 0.23 -13.63 -0.13
C ASP A 163 -0.26 -13.40 -1.57
N GLU A 164 -1.28 -12.61 -1.75
CA GLU A 164 -1.80 -12.37 -3.13
C GLU A 164 -0.67 -11.82 -4.02
N GLN A 165 0.09 -10.88 -3.51
CA GLN A 165 1.20 -10.31 -4.32
C GLN A 165 2.28 -11.37 -4.53
N TYR A 166 2.53 -12.17 -3.54
CA TYR A 166 3.58 -13.23 -3.69
C TYR A 166 3.25 -14.10 -4.92
N GLN A 167 2.00 -14.34 -5.17
CA GLN A 167 1.63 -15.15 -6.37
C GLN A 167 1.94 -14.34 -7.63
N ALA A 168 1.75 -13.05 -7.58
CA ALA A 168 2.03 -12.20 -8.78
C ALA A 168 3.49 -12.38 -9.20
N VAL A 169 4.38 -12.42 -8.25
CA VAL A 169 5.83 -12.56 -8.60
C VAL A 169 6.12 -13.97 -9.10
N ARG A 170 5.49 -14.96 -8.52
CA ARG A 170 5.74 -16.37 -8.95
C ARG A 170 5.09 -16.62 -10.32
N ALA A 171 4.06 -15.88 -10.64
CA ALA A 171 3.37 -16.08 -11.96
C ALA A 171 4.21 -15.48 -13.09
N GLU A 172 5.36 -14.94 -12.78
CA GLU A 172 6.22 -14.31 -13.83
C GLU A 172 6.36 -15.27 -15.05
N PRO A 173 6.85 -14.78 -16.19
CA PRO A 173 6.98 -15.62 -17.40
C PRO A 173 8.29 -16.40 -17.37
N THR A 174 9.09 -16.25 -16.34
CA THR A 174 10.39 -16.98 -16.31
C THR A 174 10.88 -17.09 -14.85
N ASN A 175 11.83 -17.97 -14.60
CA ASN A 175 12.33 -18.15 -13.20
C ASN A 175 13.15 -16.91 -12.73
N PRO A 176 14.12 -16.45 -13.51
CA PRO A 176 14.93 -15.29 -13.08
C PRO A 176 14.06 -14.01 -13.06
N SER A 177 12.91 -14.04 -13.69
CA SER A 177 12.04 -12.84 -13.71
C SER A 177 11.37 -12.68 -12.34
N LYS A 178 11.15 -13.77 -11.65
CA LYS A 178 10.50 -13.69 -10.31
C LYS A 178 11.31 -12.75 -9.41
N MET A 179 12.60 -12.83 -9.47
CA MET A 179 13.45 -11.94 -8.62
C MET A 179 13.39 -10.52 -9.17
N ARG A 180 13.54 -10.36 -10.45
CA ARG A 180 13.53 -8.98 -11.04
C ARG A 180 12.27 -8.23 -10.61
N LYS A 181 11.11 -8.80 -10.81
CA LYS A 181 9.85 -8.10 -10.42
C LYS A 181 9.82 -7.91 -8.91
N LEU A 182 10.34 -8.85 -8.17
CA LEU A 182 10.34 -8.73 -6.67
C LEU A 182 10.98 -7.38 -6.29
N PHE A 183 11.96 -6.96 -7.05
CA PHE A 183 12.64 -5.65 -6.77
C PHE A 183 11.74 -4.51 -7.25
N SER A 184 10.85 -4.78 -8.17
CA SER A 184 9.97 -3.68 -8.67
C SER A 184 9.18 -3.06 -7.50
N PHE A 185 8.98 -3.80 -6.44
CA PHE A 185 8.24 -3.24 -5.26
C PHE A 185 9.24 -2.42 -4.43
N THR A 186 10.25 -1.86 -5.07
CA THR A 186 11.27 -1.06 -4.34
C THR A 186 10.62 0.14 -3.61
N PRO A 187 9.78 0.92 -4.29
CA PRO A 187 9.16 2.09 -3.64
C PRO A 187 8.42 1.66 -2.35
N ALA A 188 8.21 0.38 -2.17
CA ALA A 188 7.49 -0.13 -0.96
C ALA A 188 8.49 -0.75 0.02
N TRP A 189 9.75 -0.78 -0.33
CA TRP A 189 10.78 -1.38 0.58
C TRP A 189 11.29 -0.32 1.56
N ASN A 190 11.16 -0.58 2.84
CA ASN A 190 11.65 0.39 3.87
C ASN A 190 13.05 -0.01 4.30
N TRP A 191 13.60 0.68 5.27
CA TRP A 191 14.98 0.34 5.73
C TRP A 191 15.05 -1.15 6.13
N THR A 192 14.05 -1.64 6.80
CA THR A 192 14.07 -3.07 7.22
C THR A 192 13.87 -3.98 6.01
N CYS A 193 13.08 -3.57 5.05
CA CYS A 193 12.84 -4.43 3.86
C CYS A 193 14.16 -4.73 3.15
N LYS A 194 14.90 -3.73 2.78
CA LYS A 194 16.19 -3.97 2.07
C LYS A 194 17.20 -4.66 2.99
N ASP A 195 17.37 -4.18 4.19
CA ASP A 195 18.34 -4.81 5.13
C ASP A 195 17.92 -6.26 5.42
N LEU A 196 16.64 -6.52 5.42
CA LEU A 196 16.16 -7.89 5.70
C LEU A 196 16.60 -8.82 4.56
N LEU A 197 16.42 -8.40 3.33
CA LEU A 197 16.84 -9.26 2.20
C LEU A 197 18.37 -9.39 2.22
N LEU A 198 19.06 -8.28 2.34
CA LEU A 198 20.55 -8.34 2.38
C LEU A 198 20.98 -9.25 3.52
N GLN A 199 20.24 -9.27 4.59
CA GLN A 199 20.60 -10.16 5.73
C GLN A 199 20.48 -11.61 5.28
N ALA A 200 19.44 -11.96 4.59
CA ALA A 200 19.27 -13.37 4.12
C ALA A 200 20.48 -13.78 3.26
N LEU A 201 21.05 -12.86 2.53
CA LEU A 201 22.22 -13.22 1.68
C LEU A 201 23.41 -13.60 2.60
N ARG A 202 23.53 -12.98 3.73
CA ARG A 202 24.67 -13.32 4.65
C ARG A 202 24.47 -14.72 5.23
N GLU A 203 23.24 -15.11 5.47
CA GLU A 203 22.99 -16.46 6.06
C GLU A 203 23.38 -17.54 5.05
N SER A 204 23.06 -17.34 3.79
CA SER A 204 23.39 -18.37 2.75
C SER A 204 24.84 -18.24 2.29
N GLN A 205 25.37 -17.04 2.24
CA GLN A 205 26.79 -16.88 1.79
C GLN A 205 27.26 -15.43 2.02
N SER A 206 28.15 -15.25 2.97
CA SER A 206 28.67 -13.88 3.27
C SER A 206 29.51 -13.35 2.10
N TYR A 207 30.02 -14.22 1.28
CA TYR A 207 30.87 -13.76 0.13
C TYR A 207 30.06 -12.84 -0.77
N LEU A 208 28.78 -13.10 -0.91
CA LEU A 208 27.94 -12.26 -1.81
C LEU A 208 27.66 -10.92 -1.13
N VAL A 209 27.49 -10.89 0.17
CA VAL A 209 27.23 -9.59 0.84
C VAL A 209 28.38 -8.62 0.56
N GLU A 210 29.60 -9.09 0.70
CA GLU A 210 30.78 -8.22 0.45
C GLU A 210 31.04 -8.08 -1.05
N ASP A 211 31.05 -9.17 -1.77
CA ASP A 211 31.33 -9.12 -3.23
C ASP A 211 30.26 -8.29 -3.97
N LEU A 212 29.03 -8.37 -3.55
CA LEU A 212 27.96 -7.58 -4.26
C LEU A 212 28.01 -6.11 -3.79
N GLU A 213 28.05 -5.90 -2.49
CA GLU A 213 28.11 -4.49 -1.99
C GLU A 213 29.36 -3.80 -2.56
N ARG A 214 30.48 -4.47 -2.53
CA ARG A 214 31.73 -3.85 -3.08
C ARG A 214 31.65 -3.80 -4.60
N SER A 215 30.72 -3.04 -5.12
CA SER A 215 30.57 -2.94 -6.61
C SER A 215 31.88 -2.39 -7.20
N MET A 21 -4.62 25.73 -11.48
CA MET A 21 -3.80 24.87 -12.37
C MET A 21 -3.29 23.65 -11.58
N GLY A 22 -2.69 22.70 -12.26
CA GLY A 22 -2.17 21.49 -11.55
C GLY A 22 -3.25 20.40 -11.56
N ARG A 23 -3.22 19.54 -12.53
CA ARG A 23 -4.23 18.46 -12.62
C ARG A 23 -4.25 17.68 -11.30
N ALA A 24 -3.13 17.49 -10.68
CA ALA A 24 -3.10 16.76 -9.38
C ALA A 24 -3.73 17.66 -8.32
N ARG A 25 -3.44 18.93 -8.37
CA ARG A 25 -4.04 19.88 -7.39
C ARG A 25 -5.56 19.85 -7.56
N ASP A 26 -6.01 19.89 -8.79
CA ASP A 26 -7.47 19.85 -9.04
C ASP A 26 -8.01 18.47 -8.66
N ALA A 27 -7.23 17.46 -8.86
CA ALA A 27 -7.67 16.08 -8.51
C ALA A 27 -7.99 16.00 -7.01
N ILE A 28 -7.09 16.42 -6.18
CA ILE A 28 -7.33 16.38 -4.71
C ILE A 28 -8.62 17.17 -4.40
N LEU A 29 -8.68 18.40 -4.82
CA LEU A 29 -9.89 19.24 -4.54
C LEU A 29 -11.16 18.47 -4.94
N ASP A 30 -11.16 17.87 -6.09
CA ASP A 30 -12.38 17.15 -6.56
C ASP A 30 -12.77 16.02 -5.59
N ALA A 31 -11.84 15.16 -5.23
CA ALA A 31 -12.19 14.04 -4.33
C ALA A 31 -12.64 14.54 -2.94
N LEU A 32 -11.86 15.35 -2.29
CA LEU A 32 -12.28 15.83 -0.93
C LEU A 32 -13.63 16.52 -1.01
N GLU A 33 -13.80 17.42 -1.94
CA GLU A 33 -15.10 18.14 -2.04
C GLU A 33 -16.21 17.14 -2.44
N ASN A 34 -15.85 15.97 -2.88
CA ASN A 34 -16.89 14.96 -3.29
C ASN A 34 -17.35 14.15 -2.07
N LEU A 35 -16.52 14.04 -1.05
CA LEU A 35 -16.91 13.26 0.16
C LEU A 35 -17.98 14.04 0.93
N THR A 36 -18.81 13.35 1.67
CA THR A 36 -19.86 14.06 2.46
C THR A 36 -19.20 14.75 3.64
N ALA A 37 -19.88 15.70 4.25
CA ALA A 37 -19.28 16.43 5.41
C ALA A 37 -18.71 15.45 6.43
N GLU A 38 -19.47 14.45 6.82
CA GLU A 38 -18.97 13.47 7.83
C GLU A 38 -17.93 12.55 7.17
N GLU A 39 -18.19 12.07 5.99
CA GLU A 39 -17.22 11.18 5.31
C GLU A 39 -15.88 11.92 5.17
N LEU A 40 -15.94 13.22 5.05
CA LEU A 40 -14.68 14.02 4.92
C LEU A 40 -13.89 13.90 6.23
N LYS A 41 -14.51 14.16 7.35
CA LYS A 41 -13.80 14.06 8.65
C LYS A 41 -13.09 12.71 8.76
N LYS A 42 -13.69 11.67 8.26
CA LYS A 42 -13.05 10.32 8.34
C LYS A 42 -11.74 10.31 7.57
N PHE A 43 -11.68 10.99 6.44
CA PHE A 43 -10.42 11.02 5.65
C PHE A 43 -9.28 11.61 6.49
N LYS A 44 -9.53 12.70 7.16
CA LYS A 44 -8.46 13.33 7.98
C LYS A 44 -7.95 12.35 9.04
N LEU A 45 -8.83 11.75 9.79
CA LEU A 45 -8.38 10.79 10.83
C LEU A 45 -7.68 9.62 10.15
N LYS A 46 -8.17 9.20 9.01
CA LYS A 46 -7.50 8.07 8.30
C LYS A 46 -6.04 8.48 8.00
N LEU A 47 -5.82 9.75 7.77
CA LEU A 47 -4.43 10.21 7.49
C LEU A 47 -3.56 9.90 8.73
N LEU A 48 -4.13 10.04 9.90
CA LEU A 48 -3.34 9.75 11.14
C LEU A 48 -3.25 8.23 11.35
N SER A 49 -4.05 7.46 10.65
CA SER A 49 -4.04 5.96 10.82
C SER A 49 -3.30 5.27 9.67
N VAL A 50 -3.34 5.81 8.48
CA VAL A 50 -2.64 5.14 7.34
C VAL A 50 -1.10 5.14 7.63
N PRO A 51 -0.42 3.99 7.55
CA PRO A 51 1.03 3.98 7.83
C PRO A 51 1.74 4.97 6.90
N LEU A 52 2.69 5.71 7.43
CA LEU A 52 3.45 6.72 6.63
C LEU A 52 4.96 6.52 6.86
N ARG A 53 5.76 6.95 5.93
CA ARG A 53 7.25 6.80 6.09
C ARG A 53 7.79 7.93 6.96
N GLU A 54 8.81 7.65 7.74
CA GLU A 54 9.39 8.70 8.63
C GLU A 54 9.90 9.87 7.77
N GLY A 55 10.17 9.61 6.52
CA GLY A 55 10.69 10.68 5.61
C GLY A 55 9.83 11.96 5.71
N TYR A 56 8.71 11.89 6.38
CA TYR A 56 7.82 13.09 6.51
C TYR A 56 7.19 13.05 7.92
N GLY A 57 5.93 13.42 8.05
CA GLY A 57 5.30 13.40 9.41
C GLY A 57 3.77 13.46 9.26
N ARG A 58 3.06 13.06 10.29
CA ARG A 58 1.56 13.08 10.24
C ARG A 58 1.04 14.47 10.61
N ILE A 59 0.25 15.08 9.76
CA ILE A 59 -0.30 16.42 10.11
C ILE A 59 -1.35 16.23 11.24
N PRO A 60 -1.27 16.95 12.35
CA PRO A 60 -2.25 16.75 13.44
C PRO A 60 -3.67 16.94 12.91
N ARG A 61 -4.58 16.13 13.37
CA ARG A 61 -6.00 16.24 12.94
C ARG A 61 -6.51 17.66 13.19
N GLY A 62 -6.26 18.17 14.36
CA GLY A 62 -6.73 19.56 14.70
C GLY A 62 -6.27 20.55 13.63
N ALA A 63 -5.06 20.42 13.16
CA ALA A 63 -4.58 21.37 12.12
C ALA A 63 -5.45 21.22 10.88
N LEU A 64 -5.89 20.02 10.61
CA LEU A 64 -6.75 19.79 9.41
C LEU A 64 -8.18 20.28 9.69
N LEU A 65 -8.63 20.24 10.91
CA LEU A 65 -10.01 20.75 11.21
C LEU A 65 -10.02 22.25 10.95
N SER A 66 -8.95 22.93 11.29
CA SER A 66 -8.89 24.39 11.05
C SER A 66 -8.86 24.65 9.54
N MET A 67 -8.08 23.91 8.82
CA MET A 67 -8.00 24.11 7.34
C MET A 67 -9.26 23.52 6.71
N ASP A 68 -9.60 23.98 5.53
CA ASP A 68 -10.81 23.48 4.80
C ASP A 68 -10.34 22.71 3.56
N ALA A 69 -11.27 22.26 2.76
CA ALA A 69 -10.88 21.48 1.55
C ALA A 69 -9.88 22.26 0.70
N LEU A 70 -10.12 23.52 0.49
CA LEU A 70 -9.18 24.35 -0.34
C LEU A 70 -7.87 24.60 0.43
N ASP A 71 -7.95 25.16 1.61
CA ASP A 71 -6.71 25.44 2.38
C ASP A 71 -5.95 24.15 2.60
N LEU A 72 -6.61 23.09 2.99
CA LEU A 72 -5.89 21.81 3.21
C LEU A 72 -5.41 21.26 1.85
N THR A 73 -6.13 21.52 0.79
CA THR A 73 -5.66 21.01 -0.53
C THR A 73 -4.30 21.64 -0.84
N ASP A 74 -4.18 22.92 -0.63
CA ASP A 74 -2.89 23.60 -0.90
C ASP A 74 -1.82 23.05 0.06
N LYS A 75 -2.21 22.63 1.23
CA LYS A 75 -1.21 22.10 2.21
C LYS A 75 -0.74 20.71 1.76
N LEU A 76 -1.63 19.83 1.37
CA LEU A 76 -1.17 18.47 0.91
C LEU A 76 -0.13 18.69 -0.19
N VAL A 77 -0.28 19.73 -0.97
CA VAL A 77 0.69 20.03 -2.04
C VAL A 77 2.00 20.56 -1.43
N SER A 78 1.91 21.36 -0.40
CA SER A 78 3.15 21.91 0.21
C SER A 78 3.90 20.83 1.02
N PHE A 79 3.19 20.17 1.90
CA PHE A 79 3.83 19.13 2.78
C PHE A 79 4.03 17.79 2.05
N TYR A 80 3.00 17.28 1.38
CA TYR A 80 3.11 15.95 0.68
C TYR A 80 3.32 16.12 -0.82
N LEU A 81 3.71 17.27 -1.28
CA LEU A 81 3.93 17.46 -2.76
C LEU A 81 2.62 17.18 -3.51
N GLU A 82 2.52 17.64 -4.72
CA GLU A 82 1.26 17.44 -5.51
C GLU A 82 1.05 15.95 -5.88
N THR A 83 2.02 15.34 -6.50
CA THR A 83 1.85 13.93 -6.96
C THR A 83 1.84 12.95 -5.77
N TYR A 84 2.85 12.98 -4.93
CA TYR A 84 2.87 12.03 -3.79
C TYR A 84 1.65 12.24 -2.90
N GLY A 85 1.12 13.44 -2.87
CA GLY A 85 -0.08 13.71 -2.03
C GLY A 85 -1.30 13.00 -2.62
N ALA A 86 -1.55 13.20 -3.89
CA ALA A 86 -2.72 12.54 -4.53
C ALA A 86 -2.50 11.03 -4.55
N GLU A 87 -1.30 10.60 -4.76
CA GLU A 87 -1.03 9.13 -4.78
C GLU A 87 -1.40 8.55 -3.41
N LEU A 88 -0.87 9.12 -2.37
CA LEU A 88 -1.19 8.63 -0.99
C LEU A 88 -2.70 8.65 -0.79
N THR A 89 -3.35 9.65 -1.32
CA THR A 89 -4.82 9.79 -1.16
C THR A 89 -5.57 8.68 -1.90
N ALA A 90 -5.24 8.43 -3.14
CA ALA A 90 -5.95 7.37 -3.91
C ALA A 90 -5.96 6.07 -3.09
N ASN A 91 -4.95 5.87 -2.29
CA ASN A 91 -4.89 4.63 -1.46
C ASN A 91 -5.90 4.73 -0.32
N VAL A 92 -6.08 5.90 0.26
CA VAL A 92 -7.05 6.01 1.38
C VAL A 92 -8.47 5.75 0.86
N LEU A 93 -8.87 6.44 -0.17
CA LEU A 93 -10.25 6.21 -0.72
C LEU A 93 -10.41 4.73 -1.05
N ARG A 94 -9.36 4.08 -1.44
CA ARG A 94 -9.46 2.63 -1.74
C ARG A 94 -9.89 1.91 -0.46
N ASP A 95 -9.39 2.36 0.67
CA ASP A 95 -9.78 1.73 1.97
C ASP A 95 -11.20 2.15 2.33
N MET A 96 -11.61 3.33 1.96
CA MET A 96 -12.99 3.79 2.29
C MET A 96 -13.99 3.11 1.36
N GLY A 97 -13.51 2.36 0.41
CA GLY A 97 -14.42 1.64 -0.55
C GLY A 97 -14.79 2.59 -1.70
N LEU A 98 -14.20 3.76 -1.74
CA LEU A 98 -14.50 4.73 -2.85
C LEU A 98 -13.46 4.52 -3.94
N GLN A 99 -13.10 3.28 -4.14
CA GLN A 99 -12.09 2.94 -5.18
C GLN A 99 -12.43 3.61 -6.51
N GLU A 100 -13.69 3.76 -6.83
CA GLU A 100 -14.07 4.41 -8.11
C GLU A 100 -13.44 5.81 -8.18
N MET A 101 -13.52 6.56 -7.12
CA MET A 101 -12.91 7.92 -7.12
C MET A 101 -11.39 7.77 -7.10
N ALA A 102 -10.90 6.73 -6.48
CA ALA A 102 -9.43 6.51 -6.41
C ALA A 102 -8.87 6.26 -7.82
N GLY A 103 -9.54 5.47 -8.60
CA GLY A 103 -9.03 5.19 -9.97
C GLY A 103 -9.04 6.48 -10.78
N GLN A 104 -9.98 7.34 -10.49
CA GLN A 104 -10.07 8.63 -11.21
C GLN A 104 -9.00 9.59 -10.69
N LEU A 105 -8.74 9.57 -9.41
CA LEU A 105 -7.71 10.50 -8.86
C LEU A 105 -6.34 10.13 -9.43
N GLN A 106 -5.96 8.87 -9.36
CA GLN A 106 -4.63 8.47 -9.91
C GLN A 106 -4.54 8.90 -11.38
N ALA A 107 -5.60 8.71 -12.14
CA ALA A 107 -5.58 9.09 -13.56
C ALA A 107 -5.48 10.62 -13.69
N ALA A 108 -6.20 11.35 -12.89
CA ALA A 108 -6.15 12.83 -12.98
C ALA A 108 -4.71 13.32 -12.81
N THR A 109 -3.90 12.58 -12.09
CA THR A 109 -2.48 12.99 -11.87
C THR A 109 -1.64 12.56 -13.07
N HIS A 110 -2.17 11.66 -13.86
CA HIS A 110 -1.43 11.18 -15.06
C HIS A 110 -2.31 10.19 -15.83
N GLN A 111 -3.17 10.69 -16.67
CA GLN A 111 -4.07 9.79 -17.44
C GLN A 111 -3.24 8.75 -18.20
N GLY A 112 -2.02 9.07 -18.53
CA GLY A 112 -1.17 8.09 -19.26
C GLY A 112 -1.86 7.68 -20.56
N SER A 113 -1.52 8.32 -21.65
CA SER A 113 -2.14 7.98 -22.95
C SER A 113 -1.67 6.59 -23.39
N GLY A 114 -2.29 5.55 -22.90
CA GLY A 114 -1.88 4.18 -23.29
C GLY A 114 -2.68 3.15 -22.48
N ALA A 115 -3.79 3.56 -21.93
CA ALA A 115 -4.61 2.61 -21.13
C ALA A 115 -5.19 1.52 -22.05
N ALA A 116 -4.89 0.29 -21.76
CA ALA A 116 -5.41 -0.82 -22.62
C ALA A 116 -6.96 -0.86 -22.50
N PRO A 117 -7.62 -1.50 -23.43
CA PRO A 117 -9.10 -1.60 -23.38
C PRO A 117 -9.54 -2.20 -22.03
N ALA A 118 -9.01 -3.35 -21.68
CA ALA A 118 -9.40 -3.99 -20.39
C ALA A 118 -8.33 -5.00 -19.99
N GLY A 119 -7.85 -4.91 -18.78
CA GLY A 119 -6.80 -5.85 -18.29
C GLY A 119 -6.10 -5.25 -17.07
N ILE A 120 -6.19 -3.96 -16.90
CA ILE A 120 -5.53 -3.31 -15.73
C ILE A 120 -6.07 -3.92 -14.44
N GLN A 121 -7.26 -3.53 -14.04
CA GLN A 121 -7.84 -4.08 -12.79
C GLN A 121 -8.07 -5.59 -12.95
N ALA A 122 -7.12 -6.40 -12.55
CA ALA A 122 -7.30 -7.87 -12.68
C ALA A 122 -8.44 -8.33 -11.73
N PRO A 123 -9.15 -9.40 -12.05
CA PRO A 123 -10.25 -9.88 -11.17
C PRO A 123 -9.78 -10.11 -9.71
N PRO A 124 -8.66 -10.79 -9.47
CA PRO A 124 -8.22 -11.04 -8.09
C PRO A 124 -7.87 -9.70 -7.40
N GLN A 125 -8.10 -9.62 -6.12
CA GLN A 125 -7.78 -8.34 -5.40
C GLN A 125 -6.27 -8.23 -5.21
N SER A 126 -5.52 -8.57 -6.22
CA SER A 126 -4.03 -8.48 -6.10
C SER A 126 -3.61 -7.02 -5.97
N ALA A 127 -3.30 -6.60 -4.78
CA ALA A 127 -2.88 -5.18 -4.57
C ALA A 127 -1.51 -4.96 -5.22
N ALA A 128 -0.99 -3.77 -5.13
CA ALA A 128 0.34 -3.50 -5.74
C ALA A 128 1.42 -4.30 -5.01
N LYS A 129 1.88 -5.36 -5.59
CA LYS A 129 2.93 -6.20 -4.94
C LYS A 129 4.31 -5.49 -5.08
N PRO A 130 5.21 -5.64 -4.11
CA PRO A 130 6.53 -4.98 -4.22
C PRO A 130 7.24 -5.48 -5.50
N GLY A 131 7.89 -4.60 -6.20
CA GLY A 131 8.59 -5.02 -7.45
C GLY A 131 9.77 -5.91 -7.09
N LEU A 132 10.06 -6.02 -5.83
CA LEU A 132 11.19 -6.86 -5.35
C LEU A 132 10.64 -8.21 -4.85
N HIS A 133 10.99 -9.27 -5.52
CA HIS A 133 10.49 -10.63 -5.10
C HIS A 133 11.33 -11.14 -3.92
N PHE A 134 10.69 -11.68 -2.91
CA PHE A 134 11.44 -12.21 -1.74
C PHE A 134 10.49 -13.00 -0.83
N ILE A 135 9.27 -12.55 -0.70
CA ILE A 135 8.30 -13.27 0.18
C ILE A 135 7.87 -14.58 -0.52
N ASP A 136 7.65 -14.52 -1.80
CA ASP A 136 7.25 -15.76 -2.55
C ASP A 136 8.48 -16.60 -2.84
N GLN A 137 9.63 -15.97 -2.81
CA GLN A 137 10.90 -16.71 -3.09
C GLN A 137 11.07 -17.83 -2.07
N HIS A 138 10.56 -17.67 -0.88
CA HIS A 138 10.71 -18.73 0.17
C HIS A 138 9.52 -19.69 0.10
N ARG A 139 8.46 -19.27 -0.54
CA ARG A 139 7.28 -20.17 -0.68
C ARG A 139 7.60 -21.22 -1.74
N ALA A 140 7.88 -20.78 -2.93
CA ALA A 140 8.22 -21.73 -4.03
C ALA A 140 9.45 -22.56 -3.66
N ALA A 141 10.39 -21.96 -2.96
CA ALA A 141 11.62 -22.73 -2.59
C ALA A 141 11.26 -23.92 -1.71
N LEU A 142 10.53 -23.67 -0.65
CA LEU A 142 10.17 -24.80 0.28
C LEU A 142 9.08 -25.69 -0.35
N ILE A 143 8.20 -25.14 -1.14
CA ILE A 143 7.12 -25.99 -1.76
C ILE A 143 7.78 -26.97 -2.75
N ALA A 144 8.78 -26.52 -3.46
CA ALA A 144 9.45 -27.42 -4.45
C ALA A 144 10.40 -28.39 -3.74
N ARG A 145 10.80 -28.09 -2.52
CA ARG A 145 11.74 -28.99 -1.79
C ARG A 145 10.97 -29.92 -0.84
N VAL A 146 9.86 -29.48 -0.33
CA VAL A 146 9.07 -30.34 0.61
C VAL A 146 8.37 -31.44 -0.19
N THR A 147 8.01 -31.16 -1.42
CA THR A 147 7.30 -32.15 -2.27
C THR A 147 5.97 -32.56 -1.62
N ASN A 148 6.01 -33.32 -0.56
CA ASN A 148 4.74 -33.73 0.12
C ASN A 148 4.14 -32.52 0.84
N VAL A 149 3.51 -31.64 0.12
CA VAL A 149 2.90 -30.44 0.76
C VAL A 149 1.76 -30.87 1.71
N GLU A 150 1.03 -31.88 1.34
CA GLU A 150 -0.10 -32.34 2.20
C GLU A 150 0.36 -32.59 3.63
N TRP A 151 1.61 -32.96 3.82
CA TRP A 151 2.11 -33.23 5.20
C TRP A 151 1.96 -31.95 6.05
N LEU A 152 2.41 -30.83 5.55
CA LEU A 152 2.30 -29.57 6.35
C LEU A 152 0.84 -29.12 6.41
N LEU A 153 0.16 -29.07 5.31
CA LEU A 153 -1.27 -28.63 5.31
C LEU A 153 -2.05 -29.50 6.32
N ASP A 154 -1.84 -30.79 6.29
CA ASP A 154 -2.57 -31.68 7.24
C ASP A 154 -2.10 -31.39 8.67
N ALA A 155 -0.89 -30.93 8.83
CA ALA A 155 -0.39 -30.63 10.20
C ALA A 155 -1.18 -29.48 10.82
N LEU A 156 -1.49 -28.46 10.04
CA LEU A 156 -2.25 -27.30 10.59
C LEU A 156 -3.75 -27.59 10.56
N TYR A 157 -4.14 -28.81 10.28
CA TYR A 157 -5.59 -29.11 10.24
C TYR A 157 -6.18 -29.07 11.67
N GLY A 158 -7.16 -28.23 11.89
CA GLY A 158 -7.80 -28.16 13.23
C GLY A 158 -6.90 -27.40 14.23
N LYS A 159 -5.62 -27.35 13.97
CA LYS A 159 -4.71 -26.64 14.93
C LYS A 159 -4.89 -25.13 14.86
N VAL A 160 -4.20 -24.45 13.97
CA VAL A 160 -4.32 -22.96 13.89
C VAL A 160 -5.52 -22.57 13.01
N LEU A 161 -5.65 -23.16 11.85
CA LEU A 161 -6.78 -22.81 10.95
C LEU A 161 -8.01 -23.64 11.35
N THR A 162 -9.18 -23.06 11.26
CA THR A 162 -10.42 -23.80 11.63
C THR A 162 -10.75 -24.79 10.52
N ASP A 163 -11.74 -25.61 10.72
CA ASP A 163 -12.11 -26.60 9.68
C ASP A 163 -12.58 -25.89 8.41
N GLU A 164 -13.43 -24.91 8.54
CA GLU A 164 -13.94 -24.19 7.33
C GLU A 164 -12.78 -23.50 6.58
N GLN A 165 -11.83 -22.96 7.29
CA GLN A 165 -10.69 -22.27 6.62
C GLN A 165 -9.78 -23.27 5.94
N TYR A 166 -9.43 -24.33 6.63
CA TYR A 166 -8.53 -25.35 6.01
C TYR A 166 -9.15 -25.85 4.70
N GLN A 167 -10.45 -25.99 4.65
CA GLN A 167 -11.11 -26.47 3.40
C GLN A 167 -11.00 -25.39 2.32
N ALA A 168 -11.18 -24.15 2.68
CA ALA A 168 -11.09 -23.05 1.67
C ALA A 168 -9.74 -23.11 0.96
N VAL A 169 -8.69 -23.38 1.69
CA VAL A 169 -7.34 -23.45 1.06
C VAL A 169 -7.23 -24.72 0.21
N ARG A 170 -7.88 -25.77 0.61
CA ARG A 170 -7.81 -27.05 -0.17
C ARG A 170 -8.58 -26.91 -1.49
N ALA A 171 -9.42 -25.91 -1.59
CA ALA A 171 -10.23 -25.70 -2.83
C ALA A 171 -9.39 -24.98 -3.90
N GLU A 172 -8.16 -24.66 -3.60
CA GLU A 172 -7.30 -23.93 -4.59
C GLU A 172 -7.40 -24.62 -5.99
N PRO A 173 -6.91 -23.97 -7.04
CA PRO A 173 -7.00 -24.54 -8.41
C PRO A 173 -5.81 -25.48 -8.67
N THR A 174 -4.99 -25.73 -7.69
CA THR A 174 -3.80 -26.62 -7.93
C THR A 174 -3.32 -27.19 -6.59
N ASN A 175 -2.52 -28.22 -6.61
CA ASN A 175 -2.04 -28.83 -5.34
C ASN A 175 -1.04 -27.89 -4.61
N PRO A 176 -0.01 -27.40 -5.28
CA PRO A 176 0.96 -26.52 -4.62
C PRO A 176 0.33 -25.14 -4.32
N SER A 177 -0.77 -24.82 -4.95
CA SER A 177 -1.40 -23.49 -4.68
C SER A 177 -1.96 -23.52 -3.26
N LYS A 178 -2.33 -24.67 -2.79
CA LYS A 178 -2.88 -24.80 -1.42
C LYS A 178 -1.86 -24.25 -0.42
N MET A 179 -0.59 -24.46 -0.68
CA MET A 179 0.47 -23.96 0.25
C MET A 179 0.62 -22.44 0.07
N ARG A 180 0.73 -21.97 -1.13
CA ARG A 180 0.89 -20.50 -1.36
C ARG A 180 -0.16 -19.71 -0.57
N LYS A 181 -1.41 -20.06 -0.73
CA LYS A 181 -2.48 -19.33 0.01
C LYS A 181 -2.26 -19.51 1.52
N LEU A 182 -1.98 -20.70 1.96
CA LEU A 182 -1.75 -20.95 3.42
C LEU A 182 -0.74 -19.94 3.98
N PHE A 183 0.38 -19.79 3.34
CA PHE A 183 1.40 -18.84 3.88
C PHE A 183 0.79 -17.43 3.93
N SER A 184 -0.17 -17.14 3.10
CA SER A 184 -0.79 -15.78 3.12
C SER A 184 -1.57 -15.59 4.43
N PHE A 185 -1.97 -16.66 5.07
CA PHE A 185 -2.72 -16.52 6.36
C PHE A 185 -1.72 -16.12 7.46
N THR A 186 -0.80 -15.25 7.15
CA THR A 186 0.21 -14.80 8.16
C THR A 186 -0.50 -14.14 9.37
N PRO A 187 -1.43 -13.23 9.14
CA PRO A 187 -2.11 -12.56 10.27
C PRO A 187 -2.76 -13.61 11.18
N ALA A 188 -3.03 -14.79 10.67
CA ALA A 188 -3.65 -15.86 11.51
C ALA A 188 -2.54 -16.66 12.20
N TRP A 189 -1.30 -16.46 11.79
CA TRP A 189 -0.18 -17.23 12.42
C TRP A 189 0.29 -16.50 13.68
N ASN A 190 0.24 -17.15 14.82
CA ASN A 190 0.69 -16.51 16.10
C ASN A 190 2.13 -16.91 16.38
N TRP A 191 2.68 -16.50 17.49
CA TRP A 191 4.08 -16.88 17.81
C TRP A 191 4.22 -18.40 17.79
N THR A 192 3.25 -19.09 18.33
CA THR A 192 3.30 -20.58 18.34
C THR A 192 3.12 -21.12 16.92
N CYS A 193 2.32 -20.45 16.13
CA CYS A 193 2.09 -20.94 14.73
C CYS A 193 3.40 -20.96 13.95
N LYS A 194 4.07 -19.84 13.87
CA LYS A 194 5.36 -19.78 13.10
C LYS A 194 6.34 -20.84 13.63
N ASP A 195 6.59 -20.88 14.90
CA ASP A 195 7.55 -21.88 15.46
C ASP A 195 7.03 -23.30 15.28
N LEU A 196 5.74 -23.49 15.38
CA LEU A 196 5.17 -24.85 15.23
C LEU A 196 5.34 -25.31 13.78
N LEU A 197 5.03 -24.46 12.84
CA LEU A 197 5.18 -24.84 11.40
C LEU A 197 6.66 -25.09 11.14
N LEU A 198 7.51 -24.22 11.60
CA LEU A 198 8.98 -24.41 11.39
C LEU A 198 9.41 -25.70 12.11
N GLN A 199 8.78 -26.02 13.21
CA GLN A 199 9.15 -27.26 13.95
C GLN A 199 8.77 -28.48 13.12
N ALA A 200 7.64 -28.46 12.48
CA ALA A 200 7.22 -29.63 11.66
C ALA A 200 8.28 -29.91 10.59
N LEU A 201 8.89 -28.89 10.04
CA LEU A 201 9.93 -29.13 9.00
C LEU A 201 11.15 -29.81 9.64
N ARG A 202 11.45 -29.51 10.87
CA ARG A 202 12.64 -30.14 11.53
C ARG A 202 12.39 -31.66 11.69
N GLU A 203 11.16 -32.04 11.94
CA GLU A 203 10.87 -33.49 12.13
C GLU A 203 11.05 -34.26 10.81
N SER A 204 10.61 -33.70 9.71
CA SER A 204 10.74 -34.41 8.40
C SER A 204 12.12 -34.18 7.79
N GLN A 205 12.74 -33.05 8.05
CA GLN A 205 14.09 -32.80 7.44
C GLN A 205 14.70 -31.51 8.02
N SER A 206 15.75 -31.64 8.78
CA SER A 206 16.40 -30.45 9.41
C SER A 206 17.06 -29.57 8.34
N TYR A 207 17.39 -30.13 7.20
CA TYR A 207 18.06 -29.32 6.14
C TYR A 207 17.16 -28.15 5.73
N LEU A 208 15.88 -28.33 5.82
CA LEU A 208 14.94 -27.23 5.43
C LEU A 208 14.98 -26.13 6.49
N VAL A 209 14.94 -26.48 7.74
CA VAL A 209 14.96 -25.43 8.80
C VAL A 209 16.20 -24.55 8.64
N GLU A 210 17.34 -25.14 8.43
CA GLU A 210 18.60 -24.35 8.28
C GLU A 210 18.66 -23.69 6.90
N ASP A 211 18.37 -24.43 5.86
CA ASP A 211 18.44 -23.84 4.49
C ASP A 211 17.39 -22.72 4.33
N LEU A 212 16.29 -22.81 5.01
CA LEU A 212 15.25 -21.74 4.88
C LEU A 212 15.63 -20.53 5.74
N GLU A 213 16.41 -20.75 6.76
CA GLU A 213 16.81 -19.63 7.67
C GLU A 213 17.93 -18.78 7.02
N ARG A 214 18.70 -19.35 6.14
CA ARG A 214 19.81 -18.57 5.51
C ARG A 214 19.24 -17.45 4.63
N SER A 215 18.68 -16.46 5.25
CA SER A 215 18.10 -15.32 4.48
C SER A 215 17.70 -14.19 5.44
N MET A 21 -2.08 26.70 -10.15
CA MET A 21 -2.51 25.70 -11.18
C MET A 21 -1.87 24.35 -10.84
N GLY A 22 -2.31 23.30 -11.52
CA GLY A 22 -1.76 21.94 -11.24
C GLY A 22 -2.91 20.94 -11.34
N ARG A 23 -2.98 20.22 -12.41
CA ARG A 23 -4.09 19.23 -12.59
C ARG A 23 -4.15 18.33 -11.35
N ALA A 24 -3.04 18.06 -10.74
CA ALA A 24 -3.05 17.23 -9.51
C ALA A 24 -3.73 18.02 -8.40
N ARG A 25 -3.46 19.29 -8.32
CA ARG A 25 -4.12 20.13 -7.29
C ARG A 25 -5.63 20.10 -7.53
N ASP A 26 -6.01 20.10 -8.77
CA ASP A 26 -7.47 20.05 -9.12
C ASP A 26 -7.99 18.64 -8.81
N ALA A 27 -7.18 17.64 -9.01
CA ALA A 27 -7.61 16.25 -8.74
C ALA A 27 -7.97 16.11 -7.25
N ILE A 28 -7.09 16.51 -6.38
CA ILE A 28 -7.36 16.42 -4.92
C ILE A 28 -8.65 17.19 -4.61
N LEU A 29 -8.72 18.43 -4.99
CA LEU A 29 -9.92 19.26 -4.71
C LEU A 29 -11.20 18.50 -5.11
N ASP A 30 -11.21 17.92 -6.27
CA ASP A 30 -12.42 17.18 -6.73
C ASP A 30 -12.76 16.03 -5.77
N ALA A 31 -11.81 15.20 -5.44
CA ALA A 31 -12.10 14.04 -4.54
C ALA A 31 -12.58 14.52 -3.16
N LEU A 32 -11.84 15.39 -2.50
CA LEU A 32 -12.27 15.84 -1.15
C LEU A 32 -13.64 16.53 -1.22
N GLU A 33 -13.82 17.43 -2.14
CA GLU A 33 -15.14 18.13 -2.24
C GLU A 33 -16.24 17.11 -2.55
N ASN A 34 -15.89 15.92 -2.97
CA ASN A 34 -16.94 14.91 -3.29
C ASN A 34 -17.33 14.14 -2.02
N LEU A 35 -16.47 14.09 -1.04
CA LEU A 35 -16.80 13.36 0.22
C LEU A 35 -17.77 14.21 1.05
N THR A 36 -18.59 13.60 1.86
CA THR A 36 -19.54 14.39 2.70
C THR A 36 -18.77 15.07 3.83
N ALA A 37 -19.34 16.05 4.45
CA ALA A 37 -18.63 16.77 5.56
C ALA A 37 -18.13 15.77 6.59
N GLU A 38 -18.98 14.87 7.04
CA GLU A 38 -18.54 13.87 8.05
C GLU A 38 -17.60 12.86 7.41
N GLU A 39 -17.89 12.46 6.20
CA GLU A 39 -17.00 11.50 5.50
C GLU A 39 -15.61 12.13 5.35
N LEU A 40 -15.58 13.43 5.21
CA LEU A 40 -14.27 14.13 5.06
C LEU A 40 -13.45 13.93 6.34
N LYS A 41 -14.07 14.06 7.49
CA LYS A 41 -13.33 13.88 8.76
C LYS A 41 -12.67 12.48 8.78
N LYS A 42 -13.38 11.48 8.36
CA LYS A 42 -12.81 10.11 8.35
C LYS A 42 -11.49 10.10 7.56
N PHE A 43 -11.44 10.78 6.46
CA PHE A 43 -10.18 10.83 5.66
C PHE A 43 -9.04 11.41 6.52
N LYS A 44 -9.34 12.36 7.37
CA LYS A 44 -8.27 12.97 8.21
C LYS A 44 -7.66 11.92 9.15
N LEU A 45 -8.48 11.26 9.92
CA LEU A 45 -7.95 10.24 10.87
C LEU A 45 -7.26 9.12 10.08
N LYS A 46 -7.73 8.85 8.89
CA LYS A 46 -7.08 7.77 8.08
C LYS A 46 -5.61 8.14 7.87
N LEU A 47 -5.30 9.40 7.75
CA LEU A 47 -3.89 9.81 7.56
C LEU A 47 -3.13 9.52 8.85
N LEU A 48 -3.75 9.74 9.98
CA LEU A 48 -3.06 9.47 11.29
C LEU A 48 -3.09 7.97 11.56
N SER A 49 -3.91 7.21 10.86
CA SER A 49 -3.99 5.73 11.10
C SER A 49 -2.98 4.99 10.22
N VAL A 50 -2.70 5.49 9.05
CA VAL A 50 -1.72 4.78 8.15
C VAL A 50 -0.28 5.22 8.53
N PRO A 51 0.64 4.30 8.84
CA PRO A 51 2.02 4.71 9.20
C PRO A 51 2.71 5.32 7.97
N LEU A 52 3.40 6.42 8.16
CA LEU A 52 4.12 7.10 7.03
C LEU A 52 5.61 6.73 7.10
N ARG A 53 6.32 6.95 6.02
CA ARG A 53 7.77 6.61 6.01
C ARG A 53 8.48 7.35 7.15
N GLU A 54 8.99 8.54 6.90
CA GLU A 54 9.68 9.30 7.99
C GLU A 54 9.92 10.74 7.54
N GLY A 55 10.31 10.93 6.30
CA GLY A 55 10.55 12.31 5.79
C GLY A 55 9.22 13.04 5.66
N TYR A 56 8.13 12.36 5.94
CA TYR A 56 6.77 12.97 5.84
C TYR A 56 6.04 12.81 7.17
N GLY A 57 6.09 13.81 8.01
CA GLY A 57 5.41 13.71 9.34
C GLY A 57 3.89 13.69 9.15
N ARG A 58 3.16 13.40 10.20
CA ARG A 58 1.67 13.34 10.13
C ARG A 58 1.10 14.71 10.55
N ILE A 59 0.16 15.24 9.80
CA ILE A 59 -0.44 16.55 10.16
C ILE A 59 -1.45 16.32 11.31
N PRO A 60 -1.38 17.07 12.41
CA PRO A 60 -2.35 16.85 13.51
C PRO A 60 -3.79 16.99 13.01
N ARG A 61 -4.67 16.17 13.50
CA ARG A 61 -6.10 16.24 13.07
C ARG A 61 -6.64 17.66 13.27
N GLY A 62 -6.43 18.22 14.43
CA GLY A 62 -6.95 19.58 14.73
C GLY A 62 -6.46 20.60 13.69
N ALA A 63 -5.25 20.48 13.25
CA ALA A 63 -4.72 21.44 12.26
C ALA A 63 -5.58 21.37 10.99
N LEU A 64 -6.08 20.21 10.68
CA LEU A 64 -6.93 20.06 9.47
C LEU A 64 -8.34 20.60 9.75
N LEU A 65 -8.80 20.52 10.97
CA LEU A 65 -10.16 21.06 11.28
C LEU A 65 -10.16 22.56 10.98
N SER A 66 -9.11 23.25 11.31
CA SER A 66 -9.06 24.72 11.04
C SER A 66 -9.05 24.94 9.53
N MET A 67 -8.25 24.18 8.82
CA MET A 67 -8.19 24.33 7.33
C MET A 67 -9.43 23.69 6.71
N ASP A 68 -9.79 24.14 5.53
CA ASP A 68 -10.99 23.59 4.81
C ASP A 68 -10.54 22.81 3.58
N ALA A 69 -11.46 22.35 2.79
CA ALA A 69 -11.09 21.56 1.58
C ALA A 69 -10.08 22.32 0.73
N LEU A 70 -10.29 23.60 0.52
CA LEU A 70 -9.34 24.38 -0.33
C LEU A 70 -8.02 24.62 0.43
N ASP A 71 -8.10 25.19 1.60
CA ASP A 71 -6.86 25.46 2.38
C ASP A 71 -6.11 24.15 2.60
N LEU A 72 -6.80 23.10 2.97
CA LEU A 72 -6.11 21.80 3.22
C LEU A 72 -5.65 21.23 1.87
N THR A 73 -6.37 21.49 0.79
CA THR A 73 -5.92 20.95 -0.53
C THR A 73 -4.53 21.53 -0.83
N ASP A 74 -4.37 22.81 -0.65
CA ASP A 74 -3.04 23.42 -0.90
C ASP A 74 -2.01 22.79 0.05
N LYS A 75 -2.44 22.39 1.21
CA LYS A 75 -1.50 21.78 2.19
C LYS A 75 -1.07 20.39 1.71
N LEU A 76 -1.98 19.54 1.31
CA LEU A 76 -1.56 18.18 0.84
C LEU A 76 -0.49 18.36 -0.22
N VAL A 77 -0.59 19.42 -0.99
CA VAL A 77 0.42 19.70 -2.04
C VAL A 77 1.71 20.21 -1.37
N SER A 78 1.59 21.00 -0.34
CA SER A 78 2.83 21.55 0.32
C SER A 78 3.54 20.49 1.17
N PHE A 79 2.82 19.82 2.03
CA PHE A 79 3.46 18.81 2.95
C PHE A 79 3.73 17.47 2.24
N TYR A 80 2.75 16.91 1.56
CA TYR A 80 2.94 15.57 0.89
C TYR A 80 3.20 15.73 -0.62
N LEU A 81 3.53 16.89 -1.08
CA LEU A 81 3.77 17.09 -2.55
C LEU A 81 2.50 16.74 -3.32
N GLU A 82 2.38 17.24 -4.53
CA GLU A 82 1.15 16.98 -5.34
C GLU A 82 1.07 15.50 -5.77
N THR A 83 2.06 15.00 -6.46
CA THR A 83 1.99 13.59 -6.94
C THR A 83 2.01 12.61 -5.76
N TYR A 84 2.98 12.70 -4.88
CA TYR A 84 3.02 11.76 -3.74
C TYR A 84 1.80 11.97 -2.85
N GLY A 85 1.28 13.17 -2.82
CA GLY A 85 0.08 13.45 -1.98
C GLY A 85 -1.15 12.75 -2.59
N ALA A 86 -1.33 12.86 -3.87
CA ALA A 86 -2.52 12.22 -4.51
C ALA A 86 -2.37 10.69 -4.46
N GLU A 87 -1.18 10.19 -4.67
CA GLU A 87 -0.99 8.70 -4.62
C GLU A 87 -1.40 8.21 -3.24
N LEU A 88 -0.91 8.84 -2.21
CA LEU A 88 -1.27 8.42 -0.83
C LEU A 88 -2.81 8.43 -0.70
N THR A 89 -3.41 9.49 -1.14
CA THR A 89 -4.89 9.64 -1.05
C THR A 89 -5.62 8.56 -1.86
N ALA A 90 -5.22 8.31 -3.07
CA ALA A 90 -5.91 7.30 -3.93
C ALA A 90 -6.06 5.98 -3.18
N ASN A 91 -5.07 5.58 -2.40
CA ASN A 91 -5.18 4.29 -1.67
C ASN A 91 -6.12 4.45 -0.47
N VAL A 92 -6.22 5.64 0.09
CA VAL A 92 -7.14 5.83 1.26
C VAL A 92 -8.59 5.70 0.76
N LEU A 93 -8.94 6.47 -0.24
CA LEU A 93 -10.34 6.39 -0.77
C LEU A 93 -10.63 4.94 -1.16
N ARG A 94 -9.64 4.24 -1.65
CA ARG A 94 -9.86 2.81 -2.02
C ARG A 94 -10.31 2.06 -0.76
N ASP A 95 -9.78 2.44 0.38
CA ASP A 95 -10.19 1.77 1.65
C ASP A 95 -11.58 2.25 2.04
N MET A 96 -11.93 3.45 1.65
CA MET A 96 -13.29 3.98 1.99
C MET A 96 -14.33 3.32 1.07
N GLY A 97 -13.87 2.55 0.12
CA GLY A 97 -14.79 1.86 -0.83
C GLY A 97 -15.10 2.77 -2.01
N LEU A 98 -14.44 3.90 -2.08
CA LEU A 98 -14.67 4.86 -3.21
C LEU A 98 -13.63 4.56 -4.29
N GLN A 99 -13.78 3.43 -4.92
CA GLN A 99 -12.84 3.01 -5.98
C GLN A 99 -13.00 3.90 -7.22
N GLU A 100 -14.20 4.21 -7.61
CA GLU A 100 -14.41 5.05 -8.82
C GLU A 100 -13.65 6.38 -8.69
N MET A 101 -13.69 7.00 -7.53
CA MET A 101 -12.98 8.29 -7.34
C MET A 101 -11.47 8.01 -7.20
N ALA A 102 -11.13 6.89 -6.63
CA ALA A 102 -9.69 6.56 -6.44
C ALA A 102 -9.03 6.28 -7.80
N GLY A 103 -9.64 5.46 -8.61
CA GLY A 103 -9.05 5.15 -9.94
C GLY A 103 -9.00 6.43 -10.77
N GLN A 104 -9.92 7.33 -10.52
CA GLN A 104 -9.96 8.60 -11.28
C GLN A 104 -8.87 9.54 -10.75
N LEU A 105 -8.63 9.55 -9.47
CA LEU A 105 -7.58 10.46 -8.92
C LEU A 105 -6.20 10.03 -9.45
N GLN A 106 -5.86 8.76 -9.34
CA GLN A 106 -4.53 8.32 -9.86
C GLN A 106 -4.42 8.67 -11.35
N ALA A 107 -5.49 8.49 -12.09
CA ALA A 107 -5.47 8.80 -13.54
C ALA A 107 -5.32 10.31 -13.73
N ALA A 108 -5.96 11.08 -12.91
CA ALA A 108 -5.87 12.57 -13.06
C ALA A 108 -4.41 13.01 -12.97
N THR A 109 -3.66 12.46 -12.06
CA THR A 109 -2.22 12.85 -11.91
C THR A 109 -1.36 11.96 -12.80
N HIS A 110 -1.97 11.12 -13.60
CA HIS A 110 -1.18 10.22 -14.50
C HIS A 110 -2.06 9.81 -15.68
N GLN A 111 -2.14 10.66 -16.67
CA GLN A 111 -2.97 10.33 -17.87
C GLN A 111 -2.57 8.97 -18.44
N GLY A 112 -1.48 8.42 -17.98
CA GLY A 112 -1.03 7.10 -18.50
C GLY A 112 -0.67 7.20 -19.97
N SER A 113 -1.62 7.01 -20.83
CA SER A 113 -1.34 7.10 -22.29
C SER A 113 -1.02 8.55 -22.67
N GLY A 114 0.22 8.84 -22.93
CA GLY A 114 0.60 10.24 -23.30
C GLY A 114 2.12 10.35 -23.36
N ALA A 115 2.82 9.42 -22.77
CA ALA A 115 4.31 9.48 -22.79
C ALA A 115 4.80 9.26 -24.22
N ALA A 116 5.57 10.19 -24.73
CA ALA A 116 6.08 10.04 -26.13
C ALA A 116 7.00 8.80 -26.19
N PRO A 117 7.29 8.28 -27.37
CA PRO A 117 8.16 7.11 -27.51
C PRO A 117 9.52 7.41 -26.87
N ALA A 118 10.27 6.39 -26.51
CA ALA A 118 11.61 6.59 -25.89
C ALA A 118 11.51 7.59 -24.73
N GLY A 119 11.37 7.08 -23.54
CA GLY A 119 11.26 7.98 -22.34
C GLY A 119 12.64 8.10 -21.68
N ILE A 120 13.49 7.11 -21.88
CA ILE A 120 14.87 7.09 -21.30
C ILE A 120 14.91 7.73 -19.89
N GLN A 121 13.80 7.71 -19.20
CA GLN A 121 13.76 8.31 -17.83
C GLN A 121 14.32 7.29 -16.82
N ALA A 122 15.18 7.73 -15.94
CA ALA A 122 15.76 6.78 -14.95
C ALA A 122 14.61 6.27 -14.03
N PRO A 123 14.71 5.06 -13.47
CA PRO A 123 13.64 4.54 -12.61
C PRO A 123 13.30 5.52 -11.44
N PRO A 124 14.28 6.05 -10.72
CA PRO A 124 13.97 6.97 -9.61
C PRO A 124 13.32 8.26 -10.16
N GLN A 125 12.75 9.05 -9.30
CA GLN A 125 12.11 10.31 -9.76
C GLN A 125 13.17 11.24 -10.36
N SER A 126 13.67 12.15 -9.57
CA SER A 126 14.71 13.09 -10.07
C SER A 126 16.02 12.33 -10.28
N ALA A 127 16.42 12.13 -11.51
CA ALA A 127 17.69 11.41 -11.78
C ALA A 127 18.85 12.11 -11.07
N ALA A 128 19.29 13.24 -11.58
CA ALA A 128 20.40 13.97 -10.92
C ALA A 128 19.96 14.41 -9.52
N LYS A 129 20.52 13.83 -8.49
CA LYS A 129 20.13 14.22 -7.10
C LYS A 129 20.61 15.68 -6.85
N PRO A 130 19.96 16.39 -5.94
CA PRO A 130 20.38 17.79 -5.65
C PRO A 130 21.85 17.79 -5.17
N GLY A 131 22.56 18.85 -5.44
CA GLY A 131 23.99 18.91 -5.01
C GLY A 131 24.06 19.25 -3.52
N LEU A 132 23.00 19.01 -2.81
CA LEU A 132 22.97 19.29 -1.34
C LEU A 132 23.35 18.01 -0.59
N HIS A 133 24.45 18.01 0.10
CA HIS A 133 24.88 16.80 0.86
C HIS A 133 24.08 16.68 2.15
N PHE A 134 23.62 15.49 2.48
CA PHE A 134 22.85 15.32 3.75
C PHE A 134 22.69 13.82 4.04
N ILE A 135 22.24 13.06 3.08
CA ILE A 135 22.07 11.59 3.30
C ILE A 135 23.44 10.92 3.28
N ASP A 136 24.32 11.34 2.39
CA ASP A 136 25.68 10.73 2.31
C ASP A 136 26.55 11.34 3.40
N GLN A 137 26.16 12.49 3.88
CA GLN A 137 26.96 13.18 4.93
C GLN A 137 27.08 12.30 6.18
N HIS A 138 26.09 11.49 6.48
CA HIS A 138 26.16 10.63 7.70
C HIS A 138 26.80 9.28 7.35
N ARG A 139 26.86 8.95 6.09
CA ARG A 139 27.50 7.66 5.69
C ARG A 139 29.02 7.85 5.82
N ALA A 140 29.57 8.76 5.07
CA ALA A 140 31.04 9.02 5.15
C ALA A 140 31.43 9.36 6.58
N ALA A 141 30.57 10.03 7.31
CA ALA A 141 30.93 10.40 8.72
C ALA A 141 31.14 9.13 9.55
N LEU A 142 30.19 8.23 9.52
CA LEU A 142 30.34 6.99 10.35
C LEU A 142 31.39 6.06 9.73
N ILE A 143 31.52 6.04 8.42
CA ILE A 143 32.53 5.13 7.81
C ILE A 143 33.93 5.57 8.24
N ALA A 144 34.19 6.84 8.22
CA ALA A 144 35.53 7.33 8.62
C ALA A 144 35.75 7.11 10.12
N ARG A 145 34.67 7.01 10.88
CA ARG A 145 34.81 6.79 12.36
C ARG A 145 34.79 5.30 12.70
N VAL A 146 34.14 4.49 11.90
CA VAL A 146 34.08 3.03 12.19
C VAL A 146 35.43 2.39 11.82
N THR A 147 36.22 3.06 11.02
CA THR A 147 37.55 2.50 10.60
C THR A 147 37.36 1.09 10.05
N ASN A 148 37.34 0.09 10.89
CA ASN A 148 37.14 -1.30 10.39
C ASN A 148 35.74 -1.41 9.78
N VAL A 149 35.56 -0.92 8.59
CA VAL A 149 34.23 -0.96 7.94
C VAL A 149 33.81 -2.41 7.66
N GLU A 150 34.76 -3.24 7.28
CA GLU A 150 34.43 -4.66 6.98
C GLU A 150 33.78 -5.34 8.19
N TRP A 151 34.11 -4.93 9.39
CA TRP A 151 33.50 -5.58 10.59
C TRP A 151 31.97 -5.48 10.53
N LEU A 152 31.44 -4.33 10.17
CA LEU A 152 29.94 -4.20 10.11
C LEU A 152 29.41 -5.07 8.95
N LEU A 153 30.14 -5.16 7.87
CA LEU A 153 29.65 -6.01 6.74
C LEU A 153 29.69 -7.47 7.19
N ASP A 154 30.68 -7.86 7.95
CA ASP A 154 30.73 -9.27 8.43
C ASP A 154 29.47 -9.56 9.24
N ALA A 155 29.00 -8.59 9.97
CA ALA A 155 27.76 -8.77 10.76
C ALA A 155 26.59 -8.98 9.81
N LEU A 156 26.73 -8.55 8.58
CA LEU A 156 25.63 -8.70 7.55
C LEU A 156 26.03 -9.80 6.54
N TYR A 157 27.04 -10.58 6.85
CA TYR A 157 27.48 -11.64 5.89
C TYR A 157 26.62 -12.91 6.06
N GLY A 158 25.95 -13.33 5.01
CA GLY A 158 25.14 -14.58 5.06
C GLY A 158 23.84 -14.33 5.82
N LYS A 159 23.84 -13.40 6.73
CA LYS A 159 22.61 -13.13 7.53
C LYS A 159 21.50 -12.53 6.66
N VAL A 160 21.49 -11.24 6.46
CA VAL A 160 20.41 -10.59 5.67
C VAL A 160 20.70 -10.67 4.16
N LEU A 161 21.90 -10.31 3.75
CA LEU A 161 22.22 -10.35 2.28
C LEU A 161 22.62 -11.77 1.90
N THR A 162 22.24 -12.21 0.72
CA THR A 162 22.59 -13.58 0.26
C THR A 162 24.05 -13.62 -0.17
N ASP A 163 24.55 -14.79 -0.49
CA ASP A 163 25.98 -14.90 -0.91
C ASP A 163 26.19 -14.17 -2.24
N GLU A 164 25.21 -14.17 -3.11
CA GLU A 164 25.37 -13.48 -4.42
C GLU A 164 25.33 -11.95 -4.22
N GLN A 165 24.41 -11.47 -3.43
CA GLN A 165 24.30 -10.01 -3.21
C GLN A 165 25.45 -9.51 -2.34
N TYR A 166 25.78 -10.23 -1.30
CA TYR A 166 26.89 -9.81 -0.40
C TYR A 166 28.18 -9.61 -1.24
N GLN A 167 28.39 -10.44 -2.22
CA GLN A 167 29.60 -10.29 -3.07
C GLN A 167 29.47 -9.04 -3.94
N ALA A 168 28.28 -8.74 -4.38
CA ALA A 168 28.09 -7.53 -5.23
C ALA A 168 28.48 -6.28 -4.44
N VAL A 169 28.25 -6.27 -3.16
CA VAL A 169 28.59 -5.09 -2.33
C VAL A 169 30.12 -4.95 -2.26
N ARG A 170 30.82 -6.06 -2.13
CA ARG A 170 32.32 -5.99 -2.04
C ARG A 170 32.93 -5.80 -3.44
N ALA A 171 32.16 -6.02 -4.47
CA ALA A 171 32.72 -5.86 -5.86
C ALA A 171 32.88 -4.38 -6.20
N GLU A 172 32.54 -3.51 -5.29
CA GLU A 172 32.67 -2.05 -5.55
C GLU A 172 34.15 -1.74 -5.92
N PRO A 173 34.45 -0.55 -6.43
CA PRO A 173 35.83 -0.21 -6.82
C PRO A 173 36.58 0.32 -5.59
N THR A 174 35.94 1.18 -4.84
CA THR A 174 36.56 1.79 -3.64
C THR A 174 36.07 1.06 -2.37
N ASN A 175 36.77 1.23 -1.27
CA ASN A 175 36.35 0.55 -0.01
C ASN A 175 35.10 1.24 0.60
N PRO A 176 35.12 2.54 0.81
CA PRO A 176 33.93 3.22 1.39
C PRO A 176 32.73 3.06 0.42
N SER A 177 33.00 2.72 -0.81
CA SER A 177 31.89 2.56 -1.79
C SER A 177 31.11 1.29 -1.47
N LYS A 178 31.77 0.32 -0.90
CA LYS A 178 31.08 -0.97 -0.58
C LYS A 178 30.03 -0.74 0.54
N MET A 179 30.26 0.22 1.40
CA MET A 179 29.28 0.46 2.52
C MET A 179 28.07 1.25 2.01
N ARG A 180 28.28 2.41 1.45
CA ARG A 180 27.11 3.22 0.98
C ARG A 180 26.18 2.33 0.12
N LYS A 181 26.75 1.45 -0.64
CA LYS A 181 25.93 0.53 -1.48
C LYS A 181 25.12 -0.36 -0.53
N LEU A 182 25.74 -0.82 0.52
CA LEU A 182 25.03 -1.70 1.50
C LEU A 182 23.72 -1.02 1.95
N PHE A 183 23.78 0.26 2.23
CA PHE A 183 22.56 0.98 2.67
C PHE A 183 21.52 0.98 1.54
N SER A 184 21.95 0.94 0.31
CA SER A 184 20.97 0.94 -0.81
C SER A 184 20.06 -0.28 -0.68
N PHE A 185 20.55 -1.34 -0.08
CA PHE A 185 19.72 -2.56 0.10
C PHE A 185 18.76 -2.33 1.28
N THR A 186 18.26 -1.12 1.41
CA THR A 186 17.31 -0.80 2.51
C THR A 186 16.05 -1.69 2.41
N PRO A 187 15.45 -1.81 1.23
CA PRO A 187 14.23 -2.63 1.10
C PRO A 187 14.52 -4.06 1.58
N ALA A 188 15.77 -4.44 1.60
CA ALA A 188 16.14 -5.82 2.08
C ALA A 188 16.33 -5.78 3.59
N TRP A 189 16.42 -4.60 4.17
CA TRP A 189 16.62 -4.51 5.65
C TRP A 189 15.25 -4.61 6.34
N ASN A 190 15.08 -5.58 7.20
CA ASN A 190 13.79 -5.75 7.94
C ASN A 190 13.92 -5.12 9.33
N TRP A 191 12.92 -5.25 10.16
CA TRP A 191 13.01 -4.66 11.52
C TRP A 191 14.25 -5.22 12.24
N THR A 192 14.50 -6.49 12.12
CA THR A 192 15.68 -7.10 12.79
C THR A 192 16.97 -6.61 12.13
N CYS A 193 16.95 -6.42 10.85
CA CYS A 193 18.19 -5.97 10.14
C CYS A 193 18.62 -4.60 10.67
N LYS A 194 17.75 -3.63 10.62
CA LYS A 194 18.10 -2.26 11.09
C LYS A 194 18.62 -2.31 12.54
N ASP A 195 17.89 -2.93 13.43
CA ASP A 195 18.34 -2.99 14.86
C ASP A 195 19.60 -3.85 14.99
N LEU A 196 19.72 -4.87 14.19
CA LEU A 196 20.92 -5.75 14.29
C LEU A 196 22.17 -4.96 13.92
N LEU A 197 22.12 -4.16 12.88
CA LEU A 197 23.32 -3.37 12.49
C LEU A 197 23.52 -2.27 13.54
N LEU A 198 22.47 -1.56 13.88
CA LEU A 198 22.62 -0.49 14.91
C LEU A 198 23.22 -1.10 16.18
N GLN A 199 22.91 -2.34 16.43
CA GLN A 199 23.47 -3.02 17.63
C GLN A 199 24.99 -3.16 17.42
N ALA A 200 25.44 -3.31 16.22
CA ALA A 200 26.89 -3.44 15.98
C ALA A 200 27.58 -2.14 16.40
N LEU A 201 26.89 -1.03 16.30
CA LEU A 201 27.53 0.28 16.68
C LEU A 201 27.70 0.39 18.20
N ARG A 202 26.65 0.19 18.98
CA ARG A 202 26.80 0.32 20.46
C ARG A 202 27.91 -0.59 20.98
N GLU A 203 28.10 -1.74 20.38
CA GLU A 203 29.17 -2.66 20.86
C GLU A 203 30.55 -2.13 20.47
N SER A 204 30.69 -1.58 19.29
CA SER A 204 32.03 -1.07 18.85
C SER A 204 32.27 0.34 19.40
N GLN A 205 31.25 1.14 19.55
CA GLN A 205 31.45 2.52 20.08
C GLN A 205 30.09 3.20 20.31
N SER A 206 29.74 3.41 21.55
CA SER A 206 28.44 4.05 21.89
C SER A 206 28.41 5.52 21.42
N TYR A 207 29.57 6.11 21.23
CA TYR A 207 29.60 7.54 20.80
C TYR A 207 28.84 7.72 19.49
N LEU A 208 28.92 6.76 18.61
CA LEU A 208 28.21 6.88 17.31
C LEU A 208 26.70 6.69 17.52
N VAL A 209 26.30 5.92 18.48
CA VAL A 209 24.84 5.72 18.70
C VAL A 209 24.21 7.07 19.04
N GLU A 210 24.80 7.79 19.96
CA GLU A 210 24.26 9.12 20.37
C GLU A 210 24.63 10.19 19.33
N ASP A 211 25.88 10.24 18.93
CA ASP A 211 26.30 11.28 17.95
C ASP A 211 25.63 11.08 16.59
N LEU A 212 25.50 9.86 16.15
CA LEU A 212 24.87 9.61 14.81
C LEU A 212 23.35 9.74 14.91
N GLU A 213 22.76 9.20 15.94
CA GLU A 213 21.28 9.30 16.09
C GLU A 213 20.88 10.75 16.30
N ARG A 214 21.55 11.45 17.17
CA ARG A 214 21.20 12.88 17.42
C ARG A 214 21.65 13.73 16.23
N SER A 215 21.01 13.56 15.11
CA SER A 215 21.40 14.36 13.90
C SER A 215 21.17 15.85 14.19
N MET A 21 1.97 21.76 -11.58
CA MET A 21 0.83 21.92 -10.63
C MET A 21 -0.42 22.34 -11.41
N GLY A 22 -1.48 21.58 -11.28
CA GLY A 22 -2.73 21.93 -12.01
C GLY A 22 -3.69 20.74 -12.00
N ARG A 23 -3.42 19.75 -12.80
CA ARG A 23 -4.32 18.56 -12.84
C ARG A 23 -4.30 17.86 -11.48
N ALA A 24 -3.16 17.75 -10.85
CA ALA A 24 -3.10 17.08 -9.52
C ALA A 24 -3.76 17.97 -8.47
N ARG A 25 -3.46 19.25 -8.48
CA ARG A 25 -4.10 20.16 -7.48
C ARG A 25 -5.61 20.07 -7.64
N ASP A 26 -6.07 20.03 -8.86
CA ASP A 26 -7.54 19.92 -9.11
C ASP A 26 -8.00 18.51 -8.73
N ALA A 27 -7.17 17.52 -8.93
CA ALA A 27 -7.55 16.13 -8.59
C ALA A 27 -7.91 16.03 -7.11
N ILE A 28 -7.04 16.49 -6.25
CA ILE A 28 -7.32 16.41 -4.79
C ILE A 28 -8.63 17.18 -4.50
N LEU A 29 -8.71 18.42 -4.89
CA LEU A 29 -9.93 19.22 -4.61
C LEU A 29 -11.20 18.44 -5.02
N ASP A 30 -11.22 17.91 -6.21
CA ASP A 30 -12.42 17.17 -6.69
C ASP A 30 -12.75 15.97 -5.77
N ALA A 31 -11.79 15.14 -5.48
CA ALA A 31 -12.09 13.94 -4.63
C ALA A 31 -12.56 14.37 -3.24
N LEU A 32 -11.82 15.22 -2.56
CA LEU A 32 -12.25 15.63 -1.19
C LEU A 32 -13.61 16.32 -1.24
N GLU A 33 -13.78 17.25 -2.13
CA GLU A 33 -15.10 17.96 -2.21
C GLU A 33 -16.20 16.96 -2.57
N ASN A 34 -15.84 15.80 -3.04
CA ASN A 34 -16.89 14.78 -3.41
C ASN A 34 -17.31 13.98 -2.17
N LEU A 35 -16.46 13.89 -1.17
CA LEU A 35 -16.84 13.14 0.06
C LEU A 35 -17.84 13.96 0.87
N THR A 36 -18.66 13.32 1.66
CA THR A 36 -19.66 14.08 2.48
C THR A 36 -18.95 14.81 3.61
N ALA A 37 -19.61 15.76 4.23
CA ALA A 37 -18.99 16.52 5.34
C ALA A 37 -18.47 15.56 6.41
N GLU A 38 -19.29 14.64 6.84
CA GLU A 38 -18.84 13.67 7.89
C GLU A 38 -17.79 12.73 7.29
N GLU A 39 -18.00 12.29 6.08
CA GLU A 39 -17.02 11.39 5.43
C GLU A 39 -15.68 12.13 5.33
N LEU A 40 -15.72 13.43 5.22
CA LEU A 40 -14.47 14.21 5.11
C LEU A 40 -13.69 14.08 6.43
N LYS A 41 -14.37 14.15 7.54
CA LYS A 41 -13.68 14.04 8.86
C LYS A 41 -12.91 12.72 8.94
N LYS A 42 -13.54 11.62 8.60
CA LYS A 42 -12.84 10.31 8.69
C LYS A 42 -11.59 10.29 7.79
N PHE A 43 -11.64 10.91 6.65
CA PHE A 43 -10.43 10.93 5.76
C PHE A 43 -9.25 11.54 6.52
N LYS A 44 -9.49 12.54 7.33
CA LYS A 44 -8.38 13.19 8.08
C LYS A 44 -7.77 12.19 9.07
N LEU A 45 -8.56 11.62 9.93
CA LEU A 45 -8.02 10.67 10.94
C LEU A 45 -7.43 9.46 10.21
N LYS A 46 -7.98 9.10 9.09
CA LYS A 46 -7.43 7.93 8.35
C LYS A 46 -5.97 8.23 7.99
N LEU A 47 -5.66 9.46 7.69
CA LEU A 47 -4.26 9.81 7.35
C LEU A 47 -3.38 9.56 8.59
N LEU A 48 -3.86 9.92 9.75
CA LEU A 48 -3.04 9.69 10.98
C LEU A 48 -2.98 8.18 11.26
N SER A 49 -3.86 7.40 10.66
CA SER A 49 -3.86 5.91 10.90
C SER A 49 -3.08 5.20 9.80
N VAL A 50 -3.09 5.71 8.60
CA VAL A 50 -2.34 5.05 7.50
C VAL A 50 -0.81 5.19 7.76
N PRO A 51 -0.06 4.09 7.92
CA PRO A 51 1.39 4.22 8.17
C PRO A 51 2.06 4.90 6.97
N LEU A 52 2.98 5.80 7.23
CA LEU A 52 3.69 6.52 6.12
C LEU A 52 5.01 5.81 5.82
N ARG A 53 5.58 6.09 4.68
CA ARG A 53 6.87 5.43 4.30
C ARG A 53 7.94 5.77 5.35
N GLU A 54 8.79 6.73 5.06
CA GLU A 54 9.84 7.10 6.05
C GLU A 54 9.17 7.56 7.34
N GLY A 55 8.62 8.75 7.33
CA GLY A 55 7.93 9.25 8.56
C GLY A 55 7.51 10.70 8.35
N TYR A 56 8.18 11.41 7.45
CA TYR A 56 7.87 12.83 7.13
C TYR A 56 7.34 13.60 8.35
N GLY A 57 6.08 13.48 8.61
CA GLY A 57 5.46 14.18 9.78
C GLY A 57 3.94 14.20 9.62
N ARG A 58 3.23 13.60 10.53
CA ARG A 58 1.74 13.58 10.43
C ARG A 58 1.19 14.97 10.76
N ILE A 59 0.43 15.55 9.87
CA ILE A 59 -0.15 16.89 10.14
C ILE A 59 -1.14 16.76 11.33
N PRO A 60 -1.03 17.57 12.38
CA PRO A 60 -1.97 17.44 13.52
C PRO A 60 -3.42 17.52 13.02
N ARG A 61 -4.26 16.65 13.50
CA ARG A 61 -5.68 16.66 13.07
C ARG A 61 -6.29 18.05 13.27
N GLY A 62 -6.10 18.61 14.43
CA GLY A 62 -6.66 19.97 14.71
C GLY A 62 -6.23 20.97 13.64
N ALA A 63 -5.01 20.88 13.18
CA ALA A 63 -4.53 21.82 12.15
C ALA A 63 -5.38 21.65 10.89
N LEU A 64 -5.80 20.44 10.63
CA LEU A 64 -6.64 20.19 9.41
C LEU A 64 -8.07 20.66 9.66
N LEU A 65 -8.56 20.57 10.88
CA LEU A 65 -9.95 21.04 11.16
C LEU A 65 -10.02 22.54 10.85
N SER A 66 -9.00 23.28 11.17
CA SER A 66 -9.02 24.74 10.89
C SER A 66 -9.02 24.94 9.37
N MET A 67 -8.29 24.11 8.67
CA MET A 67 -8.23 24.24 7.18
C MET A 67 -9.51 23.67 6.57
N ASP A 68 -9.88 24.16 5.41
CA ASP A 68 -11.11 23.67 4.71
C ASP A 68 -10.69 22.92 3.45
N ALA A 69 -11.63 22.46 2.67
CA ALA A 69 -11.25 21.70 1.43
C ALA A 69 -10.19 22.46 0.62
N LEU A 70 -10.35 23.74 0.46
CA LEU A 70 -9.35 24.52 -0.34
C LEU A 70 -8.05 24.71 0.44
N ASP A 71 -8.11 25.25 1.63
CA ASP A 71 -6.87 25.50 2.41
C ASP A 71 -6.11 24.19 2.62
N LEU A 72 -6.78 23.16 3.06
CA LEU A 72 -6.07 21.86 3.29
C LEU A 72 -5.66 21.30 1.92
N THR A 73 -6.40 21.56 0.85
CA THR A 73 -5.96 21.03 -0.47
C THR A 73 -4.59 21.64 -0.77
N ASP A 74 -4.47 22.92 -0.59
CA ASP A 74 -3.16 23.57 -0.85
C ASP A 74 -2.12 23.00 0.12
N LYS A 75 -2.55 22.57 1.28
CA LYS A 75 -1.59 22.01 2.27
C LYS A 75 -1.09 20.65 1.80
N LEU A 76 -1.96 19.74 1.40
CA LEU A 76 -1.48 18.41 0.92
C LEU A 76 -0.44 18.65 -0.17
N VAL A 77 -0.63 19.70 -0.92
CA VAL A 77 0.33 20.05 -2.00
C VAL A 77 1.60 20.65 -1.38
N SER A 78 1.48 21.45 -0.36
CA SER A 78 2.70 22.07 0.25
C SER A 78 3.50 21.05 1.06
N PHE A 79 2.86 20.36 1.96
CA PHE A 79 3.58 19.37 2.83
C PHE A 79 3.83 18.04 2.12
N TYR A 80 2.83 17.46 1.50
CA TYR A 80 3.00 16.12 0.82
C TYR A 80 3.17 16.26 -0.70
N LEU A 81 3.48 17.44 -1.19
CA LEU A 81 3.67 17.60 -2.66
C LEU A 81 2.38 17.23 -3.41
N GLU A 82 2.23 17.71 -4.61
CA GLU A 82 0.99 17.41 -5.40
C GLU A 82 0.91 15.94 -5.81
N THR A 83 1.93 15.43 -6.45
CA THR A 83 1.89 14.03 -6.93
C THR A 83 1.91 13.04 -5.75
N TYR A 84 2.88 13.14 -4.89
CA TYR A 84 2.95 12.20 -3.73
C TYR A 84 1.71 12.40 -2.86
N GLY A 85 1.17 13.59 -2.83
CA GLY A 85 -0.05 13.85 -2.00
C GLY A 85 -1.25 13.13 -2.61
N ALA A 86 -1.49 13.32 -3.88
CA ALA A 86 -2.65 12.66 -4.52
C ALA A 86 -2.45 11.14 -4.54
N GLU A 87 -1.26 10.69 -4.82
CA GLU A 87 -1.01 9.22 -4.85
C GLU A 87 -1.37 8.63 -3.47
N LEU A 88 -0.83 9.21 -2.43
CA LEU A 88 -1.14 8.72 -1.06
C LEU A 88 -2.67 8.74 -0.85
N THR A 89 -3.32 9.75 -1.34
CA THR A 89 -4.79 9.88 -1.17
C THR A 89 -5.54 8.77 -1.93
N ALA A 90 -5.16 8.53 -3.17
CA ALA A 90 -5.87 7.47 -3.95
C ALA A 90 -5.92 6.18 -3.14
N ASN A 91 -4.92 5.97 -2.33
CA ASN A 91 -4.89 4.73 -1.48
C ASN A 91 -5.89 4.84 -0.33
N VAL A 92 -6.04 6.01 0.24
CA VAL A 92 -7.01 6.15 1.38
C VAL A 92 -8.43 5.86 0.88
N LEU A 93 -8.84 6.54 -0.15
CA LEU A 93 -10.22 6.31 -0.69
C LEU A 93 -10.38 4.82 -1.01
N ARG A 94 -9.34 4.21 -1.51
CA ARG A 94 -9.43 2.76 -1.81
C ARG A 94 -9.69 2.00 -0.52
N ASP A 95 -9.15 2.50 0.58
CA ASP A 95 -9.37 1.83 1.88
C ASP A 95 -10.81 2.14 2.34
N MET A 96 -11.32 3.29 1.98
CA MET A 96 -12.71 3.65 2.39
C MET A 96 -13.70 2.93 1.48
N GLY A 97 -13.20 2.21 0.50
CA GLY A 97 -14.08 1.45 -0.44
C GLY A 97 -14.52 2.37 -1.58
N LEU A 98 -13.99 3.56 -1.63
CA LEU A 98 -14.33 4.53 -2.73
C LEU A 98 -13.27 4.39 -3.82
N GLN A 99 -12.74 3.21 -3.96
CA GLN A 99 -11.68 2.96 -4.98
C GLN A 99 -12.09 3.54 -6.34
N GLU A 100 -13.37 3.60 -6.62
CA GLU A 100 -13.82 4.16 -7.92
C GLU A 100 -13.27 5.58 -8.09
N MET A 101 -13.37 6.38 -7.06
CA MET A 101 -12.82 7.77 -7.14
C MET A 101 -11.30 7.67 -7.19
N ALA A 102 -10.75 6.73 -6.49
CA ALA A 102 -9.26 6.56 -6.49
C ALA A 102 -8.77 6.31 -7.91
N GLY A 103 -9.46 5.49 -8.65
CA GLY A 103 -9.02 5.20 -10.05
C GLY A 103 -9.04 6.50 -10.83
N GLN A 104 -9.96 7.36 -10.50
CA GLN A 104 -10.07 8.66 -11.22
C GLN A 104 -8.96 9.61 -10.73
N LEU A 105 -8.67 9.60 -9.45
CA LEU A 105 -7.61 10.51 -8.93
C LEU A 105 -6.26 10.09 -9.52
N GLN A 106 -5.91 8.84 -9.44
CA GLN A 106 -4.61 8.39 -10.03
C GLN A 106 -4.56 8.77 -11.51
N ALA A 107 -5.69 8.76 -12.16
CA ALA A 107 -5.76 9.10 -13.61
C ALA A 107 -5.57 10.61 -13.79
N ALA A 108 -6.15 11.40 -12.95
CA ALA A 108 -6.03 12.88 -13.09
C ALA A 108 -4.56 13.29 -13.08
N THR A 109 -3.74 12.64 -12.28
CA THR A 109 -2.28 13.01 -12.24
C THR A 109 -1.54 12.33 -13.38
N HIS A 110 -2.21 11.46 -14.10
CA HIS A 110 -1.55 10.75 -15.24
C HIS A 110 -2.61 10.26 -16.21
N GLN A 111 -3.07 11.12 -17.08
CA GLN A 111 -4.13 10.71 -18.06
C GLN A 111 -3.61 9.54 -18.90
N GLY A 112 -2.37 9.16 -18.73
CA GLY A 112 -1.80 8.03 -19.52
C GLY A 112 -1.40 8.53 -20.91
N SER A 113 -2.25 8.33 -21.89
CA SER A 113 -1.94 8.79 -23.26
C SER A 113 -1.93 10.32 -23.30
N GLY A 114 -0.85 10.93 -22.88
CA GLY A 114 -0.78 12.42 -22.89
C GLY A 114 -0.58 12.91 -24.32
N ALA A 115 0.65 13.17 -24.70
CA ALA A 115 0.91 13.65 -26.08
C ALA A 115 0.53 12.57 -27.09
N ALA A 116 -0.28 12.92 -28.05
CA ALA A 116 -0.70 11.91 -29.08
C ALA A 116 0.56 11.50 -29.88
N PRO A 117 0.48 10.39 -30.62
CA PRO A 117 1.62 9.94 -31.43
C PRO A 117 1.94 10.98 -32.51
N ALA A 118 2.50 12.10 -32.12
CA ALA A 118 2.83 13.16 -33.11
C ALA A 118 3.70 14.22 -32.46
N GLY A 119 4.68 14.70 -33.17
CA GLY A 119 5.60 15.75 -32.62
C GLY A 119 6.68 15.08 -31.77
N ILE A 120 6.59 13.78 -31.59
CA ILE A 120 7.61 13.04 -30.77
C ILE A 120 8.14 11.86 -31.60
N GLN A 121 9.22 12.06 -32.32
CA GLN A 121 9.79 10.96 -33.15
C GLN A 121 11.26 11.23 -33.42
N ALA A 122 11.66 12.46 -33.32
CA ALA A 122 13.10 12.81 -33.56
C ALA A 122 13.92 12.43 -32.30
N PRO A 123 15.18 12.06 -32.45
CA PRO A 123 16.00 11.70 -31.28
C PRO A 123 16.09 12.91 -30.32
N PRO A 124 16.54 12.70 -29.10
CA PRO A 124 16.66 13.80 -28.12
C PRO A 124 17.64 14.85 -28.68
N GLN A 125 17.43 16.10 -28.38
CA GLN A 125 18.35 17.16 -28.89
C GLN A 125 19.72 16.98 -28.26
N SER A 126 19.79 16.33 -27.15
CA SER A 126 21.11 16.11 -26.46
C SER A 126 21.86 15.00 -27.18
N ALA A 127 22.85 15.35 -27.96
CA ALA A 127 23.63 14.31 -28.69
C ALA A 127 24.28 13.37 -27.67
N ALA A 128 25.57 13.53 -27.44
CA ALA A 128 26.26 12.65 -26.45
C ALA A 128 25.79 13.01 -25.04
N LYS A 129 25.04 12.13 -24.42
CA LYS A 129 24.55 12.42 -23.03
C LYS A 129 25.77 12.40 -22.06
N PRO A 130 25.68 13.11 -20.93
CA PRO A 130 26.79 13.12 -19.97
C PRO A 130 27.07 11.68 -19.49
N GLY A 131 28.33 11.30 -19.41
CA GLY A 131 28.66 9.91 -18.95
C GLY A 131 30.12 9.85 -18.52
N LEU A 132 30.68 10.97 -18.16
CA LEU A 132 32.11 11.02 -17.72
C LEU A 132 32.15 10.86 -16.19
N HIS A 133 32.72 9.79 -15.72
CA HIS A 133 32.80 9.57 -14.24
C HIS A 133 33.75 10.59 -13.63
N PHE A 134 33.42 11.12 -12.48
CA PHE A 134 34.31 12.13 -11.83
C PHE A 134 33.84 12.38 -10.40
N ILE A 135 32.60 12.74 -10.22
CA ILE A 135 32.08 13.00 -8.84
C ILE A 135 31.98 11.67 -8.08
N ASP A 136 31.55 10.62 -8.74
CA ASP A 136 31.45 9.30 -8.07
C ASP A 136 32.82 8.65 -8.02
N GLN A 137 33.70 9.08 -8.88
CA GLN A 137 35.08 8.50 -8.91
C GLN A 137 35.85 8.93 -7.67
N HIS A 138 35.45 10.01 -7.03
CA HIS A 138 36.16 10.49 -5.81
C HIS A 138 35.53 9.87 -4.58
N ARG A 139 34.33 9.35 -4.71
CA ARG A 139 33.66 8.70 -3.55
C ARG A 139 34.29 7.33 -3.32
N ALA A 140 34.28 6.50 -4.33
CA ALA A 140 34.86 5.14 -4.20
C ALA A 140 36.38 5.23 -4.01
N ALA A 141 37.03 6.20 -4.61
CA ALA A 141 38.50 6.31 -4.46
C ALA A 141 38.87 6.55 -3.00
N LEU A 142 38.27 7.54 -2.40
CA LEU A 142 38.61 7.85 -0.98
C LEU A 142 38.00 6.80 -0.04
N ILE A 143 36.84 6.27 -0.35
CA ILE A 143 36.22 5.25 0.55
C ILE A 143 37.09 3.99 0.53
N ALA A 144 37.64 3.65 -0.60
CA ALA A 144 38.48 2.42 -0.69
C ALA A 144 39.85 2.67 -0.04
N ARG A 145 40.26 3.92 0.09
CA ARG A 145 41.60 4.21 0.70
C ARG A 145 41.47 4.57 2.19
N VAL A 146 40.53 5.37 2.57
CA VAL A 146 40.38 5.74 4.00
C VAL A 146 40.02 4.49 4.82
N THR A 147 39.28 3.58 4.24
CA THR A 147 38.88 2.33 4.98
C THR A 147 38.06 2.71 6.22
N ASN A 148 38.68 3.25 7.23
CA ASN A 148 37.91 3.63 8.47
C ASN A 148 36.97 4.79 8.16
N VAL A 149 35.93 4.54 7.40
CA VAL A 149 34.96 5.61 7.05
C VAL A 149 34.23 6.09 8.32
N GLU A 150 33.95 5.20 9.23
CA GLU A 150 33.21 5.61 10.47
C GLU A 150 33.92 6.78 11.15
N TRP A 151 35.21 6.90 11.00
CA TRP A 151 35.93 8.03 11.64
C TRP A 151 35.42 9.36 11.05
N LEU A 152 35.18 9.39 9.76
CA LEU A 152 34.68 10.65 9.12
C LEU A 152 33.22 10.91 9.53
N LEU A 153 32.43 9.88 9.64
CA LEU A 153 31.00 10.10 10.03
C LEU A 153 30.95 10.71 11.44
N ASP A 154 31.63 10.11 12.38
CA ASP A 154 31.62 10.66 13.78
C ASP A 154 32.22 12.07 13.78
N ALA A 155 33.09 12.35 12.86
CA ALA A 155 33.72 13.70 12.81
C ALA A 155 32.65 14.77 12.53
N LEU A 156 31.55 14.39 11.92
CA LEU A 156 30.46 15.37 11.58
C LEU A 156 29.26 15.16 12.51
N TYR A 157 29.43 14.39 13.56
CA TYR A 157 28.27 14.15 14.48
C TYR A 157 28.02 15.41 15.32
N GLY A 158 26.82 15.95 15.24
CA GLY A 158 26.49 17.17 16.04
C GLY A 158 27.11 18.42 15.42
N LYS A 159 27.81 18.27 14.32
CA LYS A 159 28.48 19.45 13.68
C LYS A 159 27.55 20.08 12.61
N VAL A 160 27.74 19.76 11.36
CA VAL A 160 26.89 20.36 10.29
C VAL A 160 25.54 19.65 10.21
N LEU A 161 25.56 18.34 10.21
CA LEU A 161 24.28 17.58 10.12
C LEU A 161 23.61 17.55 11.49
N THR A 162 22.31 17.57 11.50
CA THR A 162 21.57 17.53 12.80
C THR A 162 21.51 16.08 13.29
N ASP A 163 20.99 15.86 14.46
CA ASP A 163 20.94 14.46 14.99
C ASP A 163 20.06 13.58 14.10
N GLU A 164 18.89 14.04 13.74
CA GLU A 164 18.00 13.19 12.89
C GLU A 164 18.64 12.90 11.53
N GLN A 165 19.38 13.84 11.00
CA GLN A 165 20.03 13.62 9.66
C GLN A 165 21.19 12.63 9.82
N TYR A 166 22.07 12.88 10.74
CA TYR A 166 23.22 11.96 10.94
C TYR A 166 22.69 10.54 11.19
N GLN A 167 21.56 10.43 11.85
CA GLN A 167 20.98 9.07 12.11
C GLN A 167 20.61 8.41 10.78
N ALA A 168 20.08 9.16 9.86
CA ALA A 168 19.70 8.56 8.54
C ALA A 168 20.94 7.91 7.91
N VAL A 169 22.06 8.57 8.00
CA VAL A 169 23.31 8.02 7.41
C VAL A 169 23.86 6.90 8.32
N ARG A 170 23.65 7.03 9.60
CA ARG A 170 24.15 6.00 10.57
C ARG A 170 23.40 4.68 10.36
N ALA A 171 22.33 4.68 9.61
CA ALA A 171 21.56 3.40 9.39
C ALA A 171 22.34 2.48 8.46
N GLU A 172 23.33 3.02 7.77
CA GLU A 172 24.19 2.21 6.83
C GLU A 172 23.43 1.03 6.17
N PRO A 173 22.67 1.30 5.12
CA PRO A 173 21.94 0.21 4.43
C PRO A 173 22.99 -0.58 3.65
N THR A 174 24.21 -0.11 3.74
CA THR A 174 25.34 -0.76 3.05
C THR A 174 26.63 -0.20 3.68
N ASN A 175 27.77 -0.75 3.36
CA ASN A 175 29.03 -0.21 3.98
C ASN A 175 29.38 1.17 3.35
N PRO A 176 29.51 1.27 2.03
CA PRO A 176 29.85 2.57 1.41
C PRO A 176 28.63 3.51 1.41
N SER A 177 27.44 2.97 1.48
CA SER A 177 26.22 3.85 1.43
C SER A 177 26.27 4.94 2.50
N LYS A 178 26.76 4.63 3.67
CA LYS A 178 26.81 5.67 4.74
C LYS A 178 27.63 6.87 4.24
N MET A 179 28.69 6.61 3.53
CA MET A 179 29.54 7.73 2.99
C MET A 179 28.89 8.29 1.71
N ARG A 180 28.67 7.44 0.72
CA ARG A 180 28.07 7.93 -0.55
C ARG A 180 26.82 8.79 -0.26
N LYS A 181 25.92 8.30 0.56
CA LYS A 181 24.70 9.10 0.86
C LYS A 181 25.11 10.39 1.59
N LEU A 182 26.14 10.35 2.40
CA LEU A 182 26.58 11.58 3.12
C LEU A 182 26.88 12.68 2.08
N PHE A 183 27.69 12.37 1.10
CA PHE A 183 28.02 13.40 0.07
C PHE A 183 26.72 13.93 -0.56
N SER A 184 25.69 13.14 -0.56
CA SER A 184 24.40 13.61 -1.15
C SER A 184 23.93 14.87 -0.41
N PHE A 185 24.42 15.09 0.80
CA PHE A 185 24.01 16.31 1.57
C PHE A 185 24.98 17.46 1.21
N THR A 186 25.37 17.52 -0.04
CA THR A 186 26.30 18.60 -0.49
C THR A 186 25.67 19.99 -0.23
N PRO A 187 24.43 20.21 -0.61
CA PRO A 187 23.79 21.53 -0.41
C PRO A 187 23.86 21.89 1.09
N ALA A 188 24.05 20.93 1.94
CA ALA A 188 24.14 21.22 3.41
C ALA A 188 25.60 21.51 3.77
N TRP A 189 26.52 21.22 2.88
CA TRP A 189 27.96 21.48 3.17
C TRP A 189 28.29 22.93 2.82
N ASN A 190 28.74 23.71 3.76
CA ASN A 190 29.12 25.14 3.49
C ASN A 190 30.63 25.20 3.25
N TRP A 191 31.17 26.37 3.06
CA TRP A 191 32.64 26.49 2.84
C TRP A 191 33.40 25.83 3.99
N THR A 192 32.94 26.02 5.20
CA THR A 192 33.62 25.40 6.37
C THR A 192 33.39 23.89 6.36
N CYS A 193 32.23 23.44 5.96
CA CYS A 193 31.96 21.98 5.94
C CYS A 193 33.01 21.28 5.08
N LYS A 194 33.14 21.67 3.85
CA LYS A 194 34.15 21.03 2.95
C LYS A 194 35.51 21.01 3.65
N ASP A 195 35.90 22.11 4.24
CA ASP A 195 37.21 22.17 4.94
C ASP A 195 37.22 21.18 6.11
N LEU A 196 36.09 20.91 6.69
CA LEU A 196 36.04 19.97 7.85
C LEU A 196 36.54 18.58 7.42
N LEU A 197 36.06 18.06 6.32
CA LEU A 197 36.52 16.71 5.87
C LEU A 197 37.94 16.82 5.32
N LEU A 198 38.19 17.77 4.46
CA LEU A 198 39.57 17.93 3.89
C LEU A 198 40.58 18.05 5.03
N GLN A 199 40.27 18.84 6.03
CA GLN A 199 41.21 18.99 7.18
C GLN A 199 41.30 17.67 7.93
N ALA A 200 40.18 17.03 8.19
CA ALA A 200 40.22 15.74 8.94
C ALA A 200 41.10 14.74 8.19
N LEU A 201 41.12 14.80 6.88
CA LEU A 201 41.95 13.84 6.10
C LEU A 201 43.44 14.12 6.40
N ARG A 202 43.81 15.36 6.61
CA ARG A 202 45.25 15.67 6.90
C ARG A 202 45.63 15.12 8.28
N GLU A 203 44.72 15.14 9.22
CA GLU A 203 45.03 14.62 10.58
C GLU A 203 45.32 13.13 10.52
N SER A 204 44.67 12.40 9.65
CA SER A 204 44.89 10.93 9.55
C SER A 204 45.93 10.60 8.47
N GLN A 205 46.04 11.40 7.44
CA GLN A 205 47.05 11.09 6.38
C GLN A 205 47.12 12.25 5.37
N SER A 206 48.20 13.00 5.39
CA SER A 206 48.36 14.14 4.44
C SER A 206 48.50 13.64 3.00
N TYR A 207 48.91 12.41 2.82
CA TYR A 207 49.08 11.88 1.44
C TYR A 207 47.75 11.93 0.69
N LEU A 208 46.66 11.71 1.38
CA LEU A 208 45.33 11.74 0.70
C LEU A 208 44.94 13.19 0.41
N VAL A 209 45.34 14.12 1.23
CA VAL A 209 44.99 15.54 0.96
C VAL A 209 45.61 15.97 -0.37
N GLU A 210 46.85 15.62 -0.58
CA GLU A 210 47.55 15.99 -1.85
C GLU A 210 47.07 15.11 -3.00
N ASP A 211 46.95 13.83 -2.76
CA ASP A 211 46.51 12.91 -3.85
C ASP A 211 45.06 13.23 -4.27
N LEU A 212 44.23 13.59 -3.33
CA LEU A 212 42.81 13.90 -3.67
C LEU A 212 42.71 15.32 -4.24
N GLU A 213 43.46 16.24 -3.71
CA GLU A 213 43.42 17.63 -4.24
C GLU A 213 43.92 17.64 -5.68
N ARG A 214 45.04 17.00 -5.93
CA ARG A 214 45.59 16.97 -7.32
C ARG A 214 44.73 16.04 -8.19
N SER A 215 43.49 16.34 -8.34
CA SER A 215 42.59 15.47 -9.16
C SER A 215 41.24 16.16 -9.36
N MET A 21 -5.56 25.19 -11.96
CA MET A 21 -4.20 24.90 -12.49
C MET A 21 -3.63 23.66 -11.79
N GLY A 22 -3.04 22.76 -12.54
CA GLY A 22 -2.46 21.53 -11.92
C GLY A 22 -3.51 20.43 -11.92
N ARG A 23 -3.48 19.59 -12.91
CA ARG A 23 -4.48 18.48 -12.99
C ARG A 23 -4.46 17.69 -11.68
N ALA A 24 -3.31 17.53 -11.08
CA ALA A 24 -3.24 16.80 -9.79
C ALA A 24 -3.86 17.69 -8.70
N ARG A 25 -3.54 18.96 -8.72
CA ARG A 25 -4.13 19.90 -7.73
C ARG A 25 -5.65 19.86 -7.86
N ASP A 26 -6.12 19.83 -9.09
CA ASP A 26 -7.59 19.78 -9.33
C ASP A 26 -8.10 18.39 -8.93
N ALA A 27 -7.29 17.38 -9.13
CA ALA A 27 -7.72 15.99 -8.77
C ALA A 27 -8.03 15.92 -7.27
N ILE A 28 -7.12 16.35 -6.45
CA ILE A 28 -7.36 16.30 -4.97
C ILE A 28 -8.61 17.14 -4.65
N LEU A 29 -8.63 18.38 -5.07
CA LEU A 29 -9.80 19.26 -4.77
C LEU A 29 -11.11 18.54 -5.15
N ASP A 30 -11.17 17.96 -6.32
CA ASP A 30 -12.41 17.27 -6.75
C ASP A 30 -12.73 16.09 -5.83
N ALA A 31 -11.79 15.22 -5.58
CA ALA A 31 -12.07 14.03 -4.72
C ALA A 31 -12.55 14.46 -3.33
N LEU A 32 -11.86 15.36 -2.68
CA LEU A 32 -12.30 15.77 -1.31
C LEU A 32 -13.64 16.48 -1.37
N GLU A 33 -13.80 17.43 -2.26
CA GLU A 33 -15.09 18.17 -2.35
C GLU A 33 -16.23 17.17 -2.61
N ASN A 34 -15.92 15.98 -3.04
CA ASN A 34 -16.99 14.97 -3.31
C ASN A 34 -17.37 14.24 -2.01
N LEU A 35 -16.45 14.17 -1.07
CA LEU A 35 -16.76 13.48 0.22
C LEU A 35 -17.74 14.34 1.03
N THR A 36 -18.57 13.72 1.84
CA THR A 36 -19.53 14.51 2.66
C THR A 36 -18.77 15.19 3.80
N ALA A 37 -19.36 16.18 4.42
CA ALA A 37 -18.66 16.89 5.53
C ALA A 37 -18.17 15.88 6.58
N GLU A 38 -19.04 14.99 7.00
CA GLU A 38 -18.62 13.99 8.02
C GLU A 38 -17.67 12.97 7.38
N GLU A 39 -17.94 12.57 6.18
CA GLU A 39 -17.04 11.60 5.50
C GLU A 39 -15.65 12.23 5.36
N LEU A 40 -15.60 13.53 5.24
CA LEU A 40 -14.27 14.21 5.10
C LEU A 40 -13.50 14.03 6.42
N LYS A 41 -14.16 14.15 7.53
CA LYS A 41 -13.47 13.97 8.84
C LYS A 41 -12.82 12.59 8.89
N LYS A 42 -13.50 11.58 8.41
CA LYS A 42 -12.93 10.21 8.43
C LYS A 42 -11.61 10.18 7.66
N PHE A 43 -11.53 10.88 6.57
CA PHE A 43 -10.25 10.89 5.78
C PHE A 43 -9.11 11.45 6.65
N LYS A 44 -9.41 12.41 7.49
CA LYS A 44 -8.34 12.99 8.36
C LYS A 44 -7.79 11.93 9.31
N LEU A 45 -8.66 11.25 10.01
CA LEU A 45 -8.19 10.20 10.96
C LEU A 45 -7.50 9.08 10.19
N LYS A 46 -8.02 8.73 9.04
CA LYS A 46 -7.36 7.66 8.24
C LYS A 46 -5.93 8.08 7.94
N LEU A 47 -5.70 9.35 7.78
CA LEU A 47 -4.32 9.83 7.51
C LEU A 47 -3.44 9.45 8.71
N LEU A 48 -3.96 9.58 9.90
CA LEU A 48 -3.17 9.22 11.11
C LEU A 48 -3.09 7.69 11.23
N SER A 49 -3.99 6.99 10.58
CA SER A 49 -3.98 5.49 10.66
C SER A 49 -3.01 4.94 9.62
N VAL A 50 -2.87 5.60 8.51
CA VAL A 50 -1.94 5.12 7.45
C VAL A 50 -0.49 5.46 7.89
N PRO A 51 0.39 4.46 8.07
CA PRO A 51 1.77 4.78 8.51
C PRO A 51 2.46 5.67 7.47
N LEU A 52 3.15 6.69 7.94
CA LEU A 52 3.88 7.64 7.02
C LEU A 52 5.38 7.38 7.15
N ARG A 53 6.15 7.85 6.20
CA ARG A 53 7.62 7.63 6.27
C ARG A 53 8.19 8.46 7.42
N GLU A 54 9.46 8.32 7.72
CA GLU A 54 10.07 9.09 8.85
C GLU A 54 10.22 10.57 8.46
N GLY A 55 10.61 10.85 7.24
CA GLY A 55 10.79 12.27 6.81
C GLY A 55 9.42 12.89 6.50
N TYR A 56 8.39 12.07 6.44
CA TYR A 56 7.02 12.57 6.13
C TYR A 56 6.27 12.75 7.46
N GLY A 57 6.43 13.89 8.09
CA GLY A 57 5.76 14.14 9.40
C GLY A 57 4.27 13.83 9.31
N ARG A 58 3.62 13.76 10.45
CA ARG A 58 2.15 13.44 10.51
C ARG A 58 1.36 14.71 10.86
N ILE A 59 0.42 15.09 10.04
CA ILE A 59 -0.39 16.32 10.33
C ILE A 59 -1.52 15.94 11.33
N PRO A 60 -1.55 16.51 12.53
CA PRO A 60 -2.62 16.15 13.50
C PRO A 60 -4.01 16.53 12.96
N ARG A 61 -5.00 15.77 13.30
CA ARG A 61 -6.40 16.06 12.85
C ARG A 61 -6.77 17.50 13.17
N GLY A 62 -6.50 17.95 14.36
CA GLY A 62 -6.86 19.33 14.77
C GLY A 62 -6.32 20.35 13.76
N ALA A 63 -5.14 20.16 13.27
CA ALA A 63 -4.58 21.12 12.28
C ALA A 63 -5.45 21.09 11.03
N LEU A 64 -5.98 19.94 10.70
CA LEU A 64 -6.85 19.83 9.49
C LEU A 64 -8.24 20.39 9.80
N LEU A 65 -8.70 20.32 11.04
CA LEU A 65 -10.05 20.85 11.35
C LEU A 65 -10.05 22.36 11.05
N SER A 66 -9.00 23.05 11.38
CA SER A 66 -8.94 24.51 11.09
C SER A 66 -8.92 24.72 9.58
N MET A 67 -8.12 23.95 8.88
CA MET A 67 -8.05 24.08 7.40
C MET A 67 -9.27 23.41 6.78
N ASP A 68 -9.68 23.88 5.63
CA ASP A 68 -10.88 23.30 4.93
C ASP A 68 -10.42 22.57 3.67
N ALA A 69 -11.35 22.17 2.84
CA ALA A 69 -10.99 21.43 1.60
C ALA A 69 -9.95 22.21 0.78
N LEU A 70 -10.14 23.50 0.63
CA LEU A 70 -9.17 24.31 -0.17
C LEU A 70 -7.85 24.48 0.60
N ASP A 71 -7.91 24.99 1.80
CA ASP A 71 -6.65 25.19 2.58
C ASP A 71 -5.94 23.85 2.75
N LEU A 72 -6.66 22.81 3.08
CA LEU A 72 -6.00 21.48 3.26
C LEU A 72 -5.55 20.96 1.88
N THR A 73 -6.26 21.28 0.82
CA THR A 73 -5.83 20.82 -0.53
C THR A 73 -4.43 21.37 -0.80
N ASP A 74 -4.25 22.65 -0.60
CA ASP A 74 -2.92 23.26 -0.84
C ASP A 74 -1.91 22.61 0.11
N LYS A 75 -2.35 22.19 1.27
CA LYS A 75 -1.41 21.56 2.25
C LYS A 75 -0.97 20.19 1.73
N LEU A 76 -1.88 19.33 1.34
CA LEU A 76 -1.45 17.99 0.83
C LEU A 76 -0.39 18.21 -0.25
N VAL A 77 -0.55 19.27 -1.00
CA VAL A 77 0.42 19.61 -2.07
C VAL A 77 1.71 20.17 -1.45
N SER A 78 1.61 20.99 -0.43
CA SER A 78 2.84 21.59 0.17
C SER A 78 3.61 20.58 1.02
N PHE A 79 2.95 19.92 1.93
CA PHE A 79 3.65 18.96 2.84
C PHE A 79 3.91 17.61 2.15
N TYR A 80 2.91 17.02 1.53
CA TYR A 80 3.09 15.67 0.86
C TYR A 80 3.38 15.84 -0.63
N LEU A 81 3.75 17.01 -1.06
CA LEU A 81 4.05 17.24 -2.52
C LEU A 81 2.77 17.06 -3.34
N GLU A 82 2.79 17.52 -4.56
CA GLU A 82 1.56 17.43 -5.42
C GLU A 82 1.28 15.97 -5.83
N THR A 83 2.21 15.32 -6.48
CA THR A 83 1.96 13.92 -6.95
C THR A 83 1.91 12.93 -5.78
N TYR A 84 2.91 12.89 -4.95
CA TYR A 84 2.89 11.91 -3.82
C TYR A 84 1.66 12.20 -2.93
N GLY A 85 1.19 13.42 -2.95
CA GLY A 85 0.01 13.77 -2.12
C GLY A 85 -1.24 13.08 -2.68
N ALA A 86 -1.41 13.12 -3.98
CA ALA A 86 -2.60 12.47 -4.60
C ALA A 86 -2.44 10.95 -4.57
N GLU A 87 -1.25 10.47 -4.83
CA GLU A 87 -1.05 8.99 -4.81
C GLU A 87 -1.43 8.45 -3.43
N LEU A 88 -0.90 9.05 -2.39
CA LEU A 88 -1.23 8.59 -1.01
C LEU A 88 -2.75 8.64 -0.82
N THR A 89 -3.38 9.64 -1.37
CA THR A 89 -4.87 9.80 -1.22
C THR A 89 -5.61 8.70 -1.98
N ALA A 90 -5.23 8.43 -3.21
CA ALA A 90 -5.94 7.36 -3.98
C ALA A 90 -6.01 6.08 -3.15
N ASN A 91 -5.03 5.87 -2.32
CA ASN A 91 -5.01 4.65 -1.47
C ASN A 91 -6.03 4.79 -0.32
N VAL A 92 -6.17 5.98 0.22
CA VAL A 92 -7.14 6.15 1.34
C VAL A 92 -8.57 5.95 0.83
N LEU A 93 -8.94 6.66 -0.21
CA LEU A 93 -10.32 6.49 -0.76
C LEU A 93 -10.54 5.01 -1.09
N ARG A 94 -9.52 4.33 -1.53
CA ARG A 94 -9.67 2.89 -1.85
C ARG A 94 -10.12 2.17 -0.57
N ASP A 95 -9.63 2.60 0.56
CA ASP A 95 -10.04 1.98 1.85
C ASP A 95 -11.45 2.43 2.20
N MET A 96 -11.84 3.60 1.76
CA MET A 96 -13.21 4.10 2.07
C MET A 96 -14.21 3.38 1.16
N GLY A 97 -13.72 2.59 0.23
CA GLY A 97 -14.62 1.84 -0.69
C GLY A 97 -14.98 2.73 -1.88
N LEU A 98 -14.38 3.89 -1.97
CA LEU A 98 -14.65 4.82 -3.12
C LEU A 98 -13.63 4.53 -4.22
N GLN A 99 -13.76 3.40 -4.82
CA GLN A 99 -12.83 2.99 -5.91
C GLN A 99 -13.04 3.88 -7.15
N GLU A 100 -14.26 4.18 -7.48
CA GLU A 100 -14.52 5.00 -8.69
C GLU A 100 -13.77 6.35 -8.58
N MET A 101 -13.79 6.97 -7.44
CA MET A 101 -13.07 8.27 -7.28
C MET A 101 -11.56 8.00 -7.18
N ALA A 102 -11.18 6.89 -6.60
CA ALA A 102 -9.73 6.58 -6.48
C ALA A 102 -9.14 6.29 -7.85
N GLY A 103 -9.77 5.45 -8.63
CA GLY A 103 -9.23 5.13 -9.98
C GLY A 103 -9.20 6.42 -10.79
N GLN A 104 -10.08 7.32 -10.50
CA GLN A 104 -10.13 8.61 -11.24
C GLN A 104 -9.01 9.52 -10.75
N LEU A 105 -8.75 9.53 -9.47
CA LEU A 105 -7.67 10.42 -8.95
C LEU A 105 -6.31 9.97 -9.52
N GLN A 106 -6.00 8.70 -9.42
CA GLN A 106 -4.70 8.21 -9.97
C GLN A 106 -4.63 8.55 -11.46
N ALA A 107 -5.71 8.38 -12.15
CA ALA A 107 -5.73 8.68 -13.61
C ALA A 107 -5.51 10.17 -13.82
N ALA A 108 -6.13 10.99 -13.01
CA ALA A 108 -5.96 12.47 -13.16
C ALA A 108 -4.48 12.83 -13.02
N THR A 109 -3.80 12.26 -12.07
CA THR A 109 -2.36 12.58 -11.88
C THR A 109 -1.50 11.73 -12.81
N HIS A 110 -2.11 10.83 -13.53
CA HIS A 110 -1.35 9.96 -14.48
C HIS A 110 -2.31 9.41 -15.53
N GLN A 111 -2.55 10.17 -16.56
CA GLN A 111 -3.48 9.71 -17.64
C GLN A 111 -3.00 8.36 -18.20
N GLY A 112 -1.84 7.92 -17.79
CA GLY A 112 -1.31 6.61 -18.28
C GLY A 112 -0.49 6.84 -19.56
N SER A 113 -0.41 5.84 -20.40
CA SER A 113 0.37 5.99 -21.66
C SER A 113 -0.34 6.99 -22.58
N GLY A 114 0.22 7.26 -23.72
CA GLY A 114 -0.42 8.22 -24.66
C GLY A 114 -1.83 7.74 -25.01
N ALA A 115 -2.19 6.57 -24.55
CA ALA A 115 -3.55 6.05 -24.86
C ALA A 115 -4.61 7.01 -24.31
N ALA A 116 -5.45 7.51 -25.17
CA ALA A 116 -6.51 8.46 -24.71
C ALA A 116 -7.38 7.75 -23.64
N PRO A 117 -8.15 8.50 -22.88
CA PRO A 117 -9.03 7.90 -21.85
C PRO A 117 -9.99 6.89 -22.50
N ALA A 118 -11.05 6.55 -21.83
CA ALA A 118 -12.04 5.58 -22.39
C ALA A 118 -11.37 4.23 -22.68
N GLY A 119 -12.06 3.16 -22.39
CA GLY A 119 -11.49 1.80 -22.62
C GLY A 119 -10.53 1.44 -21.49
N ILE A 120 -10.02 2.42 -20.80
CA ILE A 120 -9.09 2.12 -19.67
C ILE A 120 -9.86 1.45 -18.54
N GLN A 121 -11.08 1.87 -18.30
CA GLN A 121 -11.88 1.26 -17.21
C GLN A 121 -12.07 -0.23 -17.47
N ALA A 122 -11.58 -0.72 -18.58
CA ALA A 122 -11.74 -2.16 -18.89
C ALA A 122 -10.94 -2.99 -17.85
N PRO A 123 -11.37 -4.19 -17.51
CA PRO A 123 -10.64 -5.01 -16.53
C PRO A 123 -9.21 -5.29 -17.09
N PRO A 124 -8.13 -4.97 -16.35
CA PRO A 124 -6.78 -5.25 -16.88
C PRO A 124 -6.60 -6.75 -17.09
N GLN A 125 -5.85 -7.14 -18.08
CA GLN A 125 -5.64 -8.60 -18.34
C GLN A 125 -4.64 -9.17 -17.34
N SER A 126 -3.94 -8.31 -16.66
CA SER A 126 -2.94 -8.77 -15.64
C SER A 126 -3.66 -9.11 -14.33
N ALA A 127 -3.91 -10.37 -14.11
CA ALA A 127 -4.62 -10.78 -12.86
C ALA A 127 -4.31 -12.25 -12.56
N ALA A 128 -3.51 -12.89 -13.38
CA ALA A 128 -3.18 -14.31 -13.14
C ALA A 128 -2.52 -14.47 -11.78
N LYS A 129 -3.23 -15.04 -10.83
CA LYS A 129 -2.65 -15.23 -9.46
C LYS A 129 -1.81 -16.54 -9.44
N PRO A 130 -0.84 -16.66 -8.55
CA PRO A 130 -0.02 -17.88 -8.49
C PRO A 130 -0.93 -19.09 -8.20
N GLY A 131 -0.73 -20.18 -8.89
CA GLY A 131 -1.58 -21.40 -8.67
C GLY A 131 -1.10 -22.11 -7.40
N LEU A 132 -0.44 -21.41 -6.54
CA LEU A 132 0.06 -22.02 -5.27
C LEU A 132 -1.09 -22.07 -4.25
N HIS A 133 -1.46 -23.24 -3.82
CA HIS A 133 -2.56 -23.38 -2.82
C HIS A 133 -2.06 -23.04 -1.42
N PHE A 134 -2.76 -22.22 -0.70
CA PHE A 134 -2.32 -21.87 0.70
C PHE A 134 -3.46 -21.13 1.41
N ILE A 135 -4.15 -20.28 0.71
CA ILE A 135 -5.27 -19.52 1.34
C ILE A 135 -6.41 -20.49 1.68
N ASP A 136 -6.60 -21.49 0.86
CA ASP A 136 -7.70 -22.48 1.13
C ASP A 136 -7.22 -23.45 2.20
N GLN A 137 -5.94 -23.55 2.38
CA GLN A 137 -5.37 -24.47 3.38
C GLN A 137 -5.69 -23.97 4.80
N HIS A 138 -5.75 -22.68 5.00
CA HIS A 138 -6.05 -22.14 6.38
C HIS A 138 -7.56 -21.96 6.55
N ARG A 139 -8.30 -21.93 5.48
CA ARG A 139 -9.78 -21.79 5.61
C ARG A 139 -10.33 -23.17 6.02
N ALA A 140 -10.03 -24.18 5.26
CA ALA A 140 -10.50 -25.54 5.60
C ALA A 140 -9.97 -25.94 6.97
N ALA A 141 -8.78 -25.50 7.31
CA ALA A 141 -8.20 -25.86 8.63
C ALA A 141 -9.06 -25.32 9.76
N LEU A 142 -9.37 -24.05 9.73
CA LEU A 142 -10.19 -23.46 10.82
C LEU A 142 -11.66 -23.92 10.70
N ILE A 143 -12.15 -24.15 9.52
CA ILE A 143 -13.58 -24.59 9.38
C ILE A 143 -13.73 -25.97 10.03
N ALA A 144 -12.85 -26.89 9.71
CA ALA A 144 -12.96 -28.25 10.30
C ALA A 144 -12.72 -28.19 11.81
N ARG A 145 -12.05 -27.17 12.29
CA ARG A 145 -11.77 -27.06 13.76
C ARG A 145 -12.87 -26.25 14.45
N VAL A 146 -13.51 -25.35 13.75
CA VAL A 146 -14.59 -24.53 14.39
C VAL A 146 -15.79 -25.45 14.66
N THR A 147 -15.93 -26.51 13.91
CA THR A 147 -17.09 -27.45 14.09
C THR A 147 -18.41 -26.69 13.85
N ASN A 148 -18.79 -25.82 14.74
CA ASN A 148 -20.05 -25.06 14.54
C ASN A 148 -19.86 -24.08 13.38
N VAL A 149 -19.85 -24.57 12.18
CA VAL A 149 -19.65 -23.69 10.99
C VAL A 149 -20.73 -22.59 10.95
N GLU A 150 -21.94 -22.93 11.32
CA GLU A 150 -23.05 -21.94 11.28
C GLU A 150 -22.90 -20.88 12.38
N TRP A 151 -22.28 -21.23 13.48
CA TRP A 151 -22.16 -20.24 14.60
C TRP A 151 -21.46 -18.94 14.11
N LEU A 152 -20.35 -19.04 13.43
CA LEU A 152 -19.64 -17.82 12.96
C LEU A 152 -20.49 -17.10 11.89
N LEU A 153 -21.17 -17.84 11.07
CA LEU A 153 -22.01 -17.20 10.00
C LEU A 153 -23.17 -16.44 10.66
N ASP A 154 -23.91 -17.08 11.52
CA ASP A 154 -25.04 -16.39 12.19
C ASP A 154 -24.53 -15.17 12.95
N ALA A 155 -23.29 -15.21 13.37
CA ALA A 155 -22.73 -14.06 14.14
C ALA A 155 -22.81 -12.77 13.32
N LEU A 156 -22.52 -12.83 12.03
CA LEU A 156 -22.57 -11.58 11.19
C LEU A 156 -23.99 -11.36 10.64
N TYR A 157 -24.95 -12.13 11.07
CA TYR A 157 -26.32 -11.94 10.53
C TYR A 157 -26.88 -10.59 11.00
N GLY A 158 -27.24 -9.74 10.07
CA GLY A 158 -27.82 -8.41 10.44
C GLY A 158 -26.72 -7.45 10.89
N LYS A 159 -25.57 -7.95 11.29
CA LYS A 159 -24.49 -7.03 11.77
C LYS A 159 -23.76 -6.37 10.58
N VAL A 160 -22.84 -7.06 9.96
CA VAL A 160 -22.07 -6.45 8.81
C VAL A 160 -22.74 -6.79 7.48
N LEU A 161 -23.09 -8.03 7.26
CA LEU A 161 -23.74 -8.42 5.97
C LEU A 161 -25.25 -8.23 6.07
N THR A 162 -25.88 -7.88 4.97
CA THR A 162 -27.36 -7.68 4.99
C THR A 162 -28.05 -9.03 4.80
N ASP A 163 -29.35 -9.06 4.88
CA ASP A 163 -30.07 -10.36 4.72
C ASP A 163 -29.86 -10.92 3.32
N GLU A 164 -29.99 -10.12 2.29
CA GLU A 164 -29.80 -10.63 0.91
C GLU A 164 -28.39 -11.21 0.75
N GLN A 165 -27.40 -10.56 1.32
CA GLN A 165 -26.00 -11.07 1.19
C GLN A 165 -25.84 -12.33 2.04
N TYR A 166 -26.24 -12.27 3.29
CA TYR A 166 -26.11 -13.45 4.18
C TYR A 166 -26.82 -14.65 3.54
N GLN A 167 -27.96 -14.43 2.94
CA GLN A 167 -28.70 -15.55 2.30
C GLN A 167 -27.92 -16.03 1.07
N ALA A 168 -27.28 -15.14 0.37
CA ALA A 168 -26.51 -15.55 -0.84
C ALA A 168 -25.38 -16.50 -0.44
N VAL A 169 -24.62 -16.15 0.56
CA VAL A 169 -23.50 -17.05 0.99
C VAL A 169 -24.06 -18.42 1.43
N ARG A 170 -25.24 -18.43 1.99
CA ARG A 170 -25.85 -19.71 2.44
C ARG A 170 -26.28 -20.54 1.22
N ALA A 171 -26.46 -19.91 0.09
CA ALA A 171 -26.90 -20.65 -1.13
C ALA A 171 -25.73 -21.45 -1.72
N GLU A 172 -24.58 -21.39 -1.12
CA GLU A 172 -23.41 -22.14 -1.66
C GLU A 172 -23.80 -23.65 -1.83
N PRO A 173 -22.99 -24.43 -2.53
CA PRO A 173 -23.31 -25.86 -2.78
C PRO A 173 -22.77 -26.78 -1.68
N THR A 174 -22.17 -26.25 -0.64
CA THR A 174 -21.61 -27.14 0.42
C THR A 174 -21.47 -26.37 1.75
N ASN A 175 -21.30 -27.08 2.85
CA ASN A 175 -21.19 -26.41 4.20
C ASN A 175 -19.86 -25.60 4.31
N PRO A 176 -18.74 -26.19 3.97
CA PRO A 176 -17.46 -25.45 4.08
C PRO A 176 -17.40 -24.36 2.98
N SER A 177 -18.23 -24.44 1.97
CA SER A 177 -18.17 -23.41 0.87
C SER A 177 -18.82 -22.12 1.34
N LYS A 178 -19.80 -22.21 2.18
CA LYS A 178 -20.51 -20.99 2.67
C LYS A 178 -19.51 -20.13 3.45
N MET A 179 -18.56 -20.74 4.12
CA MET A 179 -17.56 -19.95 4.91
C MET A 179 -16.50 -19.39 3.93
N ARG A 180 -15.99 -20.21 3.06
CA ARG A 180 -14.95 -19.70 2.11
C ARG A 180 -15.45 -18.43 1.41
N LYS A 181 -16.63 -18.47 0.85
CA LYS A 181 -17.16 -17.27 0.16
C LYS A 181 -17.25 -16.11 1.17
N LEU A 182 -17.63 -16.39 2.38
CA LEU A 182 -17.74 -15.31 3.40
C LEU A 182 -16.41 -14.54 3.50
N PHE A 183 -15.31 -15.23 3.65
CA PHE A 183 -14.01 -14.52 3.77
C PHE A 183 -13.80 -13.66 2.51
N SER A 184 -14.39 -14.05 1.41
CA SER A 184 -14.21 -13.24 0.17
C SER A 184 -14.82 -11.84 0.37
N PHE A 185 -15.76 -11.71 1.27
CA PHE A 185 -16.38 -10.36 1.52
C PHE A 185 -15.42 -9.55 2.40
N THR A 186 -14.14 -9.69 2.16
CA THR A 186 -13.13 -8.94 2.95
C THR A 186 -13.35 -7.42 2.81
N PRO A 187 -13.53 -6.90 1.60
CA PRO A 187 -13.75 -5.45 1.44
C PRO A 187 -14.95 -4.99 2.27
N ALA A 188 -15.80 -5.90 2.65
CA ALA A 188 -17.00 -5.54 3.49
C ALA A 188 -16.63 -5.66 4.97
N TRP A 189 -15.53 -6.31 5.28
CA TRP A 189 -15.14 -6.49 6.71
C TRP A 189 -14.48 -5.19 7.20
N ASN A 190 -15.04 -4.57 8.21
CA ASN A 190 -14.46 -3.31 8.77
C ASN A 190 -13.60 -3.66 9.99
N TRP A 191 -13.08 -2.66 10.66
CA TRP A 191 -12.25 -2.95 11.87
C TRP A 191 -13.06 -3.78 12.87
N THR A 192 -14.30 -3.45 13.04
CA THR A 192 -15.17 -4.21 13.98
C THR A 192 -15.42 -5.62 13.43
N CYS A 193 -15.53 -5.75 12.13
CA CYS A 193 -15.80 -7.09 11.54
C CYS A 193 -14.67 -8.06 11.88
N LYS A 194 -13.46 -7.71 11.55
CA LYS A 194 -12.30 -8.62 11.84
C LYS A 194 -12.24 -8.93 13.34
N ASP A 195 -12.25 -7.94 14.17
CA ASP A 195 -12.17 -8.19 15.65
C ASP A 195 -13.40 -8.97 16.12
N LEU A 196 -14.54 -8.72 15.54
CA LEU A 196 -15.77 -9.44 15.95
C LEU A 196 -15.64 -10.91 15.52
N LEU A 197 -15.06 -11.15 14.38
CA LEU A 197 -14.88 -12.55 13.91
C LEU A 197 -13.85 -13.22 14.82
N LEU A 198 -12.75 -12.55 15.06
CA LEU A 198 -11.71 -13.12 15.95
C LEU A 198 -12.30 -13.31 17.35
N GLN A 199 -13.24 -12.48 17.72
CA GLN A 199 -13.87 -12.60 19.06
C GLN A 199 -14.76 -13.85 19.10
N ALA A 200 -15.35 -14.21 17.99
CA ALA A 200 -16.22 -15.42 17.98
C ALA A 200 -15.38 -16.67 18.23
N LEU A 201 -14.16 -16.69 17.76
CA LEU A 201 -13.29 -17.89 17.96
C LEU A 201 -12.82 -18.00 19.42
N ARG A 202 -12.23 -16.96 19.96
CA ARG A 202 -11.74 -17.05 21.37
C ARG A 202 -12.88 -17.42 22.32
N GLU A 203 -14.02 -16.81 22.16
CA GLU A 203 -15.16 -17.13 23.06
C GLU A 203 -15.58 -18.59 22.88
N SER A 204 -15.59 -19.07 21.66
CA SER A 204 -16.00 -20.48 21.42
C SER A 204 -14.88 -21.43 21.83
N GLN A 205 -13.65 -20.98 21.79
CA GLN A 205 -12.51 -21.87 22.18
C GLN A 205 -11.20 -21.06 22.22
N SER A 206 -10.76 -20.71 23.38
CA SER A 206 -9.49 -19.91 23.51
C SER A 206 -8.31 -20.76 23.07
N TYR A 207 -8.45 -22.06 23.08
CA TYR A 207 -7.32 -22.95 22.67
C TYR A 207 -7.09 -22.86 21.17
N LEU A 208 -8.13 -22.60 20.42
CA LEU A 208 -8.00 -22.56 18.93
C LEU A 208 -7.57 -21.15 18.46
N VAL A 209 -8.09 -20.11 19.04
CA VAL A 209 -7.70 -18.74 18.59
C VAL A 209 -6.19 -18.55 18.83
N GLU A 210 -5.68 -19.10 19.90
CA GLU A 210 -4.22 -18.95 20.20
C GLU A 210 -3.42 -19.86 19.27
N ASP A 211 -3.87 -21.07 19.05
CA ASP A 211 -3.12 -22.01 18.17
C ASP A 211 -3.19 -21.53 16.72
N LEU A 212 -4.29 -20.94 16.32
CA LEU A 212 -4.44 -20.47 14.91
C LEU A 212 -3.68 -19.13 14.76
N GLU A 213 -3.91 -18.19 15.64
CA GLU A 213 -3.20 -16.89 15.55
C GLU A 213 -1.70 -17.11 15.63
N ARG A 214 -1.25 -17.90 16.57
CA ARG A 214 0.21 -18.17 16.71
C ARG A 214 0.60 -19.35 15.81
N SER A 215 0.54 -19.16 14.53
CA SER A 215 0.90 -20.26 13.59
C SER A 215 2.38 -20.63 13.78
N MET A 21 -5.21 25.24 -11.58
CA MET A 21 -3.92 24.84 -12.21
C MET A 21 -3.38 23.59 -11.51
N GLY A 22 -2.80 22.69 -12.25
CA GLY A 22 -2.23 21.45 -11.64
C GLY A 22 -3.31 20.36 -11.65
N ARG A 23 -3.28 19.51 -12.65
CA ARG A 23 -4.29 18.42 -12.73
C ARG A 23 -4.29 17.63 -11.43
N ALA A 24 -3.15 17.48 -10.81
CA ALA A 24 -3.10 16.74 -9.52
C ALA A 24 -3.75 17.62 -8.44
N ARG A 25 -3.44 18.90 -8.46
CA ARG A 25 -4.06 19.82 -7.47
C ARG A 25 -5.58 19.80 -7.65
N ASP A 26 -6.01 19.80 -8.88
CA ASP A 26 -7.47 19.75 -9.18
C ASP A 26 -8.00 18.38 -8.79
N ALA A 27 -7.21 17.36 -8.97
CA ALA A 27 -7.66 15.97 -8.64
C ALA A 27 -8.02 15.90 -7.15
N ILE A 28 -7.14 16.32 -6.29
CA ILE A 28 -7.42 16.27 -4.83
C ILE A 28 -8.71 17.06 -4.54
N LEU A 29 -8.75 18.30 -4.97
CA LEU A 29 -9.96 19.14 -4.70
C LEU A 29 -11.23 18.39 -5.09
N ASP A 30 -11.25 17.76 -6.23
CA ASP A 30 -12.47 17.04 -6.68
C ASP A 30 -12.83 15.91 -5.69
N ALA A 31 -11.91 15.06 -5.36
CA ALA A 31 -12.24 13.95 -4.43
C ALA A 31 -12.70 14.46 -3.07
N LEU A 32 -11.95 15.31 -2.43
CA LEU A 32 -12.37 15.81 -1.09
C LEU A 32 -13.72 16.52 -1.19
N GLU A 33 -13.88 17.39 -2.14
CA GLU A 33 -15.17 18.12 -2.28
C GLU A 33 -16.30 17.13 -2.57
N ASN A 34 -15.97 15.91 -2.93
CA ASN A 34 -17.03 14.89 -3.25
C ASN A 34 -17.44 14.15 -1.97
N LEU A 35 -16.56 14.08 -0.99
CA LEU A 35 -16.92 13.36 0.28
C LEU A 35 -17.92 14.20 1.07
N THR A 36 -18.75 13.56 1.85
CA THR A 36 -19.75 14.32 2.66
C THR A 36 -19.02 15.01 3.82
N ALA A 37 -19.64 15.99 4.43
CA ALA A 37 -18.97 16.70 5.56
C ALA A 37 -18.45 15.70 6.59
N GLU A 38 -19.25 14.76 7.00
CA GLU A 38 -18.79 13.76 8.01
C GLU A 38 -17.80 12.80 7.35
N GLU A 39 -18.07 12.37 6.15
CA GLU A 39 -17.15 11.44 5.46
C GLU A 39 -15.78 12.12 5.32
N LEU A 40 -15.78 13.42 5.19
CA LEU A 40 -14.49 14.15 5.04
C LEU A 40 -13.71 14.01 6.36
N LYS A 41 -14.40 14.07 7.47
CA LYS A 41 -13.71 13.93 8.79
C LYS A 41 -12.97 12.59 8.84
N LYS A 42 -13.58 11.56 8.33
CA LYS A 42 -12.93 10.22 8.34
C LYS A 42 -11.60 10.29 7.59
N PHE A 43 -11.56 10.99 6.49
CA PHE A 43 -10.28 11.10 5.72
C PHE A 43 -9.19 11.72 6.61
N LYS A 44 -9.55 12.65 7.45
CA LYS A 44 -8.53 13.29 8.34
C LYS A 44 -7.93 12.23 9.29
N LEU A 45 -8.76 11.54 9.99
CA LEU A 45 -8.25 10.50 10.94
C LEU A 45 -7.51 9.41 10.16
N LYS A 46 -7.92 9.15 8.95
CA LYS A 46 -7.22 8.11 8.15
C LYS A 46 -5.74 8.50 8.01
N LEU A 47 -5.45 9.78 7.93
CA LEU A 47 -4.03 10.20 7.82
C LEU A 47 -3.34 9.88 9.15
N LEU A 48 -4.03 10.06 10.25
CA LEU A 48 -3.43 9.76 11.58
C LEU A 48 -3.33 8.24 11.77
N SER A 49 -4.07 7.46 11.01
CA SER A 49 -4.04 5.96 11.17
C SER A 49 -3.23 5.29 10.06
N VAL A 50 -3.20 5.85 8.88
CA VAL A 50 -2.43 5.21 7.77
C VAL A 50 -0.91 5.24 8.11
N PRO A 51 -0.19 4.12 8.07
CA PRO A 51 1.25 4.15 8.37
C PRO A 51 1.95 5.12 7.40
N LEU A 52 2.91 5.86 7.89
CA LEU A 52 3.64 6.85 7.03
C LEU A 52 5.15 6.66 7.20
N ARG A 53 5.92 7.07 6.23
CA ARG A 53 7.41 6.93 6.32
C ARG A 53 7.96 8.07 7.19
N GLU A 54 9.06 7.84 7.86
CA GLU A 54 9.64 8.91 8.73
C GLU A 54 10.17 10.03 7.83
N GLY A 55 10.37 9.73 6.58
CA GLY A 55 10.89 10.77 5.63
C GLY A 55 10.03 12.03 5.67
N TYR A 56 8.93 12.00 6.38
CA TYR A 56 8.04 13.20 6.47
C TYR A 56 7.39 13.21 7.87
N GLY A 57 6.14 13.58 7.97
CA GLY A 57 5.47 13.62 9.31
C GLY A 57 3.95 13.60 9.13
N ARG A 58 3.24 13.04 10.06
CA ARG A 58 1.75 12.99 9.96
C ARG A 58 1.14 14.33 10.40
N ILE A 59 0.36 14.95 9.56
CA ILE A 59 -0.27 16.25 9.95
C ILE A 59 -1.32 15.96 11.06
N PRO A 60 -1.26 16.65 12.20
CA PRO A 60 -2.24 16.37 13.29
C PRO A 60 -3.68 16.63 12.81
N ARG A 61 -4.57 15.73 13.14
CA ARG A 61 -6.01 15.88 12.74
C ARG A 61 -6.51 17.29 13.07
N GLY A 62 -6.24 17.76 14.25
CA GLY A 62 -6.71 19.13 14.65
C GLY A 62 -6.29 20.18 13.62
N ALA A 63 -5.14 20.05 13.04
CA ALA A 63 -4.70 21.07 12.05
C ALA A 63 -5.62 21.02 10.84
N LEU A 64 -6.18 19.87 10.55
CA LEU A 64 -7.11 19.76 9.38
C LEU A 64 -8.45 20.41 9.77
N LEU A 65 -8.83 20.36 11.03
CA LEU A 65 -10.12 20.98 11.45
C LEU A 65 -10.07 22.48 11.12
N SER A 66 -8.96 23.11 11.38
CA SER A 66 -8.85 24.57 11.08
C SER A 66 -8.86 24.77 9.57
N MET A 67 -8.12 23.97 8.84
CA MET A 67 -8.08 24.10 7.35
C MET A 67 -9.34 23.47 6.75
N ASP A 68 -9.70 23.92 5.58
CA ASP A 68 -10.91 23.39 4.87
C ASP A 68 -10.47 22.60 3.64
N ALA A 69 -11.40 22.16 2.83
CA ALA A 69 -11.04 21.37 1.62
C ALA A 69 -10.04 22.16 0.76
N LEU A 70 -10.27 23.42 0.55
CA LEU A 70 -9.33 24.23 -0.29
C LEU A 70 -8.02 24.47 0.46
N ASP A 71 -8.08 25.03 1.64
CA ASP A 71 -6.84 25.31 2.40
C ASP A 71 -6.06 24.00 2.60
N LEU A 72 -6.72 22.94 2.98
CA LEU A 72 -6.01 21.65 3.18
C LEU A 72 -5.56 21.11 1.81
N THR A 73 -6.30 21.37 0.76
CA THR A 73 -5.86 20.87 -0.58
C THR A 73 -4.49 21.48 -0.87
N ASP A 74 -4.34 22.75 -0.62
CA ASP A 74 -3.03 23.41 -0.87
C ASP A 74 -1.98 22.81 0.08
N LYS A 75 -2.38 22.38 1.24
CA LYS A 75 -1.42 21.81 2.21
C LYS A 75 -0.93 20.45 1.71
N LEU A 76 -1.81 19.56 1.33
CA LEU A 76 -1.33 18.22 0.83
C LEU A 76 -0.29 18.48 -0.27
N VAL A 77 -0.47 19.53 -1.02
CA VAL A 77 0.50 19.89 -2.09
C VAL A 77 1.77 20.46 -1.47
N SER A 78 1.65 21.26 -0.43
CA SER A 78 2.88 21.87 0.19
C SER A 78 3.66 20.83 1.02
N PHE A 79 2.99 20.14 1.90
CA PHE A 79 3.68 19.15 2.78
C PHE A 79 3.94 17.81 2.05
N TYR A 80 2.93 17.26 1.40
CA TYR A 80 3.10 15.92 0.71
C TYR A 80 3.31 16.09 -0.80
N LEU A 81 3.64 17.26 -1.27
CA LEU A 81 3.85 17.44 -2.75
C LEU A 81 2.55 17.10 -3.48
N GLU A 82 2.41 17.56 -4.69
CA GLU A 82 1.16 17.29 -5.47
C GLU A 82 1.06 15.81 -5.87
N THR A 83 2.10 15.25 -6.42
CA THR A 83 2.02 13.82 -6.87
C THR A 83 1.98 12.85 -5.68
N TYR A 84 2.93 12.91 -4.79
CA TYR A 84 2.91 11.97 -3.64
C TYR A 84 1.67 12.22 -2.78
N GLY A 85 1.16 13.42 -2.81
CA GLY A 85 -0.06 13.73 -2.01
C GLY A 85 -1.27 13.03 -2.63
N ALA A 86 -1.46 13.19 -3.91
CA ALA A 86 -2.63 12.53 -4.57
C ALA A 86 -2.43 11.01 -4.57
N GLU A 87 -1.21 10.56 -4.75
CA GLU A 87 -0.96 9.10 -4.75
C GLU A 87 -1.33 8.53 -3.39
N LEU A 88 -0.82 9.10 -2.33
CA LEU A 88 -1.16 8.62 -0.96
C LEU A 88 -2.67 8.66 -0.77
N THR A 89 -3.30 9.65 -1.34
CA THR A 89 -4.77 9.82 -1.19
C THR A 89 -5.52 8.71 -1.95
N ALA A 90 -5.15 8.45 -3.18
CA ALA A 90 -5.85 7.39 -3.97
C ALA A 90 -5.92 6.10 -3.14
N ASN A 91 -4.93 5.89 -2.31
CA ASN A 91 -4.92 4.66 -1.47
C ASN A 91 -5.94 4.80 -0.33
N VAL A 92 -6.09 5.97 0.22
CA VAL A 92 -7.07 6.13 1.34
C VAL A 92 -8.49 5.93 0.79
N LEU A 93 -8.84 6.64 -0.24
CA LEU A 93 -10.22 6.48 -0.82
C LEU A 93 -10.45 5.01 -1.15
N ARG A 94 -9.42 4.33 -1.58
CA ARG A 94 -9.58 2.88 -1.90
C ARG A 94 -10.03 2.16 -0.64
N ASP A 95 -9.55 2.59 0.50
CA ASP A 95 -9.95 1.96 1.79
C ASP A 95 -11.37 2.40 2.14
N MET A 96 -11.76 3.59 1.73
CA MET A 96 -13.13 4.08 2.03
C MET A 96 -14.14 3.39 1.12
N GLY A 97 -13.67 2.62 0.17
CA GLY A 97 -14.58 1.91 -0.77
C GLY A 97 -14.93 2.82 -1.95
N LEU A 98 -14.32 3.97 -2.02
CA LEU A 98 -14.58 4.92 -3.15
C LEU A 98 -13.60 4.61 -4.26
N GLN A 99 -13.64 3.39 -4.71
CA GLN A 99 -12.72 2.94 -5.79
C GLN A 99 -12.94 3.79 -7.05
N GLU A 100 -14.15 4.23 -7.31
CA GLU A 100 -14.41 5.04 -8.52
C GLU A 100 -13.58 6.33 -8.47
N MET A 101 -13.53 7.00 -7.35
CA MET A 101 -12.73 8.24 -7.24
C MET A 101 -11.24 7.89 -7.13
N ALA A 102 -10.93 6.79 -6.52
CA ALA A 102 -9.50 6.40 -6.36
C ALA A 102 -8.88 6.11 -7.73
N GLY A 103 -9.60 5.46 -8.61
CA GLY A 103 -9.05 5.14 -9.95
C GLY A 103 -8.98 6.43 -10.78
N GLN A 104 -9.92 7.31 -10.58
CA GLN A 104 -9.94 8.58 -11.34
C GLN A 104 -8.88 9.55 -10.79
N LEU A 105 -8.62 9.50 -9.51
CA LEU A 105 -7.61 10.43 -8.93
C LEU A 105 -6.22 10.06 -9.47
N GLN A 106 -5.84 8.82 -9.40
CA GLN A 106 -4.50 8.42 -9.94
C GLN A 106 -4.39 8.84 -11.41
N ALA A 107 -5.42 8.58 -12.18
CA ALA A 107 -5.40 8.94 -13.62
C ALA A 107 -5.34 10.46 -13.77
N ALA A 108 -6.07 11.18 -12.96
CA ALA A 108 -6.05 12.66 -13.05
C ALA A 108 -4.62 13.18 -12.92
N THR A 109 -3.80 12.48 -12.18
CA THR A 109 -2.38 12.92 -12.00
C THR A 109 -1.55 12.45 -13.19
N HIS A 110 -2.09 11.54 -13.95
CA HIS A 110 -1.37 11.02 -15.15
C HIS A 110 -2.26 10.03 -15.89
N GLN A 111 -3.09 10.52 -16.78
CA GLN A 111 -4.00 9.61 -17.53
C GLN A 111 -3.21 8.46 -18.17
N GLY A 112 -2.42 8.77 -19.16
CA GLY A 112 -1.62 7.70 -19.82
C GLY A 112 -2.53 6.81 -20.67
N SER A 113 -2.30 5.53 -20.69
CA SER A 113 -3.15 4.62 -21.49
C SER A 113 -4.54 4.52 -20.86
N GLY A 114 -5.51 5.18 -21.43
CA GLY A 114 -6.89 5.13 -20.86
C GLY A 114 -7.55 3.80 -21.21
N ALA A 115 -8.43 3.80 -22.17
CA ALA A 115 -9.11 2.52 -22.56
C ALA A 115 -8.12 1.62 -23.30
N ALA A 116 -7.95 0.42 -22.80
CA ALA A 116 -7.00 -0.52 -23.47
C ALA A 116 -7.58 -0.91 -24.86
N PRO A 117 -6.74 -1.44 -25.74
CA PRO A 117 -7.21 -1.84 -27.08
C PRO A 117 -8.39 -2.83 -26.94
N ALA A 118 -8.41 -3.59 -25.88
CA ALA A 118 -9.52 -4.57 -25.68
C ALA A 118 -9.59 -4.97 -24.21
N GLY A 119 -10.76 -4.91 -23.62
CA GLY A 119 -10.91 -5.27 -22.19
C GLY A 119 -10.68 -6.77 -22.00
N ILE A 120 -10.51 -7.50 -23.05
CA ILE A 120 -10.29 -8.96 -22.92
C ILE A 120 -9.09 -9.24 -22.00
N GLN A 121 -8.11 -8.37 -22.03
CA GLN A 121 -6.92 -8.57 -21.17
C GLN A 121 -7.32 -8.43 -19.70
N ALA A 122 -6.39 -8.57 -18.80
CA ALA A 122 -6.72 -8.44 -17.35
C ALA A 122 -7.18 -6.99 -17.07
N PRO A 123 -8.03 -6.75 -16.07
CA PRO A 123 -8.47 -5.37 -15.78
C PRO A 123 -7.28 -4.40 -15.57
N PRO A 124 -6.28 -4.74 -14.77
CA PRO A 124 -5.15 -3.82 -14.55
C PRO A 124 -4.42 -3.57 -15.88
N GLN A 125 -3.89 -2.38 -16.06
CA GLN A 125 -3.16 -2.07 -17.33
C GLN A 125 -1.78 -2.71 -17.30
N SER A 126 -1.37 -3.18 -16.15
CA SER A 126 -0.02 -3.82 -16.04
C SER A 126 -0.08 -5.23 -16.65
N ALA A 127 0.39 -5.37 -17.86
CA ALA A 127 0.37 -6.70 -18.52
C ALA A 127 1.38 -7.62 -17.83
N ALA A 128 2.62 -7.59 -18.25
CA ALA A 128 3.64 -8.46 -17.61
C ALA A 128 3.90 -7.99 -16.18
N LYS A 129 3.74 -8.87 -15.22
CA LYS A 129 3.97 -8.47 -13.80
C LYS A 129 5.47 -8.15 -13.60
N PRO A 130 5.81 -7.21 -12.72
CA PRO A 130 7.24 -6.88 -12.50
C PRO A 130 7.98 -8.13 -12.00
N GLY A 131 9.11 -8.45 -12.60
CA GLY A 131 9.90 -9.65 -12.18
C GLY A 131 11.03 -9.20 -11.27
N LEU A 132 10.89 -8.06 -10.67
CA LEU A 132 11.95 -7.53 -9.76
C LEU A 132 11.83 -8.21 -8.39
N HIS A 133 12.81 -8.99 -8.02
CA HIS A 133 12.76 -9.69 -6.70
C HIS A 133 13.12 -8.69 -5.59
N PHE A 134 12.27 -8.55 -4.61
CA PHE A 134 12.56 -7.60 -3.49
C PHE A 134 11.56 -7.82 -2.36
N ILE A 135 10.28 -7.74 -2.66
CA ILE A 135 9.25 -7.93 -1.60
C ILE A 135 9.15 -9.43 -1.28
N ASP A 136 9.40 -10.27 -2.25
CA ASP A 136 9.34 -11.74 -2.00
C ASP A 136 10.63 -12.19 -1.33
N GLN A 137 11.65 -11.39 -1.45
CA GLN A 137 12.96 -11.74 -0.84
C GLN A 137 12.80 -11.91 0.67
N HIS A 138 11.79 -11.30 1.26
CA HIS A 138 11.58 -11.44 2.73
C HIS A 138 10.66 -12.63 3.00
N ARG A 139 9.96 -13.08 2.00
CA ARG A 139 9.07 -14.26 2.17
C ARG A 139 9.96 -15.50 2.20
N ALA A 140 10.74 -15.69 1.18
CA ALA A 140 11.64 -16.87 1.12
C ALA A 140 12.62 -16.82 2.30
N ALA A 141 13.03 -15.65 2.70
CA ALA A 141 14.00 -15.56 3.84
C ALA A 141 13.38 -16.15 5.10
N LEU A 142 12.20 -15.70 5.46
CA LEU A 142 11.56 -16.22 6.70
C LEU A 142 11.03 -17.65 6.48
N ILE A 143 10.58 -17.98 5.30
CA ILE A 143 10.05 -19.36 5.08
C ILE A 143 11.19 -20.37 5.20
N ALA A 144 12.32 -20.07 4.61
CA ALA A 144 13.47 -21.03 4.67
C ALA A 144 14.13 -20.98 6.04
N ARG A 145 13.87 -19.96 6.83
CA ARG A 145 14.52 -19.85 8.19
C ARG A 145 13.55 -20.32 9.29
N VAL A 146 12.26 -20.15 9.10
CA VAL A 146 11.28 -20.59 10.14
C VAL A 146 11.10 -22.11 10.07
N THR A 147 11.18 -22.67 8.88
CA THR A 147 11.01 -24.15 8.72
C THR A 147 9.61 -24.55 9.22
N ASN A 148 9.05 -25.58 8.66
CA ASN A 148 7.69 -26.03 9.10
C ASN A 148 6.71 -24.85 9.06
N VAL A 149 6.43 -24.34 7.89
CA VAL A 149 5.49 -23.19 7.78
C VAL A 149 4.13 -23.55 8.40
N GLU A 150 3.72 -24.79 8.26
CA GLU A 150 2.38 -25.19 8.79
C GLU A 150 2.24 -24.80 10.27
N TRP A 151 3.32 -24.73 10.99
CA TRP A 151 3.21 -24.33 12.43
C TRP A 151 2.60 -22.92 12.50
N LEU A 152 2.97 -22.05 11.60
CA LEU A 152 2.42 -20.66 11.60
C LEU A 152 0.98 -20.69 11.08
N LEU A 153 0.75 -21.27 9.93
CA LEU A 153 -0.64 -21.31 9.38
C LEU A 153 -1.58 -21.94 10.43
N ASP A 154 -1.13 -22.93 11.13
CA ASP A 154 -1.99 -23.57 12.16
C ASP A 154 -2.31 -22.55 13.25
N ALA A 155 -1.39 -21.66 13.52
CA ALA A 155 -1.62 -20.63 14.58
C ALA A 155 -2.70 -19.65 14.11
N LEU A 156 -2.90 -19.51 12.82
CA LEU A 156 -3.93 -18.55 12.29
C LEU A 156 -5.25 -19.27 12.03
N TYR A 157 -5.39 -20.49 12.50
CA TYR A 157 -6.67 -21.21 12.26
C TYR A 157 -7.73 -20.73 13.27
N GLY A 158 -8.84 -20.21 12.77
CA GLY A 158 -9.93 -19.74 13.69
C GLY A 158 -9.58 -18.38 14.32
N LYS A 159 -8.35 -17.95 14.24
CA LYS A 159 -7.98 -16.64 14.87
C LYS A 159 -8.40 -15.45 13.99
N VAL A 160 -7.49 -14.90 13.23
CA VAL A 160 -7.85 -13.72 12.37
C VAL A 160 -8.56 -14.20 11.10
N LEU A 161 -8.01 -15.19 10.44
CA LEU A 161 -8.66 -15.71 9.20
C LEU A 161 -9.66 -16.82 9.57
N THR A 162 -10.60 -17.10 8.71
CA THR A 162 -11.63 -18.16 9.03
C THR A 162 -11.19 -19.50 8.45
N ASP A 163 -11.93 -20.55 8.73
CA ASP A 163 -11.57 -21.90 8.21
C ASP A 163 -11.64 -21.92 6.68
N GLU A 164 -12.67 -21.38 6.09
CA GLU A 164 -12.79 -21.40 4.61
C GLU A 164 -11.55 -20.73 3.98
N GLN A 165 -11.09 -19.65 4.56
CA GLN A 165 -9.89 -18.96 3.99
C GLN A 165 -8.66 -19.83 4.24
N TYR A 166 -8.57 -20.44 5.38
CA TYR A 166 -7.39 -21.30 5.69
C TYR A 166 -7.24 -22.36 4.59
N GLN A 167 -8.33 -22.85 4.07
CA GLN A 167 -8.25 -23.87 2.99
C GLN A 167 -7.73 -23.20 1.70
N ALA A 168 -8.12 -21.99 1.44
CA ALA A 168 -7.63 -21.30 0.20
C ALA A 168 -6.11 -21.22 0.24
N VAL A 169 -5.57 -20.79 1.34
CA VAL A 169 -4.09 -20.67 1.46
C VAL A 169 -3.44 -22.04 1.30
N ARG A 170 -4.00 -23.04 1.91
CA ARG A 170 -3.41 -24.42 1.81
C ARG A 170 -3.69 -25.00 0.41
N ALA A 171 -4.61 -24.43 -0.31
CA ALA A 171 -4.95 -24.98 -1.67
C ALA A 171 -3.87 -24.58 -2.68
N GLU A 172 -2.86 -23.86 -2.27
CA GLU A 172 -1.80 -23.46 -3.24
C GLU A 172 -1.19 -24.74 -3.87
N PRO A 173 -0.39 -24.62 -4.93
CA PRO A 173 0.18 -25.80 -5.58
C PRO A 173 1.50 -26.15 -4.87
N THR A 174 2.33 -25.17 -4.71
CA THR A 174 3.66 -25.36 -4.05
C THR A 174 3.50 -25.14 -2.54
N ASN A 175 4.39 -25.69 -1.76
CA ASN A 175 4.31 -25.52 -0.28
C ASN A 175 4.67 -24.06 0.11
N PRO A 176 5.83 -23.55 -0.29
CA PRO A 176 6.18 -22.16 0.07
C PRO A 176 5.16 -21.18 -0.53
N SER A 177 4.39 -21.61 -1.49
CA SER A 177 3.38 -20.70 -2.11
C SER A 177 2.24 -20.46 -1.12
N LYS A 178 1.94 -21.43 -0.31
CA LYS A 178 0.84 -21.26 0.67
C LYS A 178 1.18 -20.11 1.63
N MET A 179 2.45 -19.90 1.89
CA MET A 179 2.86 -18.79 2.80
C MET A 179 2.82 -17.46 2.03
N ARG A 180 3.42 -17.40 0.88
CA ARG A 180 3.43 -16.13 0.10
C ARG A 180 1.99 -15.57 0.01
N LYS A 181 1.04 -16.36 -0.42
CA LYS A 181 -0.36 -15.86 -0.53
C LYS A 181 -0.84 -15.41 0.86
N LEU A 182 -0.50 -16.13 1.89
CA LEU A 182 -0.95 -15.74 3.27
C LEU A 182 -0.66 -14.27 3.52
N PHE A 183 0.57 -13.86 3.36
CA PHE A 183 0.94 -12.43 3.59
C PHE A 183 0.07 -11.54 2.69
N SER A 184 -0.43 -12.08 1.60
CA SER A 184 -1.27 -11.24 0.70
C SER A 184 -2.47 -10.70 1.47
N PHE A 185 -2.82 -11.31 2.58
CA PHE A 185 -3.99 -10.81 3.38
C PHE A 185 -3.47 -9.65 4.26
N THR A 186 -2.44 -8.98 3.81
CA THR A 186 -1.88 -7.85 4.60
C THR A 186 -2.95 -6.76 4.84
N PRO A 187 -3.66 -6.33 3.81
CA PRO A 187 -4.68 -5.28 3.99
C PRO A 187 -5.72 -5.75 5.02
N ALA A 188 -5.78 -7.04 5.28
CA ALA A 188 -6.76 -7.57 6.27
C ALA A 188 -6.09 -7.71 7.64
N TRP A 189 -4.77 -7.72 7.68
CA TRP A 189 -4.07 -7.86 8.99
C TRP A 189 -4.14 -6.53 9.74
N ASN A 190 -4.70 -6.53 10.92
CA ASN A 190 -4.81 -5.27 11.72
C ASN A 190 -3.59 -5.16 12.64
N TRP A 191 -3.54 -4.15 13.48
CA TRP A 191 -2.37 -4.00 14.39
C TRP A 191 -2.24 -5.27 15.25
N THR A 192 -3.34 -5.79 15.73
CA THR A 192 -3.29 -7.02 16.58
C THR A 192 -2.93 -8.23 15.69
N CYS A 193 -3.39 -8.25 14.47
CA CYS A 193 -3.06 -9.40 13.57
C CYS A 193 -1.55 -9.54 13.46
N LYS A 194 -0.87 -8.50 13.06
CA LYS A 194 0.62 -8.58 12.93
C LYS A 194 1.22 -9.06 14.25
N ASP A 195 0.83 -8.48 15.35
CA ASP A 195 1.37 -8.91 16.67
C ASP A 195 1.12 -10.41 16.85
N LEU A 196 0.06 -10.92 16.27
CA LEU A 196 -0.24 -12.37 16.40
C LEU A 196 0.86 -13.16 15.67
N LEU A 197 1.22 -12.74 14.49
CA LEU A 197 2.30 -13.47 13.75
C LEU A 197 3.62 -13.27 14.50
N LEU A 198 3.93 -12.06 14.88
CA LEU A 198 5.19 -11.81 15.63
C LEU A 198 5.18 -12.65 16.90
N GLN A 199 4.03 -12.90 17.46
CA GLN A 199 3.95 -13.73 18.69
C GLN A 199 4.35 -15.17 18.36
N ALA A 200 4.08 -15.62 17.17
CA ALA A 200 4.44 -17.03 16.81
C ALA A 200 5.95 -17.14 16.59
N LEU A 201 6.59 -16.10 16.10
CA LEU A 201 8.06 -16.14 15.86
C LEU A 201 8.83 -16.10 17.18
N ARG A 202 8.54 -15.16 18.05
CA ARG A 202 9.29 -15.08 19.33
C ARG A 202 9.13 -16.38 20.12
N GLU A 203 8.00 -17.01 20.03
CA GLU A 203 7.78 -18.28 20.78
C GLU A 203 8.67 -19.38 20.20
N SER A 204 8.90 -19.37 18.91
CA SER A 204 9.75 -20.44 18.29
C SER A 204 11.23 -20.00 18.27
N GLN A 205 11.49 -18.73 18.11
CA GLN A 205 12.91 -18.27 18.07
C GLN A 205 12.96 -16.73 18.03
N SER A 206 13.49 -16.12 19.06
CA SER A 206 13.57 -14.63 19.11
C SER A 206 14.56 -14.08 18.06
N TYR A 207 15.46 -14.90 17.60
CA TYR A 207 16.47 -14.40 16.61
C TYR A 207 15.78 -13.86 15.36
N LEU A 208 14.84 -14.57 14.82
CA LEU A 208 14.16 -14.10 13.58
C LEU A 208 13.33 -12.84 13.89
N VAL A 209 12.93 -12.66 15.11
CA VAL A 209 12.12 -11.44 15.44
C VAL A 209 12.99 -10.21 15.18
N GLU A 210 14.22 -10.25 15.63
CA GLU A 210 15.13 -9.08 15.44
C GLU A 210 15.64 -9.07 14.00
N ASP A 211 15.99 -10.19 13.45
CA ASP A 211 16.52 -10.21 12.05
C ASP A 211 15.42 -9.78 11.08
N LEU A 212 14.20 -10.21 11.31
CA LEU A 212 13.09 -9.83 10.38
C LEU A 212 12.61 -8.41 10.69
N GLU A 213 12.42 -8.08 11.95
CA GLU A 213 11.95 -6.72 12.30
C GLU A 213 12.98 -5.68 11.85
N ARG A 214 14.24 -5.91 12.14
CA ARG A 214 15.30 -4.94 11.73
C ARG A 214 15.58 -5.10 10.23
N SER A 215 14.60 -4.88 9.40
CA SER A 215 14.81 -5.02 7.93
C SER A 215 13.64 -4.37 7.19
N MET A 21 -6.05 24.68 -12.27
CA MET A 21 -4.62 24.54 -12.62
C MET A 21 -3.99 23.44 -11.77
N GLY A 22 -3.23 22.55 -12.39
CA GLY A 22 -2.58 21.45 -11.61
C GLY A 22 -3.48 20.22 -11.66
N ARG A 23 -3.20 19.32 -12.56
CA ARG A 23 -4.03 18.08 -12.68
C ARG A 23 -4.08 17.39 -11.32
N ALA A 24 -2.95 17.25 -10.68
CA ALA A 24 -2.91 16.61 -9.35
C ALA A 24 -3.58 17.53 -8.34
N ARG A 25 -3.41 18.82 -8.49
CA ARG A 25 -4.06 19.78 -7.54
C ARG A 25 -5.58 19.62 -7.69
N ASP A 26 -6.05 19.51 -8.90
CA ASP A 26 -7.50 19.35 -9.15
C ASP A 26 -7.91 17.94 -8.71
N ALA A 27 -7.04 16.99 -8.88
CA ALA A 27 -7.34 15.59 -8.49
C ALA A 27 -7.73 15.54 -7.02
N ILE A 28 -6.95 16.16 -6.16
CA ILE A 28 -7.27 16.15 -4.71
C ILE A 28 -8.55 16.98 -4.47
N LEU A 29 -8.56 18.20 -4.92
CA LEU A 29 -9.76 19.07 -4.70
C LEU A 29 -11.04 18.33 -5.10
N ASP A 30 -11.06 17.74 -6.26
CA ASP A 30 -12.28 17.04 -6.73
C ASP A 30 -12.68 15.92 -5.76
N ALA A 31 -11.75 15.06 -5.41
CA ALA A 31 -12.10 13.92 -4.51
C ALA A 31 -12.61 14.43 -3.16
N LEU A 32 -11.87 15.26 -2.49
CA LEU A 32 -12.34 15.76 -1.16
C LEU A 32 -13.68 16.47 -1.32
N GLU A 33 -13.78 17.35 -2.28
CA GLU A 33 -15.07 18.08 -2.49
C GLU A 33 -16.20 17.07 -2.76
N ASN A 34 -15.86 15.88 -3.19
CA ASN A 34 -16.93 14.87 -3.49
C ASN A 34 -17.32 14.12 -2.22
N LEU A 35 -16.44 14.06 -1.25
CA LEU A 35 -16.78 13.35 0.03
C LEU A 35 -17.79 14.19 0.80
N THR A 36 -18.67 13.55 1.54
CA THR A 36 -19.68 14.32 2.33
C THR A 36 -18.99 14.96 3.54
N ALA A 37 -19.65 15.87 4.19
CA ALA A 37 -19.03 16.54 5.37
C ALA A 37 -18.54 15.51 6.40
N GLU A 38 -19.34 14.52 6.70
CA GLU A 38 -18.91 13.50 7.71
C GLU A 38 -17.78 12.65 7.16
N GLU A 39 -17.89 12.19 5.93
CA GLU A 39 -16.80 11.37 5.34
C GLU A 39 -15.52 12.20 5.32
N LEU A 40 -15.66 13.49 5.19
CA LEU A 40 -14.46 14.37 5.15
C LEU A 40 -13.72 14.24 6.50
N LYS A 41 -14.43 14.22 7.59
CA LYS A 41 -13.77 14.09 8.91
C LYS A 41 -13.03 12.75 8.96
N LYS A 42 -13.66 11.71 8.47
CA LYS A 42 -13.01 10.37 8.47
C LYS A 42 -11.72 10.42 7.64
N PHE A 43 -11.71 11.19 6.59
CA PHE A 43 -10.49 11.29 5.75
C PHE A 43 -9.34 11.87 6.59
N LYS A 44 -9.65 12.78 7.47
CA LYS A 44 -8.59 13.39 8.32
C LYS A 44 -8.01 12.34 9.27
N LEU A 45 -8.85 11.71 10.04
CA LEU A 45 -8.36 10.70 11.02
C LEU A 45 -7.67 9.57 10.27
N LYS A 46 -8.23 9.13 9.18
CA LYS A 46 -7.58 8.04 8.41
C LYS A 46 -6.15 8.47 8.05
N LEU A 47 -5.95 9.73 7.82
CA LEU A 47 -4.58 10.21 7.48
C LEU A 47 -3.66 9.90 8.66
N LEU A 48 -4.13 10.09 9.86
CA LEU A 48 -3.27 9.80 11.06
C LEU A 48 -3.14 8.29 11.24
N SER A 49 -4.02 7.51 10.63
CA SER A 49 -3.97 6.01 10.78
C SER A 49 -3.21 5.37 9.61
N VAL A 50 -3.29 5.93 8.43
CA VAL A 50 -2.59 5.32 7.27
C VAL A 50 -1.05 5.44 7.51
N PRO A 51 -0.32 4.33 7.57
CA PRO A 51 1.15 4.43 7.79
C PRO A 51 1.79 5.19 6.62
N LEU A 52 2.80 5.97 6.90
CA LEU A 52 3.50 6.75 5.83
C LEU A 52 4.71 5.97 5.32
N ARG A 53 5.21 6.35 4.19
CA ARG A 53 6.41 5.64 3.63
C ARG A 53 7.62 5.89 4.54
N GLU A 54 8.20 7.07 4.46
CA GLU A 54 9.37 7.38 5.33
C GLU A 54 8.86 7.81 6.71
N GLY A 55 8.40 9.03 6.82
CA GLY A 55 7.87 9.51 8.14
C GLY A 55 7.50 11.00 8.03
N TYR A 56 8.10 11.70 7.09
CA TYR A 56 7.83 13.16 6.85
C TYR A 56 7.36 13.88 8.13
N GLY A 57 6.09 13.78 8.42
CA GLY A 57 5.54 14.44 9.63
C GLY A 57 4.02 14.25 9.65
N ARG A 58 3.51 13.63 10.68
CA ARG A 58 2.04 13.40 10.75
C ARG A 58 1.32 14.72 11.08
N ILE A 59 0.41 15.13 10.24
CA ILE A 59 -0.34 16.40 10.51
C ILE A 59 -1.39 16.13 11.61
N PRO A 60 -1.42 16.88 12.71
CA PRO A 60 -2.42 16.62 13.76
C PRO A 60 -3.83 16.81 13.20
N ARG A 61 -4.74 15.96 13.60
CA ARG A 61 -6.14 16.07 13.10
C ARG A 61 -6.68 17.49 13.33
N GLY A 62 -6.48 18.01 14.51
CA GLY A 62 -6.97 19.39 14.82
C GLY A 62 -6.48 20.40 13.80
N ALA A 63 -5.26 20.27 13.35
CA ALA A 63 -4.73 21.24 12.36
C ALA A 63 -5.59 21.20 11.10
N LEU A 64 -6.09 20.03 10.78
CA LEU A 64 -6.93 19.90 9.55
C LEU A 64 -8.34 20.44 9.85
N LEU A 65 -8.79 20.38 11.08
CA LEU A 65 -10.15 20.91 11.40
C LEU A 65 -10.18 22.41 11.04
N SER A 66 -9.13 23.12 11.36
CA SER A 66 -9.10 24.57 11.02
C SER A 66 -9.06 24.73 9.50
N MET A 67 -8.23 23.96 8.85
CA MET A 67 -8.14 24.04 7.36
C MET A 67 -9.36 23.36 6.75
N ASP A 68 -9.76 23.80 5.58
CA ASP A 68 -10.95 23.21 4.88
C ASP A 68 -10.48 22.45 3.64
N ALA A 69 -11.40 21.96 2.86
CA ALA A 69 -11.01 21.20 1.63
C ALA A 69 -9.99 21.99 0.80
N LEU A 70 -10.23 23.26 0.60
CA LEU A 70 -9.29 24.09 -0.22
C LEU A 70 -7.99 24.33 0.55
N ASP A 71 -8.07 24.87 1.73
CA ASP A 71 -6.82 25.15 2.50
C ASP A 71 -6.06 23.84 2.72
N LEU A 72 -6.74 22.80 3.14
CA LEU A 72 -6.02 21.50 3.35
C LEU A 72 -5.54 20.99 1.99
N THR A 73 -6.26 21.24 0.92
CA THR A 73 -5.79 20.77 -0.41
C THR A 73 -4.46 21.46 -0.70
N ASP A 74 -4.40 22.75 -0.50
CA ASP A 74 -3.13 23.48 -0.75
C ASP A 74 -2.05 22.91 0.16
N LYS A 75 -2.43 22.42 1.31
CA LYS A 75 -1.42 21.86 2.25
C LYS A 75 -0.93 20.51 1.72
N LEU A 76 -1.81 19.61 1.37
CA LEU A 76 -1.34 18.29 0.84
C LEU A 76 -0.36 18.57 -0.31
N VAL A 77 -0.59 19.63 -1.02
CA VAL A 77 0.31 20.01 -2.13
C VAL A 77 1.61 20.60 -1.55
N SER A 78 1.54 21.39 -0.51
CA SER A 78 2.77 22.00 0.06
C SER A 78 3.60 20.98 0.86
N PHE A 79 2.99 20.29 1.77
CA PHE A 79 3.73 19.31 2.63
C PHE A 79 3.97 17.98 1.91
N TYR A 80 2.97 17.39 1.31
CA TYR A 80 3.14 16.07 0.61
C TYR A 80 3.41 16.28 -0.89
N LEU A 81 3.75 17.48 -1.29
CA LEU A 81 4.01 17.76 -2.74
C LEU A 81 2.73 17.56 -3.54
N GLU A 82 2.68 18.11 -4.73
CA GLU A 82 1.45 18.01 -5.58
C GLU A 82 1.25 16.56 -6.07
N THR A 83 2.21 16.02 -6.78
CA THR A 83 2.03 14.64 -7.34
C THR A 83 2.03 13.59 -6.22
N TYR A 84 3.02 13.56 -5.39
CA TYR A 84 3.06 12.53 -4.31
C TYR A 84 1.84 12.72 -3.40
N GLY A 85 1.28 13.89 -3.38
CA GLY A 85 0.09 14.15 -2.51
C GLY A 85 -1.12 13.39 -3.06
N ALA A 86 -1.35 13.47 -4.35
CA ALA A 86 -2.51 12.78 -4.95
C ALA A 86 -2.31 11.25 -4.84
N GLU A 87 -1.09 10.79 -4.94
CA GLU A 87 -0.84 9.33 -4.82
C GLU A 87 -1.22 8.88 -3.41
N LEU A 88 -0.66 9.53 -2.42
CA LEU A 88 -0.99 9.17 -1.01
C LEU A 88 -2.51 9.27 -0.81
N THR A 89 -3.11 10.21 -1.47
CA THR A 89 -4.58 10.43 -1.32
C THR A 89 -5.39 9.25 -1.89
N ALA A 90 -5.14 8.88 -3.11
CA ALA A 90 -5.91 7.75 -3.71
C ALA A 90 -5.88 6.54 -2.77
N ASN A 91 -4.82 6.39 -2.04
CA ASN A 91 -4.74 5.24 -1.09
C ASN A 91 -5.73 5.45 0.05
N VAL A 92 -5.92 6.66 0.50
CA VAL A 92 -6.90 6.88 1.60
C VAL A 92 -8.30 6.49 1.12
N LEU A 93 -8.67 6.96 -0.04
CA LEU A 93 -10.02 6.63 -0.57
C LEU A 93 -10.13 5.10 -0.70
N ARG A 94 -9.05 4.45 -1.03
CA ARG A 94 -9.09 2.97 -1.14
C ARG A 94 -9.52 2.39 0.19
N ASP A 95 -9.13 3.01 1.27
CA ASP A 95 -9.53 2.53 2.63
C ASP A 95 -11.00 2.88 2.86
N MET A 96 -11.46 3.96 2.27
CA MET A 96 -12.88 4.37 2.46
C MET A 96 -13.78 3.48 1.60
N GLY A 97 -13.19 2.63 0.79
CA GLY A 97 -14.00 1.74 -0.09
C GLY A 97 -14.40 2.48 -1.37
N LEU A 98 -13.90 3.67 -1.56
CA LEU A 98 -14.22 4.46 -2.79
C LEU A 98 -13.18 4.13 -3.85
N GLN A 99 -13.24 2.95 -4.35
CA GLN A 99 -12.27 2.50 -5.38
C GLN A 99 -12.51 3.25 -6.71
N GLU A 100 -13.73 3.68 -6.96
CA GLU A 100 -14.02 4.39 -8.22
C GLU A 100 -13.32 5.75 -8.23
N MET A 101 -13.49 6.52 -7.20
CA MET A 101 -12.82 7.85 -7.14
C MET A 101 -11.32 7.63 -7.04
N ALA A 102 -10.92 6.55 -6.43
CA ALA A 102 -9.47 6.26 -6.27
C ALA A 102 -8.84 5.98 -7.65
N GLY A 103 -9.56 5.34 -8.52
CA GLY A 103 -9.01 5.04 -9.88
C GLY A 103 -8.98 6.33 -10.70
N GLN A 104 -9.92 7.20 -10.48
CA GLN A 104 -9.97 8.48 -11.23
C GLN A 104 -8.90 9.44 -10.70
N LEU A 105 -8.65 9.40 -9.42
CA LEU A 105 -7.64 10.32 -8.83
C LEU A 105 -6.24 9.92 -9.33
N GLN A 106 -5.87 8.67 -9.24
CA GLN A 106 -4.54 8.25 -9.75
C GLN A 106 -4.44 8.59 -11.24
N ALA A 107 -5.51 8.41 -11.97
CA ALA A 107 -5.51 8.71 -13.41
C ALA A 107 -5.44 10.23 -13.64
N ALA A 108 -6.02 10.99 -12.76
CA ALA A 108 -6.00 12.48 -12.94
C ALA A 108 -4.56 12.96 -13.06
N THR A 109 -3.64 12.33 -12.37
CA THR A 109 -2.20 12.75 -12.45
C THR A 109 -1.58 12.13 -13.70
N HIS A 110 -2.26 11.20 -14.31
CA HIS A 110 -1.73 10.55 -15.54
C HIS A 110 -2.90 9.97 -16.34
N GLN A 111 -3.55 10.80 -17.12
CA GLN A 111 -4.70 10.32 -17.93
C GLN A 111 -4.28 9.13 -18.80
N GLY A 112 -3.07 9.15 -19.29
CA GLY A 112 -2.59 8.03 -20.15
C GLY A 112 -3.27 8.11 -21.52
N SER A 113 -4.57 8.08 -21.55
CA SER A 113 -5.30 8.17 -22.84
C SER A 113 -5.08 9.55 -23.45
N GLY A 114 -5.70 9.82 -24.58
CA GLY A 114 -5.52 11.15 -25.24
C GLY A 114 -6.74 11.43 -26.12
N ALA A 115 -7.87 10.87 -25.80
CA ALA A 115 -9.09 11.11 -26.62
C ALA A 115 -9.52 12.57 -26.46
N ALA A 116 -9.59 13.29 -27.54
CA ALA A 116 -10.00 14.72 -27.46
C ALA A 116 -11.43 14.79 -26.84
N PRO A 117 -11.83 15.95 -26.35
CA PRO A 117 -13.17 16.10 -25.76
C PRO A 117 -14.24 15.70 -26.79
N ALA A 118 -15.47 16.07 -26.56
CA ALA A 118 -16.57 15.74 -27.51
C ALA A 118 -16.69 14.22 -27.67
N GLY A 119 -17.90 13.73 -27.68
CA GLY A 119 -18.13 12.26 -27.84
C GLY A 119 -17.83 11.55 -26.51
N ILE A 120 -17.26 12.25 -25.57
CA ILE A 120 -16.96 11.61 -24.26
C ILE A 120 -18.26 11.25 -23.55
N GLN A 121 -19.08 12.22 -23.25
CA GLN A 121 -20.38 11.94 -22.57
C GLN A 121 -20.16 11.01 -21.37
N ALA A 122 -20.48 9.75 -21.51
CA ALA A 122 -20.30 8.80 -20.38
C ALA A 122 -18.82 8.81 -19.94
N PRO A 123 -18.51 8.55 -18.68
CA PRO A 123 -17.11 8.54 -18.22
C PRO A 123 -16.29 7.55 -19.08
N PRO A 124 -14.97 7.59 -18.99
CA PRO A 124 -14.13 6.66 -19.77
C PRO A 124 -14.46 5.21 -19.38
N GLN A 125 -14.37 4.30 -20.31
CA GLN A 125 -14.67 2.86 -20.00
C GLN A 125 -13.38 2.15 -19.58
N SER A 126 -12.81 2.55 -18.48
CA SER A 126 -11.54 1.90 -18.02
C SER A 126 -11.84 0.46 -17.63
N ALA A 127 -11.51 -0.48 -18.49
CA ALA A 127 -11.76 -1.92 -18.19
C ALA A 127 -10.80 -2.79 -19.01
N ALA A 128 -9.60 -2.97 -18.54
CA ALA A 128 -8.62 -3.81 -19.30
C ALA A 128 -9.18 -5.22 -19.46
N LYS A 129 -9.44 -5.64 -20.68
CA LYS A 129 -9.98 -7.01 -20.90
C LYS A 129 -8.86 -8.05 -20.65
N PRO A 130 -9.20 -9.29 -20.31
CA PRO A 130 -8.18 -10.32 -20.05
C PRO A 130 -7.31 -10.52 -21.31
N GLY A 131 -6.05 -10.85 -21.13
CA GLY A 131 -5.14 -11.08 -22.30
C GLY A 131 -3.73 -10.57 -21.98
N LEU A 132 -3.59 -9.90 -20.87
CA LEU A 132 -2.27 -9.37 -20.46
C LEU A 132 -1.53 -10.44 -19.64
N HIS A 133 -0.43 -10.94 -20.15
CA HIS A 133 0.32 -11.99 -19.41
C HIS A 133 1.04 -11.35 -18.22
N PHE A 134 0.74 -11.78 -17.03
CA PHE A 134 1.40 -11.22 -15.82
C PHE A 134 0.99 -12.04 -14.59
N ILE A 135 -0.28 -12.18 -14.36
CA ILE A 135 -0.75 -12.97 -13.18
C ILE A 135 -0.59 -14.47 -13.48
N ASP A 136 -0.51 -14.83 -14.74
CA ASP A 136 -0.35 -16.26 -15.11
C ASP A 136 1.09 -16.67 -14.85
N GLN A 137 1.97 -15.71 -14.78
CA GLN A 137 3.41 -16.01 -14.53
C GLN A 137 3.56 -16.67 -13.14
N HIS A 138 2.68 -16.38 -12.23
CA HIS A 138 2.78 -16.99 -10.86
C HIS A 138 1.99 -18.28 -10.82
N ARG A 139 1.10 -18.48 -11.77
CA ARG A 139 0.32 -19.74 -11.81
C ARG A 139 1.23 -20.85 -12.32
N ALA A 140 1.80 -20.66 -13.49
CA ALA A 140 2.72 -21.68 -14.04
C ALA A 140 3.91 -21.88 -13.10
N ALA A 141 4.34 -20.83 -12.46
CA ALA A 141 5.51 -20.96 -11.54
C ALA A 141 5.15 -21.90 -10.38
N LEU A 142 4.07 -21.66 -9.72
CA LEU A 142 3.68 -22.52 -8.56
C LEU A 142 3.17 -23.89 -9.06
N ILE A 143 2.59 -23.96 -10.24
CA ILE A 143 2.09 -25.27 -10.73
C ILE A 143 3.30 -26.15 -11.11
N ALA A 144 4.24 -25.60 -11.82
CA ALA A 144 5.42 -26.40 -12.25
C ALA A 144 6.31 -26.71 -11.04
N ARG A 145 6.12 -26.02 -9.94
CA ARG A 145 6.99 -26.26 -8.72
C ARG A 145 6.21 -27.06 -7.66
N VAL A 146 4.93 -26.86 -7.54
CA VAL A 146 4.15 -27.62 -6.51
C VAL A 146 4.18 -29.11 -6.87
N THR A 147 4.21 -29.41 -8.14
CA THR A 147 4.21 -30.84 -8.59
C THR A 147 2.91 -31.52 -8.14
N ASN A 148 2.75 -31.77 -6.87
CA ASN A 148 1.50 -32.42 -6.39
C ASN A 148 0.35 -31.43 -6.46
N VAL A 149 0.02 -30.96 -7.64
CA VAL A 149 -1.09 -29.98 -7.78
C VAL A 149 -2.41 -30.63 -7.37
N GLU A 150 -2.59 -31.89 -7.70
CA GLU A 150 -3.86 -32.58 -7.35
C GLU A 150 -4.14 -32.46 -5.85
N TRP A 151 -3.12 -32.50 -5.03
CA TRP A 151 -3.33 -32.41 -3.56
C TRP A 151 -4.05 -31.07 -3.23
N LEU A 152 -3.61 -29.99 -3.81
CA LEU A 152 -4.26 -28.68 -3.51
C LEU A 152 -5.76 -28.72 -3.87
N LEU A 153 -6.13 -29.28 -5.01
CA LEU A 153 -7.58 -29.33 -5.36
C LEU A 153 -8.28 -30.33 -4.44
N ASP A 154 -7.67 -31.46 -4.19
CA ASP A 154 -8.31 -32.46 -3.29
C ASP A 154 -8.62 -31.82 -1.94
N ALA A 155 -7.87 -30.81 -1.58
CA ALA A 155 -8.10 -30.13 -0.28
C ALA A 155 -9.45 -29.40 -0.32
N LEU A 156 -9.78 -28.78 -1.42
CA LEU A 156 -11.08 -28.04 -1.51
C LEU A 156 -12.23 -29.02 -1.78
N TYR A 157 -11.93 -30.26 -2.05
CA TYR A 157 -13.01 -31.24 -2.35
C TYR A 157 -13.98 -31.34 -1.16
N GLY A 158 -15.23 -31.06 -1.38
CA GLY A 158 -16.24 -31.17 -0.28
C GLY A 158 -16.15 -29.97 0.68
N LYS A 159 -15.41 -28.94 0.30
CA LYS A 159 -15.25 -27.74 1.21
C LYS A 159 -15.77 -26.47 0.50
N VAL A 160 -15.01 -25.90 -0.40
CA VAL A 160 -15.45 -24.64 -1.09
C VAL A 160 -16.21 -24.97 -2.38
N LEU A 161 -15.67 -25.84 -3.21
CA LEU A 161 -16.35 -26.19 -4.49
C LEU A 161 -17.31 -27.36 -4.26
N THR A 162 -18.39 -27.42 -5.01
CA THR A 162 -19.37 -28.54 -4.83
C THR A 162 -18.89 -29.76 -5.64
N ASP A 163 -19.58 -30.85 -5.51
CA ASP A 163 -19.15 -32.07 -6.26
C ASP A 163 -19.31 -31.85 -7.76
N GLU A 164 -20.22 -31.02 -8.18
CA GLU A 164 -20.42 -30.76 -9.63
C GLU A 164 -19.32 -29.84 -10.15
N GLN A 165 -19.00 -28.81 -9.41
CA GLN A 165 -17.94 -27.86 -9.86
C GLN A 165 -16.57 -28.51 -9.75
N TYR A 166 -16.30 -29.20 -8.66
CA TYR A 166 -14.98 -29.85 -8.49
C TYR A 166 -14.71 -30.78 -9.68
N GLN A 167 -15.71 -31.51 -10.10
CA GLN A 167 -15.51 -32.44 -11.26
C GLN A 167 -15.32 -31.63 -12.54
N ALA A 168 -15.97 -30.51 -12.67
CA ALA A 168 -15.83 -29.69 -13.89
C ALA A 168 -14.36 -29.26 -14.06
N VAL A 169 -13.78 -28.69 -13.05
CA VAL A 169 -12.36 -28.25 -13.15
C VAL A 169 -11.48 -29.45 -13.50
N ARG A 170 -11.82 -30.62 -13.02
CA ARG A 170 -11.00 -31.83 -13.32
C ARG A 170 -11.30 -32.32 -14.75
N ALA A 171 -12.38 -31.84 -15.33
CA ALA A 171 -12.73 -32.29 -16.71
C ALA A 171 -11.80 -31.63 -17.73
N GLU A 172 -10.88 -30.81 -17.29
CA GLU A 172 -9.95 -30.16 -18.25
C GLU A 172 -9.07 -31.25 -18.91
N PRO A 173 -8.40 -30.97 -20.03
CA PRO A 173 -7.58 -32.00 -20.70
C PRO A 173 -6.16 -31.93 -20.13
N THR A 174 -5.56 -30.79 -20.30
CA THR A 174 -4.19 -30.57 -19.80
C THR A 174 -4.20 -30.55 -18.27
N ASN A 175 -3.10 -30.89 -17.64
CA ASN A 175 -3.05 -30.89 -16.15
C ASN A 175 -3.00 -29.43 -15.63
N PRO A 176 -2.07 -28.60 -16.08
CA PRO A 176 -2.02 -27.21 -15.60
C PRO A 176 -3.34 -26.48 -15.88
N SER A 177 -4.16 -27.02 -16.77
CA SER A 177 -5.45 -26.33 -17.08
C SER A 177 -6.41 -26.47 -15.89
N LYS A 178 -6.29 -27.53 -15.14
CA LYS A 178 -7.21 -27.73 -13.97
C LYS A 178 -6.96 -26.68 -12.89
N MET A 179 -5.74 -26.21 -12.76
CA MET A 179 -5.44 -25.20 -11.70
C MET A 179 -5.85 -23.80 -12.16
N ARG A 180 -5.30 -23.32 -13.25
CA ARG A 180 -5.63 -21.93 -13.72
C ARG A 180 -7.16 -21.71 -13.69
N LYS A 181 -7.92 -22.71 -14.06
CA LYS A 181 -9.40 -22.55 -14.03
C LYS A 181 -9.84 -22.44 -12.56
N LEU A 182 -9.26 -23.25 -11.72
CA LEU A 182 -9.62 -23.20 -10.26
C LEU A 182 -9.52 -21.77 -9.73
N PHE A 183 -8.47 -21.08 -10.06
CA PHE A 183 -8.31 -19.68 -9.57
C PHE A 183 -9.43 -18.82 -10.16
N SER A 184 -9.91 -19.14 -11.32
CA SER A 184 -11.00 -18.33 -11.92
C SER A 184 -12.21 -18.34 -11.00
N PHE A 185 -12.36 -19.36 -10.19
CA PHE A 185 -13.51 -19.42 -9.25
C PHE A 185 -13.22 -18.48 -8.06
N THR A 186 -12.60 -17.36 -8.33
CA THR A 186 -12.27 -16.40 -7.25
C THR A 186 -13.57 -15.94 -6.53
N PRO A 187 -14.61 -15.56 -7.25
CA PRO A 187 -15.85 -15.10 -6.60
C PRO A 187 -16.37 -16.20 -5.64
N ALA A 188 -15.98 -17.43 -5.87
CA ALA A 188 -16.43 -18.54 -4.97
C ALA A 188 -15.46 -18.67 -3.80
N TRP A 189 -14.34 -17.97 -3.85
CA TRP A 189 -13.35 -18.08 -2.74
C TRP A 189 -13.67 -17.02 -1.67
N ASN A 190 -13.90 -17.44 -0.46
CA ASN A 190 -14.20 -16.48 0.66
C ASN A 190 -12.90 -16.22 1.41
N TRP A 191 -12.92 -15.46 2.47
CA TRP A 191 -11.65 -15.20 3.22
C TRP A 191 -11.08 -16.54 3.69
N THR A 192 -11.94 -17.44 4.10
CA THR A 192 -11.46 -18.77 4.57
C THR A 192 -10.94 -19.58 3.37
N CYS A 193 -11.56 -19.43 2.22
CA CYS A 193 -11.11 -20.21 1.03
C CYS A 193 -9.64 -19.92 0.76
N LYS A 194 -9.30 -18.66 0.58
CA LYS A 194 -7.88 -18.31 0.32
C LYS A 194 -6.97 -18.95 1.37
N ASP A 195 -7.33 -18.82 2.62
CA ASP A 195 -6.51 -19.43 3.70
C ASP A 195 -6.43 -20.95 3.48
N LEU A 196 -7.45 -21.53 2.89
CA LEU A 196 -7.45 -23.00 2.67
C LEU A 196 -6.28 -23.36 1.73
N LEU A 197 -6.10 -22.65 0.64
CA LEU A 197 -4.98 -22.99 -0.29
C LEU A 197 -3.66 -22.57 0.36
N LEU A 198 -3.59 -21.37 0.87
CA LEU A 198 -2.33 -20.92 1.52
C LEU A 198 -1.93 -21.91 2.62
N GLN A 199 -2.89 -22.47 3.29
CA GLN A 199 -2.60 -23.46 4.37
C GLN A 199 -2.10 -24.76 3.75
N ALA A 200 -2.57 -25.10 2.59
CA ALA A 200 -2.12 -26.38 1.95
C ALA A 200 -0.63 -26.29 1.60
N LEU A 201 -0.16 -25.12 1.26
CA LEU A 201 1.28 -24.97 0.89
C LEU A 201 2.18 -25.08 2.13
N ARG A 202 1.90 -24.34 3.17
CA ARG A 202 2.78 -24.38 4.37
C ARG A 202 2.78 -25.79 4.99
N GLU A 203 1.67 -26.48 4.94
CA GLU A 203 1.61 -27.84 5.54
C GLU A 203 2.35 -28.85 4.65
N SER A 204 2.26 -28.71 3.36
CA SER A 204 2.96 -29.68 2.44
C SER A 204 4.37 -29.21 2.13
N GLN A 205 4.63 -27.93 2.19
CA GLN A 205 6.00 -27.43 1.88
C GLN A 205 6.15 -25.96 2.30
N SER A 206 6.89 -25.72 3.34
CA SER A 206 7.10 -24.32 3.83
C SER A 206 7.92 -23.52 2.81
N TYR A 207 8.64 -24.19 1.95
CA TYR A 207 9.48 -23.47 0.95
C TYR A 207 8.61 -22.70 -0.06
N LEU A 208 7.52 -23.30 -0.50
CA LEU A 208 6.67 -22.62 -1.52
C LEU A 208 5.84 -21.49 -0.90
N VAL A 209 5.20 -21.71 0.23
CA VAL A 209 4.37 -20.63 0.82
C VAL A 209 5.26 -19.40 1.10
N GLU A 210 6.45 -19.61 1.55
CA GLU A 210 7.38 -18.46 1.84
C GLU A 210 7.95 -17.91 0.52
N ASP A 211 8.45 -18.78 -0.32
CA ASP A 211 9.06 -18.31 -1.60
C ASP A 211 8.02 -17.59 -2.46
N LEU A 212 6.79 -18.05 -2.45
CA LEU A 212 5.75 -17.38 -3.29
C LEU A 212 5.31 -16.07 -2.60
N GLU A 213 5.25 -16.07 -1.29
CA GLU A 213 4.84 -14.83 -0.57
C GLU A 213 5.81 -13.70 -0.93
N ARG A 214 7.09 -13.98 -0.93
CA ARG A 214 8.08 -12.91 -1.26
C ARG A 214 7.96 -12.56 -2.75
N SER A 215 6.88 -11.96 -3.15
CA SER A 215 6.71 -11.60 -4.59
C SER A 215 5.46 -10.73 -4.75
#